data_3IG4
#
_entry.id   3IG4
#
_cell.length_a   180.88
_cell.length_b   180.88
_cell.length_c   254.78
_cell.angle_alpha   90.0
_cell.angle_beta   90.0
_cell.angle_gamma   90.0
#
_symmetry.space_group_name_H-M   'P 43 21 2'
#
loop_
_entity.id
_entity.type
_entity.pdbx_description
1 polymer 'Xaa-pro aminopeptidase'
2 non-polymer 'MANGANESE (II) ION'
3 non-polymer 'SULFATE ION'
#
_entity_poly.entity_id   1
_entity_poly.type   'polypeptide(L)'
_entity_poly.pdbx_seq_one_letter_code
;(MSE)KSKFFAQNRERLVNTLPDESITILFAGQAPH(MSE)SADAHYKFVPNRNFYYVTGIDEPNVIF(MSE)LKKFGNS
VEETLFIEKSDPV(MSE)EKWVGKTVSNEEAEKISGIKKVIYLDSFEKT(MSE)SNIFFTENVKHLYLDLECREWKGTET
KTLAFAKHVREQYPHVTIGNVYPNICELRVFKTDEEIEIIKEAIAVTKDGIYNVLKHAKAD(MSE)(MSE)EYELEAQFD
FTLKSSGIKHHAFNTILASGKNATVLHYEDNDAQIQNGDLVLLDLGAQKDYYNADISYTFPANGTFSSRQKQIYNIVLNA
LKETTEIIKPGLKFAALNEHAKKVLAEGCKAVGLIQEDEELSKYYYHGVSHFLGLDTHDVGTYKDRVLEEG(MSE)VITI
EPGLYIEEESIGIRIEDDILVTKDGHENLSKDIIREVEEIEEF(MSE)RENNVNVKQDEVVTK
;
_entity_poly.pdbx_strand_id   A,B,C,D,E,F
#
loop_
_chem_comp.id
_chem_comp.type
_chem_comp.name
_chem_comp.formula
MN non-polymer 'MANGANESE (II) ION' 'Mn 2'
SO4 non-polymer 'SULFATE ION' 'O4 S -2'
#
# COMPACT_ATOMS: atom_id res chain seq x y z
N MSE A 1 0.43 -33.90 29.68
CA MSE A 1 0.91 -33.91 28.26
C MSE A 1 2.43 -33.73 28.19
O MSE A 1 2.95 -32.68 28.56
CB MSE A 1 0.23 -32.81 27.48
CG MSE A 1 -1.17 -33.12 27.03
SE MSE A 1 -1.25 -34.67 25.86
CE MSE A 1 -3.15 -34.66 25.43
N LYS A 2 3.13 -34.74 27.69
CA LYS A 2 4.59 -34.74 27.72
C LYS A 2 5.17 -34.48 26.33
N SER A 3 6.39 -33.97 26.29
CA SER A 3 7.01 -33.51 25.05
C SER A 3 6.92 -34.51 23.89
N LYS A 4 6.96 -35.80 24.19
CA LYS A 4 6.93 -36.81 23.13
C LYS A 4 5.73 -36.67 22.21
N PHE A 5 4.61 -36.18 22.77
CA PHE A 5 3.38 -36.00 22.00
C PHE A 5 3.49 -34.90 20.92
N PHE A 6 4.14 -33.80 21.27
CA PHE A 6 4.33 -32.71 20.34
C PHE A 6 5.43 -33.06 19.34
N ALA A 7 6.44 -33.79 19.81
CA ALA A 7 7.52 -34.19 18.93
C ALA A 7 6.98 -35.05 17.79
N GLN A 8 6.04 -35.93 18.12
CA GLN A 8 5.43 -36.79 17.11
C GLN A 8 4.51 -36.03 16.17
N ASN A 9 3.81 -35.02 16.71
CA ASN A 9 3.01 -34.13 15.88
C ASN A 9 3.86 -33.46 14.81
N ARG A 10 5.04 -33.01 15.21
CA ARG A 10 5.95 -32.41 14.25
C ARG A 10 6.43 -33.42 13.20
N GLU A 11 6.72 -34.65 13.61
CA GLU A 11 7.13 -35.68 12.65
C GLU A 11 6.05 -35.90 11.59
N ARG A 12 4.81 -36.03 12.02
CA ARG A 12 3.71 -36.23 11.08
C ARG A 12 3.51 -34.99 10.21
N LEU A 13 3.72 -33.81 10.79
CA LEU A 13 3.53 -32.56 10.06
C LEU A 13 4.60 -32.42 8.98
N VAL A 14 5.81 -32.85 9.32
CA VAL A 14 6.92 -32.83 8.36
C VAL A 14 6.65 -33.67 7.12
N ASN A 15 6.00 -34.80 7.32
CA ASN A 15 5.69 -35.70 6.22
C ASN A 15 4.61 -35.17 5.27
N THR A 16 3.91 -34.11 5.69
CA THR A 16 2.87 -33.53 4.85
C THR A 16 3.44 -32.37 4.03
N LEU A 17 4.65 -31.95 4.36
CA LEU A 17 5.24 -30.80 3.71
C LEU A 17 6.22 -31.21 2.62
N PRO A 18 6.27 -30.43 1.54
CA PRO A 18 7.24 -30.62 0.48
C PRO A 18 8.65 -30.37 0.99
N ASP A 19 9.64 -30.88 0.26
CA ASP A 19 11.02 -30.68 0.61
C ASP A 19 11.46 -29.28 0.19
N GLU A 20 12.62 -28.83 0.65
CA GLU A 20 13.11 -27.50 0.33
C GLU A 20 12.09 -26.43 0.70
N SER A 21 11.58 -26.47 1.93
CA SER A 21 10.58 -25.50 2.38
C SER A 21 10.79 -25.15 3.84
N ILE A 22 10.29 -23.98 4.24
CA ILE A 22 10.36 -23.56 5.63
C ILE A 22 8.96 -23.15 6.12
N THR A 23 8.67 -23.44 7.39
CA THR A 23 7.35 -23.18 7.96
C THR A 23 7.47 -22.36 9.23
N ILE A 24 6.61 -21.36 9.39
CA ILE A 24 6.74 -20.48 10.54
C ILE A 24 5.40 -20.32 11.26
N LEU A 25 5.38 -20.63 12.54
CA LEU A 25 4.15 -20.50 13.32
C LEU A 25 4.30 -19.46 14.43
N PHE A 26 3.28 -18.64 14.64
CA PHE A 26 3.36 -17.60 15.65
C PHE A 26 2.43 -17.88 16.82
N ALA A 27 2.99 -17.88 18.03
CA ALA A 27 2.19 -17.99 19.24
C ALA A 27 1.17 -16.87 19.41
N GLY A 28 1.46 -15.67 18.90
CA GLY A 28 0.54 -14.54 19.00
C GLY A 28 0.49 -13.83 20.34
N GLN A 29 -0.32 -12.78 20.42
CA GLN A 29 -0.55 -12.09 21.69
C GLN A 29 -2.04 -11.86 22.00
N ALA A 30 -2.36 -11.60 23.26
CA ALA A 30 -3.74 -11.36 23.65
C ALA A 30 -4.21 -10.05 23.03
N PRO A 31 -5.41 -10.08 22.42
CA PRO A 31 -5.95 -8.86 21.80
C PRO A 31 -6.39 -7.80 22.81
N HIS A 32 -6.31 -6.55 22.40
CA HIS A 32 -6.76 -5.41 23.20
C HIS A 32 -8.24 -5.60 23.56
N MSE A 33 -8.59 -5.30 24.81
CA MSE A 33 -9.97 -5.43 25.23
C MSE A 33 -10.64 -4.08 25.43
O MSE A 33 -11.61 -3.73 24.75
CB MSE A 33 -10.03 -6.20 26.54
CG MSE A 33 -11.40 -6.24 27.17
SE MSE A 33 -11.45 -7.60 28.57
CE MSE A 33 -10.56 -6.69 30.05
N SER A 34 -10.09 -3.31 26.36
CA SER A 34 -10.58 -1.97 26.64
C SER A 34 -9.53 -1.19 27.41
N ALA A 35 -9.35 0.08 27.07
CA ALA A 35 -8.28 0.90 27.66
C ALA A 35 -6.95 0.17 27.61
N ASP A 36 -6.27 0.10 28.75
CA ASP A 36 -4.99 -0.59 28.80
C ASP A 36 -5.14 -2.09 29.04
N ALA A 37 -6.38 -2.59 29.10
CA ALA A 37 -6.63 -4.00 29.36
C ALA A 37 -6.66 -4.86 28.11
N HIS A 38 -6.19 -6.09 28.24
CA HIS A 38 -6.23 -7.05 27.14
C HIS A 38 -7.11 -8.21 27.58
N TYR A 39 -7.65 -8.94 26.61
CA TYR A 39 -8.35 -10.18 26.92
C TYR A 39 -7.41 -11.20 27.53
N LYS A 40 -7.95 -12.25 28.11
CA LYS A 40 -7.13 -13.36 28.56
C LYS A 40 -6.49 -14.02 27.34
N PHE A 41 -5.21 -14.34 27.45
CA PHE A 41 -4.51 -14.99 26.37
C PHE A 41 -5.03 -16.40 26.10
N VAL A 42 -5.30 -16.69 24.84
CA VAL A 42 -5.77 -17.99 24.43
C VAL A 42 -4.74 -18.59 23.47
N PRO A 43 -4.01 -19.63 23.90
CA PRO A 43 -3.01 -20.22 23.00
C PRO A 43 -3.60 -20.58 21.63
N ASN A 44 -2.85 -20.28 20.57
CA ASN A 44 -3.24 -20.66 19.21
C ASN A 44 -3.10 -22.17 19.07
N ARG A 45 -4.22 -22.82 18.78
CA ARG A 45 -4.30 -24.28 18.87
C ARG A 45 -3.36 -24.96 17.91
N ASN A 46 -3.24 -24.45 16.70
CA ASN A 46 -2.26 -25.06 15.81
C ASN A 46 -0.87 -24.90 16.38
N PHE A 47 -0.58 -23.71 16.89
CA PHE A 47 0.75 -23.44 17.44
C PHE A 47 1.02 -24.34 18.62
N TYR A 48 0.03 -24.44 19.51
CA TYR A 48 0.16 -25.26 20.72
C TYR A 48 0.37 -26.70 20.37
N TYR A 49 -0.48 -27.21 19.48
CA TYR A 49 -0.45 -28.60 19.06
C TYR A 49 0.90 -29.01 18.51
N VAL A 50 1.65 -28.04 17.98
CA VAL A 50 2.90 -28.32 17.32
C VAL A 50 4.10 -28.16 18.25
N THR A 51 3.99 -27.23 19.21
CA THR A 51 5.12 -26.85 20.05
C THR A 51 4.94 -27.21 21.52
N GLY A 52 3.69 -27.26 21.96
CA GLY A 52 3.39 -27.55 23.35
C GLY A 52 3.63 -26.34 24.23
N ILE A 53 3.86 -25.20 23.60
CA ILE A 53 4.10 -23.94 24.32
C ILE A 53 2.85 -23.08 24.43
N ASP A 54 2.43 -22.76 25.65
CA ASP A 54 1.16 -22.06 25.83
C ASP A 54 1.31 -20.59 26.18
N GLU A 55 2.41 -20.00 25.77
CA GLU A 55 2.70 -18.63 26.13
C GLU A 55 2.76 -17.78 24.91
N PRO A 56 2.51 -16.50 25.07
CA PRO A 56 2.46 -15.59 23.96
C PRO A 56 3.81 -15.34 23.37
N ASN A 57 3.84 -14.99 22.08
CA ASN A 57 4.90 -14.18 21.53
C ASN A 57 6.12 -15.03 21.19
N VAL A 58 5.96 -16.35 21.31
CA VAL A 58 7.00 -17.25 20.92
C VAL A 58 6.86 -17.55 19.46
N ILE A 59 7.95 -17.90 18.81
CA ILE A 59 7.93 -18.21 17.40
C ILE A 59 8.58 -19.53 17.13
N PHE A 60 7.96 -20.34 16.30
CA PHE A 60 8.46 -21.64 15.92
C PHE A 60 8.82 -21.67 14.44
N MSE A 61 9.87 -22.40 14.12
CA MSE A 61 10.33 -22.47 12.76
C MSE A 61 10.75 -23.88 12.42
O MSE A 61 11.39 -24.55 13.22
CB MSE A 61 11.48 -21.52 12.55
CG MSE A 61 12.16 -21.69 11.23
SE MSE A 61 13.67 -20.48 11.16
CE MSE A 61 12.70 -18.78 11.00
N LEU A 62 10.39 -24.33 11.21
CA LEU A 62 10.68 -25.69 10.79
C LEU A 62 11.28 -25.67 9.39
N LYS A 63 12.59 -25.96 9.30
CA LYS A 63 13.31 -26.05 8.02
C LYS A 63 13.37 -27.47 7.48
N LYS A 64 13.08 -27.64 6.20
CA LYS A 64 13.10 -28.96 5.59
C LYS A 64 13.96 -28.94 4.33
N PHE A 65 15.21 -29.36 4.45
CA PHE A 65 16.18 -29.28 3.35
C PHE A 65 16.99 -30.55 3.18
N GLY A 66 17.02 -31.08 1.96
CA GLY A 66 17.68 -32.35 1.71
C GLY A 66 17.08 -33.44 2.57
N ASN A 67 17.92 -34.12 3.34
CA ASN A 67 17.46 -35.12 4.29
C ASN A 67 17.28 -34.51 5.67
N SER A 68 17.72 -33.26 5.80
CA SER A 68 17.70 -32.57 7.10
C SER A 68 16.34 -32.01 7.48
N VAL A 69 16.17 -31.76 8.77
CA VAL A 69 14.96 -31.16 9.32
C VAL A 69 15.33 -30.42 10.59
N GLU A 70 15.28 -29.09 10.56
CA GLU A 70 15.71 -28.31 11.70
C GLU A 70 14.59 -27.50 12.32
N GLU A 71 14.31 -27.79 13.59
CA GLU A 71 13.29 -27.10 14.34
C GLU A 71 13.93 -26.09 15.29
N THR A 72 13.34 -24.91 15.40
CA THR A 72 13.88 -23.85 16.24
C THR A 72 12.78 -23.13 17.00
N LEU A 73 13.06 -22.72 18.22
CA LEU A 73 12.15 -21.85 18.96
C LEU A 73 12.81 -20.51 19.27
N PHE A 74 12.05 -19.44 19.12
CA PHE A 74 12.48 -18.12 19.53
C PHE A 74 11.64 -17.68 20.72
N ILE A 75 12.27 -17.49 21.89
CA ILE A 75 11.52 -17.04 23.09
C ILE A 75 11.90 -15.63 23.52
N GLU A 76 11.20 -15.10 24.51
CA GLU A 76 11.50 -13.77 25.06
C GLU A 76 12.68 -13.84 26.01
N LYS A 77 13.52 -12.82 26.00
CA LYS A 77 14.58 -12.72 27.00
C LYS A 77 13.95 -12.30 28.33
N SER A 78 14.61 -12.61 29.45
CA SER A 78 14.05 -12.25 30.77
C SER A 78 14.22 -10.77 31.09
N ASP A 79 13.18 -10.17 31.65
CA ASP A 79 13.14 -8.74 31.95
C ASP A 79 12.80 -8.53 33.43
N PRO A 80 13.82 -8.24 34.25
CA PRO A 80 13.70 -8.19 35.72
C PRO A 80 12.65 -7.21 36.23
N VAL A 81 12.30 -6.20 35.44
CA VAL A 81 11.26 -5.24 35.82
C VAL A 81 9.85 -5.83 35.64
N MSE A 82 9.61 -6.46 34.50
CA MSE A 82 8.30 -7.05 34.19
C MSE A 82 7.97 -8.25 35.06
O MSE A 82 6.81 -8.62 35.20
CB MSE A 82 8.23 -7.44 32.71
CG MSE A 82 7.85 -6.27 31.81
SE MSE A 82 6.16 -5.45 32.39
CE MSE A 82 4.90 -6.76 31.64
N GLU A 83 9.00 -8.85 35.64
CA GLU A 83 8.84 -10.02 36.50
C GLU A 83 8.21 -9.66 37.83
N LYS A 84 8.20 -8.37 38.13
CA LYS A 84 7.59 -7.87 39.36
C LYS A 84 6.12 -7.61 39.14
N TRP A 85 5.71 -7.61 37.87
CA TRP A 85 4.32 -7.32 37.51
C TRP A 85 3.54 -8.56 37.05
N VAL A 86 4.15 -9.37 36.17
CA VAL A 86 3.46 -10.52 35.58
C VAL A 86 4.11 -11.88 35.89
N GLY A 87 5.32 -11.86 36.46
CA GLY A 87 6.04 -13.09 36.77
C GLY A 87 7.04 -13.42 35.69
N LYS A 88 7.74 -14.55 35.84
CA LYS A 88 8.75 -14.97 34.89
C LYS A 88 8.13 -15.58 33.65
N THR A 89 8.71 -15.31 32.48
CA THR A 89 8.26 -15.96 31.27
C THR A 89 9.05 -17.26 31.09
N VAL A 90 8.56 -18.16 30.24
CA VAL A 90 9.22 -19.45 30.05
C VAL A 90 10.71 -19.24 29.83
N SER A 91 11.53 -20.11 30.43
CA SER A 91 12.96 -19.99 30.30
C SER A 91 13.48 -20.82 29.14
N ASN A 92 14.73 -20.57 28.77
CA ASN A 92 15.39 -21.34 27.75
C ASN A 92 15.22 -22.83 28.00
N GLU A 93 15.54 -23.27 29.21
CA GLU A 93 15.53 -24.70 29.54
C GLU A 93 14.13 -25.30 29.70
N GLU A 94 13.20 -24.52 30.22
CA GLU A 94 11.82 -24.96 30.35
C GLU A 94 11.19 -25.18 28.97
N ALA A 95 11.41 -24.22 28.07
CA ALA A 95 10.96 -24.33 26.69
C ALA A 95 11.43 -25.63 26.04
N GLU A 96 12.72 -25.94 26.21
CA GLU A 96 13.27 -27.15 25.63
C GLU A 96 12.58 -28.38 26.22
N LYS A 97 12.37 -28.36 27.54
CA LYS A 97 11.81 -29.49 28.27
C LYS A 97 10.38 -29.80 27.83
N ILE A 98 9.58 -28.73 27.67
CA ILE A 98 8.16 -28.85 27.39
C ILE A 98 7.83 -29.26 25.96
N SER A 99 8.59 -28.72 25.01
CA SER A 99 8.33 -28.86 23.59
C SER A 99 9.08 -30.03 22.99
N GLY A 100 10.21 -30.38 23.60
CA GLY A 100 11.09 -31.39 23.04
C GLY A 100 11.94 -30.85 21.91
N ILE A 101 11.89 -29.54 21.71
CA ILE A 101 12.69 -28.91 20.66
C ILE A 101 14.07 -28.53 21.19
N LYS A 102 15.13 -29.07 20.59
CA LYS A 102 16.48 -28.84 21.10
C LYS A 102 16.98 -27.40 20.97
N LYS A 103 16.84 -26.80 19.79
CA LYS A 103 17.39 -25.46 19.57
C LYS A 103 16.44 -24.34 19.99
N VAL A 104 16.76 -23.67 21.08
CA VAL A 104 15.90 -22.60 21.59
C VAL A 104 16.66 -21.29 21.71
N ILE A 105 16.33 -20.31 20.87
CA ILE A 105 17.05 -19.05 20.89
C ILE A 105 16.11 -17.88 21.20
N TYR A 106 16.56 -16.65 20.98
CA TYR A 106 15.76 -15.48 21.41
C TYR A 106 15.17 -14.61 20.29
N LEU A 107 14.04 -13.99 20.58
CA LEU A 107 13.35 -13.16 19.60
C LEU A 107 14.25 -12.12 18.96
N ASP A 108 15.08 -11.46 19.77
CA ASP A 108 15.90 -10.39 19.23
C ASP A 108 16.81 -10.87 18.07
N SER A 109 16.90 -12.18 17.87
CA SER A 109 17.70 -12.72 16.77
C SER A 109 16.85 -13.24 15.62
N PHE A 110 15.55 -12.95 15.66
CA PHE A 110 14.64 -13.44 14.63
C PHE A 110 14.84 -12.75 13.28
N GLU A 111 15.01 -11.42 13.30
CA GLU A 111 15.14 -10.68 12.06
C GLU A 111 16.38 -11.09 11.30
N LYS A 112 17.50 -11.21 12.01
CA LYS A 112 18.73 -11.62 11.36
C LYS A 112 18.54 -12.99 10.72
N THR A 113 17.90 -13.89 11.45
CA THR A 113 17.61 -15.22 10.96
C THR A 113 16.79 -15.15 9.68
N MSE A 114 15.73 -14.35 9.69
CA MSE A 114 14.97 -14.19 8.47
C MSE A 114 15.91 -13.84 7.32
O MSE A 114 15.85 -14.46 6.26
CB MSE A 114 13.91 -13.11 8.62
CG MSE A 114 12.70 -13.52 9.45
SE MSE A 114 11.89 -15.22 8.89
CE MSE A 114 12.89 -16.47 10.02
N SER A 115 16.78 -12.86 7.55
CA SER A 115 17.66 -12.36 6.49
C SER A 115 18.46 -13.50 5.87
N ASN A 116 19.09 -14.32 6.71
CA ASN A 116 19.87 -15.47 6.24
C ASN A 116 19.07 -16.53 5.51
N ILE A 117 17.89 -16.83 6.03
CA ILE A 117 17.06 -17.83 5.41
C ILE A 117 16.71 -17.45 3.97
N PHE A 118 16.25 -16.22 3.78
CA PHE A 118 15.67 -15.84 2.48
C PHE A 118 16.70 -15.32 1.48
N PHE A 119 17.89 -15.02 1.98
CA PHE A 119 18.93 -14.60 1.09
C PHE A 119 20.00 -15.66 0.94
N THR A 120 20.71 -15.90 2.05
CA THR A 120 21.85 -16.82 2.00
C THR A 120 21.47 -18.24 1.57
N GLU A 121 20.40 -18.78 2.13
CA GLU A 121 20.01 -20.15 1.82
C GLU A 121 19.04 -20.29 0.66
N ASN A 122 18.68 -19.18 0.02
CA ASN A 122 17.85 -19.22 -1.19
C ASN A 122 16.57 -20.04 -1.05
N VAL A 123 15.85 -19.82 0.04
CA VAL A 123 14.63 -20.57 0.25
C VAL A 123 13.53 -20.04 -0.66
N LYS A 124 12.77 -20.93 -1.28
CA LYS A 124 11.78 -20.49 -2.25
C LYS A 124 10.35 -20.77 -1.85
N HIS A 125 10.18 -21.57 -0.81
CA HIS A 125 8.85 -22.06 -0.44
C HIS A 125 8.61 -21.82 1.05
N LEU A 126 7.68 -20.94 1.38
CA LEU A 126 7.37 -20.66 2.77
C LEU A 126 5.94 -21.07 3.09
N TYR A 127 5.77 -21.78 4.19
CA TYR A 127 4.45 -22.09 4.70
C TYR A 127 4.11 -21.27 5.93
N LEU A 128 2.90 -20.72 5.95
CA LEU A 128 2.39 -20.02 7.11
C LEU A 128 1.04 -20.61 7.51
N ASP A 129 0.63 -20.36 8.75
CA ASP A 129 -0.67 -20.80 9.21
C ASP A 129 -1.66 -19.70 8.86
N LEU A 130 -2.23 -19.76 7.66
CA LEU A 130 -3.08 -18.67 7.20
C LEU A 130 -4.55 -18.97 7.48
N GLU A 131 -5.01 -18.73 8.70
CA GLU A 131 -6.42 -18.94 8.99
C GLU A 131 -7.14 -17.65 8.70
N CYS A 132 -7.84 -17.58 7.58
CA CYS A 132 -8.60 -16.37 7.28
C CYS A 132 -10.07 -16.69 7.05
N ARG A 133 -10.90 -16.40 8.05
CA ARG A 133 -12.27 -16.88 8.05
C ARG A 133 -13.24 -15.89 7.46
N GLU A 134 -12.78 -14.67 7.26
CA GLU A 134 -13.66 -13.61 6.76
C GLU A 134 -13.06 -12.93 5.53
N TRP A 135 -13.88 -12.76 4.50
CA TRP A 135 -13.46 -12.11 3.28
C TRP A 135 -13.08 -10.67 3.56
N LYS A 136 -13.82 -10.00 4.44
CA LYS A 136 -13.45 -8.63 4.79
C LYS A 136 -12.86 -8.50 6.18
N GLY A 137 -12.19 -9.54 6.64
CA GLY A 137 -11.46 -9.47 7.89
C GLY A 137 -10.46 -8.33 7.90
N THR A 138 -9.94 -8.02 9.08
CA THR A 138 -8.94 -6.96 9.22
C THR A 138 -7.55 -7.61 9.28
N GLU A 139 -6.52 -6.88 8.85
CA GLU A 139 -5.16 -7.43 8.79
C GLU A 139 -4.65 -7.99 10.12
N THR A 140 -4.07 -9.17 10.10
CA THR A 140 -3.50 -9.79 11.31
C THR A 140 -1.98 -9.85 11.19
N LYS A 141 -1.31 -10.05 12.31
CA LYS A 141 0.15 -10.06 12.28
C LYS A 141 0.67 -11.06 11.26
N THR A 142 0.03 -12.23 11.17
CA THR A 142 0.41 -13.22 10.17
C THR A 142 0.24 -12.71 8.74
N LEU A 143 -0.95 -12.21 8.39
CA LEU A 143 -1.15 -11.62 7.08
C LEU A 143 -0.16 -10.48 6.79
N ALA A 144 0.18 -9.72 7.83
CA ALA A 144 1.12 -8.61 7.67
C ALA A 144 2.48 -9.16 7.33
N PHE A 145 2.83 -10.25 7.99
CA PHE A 145 4.10 -10.92 7.78
C PHE A 145 4.17 -11.42 6.35
N ALA A 146 3.07 -11.97 5.86
CA ALA A 146 3.05 -12.52 4.50
C ALA A 146 3.24 -11.39 3.50
N LYS A 147 2.56 -10.29 3.73
CA LYS A 147 2.69 -9.14 2.86
C LYS A 147 4.14 -8.74 2.84
N HIS A 148 4.76 -8.67 4.00
CA HIS A 148 6.15 -8.26 4.07
C HIS A 148 7.04 -9.20 3.26
N VAL A 149 6.82 -10.49 3.41
CA VAL A 149 7.60 -11.47 2.67
C VAL A 149 7.40 -11.24 1.17
N ARG A 150 6.20 -10.85 0.81
CA ARG A 150 5.86 -10.65 -0.59
C ARG A 150 6.53 -9.38 -1.12
N GLU A 151 6.72 -8.38 -0.28
CA GLU A 151 7.47 -7.18 -0.69
C GLU A 151 8.96 -7.42 -0.83
N GLN A 152 9.59 -8.07 0.15
CA GLN A 152 11.05 -8.23 0.14
C GLN A 152 11.54 -9.38 -0.72
N TYR A 153 10.75 -10.44 -0.79
CA TYR A 153 11.15 -11.65 -1.46
C TYR A 153 10.04 -12.09 -2.38
N PRO A 154 9.80 -11.31 -3.44
CA PRO A 154 8.64 -11.52 -4.30
C PRO A 154 8.66 -12.87 -5.02
N HIS A 155 9.81 -13.53 -5.04
CA HIS A 155 9.95 -14.80 -5.76
C HIS A 155 9.57 -15.98 -4.90
N VAL A 156 9.38 -15.73 -3.62
CA VAL A 156 9.09 -16.80 -2.68
C VAL A 156 7.63 -17.21 -2.81
N THR A 157 7.41 -18.51 -2.90
CA THR A 157 6.07 -19.08 -2.91
C THR A 157 5.52 -19.26 -1.49
N ILE A 158 4.29 -18.83 -1.26
CA ILE A 158 3.70 -18.93 0.06
C ILE A 158 2.59 -19.96 0.06
N GLY A 159 2.70 -20.93 0.96
CA GLY A 159 1.69 -21.99 1.10
C GLY A 159 1.01 -21.92 2.46
N ASN A 160 -0.17 -22.53 2.54
CA ASN A 160 -0.97 -22.52 3.75
C ASN A 160 -0.83 -23.84 4.51
N VAL A 161 -0.24 -23.79 5.69
CA VAL A 161 -0.09 -25.01 6.48
C VAL A 161 -1.27 -25.28 7.41
N TYR A 162 -2.23 -24.37 7.46
CA TYR A 162 -3.43 -24.55 8.29
C TYR A 162 -4.11 -25.91 8.06
N PRO A 163 -4.44 -26.23 6.79
CA PRO A 163 -5.12 -27.49 6.49
C PRO A 163 -4.31 -28.67 6.99
N ASN A 164 -3.00 -28.62 6.73
CA ASN A 164 -2.16 -29.70 7.12
C ASN A 164 -2.35 -30.04 8.58
N ILE A 165 -2.35 -29.02 9.43
CA ILE A 165 -2.35 -29.24 10.87
C ILE A 165 -3.73 -29.67 11.36
N CYS A 166 -4.76 -29.05 10.81
CA CYS A 166 -6.12 -29.44 11.14
C CYS A 166 -6.34 -30.95 10.90
N GLU A 167 -5.86 -31.46 9.77
CA GLU A 167 -6.10 -32.86 9.43
C GLU A 167 -5.39 -33.76 10.41
N LEU A 168 -4.36 -33.24 11.06
CA LEU A 168 -3.67 -34.01 12.08
C LEU A 168 -4.47 -34.02 13.37
N ARG A 169 -5.01 -32.87 13.74
CA ARG A 169 -5.76 -32.70 14.97
C ARG A 169 -7.07 -33.47 14.99
N VAL A 170 -7.46 -33.98 13.82
CA VAL A 170 -8.71 -34.72 13.66
C VAL A 170 -8.61 -36.13 14.24
N PHE A 171 -7.40 -36.65 14.30
CA PHE A 171 -7.20 -37.95 14.88
C PHE A 171 -6.51 -37.78 16.21
N LYS A 172 -7.26 -38.06 17.29
CA LYS A 172 -6.71 -37.96 18.64
C LYS A 172 -5.93 -39.22 19.03
N THR A 173 -4.97 -39.03 19.92
CA THR A 173 -4.21 -40.11 20.50
C THR A 173 -4.85 -40.44 21.84
N ASP A 174 -4.45 -41.56 22.43
CA ASP A 174 -5.03 -41.97 23.70
C ASP A 174 -4.81 -40.93 24.79
N GLU A 175 -3.66 -40.27 24.80
CA GLU A 175 -3.36 -39.26 25.81
C GLU A 175 -4.38 -38.12 25.70
N GLU A 176 -4.66 -37.72 24.47
CA GLU A 176 -5.59 -36.64 24.21
C GLU A 176 -6.98 -37.00 24.70
N ILE A 177 -7.41 -38.21 24.36
CA ILE A 177 -8.71 -38.70 24.78
C ILE A 177 -8.85 -38.76 26.30
N GLU A 178 -7.75 -39.01 26.99
CA GLU A 178 -7.82 -39.00 28.44
C GLU A 178 -8.17 -37.61 28.95
N ILE A 179 -7.51 -36.59 28.43
CA ILE A 179 -7.77 -35.24 28.89
C ILE A 179 -9.21 -34.83 28.61
N ILE A 180 -9.71 -35.18 27.43
CA ILE A 180 -11.12 -34.92 27.13
C ILE A 180 -12.03 -35.60 28.15
N LYS A 181 -11.73 -36.86 28.47
CA LYS A 181 -12.47 -37.58 29.49
C LYS A 181 -12.48 -36.83 30.81
N GLU A 182 -11.33 -36.28 31.20
CA GLU A 182 -11.22 -35.55 32.45
C GLU A 182 -12.09 -34.31 32.39
N ALA A 183 -12.06 -33.61 31.26
CA ALA A 183 -12.88 -32.43 31.10
C ALA A 183 -14.35 -32.75 31.19
N ILE A 184 -14.75 -33.87 30.61
CA ILE A 184 -16.12 -34.36 30.70
C ILE A 184 -16.49 -34.70 32.15
N ALA A 185 -15.59 -35.39 32.84
CA ALA A 185 -15.81 -35.73 34.23
C ALA A 185 -16.20 -34.52 35.06
N VAL A 186 -15.44 -33.44 34.93
CA VAL A 186 -15.71 -32.28 35.76
C VAL A 186 -17.03 -31.68 35.34
N THR A 187 -17.31 -31.72 34.05
CA THR A 187 -18.53 -31.14 33.52
C THR A 187 -19.74 -31.83 34.14
N LYS A 188 -19.63 -33.15 34.26
CA LYS A 188 -20.66 -33.93 34.91
C LYS A 188 -20.83 -33.44 36.34
N ASP A 189 -19.73 -33.34 37.08
CA ASP A 189 -19.80 -32.82 38.45
C ASP A 189 -20.54 -31.49 38.50
N GLY A 190 -20.20 -30.60 37.59
CA GLY A 190 -20.86 -29.30 37.53
C GLY A 190 -22.34 -29.43 37.28
N ILE A 191 -22.71 -30.34 36.39
CA ILE A 191 -24.12 -30.52 36.05
C ILE A 191 -24.86 -31.05 37.28
N TYR A 192 -24.36 -32.13 37.87
CA TYR A 192 -25.02 -32.68 39.06
C TYR A 192 -25.15 -31.62 40.16
N ASN A 193 -24.20 -30.69 40.21
CA ASN A 193 -24.27 -29.64 41.20
C ASN A 193 -25.46 -28.74 40.93
N VAL A 194 -25.63 -28.38 39.66
CA VAL A 194 -26.81 -27.64 39.23
C VAL A 194 -28.07 -28.43 39.59
N LEU A 195 -28.09 -29.72 39.26
CA LEU A 195 -29.26 -30.56 39.55
C LEU A 195 -29.64 -30.55 41.01
N LYS A 196 -28.64 -30.60 41.90
CA LYS A 196 -28.94 -30.68 43.31
C LYS A 196 -29.28 -29.32 43.94
N HIS A 197 -29.13 -28.24 43.18
CA HIS A 197 -29.45 -26.90 43.69
C HIS A 197 -30.59 -26.20 42.96
N ALA A 198 -31.06 -26.75 41.86
CA ALA A 198 -32.08 -26.02 41.10
C ALA A 198 -33.42 -26.00 41.82
N LYS A 199 -34.12 -24.87 41.71
CA LYS A 199 -35.52 -24.79 42.12
C LYS A 199 -36.20 -23.71 41.32
N ALA A 200 -37.52 -23.65 41.36
CA ALA A 200 -38.25 -22.59 40.66
C ALA A 200 -38.11 -21.24 41.37
N ASP A 201 -38.47 -20.17 40.69
CA ASP A 201 -38.35 -18.85 41.30
C ASP A 201 -36.89 -18.69 41.67
N MSE A 202 -36.02 -18.72 40.66
CA MSE A 202 -34.59 -18.67 40.86
C MSE A 202 -34.03 -18.20 39.54
O MSE A 202 -34.44 -18.69 38.50
CB MSE A 202 -34.03 -20.05 41.20
CG MSE A 202 -32.54 -20.07 41.59
SE MSE A 202 -31.91 -21.86 42.19
CE MSE A 202 -30.24 -21.37 43.03
N MSE A 203 -33.11 -17.24 39.59
CA MSE A 203 -32.61 -16.62 38.39
C MSE A 203 -31.69 -17.59 37.63
O MSE A 203 -31.00 -18.42 38.26
CB MSE A 203 -31.85 -15.35 38.76
CG MSE A 203 -32.33 -14.13 38.01
SE MSE A 203 -34.24 -13.85 38.31
CE MSE A 203 -34.27 -13.87 40.28
N GLU A 204 -31.70 -17.51 36.31
CA GLU A 204 -30.86 -18.41 35.49
C GLU A 204 -29.39 -18.32 35.91
N TYR A 205 -28.90 -17.10 36.08
CA TYR A 205 -27.53 -16.91 36.53
C TYR A 205 -27.27 -17.45 37.94
N GLU A 206 -28.31 -17.63 38.76
CA GLU A 206 -28.08 -18.28 40.05
C GLU A 206 -27.63 -19.73 39.87
N LEU A 207 -28.13 -20.38 38.83
CA LEU A 207 -27.73 -21.77 38.53
C LEU A 207 -26.40 -21.83 37.80
N GLU A 208 -26.14 -20.85 36.93
CA GLU A 208 -24.85 -20.80 36.26
C GLU A 208 -23.76 -20.68 37.32
N ALA A 209 -24.04 -19.91 38.36
CA ALA A 209 -23.10 -19.70 39.44
C ALA A 209 -22.68 -21.03 40.06
N GLN A 210 -23.65 -21.92 40.27
CA GLN A 210 -23.38 -23.23 40.87
C GLN A 210 -22.51 -24.09 39.99
N PHE A 211 -22.67 -23.94 38.68
CA PHE A 211 -21.89 -24.72 37.74
C PHE A 211 -20.46 -24.22 37.69
N ASP A 212 -20.30 -22.90 37.57
CA ASP A 212 -19.00 -22.24 37.63
C ASP A 212 -18.28 -22.65 38.93
N PHE A 213 -18.99 -22.62 40.05
CA PHE A 213 -18.33 -22.91 41.31
C PHE A 213 -17.68 -24.28 41.31
N THR A 214 -18.37 -25.28 40.79
CA THR A 214 -17.81 -26.62 40.75
C THR A 214 -16.54 -26.67 39.90
N LEU A 215 -16.57 -26.03 38.73
CA LEU A 215 -15.41 -25.97 37.86
C LEU A 215 -14.22 -25.22 38.45
N LYS A 216 -14.46 -24.02 38.95
CA LYS A 216 -13.40 -23.21 39.50
C LYS A 216 -12.73 -23.89 40.68
N SER A 217 -13.51 -24.46 41.58
CA SER A 217 -12.94 -25.05 42.79
C SER A 217 -12.26 -26.36 42.51
N SER A 218 -12.42 -26.87 41.31
CA SER A 218 -11.68 -28.05 40.91
C SER A 218 -10.44 -27.66 40.11
N GLY A 219 -10.11 -26.37 40.11
CA GLY A 219 -8.93 -25.88 39.41
C GLY A 219 -9.08 -25.56 37.92
N ILE A 220 -10.23 -25.86 37.34
CA ILE A 220 -10.44 -25.62 35.92
C ILE A 220 -10.43 -24.13 35.60
N LYS A 221 -9.42 -23.70 34.85
CA LYS A 221 -9.23 -22.28 34.61
C LYS A 221 -10.23 -21.70 33.63
N HIS A 222 -10.54 -22.45 32.58
CA HIS A 222 -11.44 -21.92 31.54
C HIS A 222 -12.63 -22.82 31.22
N HIS A 223 -13.65 -22.24 30.61
CA HIS A 223 -14.77 -22.99 30.05
C HIS A 223 -14.53 -23.27 28.58
N ALA A 224 -15.09 -24.36 28.08
CA ALA A 224 -15.01 -24.67 26.66
C ALA A 224 -15.54 -23.50 25.83
N PHE A 225 -16.65 -22.92 26.28
CA PHE A 225 -17.35 -21.87 25.57
C PHE A 225 -18.27 -21.16 26.54
N ASN A 226 -19.06 -20.20 26.06
CA ASN A 226 -19.97 -19.49 26.94
C ASN A 226 -21.15 -20.33 27.37
N THR A 227 -21.24 -20.57 28.67
CA THR A 227 -22.33 -21.35 29.23
C THR A 227 -23.67 -20.88 28.69
N ILE A 228 -24.47 -21.81 28.22
CA ILE A 228 -25.86 -21.53 27.90
C ILE A 228 -26.73 -22.08 29.03
N LEU A 229 -27.55 -21.22 29.64
CA LEU A 229 -28.42 -21.69 30.70
C LEU A 229 -29.84 -21.19 30.46
N ALA A 230 -30.57 -21.90 29.60
CA ALA A 230 -31.78 -21.38 28.98
C ALA A 230 -33.09 -22.02 29.46
N SER A 231 -33.88 -21.27 30.21
CA SER A 231 -35.12 -21.80 30.78
C SER A 231 -36.35 -21.45 29.93
N GLY A 232 -37.37 -22.30 30.03
CA GLY A 232 -38.62 -22.09 29.29
C GLY A 232 -38.41 -21.69 27.83
N LYS A 233 -38.99 -20.55 27.45
CA LYS A 233 -38.97 -20.13 26.06
C LYS A 233 -37.57 -19.81 25.56
N ASN A 234 -36.70 -19.42 26.50
CA ASN A 234 -35.32 -19.08 26.14
C ASN A 234 -34.59 -20.22 25.44
N ALA A 235 -34.87 -21.45 25.88
CA ALA A 235 -34.19 -22.63 25.34
C ALA A 235 -34.39 -22.73 23.83
N THR A 236 -35.27 -21.91 23.31
CA THR A 236 -35.57 -21.86 21.89
C THR A 236 -34.49 -21.17 21.08
N VAL A 237 -33.71 -20.31 21.73
CA VAL A 237 -32.61 -19.67 21.05
C VAL A 237 -31.36 -20.52 21.20
N LEU A 238 -30.79 -20.93 20.08
CA LEU A 238 -29.73 -21.94 20.09
C LEU A 238 -28.54 -21.58 20.98
N HIS A 239 -28.03 -20.34 20.84
CA HIS A 239 -26.89 -19.90 21.65
C HIS A 239 -27.25 -18.79 22.64
N TYR A 240 -28.50 -18.79 23.12
CA TYR A 240 -28.91 -17.90 24.20
C TYR A 240 -27.86 -17.84 25.31
N GLU A 241 -27.36 -16.65 25.61
CA GLU A 241 -26.30 -16.48 26.60
C GLU A 241 -26.64 -15.50 27.72
N ASP A 242 -27.70 -14.72 27.55
CA ASP A 242 -28.10 -13.74 28.57
C ASP A 242 -28.12 -14.34 29.97
N ASN A 243 -28.73 -15.51 30.10
CA ASN A 243 -28.74 -16.23 31.38
C ASN A 243 -29.24 -15.34 32.50
N ASP A 244 -30.12 -14.40 32.16
CA ASP A 244 -30.62 -13.44 33.16
C ASP A 244 -32.15 -13.37 33.29
N ALA A 245 -32.84 -14.49 33.05
CA ALA A 245 -34.30 -14.53 33.18
C ALA A 245 -34.67 -15.36 34.40
N GLN A 246 -35.86 -15.13 34.93
CA GLN A 246 -36.30 -15.95 36.05
C GLN A 246 -36.83 -17.29 35.55
N ILE A 247 -36.48 -18.34 36.28
CA ILE A 247 -36.95 -19.67 35.97
C ILE A 247 -38.35 -19.82 36.55
N GLN A 248 -39.33 -19.99 35.67
CA GLN A 248 -40.73 -20.21 36.04
C GLN A 248 -40.98 -21.64 36.49
N ASN A 249 -41.80 -21.82 37.52
CA ASN A 249 -42.18 -23.15 37.95
C ASN A 249 -42.81 -23.88 36.76
N GLY A 250 -42.40 -25.12 36.54
CA GLY A 250 -42.89 -25.88 35.40
C GLY A 250 -41.97 -25.78 34.21
N ASP A 251 -41.07 -24.79 34.23
CA ASP A 251 -40.05 -24.62 33.20
C ASP A 251 -39.06 -25.78 33.12
N LEU A 252 -38.64 -26.06 31.89
CA LEU A 252 -37.57 -26.97 31.60
C LEU A 252 -36.28 -26.15 31.48
N VAL A 253 -35.17 -26.69 31.97
CA VAL A 253 -33.90 -25.99 31.85
C VAL A 253 -32.93 -26.69 30.90
N LEU A 254 -32.44 -25.94 29.92
CA LEU A 254 -31.49 -26.46 28.95
C LEU A 254 -30.10 -26.01 29.32
N LEU A 255 -29.22 -26.96 29.61
CA LEU A 255 -27.82 -26.65 29.86
C LEU A 255 -27.02 -27.02 28.62
N ASP A 256 -26.24 -26.06 28.16
CA ASP A 256 -25.24 -26.33 27.14
C ASP A 256 -23.96 -25.67 27.62
N LEU A 257 -22.99 -26.50 27.97
CA LEU A 257 -21.79 -26.01 28.64
C LEU A 257 -20.69 -27.06 28.55
N GLY A 258 -19.54 -26.75 29.15
CA GLY A 258 -18.41 -27.66 29.14
C GLY A 258 -17.18 -27.06 29.82
N ALA A 259 -16.45 -27.89 30.55
CA ALA A 259 -15.23 -27.46 31.20
C ALA A 259 -14.12 -27.63 30.17
N GLN A 260 -13.01 -26.95 30.38
CA GLN A 260 -11.84 -27.16 29.54
C GLN A 260 -10.62 -27.49 30.40
N LYS A 261 -10.01 -28.63 30.10
CA LYS A 261 -8.87 -29.12 30.85
C LYS A 261 -7.64 -29.14 29.94
N ASP A 262 -6.57 -28.48 30.38
CA ASP A 262 -5.35 -28.46 29.59
C ASP A 262 -5.63 -28.18 28.11
N TYR A 263 -6.49 -27.21 27.84
CA TYR A 263 -6.79 -26.73 26.48
C TYR A 263 -7.73 -27.63 25.67
N TYR A 264 -8.00 -28.83 26.17
CA TYR A 264 -9.00 -29.69 25.55
C TYR A 264 -10.41 -29.42 26.10
N ASN A 265 -11.40 -29.57 25.25
CA ASN A 265 -12.77 -29.17 25.58
C ASN A 265 -13.76 -30.33 25.73
N ALA A 266 -14.63 -30.24 26.73
CA ALA A 266 -15.79 -31.09 26.79
C ALA A 266 -16.92 -30.27 26.23
N ASP A 267 -18.01 -30.92 25.82
CA ASP A 267 -19.17 -30.20 25.25
C ASP A 267 -20.45 -30.97 25.50
N ILE A 268 -21.23 -30.53 26.49
CA ILE A 268 -22.40 -31.28 26.91
C ILE A 268 -23.65 -30.42 26.93
N SER A 269 -24.73 -30.95 26.37
CA SER A 269 -26.05 -30.36 26.55
C SER A 269 -26.87 -31.30 27.45
N TYR A 270 -27.61 -30.71 28.38
CA TYR A 270 -28.35 -31.46 29.37
C TYR A 270 -29.62 -30.70 29.71
N THR A 271 -30.76 -31.35 29.58
CA THR A 271 -32.03 -30.71 29.86
C THR A 271 -32.72 -31.39 31.02
N PHE A 272 -33.25 -30.60 31.94
CA PHE A 272 -33.96 -31.14 33.11
C PHE A 272 -35.09 -30.20 33.54
N PRO A 273 -36.00 -30.71 34.38
CA PRO A 273 -37.14 -29.94 34.86
C PRO A 273 -36.76 -29.15 36.09
N ALA A 274 -37.03 -27.85 36.09
CA ALA A 274 -36.59 -26.99 37.17
C ALA A 274 -37.16 -27.45 38.51
N ASN A 275 -38.43 -27.87 38.53
CA ASN A 275 -39.06 -28.31 39.77
C ASN A 275 -38.89 -29.79 40.09
N GLY A 276 -37.99 -30.46 39.39
CA GLY A 276 -37.70 -31.87 39.67
C GLY A 276 -38.66 -32.89 39.09
N THR A 277 -39.61 -32.43 38.29
CA THR A 277 -40.61 -33.32 37.70
C THR A 277 -40.99 -32.90 36.29
N PHE A 278 -40.76 -33.81 35.35
CA PHE A 278 -41.18 -33.59 33.98
C PHE A 278 -42.70 -33.61 33.89
N SER A 279 -43.27 -32.70 33.11
CA SER A 279 -44.69 -32.79 32.78
C SER A 279 -44.90 -33.87 31.69
N SER A 280 -46.14 -34.29 31.51
CA SER A 280 -46.46 -35.29 30.49
C SER A 280 -45.90 -34.87 29.15
N ARG A 281 -46.18 -33.62 28.77
CA ARG A 281 -45.73 -33.10 27.48
C ARG A 281 -44.20 -33.06 27.41
N GLN A 282 -43.59 -32.55 28.47
CA GLN A 282 -42.14 -32.42 28.53
C GLN A 282 -41.48 -33.79 28.42
N LYS A 283 -42.11 -34.78 29.02
CA LYS A 283 -41.62 -36.15 28.98
C LYS A 283 -41.64 -36.66 27.54
N GLN A 284 -42.66 -36.25 26.79
CA GLN A 284 -42.81 -36.65 25.40
C GLN A 284 -41.67 -36.12 24.53
N ILE A 285 -41.52 -34.80 24.51
CA ILE A 285 -40.46 -34.18 23.71
C ILE A 285 -39.08 -34.68 24.14
N TYR A 286 -38.86 -34.76 25.44
CA TYR A 286 -37.58 -35.22 25.94
C TYR A 286 -37.22 -36.56 25.33
N ASN A 287 -38.08 -37.56 25.52
CA ASN A 287 -37.78 -38.88 25.01
C ASN A 287 -37.60 -38.92 23.50
N ILE A 288 -38.30 -38.05 22.80
CA ILE A 288 -38.10 -37.94 21.35
C ILE A 288 -36.65 -37.58 21.03
N VAL A 289 -36.15 -36.55 21.69
CA VAL A 289 -34.77 -36.15 21.52
C VAL A 289 -33.83 -37.26 21.97
N LEU A 290 -34.08 -37.80 23.16
CA LEU A 290 -33.24 -38.87 23.70
C LEU A 290 -33.17 -40.06 22.75
N ASN A 291 -34.29 -40.41 22.13
CA ASN A 291 -34.27 -41.50 21.14
C ASN A 291 -33.31 -41.19 20.00
N ALA A 292 -33.38 -39.95 19.51
CA ALA A 292 -32.53 -39.47 18.44
C ALA A 292 -31.05 -39.55 18.80
N LEU A 293 -30.75 -39.29 20.07
CA LEU A 293 -29.39 -39.34 20.53
C LEU A 293 -28.86 -40.77 20.49
N LYS A 294 -29.58 -41.68 21.15
CA LYS A 294 -29.24 -43.09 21.16
C LYS A 294 -29.10 -43.63 19.74
N GLU A 295 -30.13 -43.40 18.92
CA GLU A 295 -30.15 -43.91 17.56
C GLU A 295 -28.99 -43.41 16.70
N THR A 296 -28.70 -42.12 16.78
CA THR A 296 -27.63 -41.53 15.99
C THR A 296 -26.27 -41.95 16.52
N THR A 297 -26.11 -41.98 17.83
CA THR A 297 -24.88 -42.52 18.40
C THR A 297 -24.64 -43.95 17.90
N GLU A 298 -25.69 -44.76 17.91
CA GLU A 298 -25.60 -46.19 17.57
C GLU A 298 -24.89 -46.51 16.27
N ILE A 299 -25.11 -45.70 15.23
CA ILE A 299 -24.60 -46.03 13.89
C ILE A 299 -23.13 -45.67 13.68
N ILE A 300 -22.56 -44.92 14.61
CA ILE A 300 -21.17 -44.46 14.51
C ILE A 300 -20.15 -45.60 14.47
N LYS A 301 -19.38 -45.64 13.40
CA LYS A 301 -18.26 -46.58 13.29
C LYS A 301 -17.44 -46.22 12.07
N PRO A 302 -16.15 -46.59 12.07
CA PRO A 302 -15.34 -46.30 10.90
C PRO A 302 -16.08 -46.70 9.64
N GLY A 303 -15.95 -45.90 8.59
CA GLY A 303 -16.58 -46.21 7.31
C GLY A 303 -17.85 -45.44 7.08
N LEU A 304 -18.46 -44.96 8.16
CA LEU A 304 -19.70 -44.22 8.04
C LEU A 304 -19.44 -42.82 7.50
N LYS A 305 -20.20 -42.41 6.50
CA LYS A 305 -20.11 -41.04 6.01
C LYS A 305 -20.63 -40.10 7.07
N PHE A 306 -19.87 -39.04 7.35
CA PHE A 306 -20.26 -38.07 8.35
C PHE A 306 -21.65 -37.51 8.08
N ALA A 307 -21.99 -37.38 6.80
CA ALA A 307 -23.30 -36.82 6.43
C ALA A 307 -24.45 -37.70 6.91
N ALA A 308 -24.18 -38.97 7.18
CA ALA A 308 -25.23 -39.89 7.54
C ALA A 308 -25.78 -39.62 8.93
N LEU A 309 -24.96 -39.02 9.78
CA LEU A 309 -25.35 -38.72 11.16
C LEU A 309 -26.58 -37.84 11.22
N ASN A 310 -26.51 -36.70 10.56
CA ASN A 310 -27.63 -35.76 10.58
C ASN A 310 -28.82 -36.27 9.78
N GLU A 311 -28.57 -37.07 8.74
CA GLU A 311 -29.68 -37.68 8.01
C GLU A 311 -30.48 -38.57 8.94
N HIS A 312 -29.77 -39.39 9.72
CA HIS A 312 -30.41 -40.29 10.65
C HIS A 312 -31.03 -39.54 11.82
N ALA A 313 -30.35 -38.52 12.31
CA ALA A 313 -30.92 -37.68 13.36
C ALA A 313 -32.27 -37.13 12.93
N LYS A 314 -32.30 -36.48 11.78
CA LYS A 314 -33.54 -35.93 11.26
C LYS A 314 -34.59 -37.02 11.16
N LYS A 315 -34.23 -38.15 10.55
CA LYS A 315 -35.16 -39.26 10.39
C LYS A 315 -35.81 -39.62 11.74
N VAL A 316 -34.99 -39.85 12.75
CA VAL A 316 -35.48 -40.32 14.05
C VAL A 316 -36.23 -39.26 14.83
N LEU A 317 -35.89 -37.99 14.61
CA LEU A 317 -36.64 -36.91 15.24
C LEU A 317 -38.02 -36.80 14.61
N ALA A 318 -38.08 -36.91 13.28
CA ALA A 318 -39.36 -36.85 12.59
C ALA A 318 -40.28 -37.95 13.12
N GLU A 319 -39.74 -39.15 13.28
CA GLU A 319 -40.48 -40.29 13.79
C GLU A 319 -41.10 -40.05 15.15
N GLY A 320 -40.34 -39.47 16.05
CA GLY A 320 -40.85 -39.09 17.36
C GLY A 320 -41.93 -38.03 17.25
N CYS A 321 -41.70 -37.05 16.39
CA CYS A 321 -42.66 -35.98 16.21
C CYS A 321 -43.97 -36.43 15.56
N LYS A 322 -43.86 -37.30 14.55
CA LYS A 322 -45.04 -37.89 13.96
C LYS A 322 -45.80 -38.67 15.02
N ALA A 323 -45.10 -39.52 15.75
CA ALA A 323 -45.73 -40.36 16.77
C ALA A 323 -46.50 -39.55 17.79
N VAL A 324 -45.96 -38.39 18.17
CA VAL A 324 -46.60 -37.57 19.19
C VAL A 324 -47.68 -36.67 18.60
N GLY A 325 -47.64 -36.47 17.28
CA GLY A 325 -48.63 -35.63 16.61
C GLY A 325 -48.18 -34.20 16.42
N LEU A 326 -46.89 -33.95 16.59
CA LEU A 326 -46.36 -32.61 16.42
C LEU A 326 -46.27 -32.27 14.94
N ILE A 327 -46.06 -33.27 14.11
CA ILE A 327 -46.01 -33.05 12.67
C ILE A 327 -46.68 -34.15 11.90
N GLN A 328 -46.93 -33.90 10.62
CA GLN A 328 -47.58 -34.84 9.75
C GLN A 328 -46.55 -35.45 8.82
N GLU A 329 -45.77 -34.60 8.16
CA GLU A 329 -44.76 -35.04 7.21
C GLU A 329 -43.36 -34.63 7.63
N ASP A 330 -42.36 -35.30 7.10
CA ASP A 330 -40.98 -35.04 7.47
C ASP A 330 -40.54 -33.61 7.18
N GLU A 331 -41.04 -33.03 6.10
CA GLU A 331 -40.66 -31.67 5.71
C GLU A 331 -40.87 -30.67 6.86
N GLU A 332 -41.90 -30.90 7.68
CA GLU A 332 -42.27 -29.99 8.75
C GLU A 332 -41.26 -29.91 9.87
N LEU A 333 -40.33 -30.87 9.90
CA LEU A 333 -39.38 -30.96 11.00
C LEU A 333 -38.47 -29.73 11.11
N SER A 334 -38.11 -29.13 9.97
CA SER A 334 -37.21 -27.99 9.96
C SER A 334 -37.70 -26.86 10.86
N LYS A 335 -39.01 -26.81 11.07
CA LYS A 335 -39.62 -25.83 11.95
C LYS A 335 -39.27 -26.06 13.42
N TYR A 336 -38.80 -27.25 13.75
CA TYR A 336 -38.58 -27.61 15.16
C TYR A 336 -37.16 -28.04 15.45
N TYR A 337 -36.41 -28.33 14.40
CA TYR A 337 -35.03 -28.75 14.52
C TYR A 337 -34.27 -28.16 13.35
N TYR A 338 -33.44 -27.17 13.64
CA TYR A 338 -32.79 -26.39 12.60
C TYR A 338 -31.29 -26.20 12.81
N HIS A 339 -30.59 -27.28 13.15
CA HIS A 339 -29.12 -27.27 13.18
C HIS A 339 -28.53 -28.62 12.81
N GLY A 340 -27.22 -28.69 12.74
CA GLY A 340 -26.53 -29.97 12.52
C GLY A 340 -26.47 -30.71 13.83
N VAL A 341 -26.37 -32.04 13.77
CA VAL A 341 -26.40 -32.84 14.98
C VAL A 341 -25.01 -33.12 15.56
N SER A 342 -23.98 -32.88 14.76
CA SER A 342 -22.63 -33.29 15.15
C SER A 342 -21.54 -32.34 14.69
N HIS A 343 -20.51 -32.20 15.53
CA HIS A 343 -19.32 -31.47 15.12
C HIS A 343 -18.11 -32.10 15.79
N PHE A 344 -16.91 -31.88 15.21
CA PHE A 344 -15.67 -32.38 15.83
C PHE A 344 -15.47 -31.69 17.18
N LEU A 345 -14.68 -32.32 18.04
CA LEU A 345 -14.37 -31.78 19.37
C LEU A 345 -12.89 -32.02 19.64
N GLY A 346 -12.23 -31.06 20.29
CA GLY A 346 -10.82 -31.22 20.58
C GLY A 346 -10.24 -30.00 21.26
N LEU A 347 -9.13 -29.49 20.74
CA LEU A 347 -8.53 -28.27 21.30
C LEU A 347 -9.45 -27.08 21.08
N ASP A 348 -10.37 -27.22 20.14
CA ASP A 348 -11.45 -26.28 19.94
C ASP A 348 -12.80 -26.98 20.12
N THR A 349 -13.76 -26.29 20.75
CA THR A 349 -15.08 -26.89 21.00
C THR A 349 -15.75 -27.31 19.71
N HIS A 350 -15.77 -26.41 18.73
CA HIS A 350 -16.09 -26.80 17.35
C HIS A 350 -14.77 -27.08 16.66
N ASP A 351 -14.27 -28.28 16.79
CA ASP A 351 -12.90 -28.52 16.41
C ASP A 351 -12.70 -28.37 14.92
N VAL A 352 -11.43 -28.21 14.56
CA VAL A 352 -11.02 -28.04 13.20
C VAL A 352 -11.19 -29.34 12.43
N GLY A 353 -11.08 -29.29 11.10
CA GLY A 353 -11.26 -30.47 10.26
C GLY A 353 -12.34 -30.22 9.21
N THR A 354 -12.10 -30.68 7.99
CA THR A 354 -13.12 -30.59 6.94
C THR A 354 -14.26 -31.58 7.19
N TYR A 355 -15.45 -31.24 6.71
CA TYR A 355 -16.62 -32.10 6.83
C TYR A 355 -17.09 -32.60 5.45
N LYS A 356 -16.78 -31.85 4.41
CA LYS A 356 -17.19 -32.21 3.05
C LYS A 356 -16.68 -33.59 2.62
N ASP A 357 -17.60 -34.52 2.39
CA ASP A 357 -17.24 -35.91 2.01
C ASP A 357 -16.52 -36.68 3.11
N ARG A 358 -16.56 -36.19 4.35
CA ARG A 358 -15.82 -36.83 5.43
C ARG A 358 -16.37 -38.24 5.71
N VAL A 359 -15.48 -39.22 5.87
CA VAL A 359 -15.89 -40.52 6.40
C VAL A 359 -15.20 -40.74 7.73
N LEU A 360 -15.94 -41.32 8.67
CA LEU A 360 -15.47 -41.48 10.02
C LEU A 360 -14.35 -42.50 10.07
N GLU A 361 -13.41 -42.29 10.98
CA GLU A 361 -12.33 -43.22 11.17
C GLU A 361 -11.93 -43.28 12.63
N GLU A 362 -11.31 -44.39 13.03
CA GLU A 362 -10.86 -44.54 14.39
C GLU A 362 -10.00 -43.34 14.79
N GLY A 363 -10.29 -42.78 15.96
CA GLY A 363 -9.47 -41.72 16.53
C GLY A 363 -10.20 -40.40 16.59
N MSE A 364 -11.33 -40.32 15.89
CA MSE A 364 -12.08 -39.09 15.84
C MSE A 364 -12.97 -38.93 17.04
O MSE A 364 -13.52 -39.90 17.55
CB MSE A 364 -12.92 -39.03 14.57
CG MSE A 364 -12.10 -39.05 13.32
SE MSE A 364 -13.17 -38.79 11.73
CE MSE A 364 -11.80 -39.16 10.40
N VAL A 365 -13.11 -37.69 17.51
CA VAL A 365 -14.04 -37.40 18.56
C VAL A 365 -15.07 -36.40 18.03
N ILE A 366 -16.34 -36.75 18.16
CA ILE A 366 -17.41 -35.91 17.64
C ILE A 366 -18.54 -35.83 18.65
N THR A 367 -19.40 -34.83 18.50
CA THR A 367 -20.52 -34.67 19.42
C THR A 367 -21.81 -35.05 18.73
N ILE A 368 -22.82 -35.40 19.50
CA ILE A 368 -24.12 -35.77 18.96
C ILE A 368 -25.14 -35.03 19.79
N GLU A 369 -25.89 -34.15 19.16
CA GLU A 369 -26.70 -33.18 19.89
C GLU A 369 -28.00 -32.84 19.18
N PRO A 370 -28.89 -33.82 19.04
CA PRO A 370 -30.22 -33.59 18.54
C PRO A 370 -30.95 -32.67 19.50
N GLY A 371 -32.03 -32.04 19.04
CA GLY A 371 -32.84 -31.20 19.89
C GLY A 371 -34.16 -30.92 19.22
N LEU A 372 -35.10 -30.37 19.98
CA LEU A 372 -36.37 -29.93 19.43
C LEU A 372 -36.72 -28.64 20.12
N TYR A 373 -37.19 -27.68 19.33
CA TYR A 373 -37.45 -26.36 19.85
C TYR A 373 -38.83 -25.95 19.40
N ILE A 374 -39.72 -25.81 20.35
CA ILE A 374 -41.12 -25.54 20.06
C ILE A 374 -41.50 -24.20 20.67
N GLU A 375 -41.49 -23.18 19.82
CA GLU A 375 -41.65 -21.81 20.28
C GLU A 375 -43.00 -21.58 20.92
N GLU A 376 -44.06 -22.02 20.24
CA GLU A 376 -45.40 -21.77 20.75
C GLU A 376 -45.73 -22.58 22.01
N GLU A 377 -44.84 -23.48 22.41
CA GLU A 377 -45.05 -24.24 23.65
C GLU A 377 -44.03 -23.85 24.71
N SER A 378 -43.08 -23.00 24.32
CA SER A 378 -42.02 -22.59 25.24
C SER A 378 -41.21 -23.78 25.76
N ILE A 379 -40.82 -24.66 24.85
CA ILE A 379 -40.06 -25.85 25.21
C ILE A 379 -38.89 -25.95 24.27
N GLY A 380 -37.69 -26.03 24.85
CA GLY A 380 -36.47 -26.26 24.11
C GLY A 380 -35.74 -27.36 24.82
N ILE A 381 -35.33 -28.36 24.05
CA ILE A 381 -34.62 -29.50 24.59
C ILE A 381 -33.45 -29.87 23.67
N ARG A 382 -32.28 -30.03 24.28
CA ARG A 382 -31.13 -30.58 23.59
C ARG A 382 -30.39 -31.53 24.53
N ILE A 383 -29.90 -32.63 23.98
CA ILE A 383 -29.18 -33.59 24.78
C ILE A 383 -27.96 -33.99 23.97
N GLU A 384 -26.78 -33.79 24.52
CA GLU A 384 -25.56 -33.94 23.75
C GLU A 384 -24.52 -34.80 24.44
N ASP A 385 -23.96 -35.76 23.72
CA ASP A 385 -22.86 -36.57 24.23
C ASP A 385 -21.61 -36.37 23.39
N ASP A 386 -20.47 -36.73 23.96
CA ASP A 386 -19.21 -36.67 23.25
C ASP A 386 -18.75 -38.09 22.90
N ILE A 387 -18.70 -38.41 21.62
CA ILE A 387 -18.46 -39.77 21.19
C ILE A 387 -17.07 -39.95 20.60
N LEU A 388 -16.40 -41.04 20.98
CA LEU A 388 -15.14 -41.40 20.35
C LEU A 388 -15.36 -42.45 19.27
N VAL A 389 -14.72 -42.30 18.12
CA VAL A 389 -14.81 -43.36 17.11
C VAL A 389 -13.70 -44.36 17.37
N THR A 390 -14.07 -45.63 17.50
CA THR A 390 -13.11 -46.67 17.83
C THR A 390 -12.86 -47.56 16.64
N LYS A 391 -11.96 -48.53 16.81
CA LYS A 391 -11.56 -49.44 15.74
C LYS A 391 -12.74 -50.07 15.00
N ASP A 392 -13.77 -50.45 15.73
CA ASP A 392 -14.89 -51.17 15.15
C ASP A 392 -16.25 -50.64 15.57
N GLY A 393 -16.27 -49.50 16.24
CA GLY A 393 -17.54 -48.89 16.61
C GLY A 393 -17.36 -47.52 17.25
N HIS A 394 -17.94 -47.34 18.42
CA HIS A 394 -17.81 -46.08 19.13
C HIS A 394 -17.71 -46.31 20.62
N GLU A 395 -17.26 -45.28 21.32
CA GLU A 395 -17.27 -45.27 22.77
C GLU A 395 -17.89 -43.95 23.22
N ASN A 396 -18.99 -44.01 23.95
CA ASN A 396 -19.61 -42.80 24.42
C ASN A 396 -18.85 -42.29 25.61
N LEU A 397 -18.04 -41.26 25.39
CA LEU A 397 -17.17 -40.73 26.43
C LEU A 397 -17.94 -40.20 27.63
N SER A 398 -19.21 -39.85 27.42
CA SER A 398 -19.99 -39.24 28.47
C SER A 398 -21.15 -40.10 28.94
N LYS A 399 -20.99 -41.42 28.88
CA LYS A 399 -22.07 -42.34 29.26
C LYS A 399 -22.43 -42.28 30.74
N ASP A 400 -21.47 -41.93 31.60
CA ASP A 400 -21.77 -41.89 33.03
C ASP A 400 -22.82 -40.87 33.39
N ILE A 401 -23.04 -39.90 32.52
CA ILE A 401 -24.05 -38.88 32.80
C ILE A 401 -25.45 -39.46 32.63
N ILE A 402 -26.22 -39.50 33.69
CA ILE A 402 -27.56 -40.08 33.64
C ILE A 402 -28.49 -39.25 32.76
N ARG A 403 -29.25 -39.93 31.90
CA ARG A 403 -30.08 -39.22 30.92
C ARG A 403 -31.57 -39.54 31.03
N GLU A 404 -31.89 -40.73 31.53
CA GLU A 404 -33.27 -41.18 31.56
C GLU A 404 -34.17 -40.30 32.44
N VAL A 405 -35.44 -40.20 32.06
CA VAL A 405 -36.40 -39.42 32.81
C VAL A 405 -36.52 -39.86 34.26
N GLU A 406 -36.58 -41.17 34.48
CA GLU A 406 -36.71 -41.71 35.82
CA GLU A 406 -36.74 -41.65 35.84
C GLU A 406 -35.45 -41.41 36.62
N GLU A 407 -34.30 -41.54 35.96
CA GLU A 407 -33.01 -41.33 36.63
C GLU A 407 -32.82 -39.89 37.10
N ILE A 408 -33.30 -38.94 36.30
CA ILE A 408 -33.18 -37.54 36.65
C ILE A 408 -34.11 -37.17 37.79
N GLU A 409 -35.39 -37.49 37.63
CA GLU A 409 -36.39 -37.24 38.67
C GLU A 409 -35.94 -37.87 39.97
N GLU A 410 -35.35 -39.06 39.87
CA GLU A 410 -34.88 -39.79 41.04
C GLU A 410 -33.71 -39.09 41.70
N PHE A 411 -32.72 -38.73 40.89
CA PHE A 411 -31.53 -38.05 41.41
C PHE A 411 -31.90 -36.74 42.11
N MSE A 412 -32.79 -35.96 41.52
CA MSE A 412 -33.14 -34.67 42.09
C MSE A 412 -33.90 -34.86 43.39
O MSE A 412 -33.76 -34.07 44.32
CB MSE A 412 -33.95 -33.84 41.09
CG MSE A 412 -33.19 -33.53 39.84
SE MSE A 412 -34.05 -32.25 38.66
CE MSE A 412 -33.95 -30.62 39.75
N ARG A 413 -34.71 -35.91 43.45
CA ARG A 413 -35.45 -36.25 44.66
C ARG A 413 -34.49 -36.60 45.80
N GLU A 414 -33.56 -37.52 45.52
CA GLU A 414 -32.55 -37.89 46.51
C GLU A 414 -31.59 -36.77 46.88
N ASN A 415 -31.26 -35.88 45.94
CA ASN A 415 -30.17 -34.93 46.16
C ASN A 415 -30.56 -33.45 46.27
N ASN A 416 -31.68 -33.07 45.69
CA ASN A 416 -32.05 -31.66 45.72
C ASN A 416 -32.77 -31.23 46.99
N VAL A 417 -32.06 -30.46 47.80
CA VAL A 417 -32.58 -29.88 49.05
C VAL A 417 -34.08 -29.52 49.01
N ASN A 418 -34.52 -28.85 47.94
CA ASN A 418 -35.91 -28.35 47.88
C ASN A 418 -36.86 -29.09 46.92
N VAL A 419 -37.01 -30.39 47.14
CA VAL A 419 -38.00 -31.21 46.41
C VAL A 419 -38.71 -32.16 47.36
N MSE B 1 -29.44 3.71 34.16
CA MSE B 1 -28.93 4.72 33.18
C MSE B 1 -29.94 5.05 32.10
O MSE B 1 -30.20 4.24 31.21
CB MSE B 1 -27.63 4.24 32.54
CG MSE B 1 -26.38 4.42 33.39
SE MSE B 1 -26.17 6.23 34.11
CE MSE B 1 -24.58 5.95 35.18
N LYS B 2 -30.51 6.25 32.15
CA LYS B 2 -31.54 6.65 31.18
C LYS B 2 -31.00 7.60 30.10
N SER B 3 -31.62 7.60 28.93
CA SER B 3 -31.10 8.34 27.77
C SER B 3 -30.68 9.80 27.99
N LYS B 4 -31.29 10.48 28.95
CA LYS B 4 -30.93 11.88 29.22
C LYS B 4 -29.43 12.02 29.49
N PHE B 5 -28.86 11.04 30.18
CA PHE B 5 -27.45 11.05 30.55
C PHE B 5 -26.53 11.04 29.31
N PHE B 6 -26.87 10.21 28.34
CA PHE B 6 -26.09 10.14 27.14
C PHE B 6 -26.34 11.35 26.27
N ALA B 7 -27.57 11.87 26.31
CA ALA B 7 -27.89 13.05 25.52
C ALA B 7 -27.06 14.23 25.99
N GLN B 8 -26.88 14.33 27.30
CA GLN B 8 -26.07 15.40 27.88
C GLN B 8 -24.59 15.23 27.58
N ASN B 9 -24.14 13.98 27.54
CA ASN B 9 -22.77 13.68 27.16
C ASN B 9 -22.49 14.20 25.76
N ARG B 10 -23.40 13.92 24.83
CA ARG B 10 -23.29 14.45 23.47
C ARG B 10 -23.26 15.99 23.42
N GLU B 11 -24.12 16.64 24.21
CA GLU B 11 -24.12 18.10 24.26
C GLU B 11 -22.78 18.63 24.69
N ARG B 12 -22.23 18.08 25.75
CA ARG B 12 -20.91 18.52 26.21
C ARG B 12 -19.82 18.24 25.16
N LEU B 13 -19.94 17.11 24.48
CA LEU B 13 -19.00 16.71 23.44
C LEU B 13 -19.04 17.70 22.27
N VAL B 14 -20.25 18.04 21.84
CA VAL B 14 -20.44 19.01 20.78
C VAL B 14 -19.74 20.34 21.06
N ASN B 15 -19.79 20.78 22.31
CA ASN B 15 -19.13 22.03 22.65
C ASN B 15 -17.61 21.96 22.58
N THR B 16 -17.06 20.76 22.43
CA THR B 16 -15.61 20.66 22.36
C THR B 16 -15.17 20.59 20.90
N LEU B 17 -16.13 20.39 20.02
CA LEU B 17 -15.80 20.18 18.62
C LEU B 17 -15.95 21.46 17.81
N PRO B 18 -15.01 21.67 16.87
CA PRO B 18 -15.11 22.84 16.00
C PRO B 18 -16.34 22.74 15.12
N ASP B 19 -16.78 23.88 14.60
CA ASP B 19 -17.91 23.91 13.69
C ASP B 19 -17.47 23.39 12.32
N GLU B 20 -18.43 23.04 11.48
CA GLU B 20 -18.15 22.52 10.15
C GLU B 20 -17.31 21.28 10.28
N SER B 21 -17.81 20.27 10.98
CA SER B 21 -17.06 19.02 11.16
C SER B 21 -17.97 17.83 11.39
N ILE B 22 -17.51 16.66 11.01
CA ILE B 22 -18.28 15.46 11.25
C ILE B 22 -17.49 14.48 12.14
N THR B 23 -18.18 13.81 13.06
CA THR B 23 -17.52 12.87 13.97
C THR B 23 -18.16 11.49 13.86
N ILE B 24 -17.35 10.45 13.74
CA ILE B 24 -17.91 9.11 13.58
C ILE B 24 -17.33 8.15 14.62
N LEU B 25 -18.22 7.40 15.25
CA LEU B 25 -17.80 6.48 16.29
C LEU B 25 -18.28 5.08 15.94
N PHE B 26 -17.42 4.08 16.17
CA PHE B 26 -17.76 2.70 15.83
C PHE B 26 -17.98 1.82 17.07
N ALA B 27 -19.12 1.14 17.11
CA ALA B 27 -19.40 0.20 18.20
C ALA B 27 -18.37 -0.94 18.26
N GLY B 28 -17.93 -1.43 17.11
CA GLY B 28 -16.93 -2.51 17.02
C GLY B 28 -17.49 -3.91 16.94
N GLN B 29 -16.61 -4.91 16.79
CA GLN B 29 -16.98 -6.35 16.82
C GLN B 29 -16.18 -6.97 17.95
N ALA B 30 -16.62 -8.12 18.46
CA ALA B 30 -15.77 -8.92 19.35
C ALA B 30 -14.64 -9.56 18.56
N PRO B 31 -13.41 -9.51 19.07
CA PRO B 31 -12.26 -10.09 18.36
C PRO B 31 -12.30 -11.61 18.25
N HIS B 32 -11.70 -12.13 17.18
CA HIS B 32 -11.53 -13.58 17.01
C HIS B 32 -10.79 -14.13 18.22
N MSE B 33 -11.27 -15.25 18.75
CA MSE B 33 -10.59 -15.90 19.87
C MSE B 33 -9.81 -17.14 19.43
O MSE B 33 -8.59 -17.23 19.61
CB MSE B 33 -11.61 -16.29 20.93
CG MSE B 33 -11.01 -17.06 22.08
SE MSE B 33 -12.24 -17.15 23.59
CE MSE B 33 -13.49 -18.52 22.98
N SER B 34 -10.50 -18.09 18.83
CA SER B 34 -9.90 -19.35 18.43
C SER B 34 -10.89 -20.07 17.56
N ALA B 35 -10.42 -20.63 16.46
CA ALA B 35 -11.31 -21.23 15.48
C ALA B 35 -12.47 -20.29 15.21
N ASP B 36 -13.69 -20.81 15.36
CA ASP B 36 -14.88 -20.01 15.02
C ASP B 36 -15.43 -19.29 16.23
N ALA B 37 -14.70 -19.35 17.34
CA ALA B 37 -15.11 -18.65 18.55
C ALA B 37 -14.57 -17.21 18.58
N HIS B 38 -15.38 -16.29 19.08
CA HIS B 38 -14.94 -14.94 19.40
C HIS B 38 -14.95 -14.74 20.90
N TYR B 39 -14.19 -13.76 21.38
CA TYR B 39 -14.23 -13.37 22.78
C TYR B 39 -15.61 -12.79 23.10
N LYS B 40 -15.92 -12.59 24.37
CA LYS B 40 -17.17 -11.94 24.73
C LYS B 40 -17.06 -10.51 24.25
N PHE B 41 -18.15 -9.96 23.71
CA PHE B 41 -18.16 -8.57 23.30
C PHE B 41 -18.04 -7.62 24.49
N VAL B 42 -17.19 -6.61 24.33
CA VAL B 42 -16.97 -5.58 25.35
C VAL B 42 -17.24 -4.20 24.73
N PRO B 43 -18.35 -3.57 25.14
CA PRO B 43 -18.66 -2.28 24.51
C PRO B 43 -17.50 -1.30 24.62
N ASN B 44 -17.17 -0.65 23.51
CA ASN B 44 -16.16 0.39 23.53
C ASN B 44 -16.66 1.51 24.43
N ARG B 45 -15.93 1.82 25.49
CA ARG B 45 -16.47 2.73 26.48
C ARG B 45 -16.78 4.11 25.92
N ASN B 46 -15.95 4.60 24.99
CA ASN B 46 -16.24 5.92 24.44
C ASN B 46 -17.55 5.90 23.65
N PHE B 47 -17.74 4.86 22.84
CA PHE B 47 -18.96 4.75 22.06
C PHE B 47 -20.17 4.64 22.99
N TYR B 48 -20.02 3.82 24.02
CA TYR B 48 -21.09 3.60 24.96
C TYR B 48 -21.45 4.86 25.71
N TYR B 49 -20.43 5.55 26.18
CA TYR B 49 -20.62 6.78 26.93
C TYR B 49 -21.35 7.79 26.09
N VAL B 50 -21.20 7.69 24.77
CA VAL B 50 -21.79 8.70 23.90
C VAL B 50 -23.18 8.33 23.42
N THR B 51 -23.48 7.05 23.33
CA THR B 51 -24.71 6.61 22.70
C THR B 51 -25.60 5.80 23.63
N GLY B 52 -25.03 5.24 24.68
CA GLY B 52 -25.79 4.34 25.53
C GLY B 52 -26.07 2.97 24.92
N ILE B 53 -25.46 2.66 23.79
CA ILE B 53 -25.76 1.44 23.09
C ILE B 53 -24.70 0.40 23.32
N ASP B 54 -25.11 -0.77 23.75
CA ASP B 54 -24.16 -1.75 24.22
C ASP B 54 -23.96 -2.93 23.31
N GLU B 55 -24.31 -2.77 22.05
CA GLU B 55 -24.23 -3.82 21.05
C GLU B 55 -23.21 -3.46 20.00
N PRO B 56 -22.71 -4.46 19.31
CA PRO B 56 -21.69 -4.30 18.29
C PRO B 56 -22.21 -3.79 16.99
N ASN B 57 -21.34 -3.09 16.25
CA ASN B 57 -21.53 -3.03 14.81
C ASN B 57 -22.53 -1.95 14.48
N VAL B 58 -22.94 -1.22 15.51
CA VAL B 58 -23.67 -0.01 15.34
C VAL B 58 -22.73 1.10 15.04
N ILE B 59 -23.20 2.14 14.39
CA ILE B 59 -22.35 3.27 14.10
C ILE B 59 -23.02 4.56 14.44
N PHE B 60 -22.27 5.50 14.98
CA PHE B 60 -22.81 6.77 15.38
C PHE B 60 -22.12 7.87 14.63
N MSE B 61 -22.86 8.94 14.36
CA MSE B 61 -22.36 10.03 13.54
C MSE B 61 -22.90 11.38 14.02
O MSE B 61 -24.07 11.51 14.37
CB MSE B 61 -22.76 9.80 12.10
CG MSE B 61 -22.55 11.00 11.21
SE MSE B 61 -23.27 10.78 9.40
CE MSE B 61 -22.03 9.40 8.76
N LEU B 62 -22.05 12.39 14.05
CA LEU B 62 -22.45 13.68 14.55
C LEU B 62 -22.01 14.79 13.59
N LYS B 63 -22.98 15.41 12.91
CA LYS B 63 -22.70 16.49 11.97
C LYS B 63 -22.85 17.84 12.64
N LYS B 64 -21.86 18.71 12.49
CA LYS B 64 -21.94 20.01 13.12
C LYS B 64 -21.75 21.14 12.10
N PHE B 65 -22.85 21.75 11.66
CA PHE B 65 -22.83 22.72 10.55
C PHE B 65 -23.71 23.93 10.81
N GLY B 66 -23.12 25.12 10.68
CA GLY B 66 -23.82 26.35 11.02
C GLY B 66 -24.26 26.34 12.48
N ASN B 67 -25.55 26.53 12.70
CA ASN B 67 -26.12 26.41 14.04
C ASN B 67 -26.65 25.00 14.25
N SER B 68 -26.64 24.22 13.18
CA SER B 68 -27.18 22.86 13.20
C SER B 68 -26.28 21.85 13.92
N VAL B 69 -26.91 20.77 14.35
CA VAL B 69 -26.22 19.66 14.95
C VAL B 69 -27.11 18.45 14.66
N GLU B 70 -26.60 17.49 13.90
CA GLU B 70 -27.40 16.32 13.53
C GLU B 70 -26.77 15.02 13.98
N GLU B 71 -27.45 14.32 14.87
CA GLU B 71 -26.99 13.03 15.35
C GLU B 71 -27.72 11.91 14.64
N THR B 72 -26.99 10.83 14.31
CA THR B 72 -27.58 9.69 13.61
C THR B 72 -27.03 8.37 14.13
N LEU B 73 -27.86 7.33 14.13
CA LEU B 73 -27.40 5.98 14.45
C LEU B 73 -27.67 5.06 13.29
N PHE B 74 -26.71 4.18 13.02
CA PHE B 74 -26.87 3.14 12.01
C PHE B 74 -26.89 1.81 12.70
N ILE B 75 -27.98 1.06 12.55
CA ILE B 75 -28.10 -0.24 13.20
C ILE B 75 -28.26 -1.40 12.22
N GLU B 76 -28.21 -2.61 12.74
CA GLU B 76 -28.42 -3.77 11.89
C GLU B 76 -29.91 -3.94 11.60
N LYS B 77 -30.20 -4.36 10.38
CA LYS B 77 -31.52 -4.87 10.06
C LYS B 77 -31.73 -6.23 10.71
N SER B 78 -32.97 -6.60 10.96
CA SER B 78 -33.24 -7.91 11.57
C SER B 78 -33.07 -9.06 10.57
N ASP B 79 -32.57 -10.19 11.08
CA ASP B 79 -32.30 -11.37 10.26
C ASP B 79 -32.91 -12.61 10.92
N PRO B 80 -34.07 -13.06 10.42
CA PRO B 80 -34.89 -14.11 11.05
C PRO B 80 -34.15 -15.41 11.33
N VAL B 81 -33.12 -15.69 10.54
CA VAL B 81 -32.33 -16.91 10.70
C VAL B 81 -31.37 -16.82 11.89
N MSE B 82 -30.68 -15.68 12.01
CA MSE B 82 -29.75 -15.45 13.13
C MSE B 82 -30.47 -15.29 14.47
O MSE B 82 -29.91 -15.60 15.52
CB MSE B 82 -28.87 -14.23 12.86
CG MSE B 82 -27.65 -14.51 11.98
SE MSE B 82 -26.47 -15.91 12.72
CE MSE B 82 -25.53 -14.85 14.07
N GLU B 83 -31.72 -14.83 14.42
CA GLU B 83 -32.52 -14.66 15.62
C GLU B 83 -32.76 -15.98 16.34
N LYS B 84 -32.60 -17.08 15.62
CA LYS B 84 -32.78 -18.39 16.22
C LYS B 84 -31.47 -18.87 16.84
N TRP B 85 -30.35 -18.24 16.49
CA TRP B 85 -29.08 -18.63 17.08
C TRP B 85 -28.66 -17.73 18.23
N VAL B 86 -28.84 -16.42 18.07
CA VAL B 86 -28.30 -15.45 19.01
C VAL B 86 -29.34 -14.52 19.65
N GLY B 87 -30.57 -14.57 19.15
CA GLY B 87 -31.62 -13.66 19.63
C GLY B 87 -31.73 -12.40 18.78
N LYS B 88 -32.67 -11.53 19.10
CA LYS B 88 -32.87 -10.29 18.32
C LYS B 88 -31.80 -9.24 18.61
N THR B 89 -31.38 -8.49 17.59
CA THR B 89 -30.52 -7.34 17.81
C THR B 89 -31.40 -6.14 18.11
N VAL B 90 -30.82 -5.06 18.63
CA VAL B 90 -31.61 -3.89 18.99
C VAL B 90 -32.51 -3.41 17.85
N SER B 91 -33.71 -2.95 18.18
CA SER B 91 -34.65 -2.53 17.15
C SER B 91 -34.63 -1.02 16.94
N ASN B 92 -35.14 -0.60 15.80
CA ASN B 92 -35.32 0.80 15.48
C ASN B 92 -35.79 1.59 16.70
N GLU B 93 -36.89 1.15 17.31
CA GLU B 93 -37.48 1.90 18.41
C GLU B 93 -36.69 1.80 19.72
N GLU B 94 -36.16 0.61 20.01
CA GLU B 94 -35.35 0.42 21.21
C GLU B 94 -34.14 1.35 21.18
N ALA B 95 -33.49 1.44 20.02
CA ALA B 95 -32.26 2.21 19.89
C ALA B 95 -32.53 3.68 20.17
N GLU B 96 -33.66 4.17 19.71
CA GLU B 96 -34.04 5.55 19.95
C GLU B 96 -34.35 5.80 21.42
N LYS B 97 -35.10 4.89 22.03
CA LYS B 97 -35.46 4.99 23.43
C LYS B 97 -34.22 5.02 24.31
N ILE B 98 -33.28 4.14 24.02
CA ILE B 98 -32.06 3.97 24.82
C ILE B 98 -31.09 5.14 24.73
N SER B 99 -30.88 5.63 23.51
CA SER B 99 -29.82 6.58 23.22
C SER B 99 -30.30 8.02 23.29
N GLY B 100 -31.60 8.22 23.08
CA GLY B 100 -32.16 9.54 23.00
C GLY B 100 -31.93 10.18 21.65
N ILE B 101 -31.32 9.42 20.73
CA ILE B 101 -31.09 9.88 19.35
C ILE B 101 -32.31 9.63 18.47
N LYS B 102 -32.84 10.70 17.88
CA LYS B 102 -34.09 10.62 17.14
C LYS B 102 -33.94 9.90 15.79
N LYS B 103 -32.88 10.21 15.05
CA LYS B 103 -32.72 9.59 13.75
C LYS B 103 -31.97 8.28 13.78
N VAL B 104 -32.69 7.18 13.52
CA VAL B 104 -32.09 5.85 13.53
C VAL B 104 -32.30 5.18 12.18
N ILE B 105 -31.21 4.85 11.48
CA ILE B 105 -31.32 4.20 10.19
C ILE B 105 -30.44 2.96 10.13
N TYR B 106 -30.26 2.39 8.95
CA TYR B 106 -29.60 1.09 8.86
C TYR B 106 -28.24 1.08 8.18
N LEU B 107 -27.40 0.14 8.58
CA LEU B 107 -26.04 0.05 8.10
C LEU B 107 -25.95 -0.01 6.60
N ASP B 108 -26.88 -0.73 5.97
CA ASP B 108 -26.82 -0.90 4.52
C ASP B 108 -26.96 0.43 3.77
N SER B 109 -27.14 1.52 4.50
CA SER B 109 -27.22 2.84 3.90
C SER B 109 -26.05 3.73 4.35
N PHE B 110 -25.08 3.12 5.02
CA PHE B 110 -23.94 3.88 5.53
C PHE B 110 -23.02 4.38 4.41
N GLU B 111 -22.74 3.51 3.45
CA GLU B 111 -21.82 3.88 2.37
C GLU B 111 -22.34 5.02 1.52
N LYS B 112 -23.63 4.96 1.16
CA LYS B 112 -24.20 6.07 0.41
C LYS B 112 -24.14 7.37 1.21
N THR B 113 -24.26 7.27 2.53
CA THR B 113 -24.23 8.47 3.33
C THR B 113 -22.81 9.04 3.33
N MSE B 114 -21.83 8.15 3.38
CA MSE B 114 -20.45 8.59 3.27
C MSE B 114 -20.24 9.38 2.00
O MSE B 114 -19.64 10.45 2.02
CB MSE B 114 -19.51 7.40 3.31
CG MSE B 114 -19.36 6.78 4.68
SE MSE B 114 -18.92 8.12 6.04
CE MSE B 114 -20.69 8.33 6.83
N SER B 115 -20.75 8.87 0.88
CA SER B 115 -20.59 9.52 -0.40
C SER B 115 -21.20 10.92 -0.40
N ASN B 116 -22.40 11.06 0.14
CA ASN B 116 -23.02 12.37 0.17
C ASN B 116 -22.28 13.35 1.08
N ILE B 117 -21.86 12.90 2.24
CA ILE B 117 -21.19 13.77 3.19
C ILE B 117 -19.89 14.34 2.63
N PHE B 118 -19.08 13.49 1.99
CA PHE B 118 -17.73 13.88 1.56
C PHE B 118 -17.63 14.48 0.15
N PHE B 119 -18.70 14.32 -0.63
CA PHE B 119 -18.75 14.97 -1.90
C PHE B 119 -19.79 16.08 -1.92
N THR B 120 -21.06 15.71 -1.82
CA THR B 120 -22.14 16.67 -1.92
C THR B 120 -22.03 17.79 -0.91
N GLU B 121 -21.79 17.45 0.35
CA GLU B 121 -21.73 18.48 1.40
C GLU B 121 -20.34 19.06 1.63
N ASN B 122 -19.36 18.70 0.81
CA ASN B 122 -18.03 19.29 0.91
C ASN B 122 -17.42 19.38 2.29
N VAL B 123 -17.64 18.36 3.12
CA VAL B 123 -17.08 18.32 4.45
C VAL B 123 -15.56 18.17 4.41
N LYS B 124 -14.86 18.94 5.26
CA LYS B 124 -13.42 18.99 5.18
C LYS B 124 -12.72 18.49 6.45
N HIS B 125 -13.49 18.34 7.53
CA HIS B 125 -12.92 18.05 8.82
C HIS B 125 -13.66 16.85 9.46
N LEU B 126 -12.93 15.75 9.62
CA LEU B 126 -13.50 14.52 10.19
C LEU B 126 -12.82 14.14 11.50
N TYR B 127 -13.62 13.79 12.49
CA TYR B 127 -13.05 13.33 13.74
C TYR B 127 -13.37 11.87 13.93
N LEU B 128 -12.35 11.10 14.31
CA LEU B 128 -12.54 9.71 14.68
C LEU B 128 -11.95 9.50 16.05
N ASP B 129 -12.41 8.44 16.71
CA ASP B 129 -11.82 8.06 17.98
C ASP B 129 -10.60 7.22 17.64
N LEU B 130 -9.43 7.85 17.67
CA LEU B 130 -8.22 7.15 17.29
C LEU B 130 -7.39 6.76 18.51
N GLU B 131 -7.83 5.75 19.25
CA GLU B 131 -7.04 5.29 20.38
C GLU B 131 -5.96 4.34 19.86
N CYS B 132 -4.71 4.74 19.90
CA CYS B 132 -3.66 3.85 19.40
C CYS B 132 -2.51 3.76 20.41
N ARG B 133 -2.51 2.67 21.15
CA ARG B 133 -1.64 2.57 22.32
C ARG B 133 -0.29 1.98 22.02
N GLU B 134 -0.12 1.43 20.81
CA GLU B 134 1.12 0.76 20.49
C GLU B 134 1.68 1.21 19.14
N TRP B 135 2.96 1.58 19.14
CA TRP B 135 3.63 2.08 17.95
C TRP B 135 3.61 1.03 16.85
N LYS B 136 3.79 -0.23 17.24
CA LYS B 136 3.79 -1.29 16.25
C LYS B 136 2.52 -2.09 16.34
N GLY B 137 1.46 -1.44 16.81
CA GLY B 137 0.14 -2.03 16.80
C GLY B 137 -0.24 -2.50 15.41
N THR B 138 -1.34 -3.24 15.35
CA THR B 138 -1.83 -3.80 14.10
C THR B 138 -3.06 -3.01 13.61
N GLU B 139 -3.26 -2.96 12.29
CA GLU B 139 -4.34 -2.17 11.72
C GLU B 139 -5.69 -2.55 12.31
N THR B 140 -6.51 -1.56 12.63
CA THR B 140 -7.83 -1.81 13.19
C THR B 140 -8.88 -1.25 12.23
N LYS B 141 -10.13 -1.62 12.45
CA LYS B 141 -11.22 -1.14 11.60
C LYS B 141 -11.17 0.38 11.46
N THR B 142 -10.97 1.07 12.59
CA THR B 142 -10.92 2.52 12.60
C THR B 142 -9.75 3.05 11.77
N LEU B 143 -8.54 2.54 12.01
CA LEU B 143 -7.40 3.02 11.26
C LEU B 143 -7.55 2.71 9.78
N ALA B 144 -8.20 1.60 9.45
CA ALA B 144 -8.44 1.25 8.06
C ALA B 144 -9.43 2.21 7.44
N PHE B 145 -10.46 2.55 8.22
CA PHE B 145 -11.42 3.56 7.79
C PHE B 145 -10.71 4.88 7.52
N ALA B 146 -9.85 5.31 8.44
CA ALA B 146 -9.09 6.53 8.26
C ALA B 146 -8.26 6.49 6.97
N LYS B 147 -7.55 5.39 6.75
CA LYS B 147 -6.73 5.26 5.54
C LYS B 147 -7.60 5.39 4.31
N HIS B 148 -8.76 4.76 4.35
CA HIS B 148 -9.67 4.82 3.23
C HIS B 148 -10.06 6.26 2.94
N VAL B 149 -10.42 6.99 3.99
CA VAL B 149 -10.81 8.39 3.87
C VAL B 149 -9.67 9.18 3.23
N ARG B 150 -8.46 8.82 3.61
CA ARG B 150 -7.28 9.50 3.13
C ARG B 150 -7.11 9.25 1.63
N GLU B 151 -7.45 8.03 1.19
CA GLU B 151 -7.33 7.66 -0.23
C GLU B 151 -8.37 8.33 -1.11
N GLN B 152 -9.63 8.34 -0.68
CA GLN B 152 -10.71 8.93 -1.47
C GLN B 152 -10.87 10.44 -1.31
N TYR B 153 -10.54 10.93 -0.13
CA TYR B 153 -10.77 12.33 0.19
C TYR B 153 -9.53 12.97 0.83
N PRO B 154 -8.43 13.03 0.07
CA PRO B 154 -7.14 13.44 0.61
C PRO B 154 -7.13 14.86 1.16
N HIS B 155 -8.13 15.66 0.82
CA HIS B 155 -8.14 17.04 1.29
C HIS B 155 -8.75 17.11 2.68
N VAL B 156 -9.42 16.02 3.08
CA VAL B 156 -10.14 16.02 4.34
C VAL B 156 -9.17 15.91 5.49
N THR B 157 -9.33 16.79 6.47
CA THR B 157 -8.49 16.82 7.66
C THR B 157 -9.07 15.91 8.71
N ILE B 158 -8.23 15.02 9.22
CA ILE B 158 -8.64 14.07 10.26
C ILE B 158 -8.20 14.50 11.66
N GLY B 159 -9.13 14.46 12.60
CA GLY B 159 -8.84 14.82 13.98
C GLY B 159 -9.16 13.69 14.92
N ASN B 160 -8.57 13.73 16.11
CA ASN B 160 -8.76 12.65 17.06
C ASN B 160 -9.69 13.09 18.16
N VAL B 161 -10.83 12.42 18.29
CA VAL B 161 -11.82 12.84 19.26
C VAL B 161 -11.64 12.12 20.59
N TYR B 162 -10.79 11.10 20.60
CA TYR B 162 -10.52 10.33 21.82
C TYR B 162 -10.31 11.22 23.06
N PRO B 163 -9.31 12.12 23.00
CA PRO B 163 -9.03 13.01 24.12
C PRO B 163 -10.28 13.76 24.61
N ASN B 164 -11.03 14.32 23.66
CA ASN B 164 -12.25 15.03 23.98
C ASN B 164 -13.15 14.22 24.90
N ILE B 165 -13.39 12.97 24.52
CA ILE B 165 -14.32 12.14 25.27
C ILE B 165 -13.75 11.68 26.60
N CYS B 166 -12.46 11.36 26.63
CA CYS B 166 -11.82 11.00 27.90
C CYS B 166 -11.94 12.11 28.93
N GLU B 167 -11.79 13.36 28.51
CA GLU B 167 -11.79 14.44 29.48
C GLU B 167 -13.19 14.63 30.06
N LEU B 168 -14.20 14.16 29.33
CA LEU B 168 -15.57 14.22 29.85
C LEU B 168 -15.78 13.11 30.86
N ARG B 169 -15.22 11.93 30.58
CA ARG B 169 -15.47 10.76 31.42
C ARG B 169 -14.83 10.93 32.78
N VAL B 170 -13.85 11.80 32.85
CA VAL B 170 -13.14 12.10 34.08
C VAL B 170 -14.05 12.64 35.15
N PHE B 171 -15.13 13.29 34.74
CA PHE B 171 -16.05 13.93 35.68
C PHE B 171 -17.34 13.15 35.74
N LYS B 172 -17.56 12.47 36.86
CA LYS B 172 -18.72 11.59 36.98
C LYS B 172 -19.93 12.35 37.49
N THR B 173 -21.12 11.95 37.04
CA THR B 173 -22.35 12.47 37.57
C THR B 173 -22.80 11.58 38.73
N ASP B 174 -23.73 12.09 39.53
CA ASP B 174 -24.30 11.33 40.65
C ASP B 174 -24.81 9.96 40.18
N GLU B 175 -25.50 9.92 39.04
CA GLU B 175 -26.04 8.65 38.52
CA GLU B 175 -26.05 8.65 38.57
C GLU B 175 -24.92 7.63 38.33
N GLU B 176 -23.81 8.11 37.78
CA GLU B 176 -22.64 7.26 37.56
C GLU B 176 -22.06 6.80 38.89
N ILE B 177 -21.86 7.74 39.79
CA ILE B 177 -21.36 7.43 41.11
C ILE B 177 -22.22 6.36 41.80
N GLU B 178 -23.53 6.40 41.59
CA GLU B 178 -24.37 5.37 42.19
C GLU B 178 -24.00 3.98 41.74
N ILE B 179 -23.79 3.81 40.44
CA ILE B 179 -23.49 2.49 39.88
C ILE B 179 -22.17 1.97 40.43
N ILE B 180 -21.16 2.81 40.42
CA ILE B 180 -19.92 2.46 41.04
C ILE B 180 -20.16 1.96 42.47
N LYS B 181 -21.03 2.67 43.20
CA LYS B 181 -21.34 2.31 44.57
C LYS B 181 -21.92 0.91 44.63
N GLU B 182 -22.83 0.59 43.71
CA GLU B 182 -23.42 -0.75 43.70
C GLU B 182 -22.32 -1.80 43.46
N ALA B 183 -21.48 -1.51 42.46
CA ALA B 183 -20.37 -2.39 42.13
C ALA B 183 -19.55 -2.71 43.37
N ILE B 184 -19.10 -1.65 44.04
CA ILE B 184 -18.39 -1.76 45.29
C ILE B 184 -19.15 -2.61 46.31
N ALA B 185 -20.43 -2.31 46.46
CA ALA B 185 -21.25 -3.07 47.40
C ALA B 185 -21.10 -4.58 47.17
N VAL B 186 -21.28 -5.02 45.93
CA VAL B 186 -21.21 -6.46 45.65
C VAL B 186 -19.80 -6.98 45.88
N THR B 187 -18.83 -6.15 45.52
CA THR B 187 -17.45 -6.51 45.77
C THR B 187 -17.30 -6.85 47.24
N LYS B 188 -17.75 -5.94 48.10
CA LYS B 188 -17.68 -6.15 49.54
C LYS B 188 -18.25 -7.50 49.96
N ASP B 189 -19.46 -7.81 49.48
CA ASP B 189 -20.07 -9.10 49.79
C ASP B 189 -19.17 -10.24 49.32
N GLY B 190 -18.57 -10.10 48.15
CA GLY B 190 -17.66 -11.12 47.64
C GLY B 190 -16.49 -11.32 48.58
N ILE B 191 -15.91 -10.20 49.03
CA ILE B 191 -14.77 -10.27 49.91
C ILE B 191 -15.13 -10.94 51.23
N TYR B 192 -16.23 -10.49 51.84
CA TYR B 192 -16.64 -11.06 53.12
C TYR B 192 -16.82 -12.55 52.94
N ASN B 193 -17.44 -12.94 51.83
CA ASN B 193 -17.66 -14.35 51.58
C ASN B 193 -16.36 -15.11 51.57
N VAL B 194 -15.31 -14.48 51.04
CA VAL B 194 -13.99 -15.09 51.05
C VAL B 194 -13.48 -15.21 52.48
N LEU B 195 -13.62 -14.14 53.26
CA LEU B 195 -13.17 -14.16 54.64
C LEU B 195 -13.89 -15.23 55.44
N LYS B 196 -15.12 -15.55 55.05
CA LYS B 196 -15.91 -16.51 55.77
C LYS B 196 -15.59 -17.96 55.38
N HIS B 197 -14.81 -18.18 54.34
CA HIS B 197 -14.51 -19.53 53.84
C HIS B 197 -13.03 -19.86 53.79
N ALA B 198 -12.19 -18.88 54.08
CA ALA B 198 -10.78 -19.08 53.93
C ALA B 198 -10.24 -19.95 55.05
N LYS B 199 -9.31 -20.82 54.70
CA LYS B 199 -8.55 -21.58 55.69
C LYS B 199 -7.22 -21.98 55.10
N ALA B 200 -6.32 -22.47 55.94
CA ALA B 200 -5.03 -22.93 55.45
C ALA B 200 -5.17 -24.22 54.65
N ASP B 201 -4.13 -24.57 53.90
CA ASP B 201 -4.11 -25.81 53.12
C ASP B 201 -5.33 -25.82 52.22
N MSE B 202 -5.35 -24.91 51.27
CA MSE B 202 -6.50 -24.68 50.43
C MSE B 202 -5.99 -23.99 49.19
O MSE B 202 -5.13 -23.11 49.26
CB MSE B 202 -7.49 -23.76 51.14
CG MSE B 202 -8.81 -23.61 50.44
SE MSE B 202 -9.97 -22.34 51.37
CE MSE B 202 -11.70 -22.88 50.65
N MSE B 203 -6.49 -24.38 48.03
CA MSE B 203 -5.94 -23.89 46.80
C MSE B 203 -6.40 -22.47 46.56
O MSE B 203 -7.54 -22.11 46.87
CB MSE B 203 -6.39 -24.78 45.66
CG MSE B 203 -5.26 -25.30 44.80
SE MSE B 203 -3.93 -26.21 45.88
CE MSE B 203 -5.04 -27.61 46.71
N GLU B 204 -5.53 -21.64 46.00
CA GLU B 204 -5.89 -20.25 45.75
C GLU B 204 -7.20 -20.13 44.96
N TYR B 205 -7.35 -20.97 43.95
CA TYR B 205 -8.55 -20.92 43.13
C TYR B 205 -9.80 -21.35 43.90
N GLU B 206 -9.64 -22.12 44.96
CA GLU B 206 -10.80 -22.47 45.80
C GLU B 206 -11.42 -21.21 46.42
N LEU B 207 -10.57 -20.32 46.89
CA LEU B 207 -11.04 -19.03 47.36
C LEU B 207 -11.60 -18.17 46.24
N GLU B 208 -10.96 -18.21 45.07
CA GLU B 208 -11.44 -17.39 43.96
C GLU B 208 -12.85 -17.82 43.60
N ALA B 209 -13.08 -19.12 43.67
CA ALA B 209 -14.38 -19.68 43.41
C ALA B 209 -15.46 -19.04 44.28
N GLN B 210 -15.15 -18.84 45.57
CA GLN B 210 -16.09 -18.21 46.50
C GLN B 210 -16.43 -16.79 46.06
N PHE B 211 -15.43 -16.01 45.70
CA PHE B 211 -15.67 -14.63 45.30
C PHE B 211 -16.51 -14.59 44.04
N ASP B 212 -16.14 -15.42 43.08
CA ASP B 212 -16.88 -15.53 41.83
C ASP B 212 -18.34 -15.89 42.11
N PHE B 213 -18.53 -16.86 42.99
CA PHE B 213 -19.87 -17.34 43.26
C PHE B 213 -20.78 -16.22 43.75
N THR B 214 -20.31 -15.43 44.70
CA THR B 214 -21.08 -14.32 45.24
C THR B 214 -21.51 -13.37 44.12
N LEU B 215 -20.57 -12.92 43.30
CA LEU B 215 -20.86 -12.01 42.21
C LEU B 215 -21.84 -12.62 41.21
N LYS B 216 -21.62 -13.88 40.84
CA LYS B 216 -22.45 -14.44 39.80
C LYS B 216 -23.86 -14.59 40.29
N SER B 217 -24.03 -15.12 41.49
CA SER B 217 -25.38 -15.33 41.98
C SER B 217 -26.08 -14.03 42.35
N SER B 218 -25.37 -12.92 42.23
CA SER B 218 -26.00 -11.61 42.43
C SER B 218 -26.33 -10.92 41.12
N GLY B 219 -26.12 -11.64 40.03
CA GLY B 219 -26.45 -11.11 38.72
C GLY B 219 -25.31 -10.46 37.96
N ILE B 220 -24.20 -10.17 38.65
CA ILE B 220 -23.06 -9.53 37.98
C ILE B 220 -22.49 -10.43 36.91
N LYS B 221 -22.46 -9.94 35.67
CA LYS B 221 -22.03 -10.73 34.50
C LYS B 221 -20.51 -10.70 34.31
N HIS B 222 -19.89 -9.60 34.67
CA HIS B 222 -18.46 -9.48 34.46
C HIS B 222 -17.71 -9.01 35.71
N HIS B 223 -16.41 -9.27 35.74
CA HIS B 223 -15.52 -8.64 36.70
C HIS B 223 -14.91 -7.39 36.07
N ALA B 224 -14.40 -6.48 36.90
CA ALA B 224 -13.74 -5.29 36.39
C ALA B 224 -12.45 -5.67 35.65
N PHE B 225 -11.76 -6.67 36.18
CA PHE B 225 -10.44 -7.08 35.69
C PHE B 225 -10.17 -8.50 36.18
N ASN B 226 -8.99 -9.03 35.90
CA ASN B 226 -8.69 -10.38 36.33
C ASN B 226 -8.36 -10.51 37.82
N THR B 227 -9.18 -11.26 38.54
CA THR B 227 -9.01 -11.42 39.97
C THR B 227 -7.59 -11.82 40.31
N ILE B 228 -6.97 -11.07 41.22
CA ILE B 228 -5.69 -11.42 41.79
C ILE B 228 -5.93 -12.03 43.17
N LEU B 229 -5.46 -13.25 43.37
CA LEU B 229 -5.64 -13.88 44.66
C LEU B 229 -4.32 -14.50 45.05
N ALA B 230 -3.46 -13.69 45.65
CA ALA B 230 -2.07 -14.07 45.87
C ALA B 230 -1.79 -14.35 47.32
N SER B 231 -1.18 -15.49 47.62
CA SER B 231 -0.87 -15.84 49.00
C SER B 231 0.62 -15.90 49.21
N GLY B 232 1.04 -15.77 50.46
CA GLY B 232 2.44 -15.82 50.80
C GLY B 232 3.26 -14.98 49.84
N LYS B 233 4.25 -15.60 49.21
CA LYS B 233 5.25 -14.88 48.41
C LYS B 233 4.69 -14.35 47.11
N ASN B 234 3.61 -14.96 46.63
CA ASN B 234 3.00 -14.56 45.37
C ASN B 234 2.43 -13.14 45.41
N ALA B 235 2.09 -12.66 46.60
CA ALA B 235 1.52 -11.33 46.71
C ALA B 235 2.57 -10.29 46.35
N THR B 236 3.81 -10.76 46.17
CA THR B 236 4.92 -9.93 45.75
C THR B 236 4.88 -9.57 44.25
N VAL B 237 4.26 -10.43 43.46
CA VAL B 237 4.07 -10.12 42.06
C VAL B 237 2.81 -9.26 41.91
N LEU B 238 3.00 -8.03 41.45
CA LEU B 238 1.90 -7.05 41.44
C LEU B 238 0.59 -7.51 40.79
N HIS B 239 0.67 -8.11 39.60
CA HIS B 239 -0.54 -8.59 38.90
C HIS B 239 -0.61 -10.12 38.79
N TYR B 240 -0.07 -10.81 39.79
CA TYR B 240 -0.15 -12.26 39.89
C TYR B 240 -1.56 -12.73 39.56
N GLU B 241 -1.69 -13.62 38.56
CA GLU B 241 -3.01 -14.11 38.17
C GLU B 241 -3.17 -15.63 38.17
N ASP B 242 -2.08 -16.36 38.34
CA ASP B 242 -2.16 -17.81 38.27
C ASP B 242 -3.19 -18.39 39.21
N ASN B 243 -3.22 -17.84 40.43
CA ASN B 243 -4.19 -18.24 41.43
C ASN B 243 -4.26 -19.75 41.63
N ASP B 244 -3.11 -20.40 41.49
CA ASP B 244 -3.07 -21.86 41.54
C ASP B 244 -1.99 -22.41 42.48
N ALA B 245 -1.70 -21.69 43.56
CA ALA B 245 -0.81 -22.19 44.59
C ALA B 245 -1.57 -22.63 45.83
N GLN B 246 -0.96 -23.44 46.67
CA GLN B 246 -1.62 -23.82 47.90
C GLN B 246 -1.40 -22.73 48.92
N ILE B 247 -2.43 -22.39 49.67
CA ILE B 247 -2.27 -21.39 50.73
C ILE B 247 -1.67 -22.05 51.97
N GLN B 248 -0.47 -21.63 52.36
CA GLN B 248 0.18 -22.18 53.54
C GLN B 248 -0.39 -21.59 54.83
N ASN B 249 -0.44 -22.40 55.88
CA ASN B 249 -0.78 -21.86 57.20
C ASN B 249 0.19 -20.75 57.55
N GLY B 250 -0.34 -19.59 57.93
CA GLY B 250 0.52 -18.48 58.31
C GLY B 250 0.61 -17.48 57.18
N ASP B 251 0.25 -17.93 55.99
CA ASP B 251 0.24 -17.07 54.81
C ASP B 251 -0.75 -15.92 54.89
N LEU B 252 -0.34 -14.77 54.38
CA LEU B 252 -1.24 -13.64 54.22
C LEU B 252 -1.85 -13.77 52.81
N VAL B 253 -3.12 -13.42 52.65
CA VAL B 253 -3.71 -13.44 51.31
C VAL B 253 -4.04 -12.04 50.81
N LEU B 254 -3.55 -11.72 49.62
CA LEU B 254 -3.81 -10.43 49.01
C LEU B 254 -4.87 -10.53 47.94
N LEU B 255 -5.97 -9.83 48.15
CA LEU B 255 -7.04 -9.81 47.15
C LEU B 255 -6.95 -8.50 46.40
N ASP B 256 -7.02 -8.59 45.09
CA ASP B 256 -7.20 -7.44 44.26
C ASP B 256 -8.21 -7.86 43.20
N LEU B 257 -9.39 -7.26 43.24
CA LEU B 257 -10.51 -7.73 42.46
C LEU B 257 -11.56 -6.66 42.44
N GLY B 258 -12.65 -6.92 41.73
CA GLY B 258 -13.75 -5.98 41.65
C GLY B 258 -14.90 -6.50 40.81
N ALA B 259 -16.10 -6.11 41.17
CA ALA B 259 -17.26 -6.43 40.33
C ALA B 259 -17.43 -5.33 39.31
N GLN B 260 -18.22 -5.61 38.29
CA GLN B 260 -18.58 -4.59 37.32
C GLN B 260 -20.10 -4.53 37.18
N LYS B 261 -20.64 -3.34 37.40
CA LYS B 261 -22.07 -3.13 37.30
C LYS B 261 -22.38 -2.21 36.10
N ASP B 262 -23.19 -2.69 35.17
CA ASP B 262 -23.59 -1.86 34.06
C ASP B 262 -22.37 -1.11 33.49
N TYR B 263 -21.28 -1.86 33.33
CA TYR B 263 -20.05 -1.37 32.69
C TYR B 263 -19.21 -0.44 33.54
N TYR B 264 -19.70 -0.09 34.74
CA TYR B 264 -18.86 0.67 35.68
C TYR B 264 -18.14 -0.27 36.61
N ASN B 265 -16.93 0.11 37.01
CA ASN B 265 -16.02 -0.77 37.72
C ASN B 265 -15.73 -0.41 39.16
N ALA B 266 -15.72 -1.42 40.03
CA ALA B 266 -15.22 -1.26 41.38
C ALA B 266 -13.79 -1.79 41.36
N ASP B 267 -12.96 -1.34 42.29
CA ASP B 267 -11.58 -1.78 42.35
C ASP B 267 -11.04 -1.79 43.77
N ILE B 268 -10.91 -2.98 44.35
CA ILE B 268 -10.59 -3.09 45.77
C ILE B 268 -9.45 -4.05 46.01
N SER B 269 -8.49 -3.64 46.83
CA SER B 269 -7.45 -4.55 47.27
C SER B 269 -7.66 -4.79 48.75
N TYR B 270 -7.64 -6.05 49.15
CA TYR B 270 -7.90 -6.43 50.53
C TYR B 270 -6.88 -7.46 50.94
N THR B 271 -6.28 -7.30 52.11
CA THR B 271 -5.31 -8.27 52.59
C THR B 271 -5.77 -8.84 53.93
N PHE B 272 -5.54 -10.13 54.14
CA PHE B 272 -5.96 -10.76 55.39
C PHE B 272 -5.17 -12.02 55.65
N PRO B 273 -5.17 -12.49 56.92
CA PRO B 273 -4.49 -13.73 57.27
C PRO B 273 -5.37 -14.93 56.95
N ALA B 274 -4.79 -15.93 56.29
CA ALA B 274 -5.55 -17.10 55.86
C ALA B 274 -6.07 -17.90 57.03
N ASN B 275 -5.31 -17.94 58.13
CA ASN B 275 -5.75 -18.67 59.34
C ASN B 275 -6.50 -17.82 60.36
N GLY B 276 -6.84 -16.58 59.98
CA GLY B 276 -7.67 -15.71 60.82
C GLY B 276 -6.93 -14.86 61.84
N THR B 277 -5.61 -15.00 61.88
CA THR B 277 -4.78 -14.29 62.86
C THR B 277 -3.53 -13.73 62.19
N PHE B 278 -3.36 -12.42 62.28
CA PHE B 278 -2.14 -11.81 61.80
C PHE B 278 -1.01 -12.20 62.73
N SER B 279 0.16 -12.46 62.17
CA SER B 279 1.37 -12.63 62.98
C SER B 279 1.89 -11.27 63.42
N SER B 280 2.80 -11.24 64.37
CA SER B 280 3.30 -9.96 64.87
C SER B 280 3.79 -9.10 63.72
N ARG B 281 4.59 -9.71 62.85
CA ARG B 281 5.24 -8.99 61.78
C ARG B 281 4.27 -8.58 60.69
N GLN B 282 3.28 -9.41 60.44
CA GLN B 282 2.25 -9.10 59.46
C GLN B 282 1.33 -7.99 59.97
N LYS B 283 1.09 -7.94 61.28
CA LYS B 283 0.31 -6.86 61.85
C LYS B 283 1.06 -5.56 61.67
N GLN B 284 2.37 -5.59 61.89
CA GLN B 284 3.22 -4.41 61.70
C GLN B 284 3.15 -3.84 60.28
N ILE B 285 3.45 -4.68 59.30
CA ILE B 285 3.49 -4.20 57.93
C ILE B 285 2.10 -3.76 57.50
N TYR B 286 1.08 -4.56 57.83
CA TYR B 286 -0.27 -4.21 57.46
C TYR B 286 -0.58 -2.79 57.91
N ASN B 287 -0.39 -2.50 59.20
CA ASN B 287 -0.69 -1.17 59.72
C ASN B 287 0.07 -0.04 59.02
N ILE B 288 1.36 -0.21 58.77
CA ILE B 288 2.09 0.77 57.98
C ILE B 288 1.35 1.08 56.67
N VAL B 289 0.87 0.05 55.98
CA VAL B 289 0.20 0.27 54.71
C VAL B 289 -1.09 1.01 54.99
N LEU B 290 -1.81 0.54 56.01
CA LEU B 290 -3.11 1.10 56.37
C LEU B 290 -3.03 2.58 56.72
N ASN B 291 -2.02 2.98 57.49
CA ASN B 291 -1.79 4.40 57.71
C ASN B 291 -1.62 5.13 56.39
N ALA B 292 -0.75 4.63 55.53
CA ALA B 292 -0.51 5.29 54.26
C ALA B 292 -1.83 5.48 53.53
N LEU B 293 -2.74 4.53 53.73
CA LEU B 293 -4.05 4.60 53.09
C LEU B 293 -4.88 5.76 53.62
N LYS B 294 -5.06 5.78 54.94
CA LYS B 294 -5.79 6.85 55.63
C LYS B 294 -5.17 8.22 55.37
N GLU B 295 -3.90 8.35 55.71
CA GLU B 295 -3.14 9.57 55.50
C GLU B 295 -3.30 10.15 54.09
N THR B 296 -3.11 9.31 53.08
CA THR B 296 -3.15 9.77 51.69
C THR B 296 -4.58 10.13 51.30
N THR B 297 -5.53 9.26 51.66
CA THR B 297 -6.94 9.55 51.42
C THR B 297 -7.29 10.89 52.02
N GLU B 298 -6.75 11.15 53.21
CA GLU B 298 -7.10 12.32 53.99
C GLU B 298 -6.83 13.65 53.27
N ILE B 299 -5.79 13.73 52.46
CA ILE B 299 -5.46 15.00 51.84
C ILE B 299 -6.27 15.32 50.59
N ILE B 300 -7.17 14.42 50.19
CA ILE B 300 -7.88 14.59 48.91
C ILE B 300 -8.94 15.67 48.97
N LYS B 301 -8.83 16.63 48.06
CA LYS B 301 -9.82 17.69 47.94
C LYS B 301 -9.54 18.53 46.68
N PRO B 302 -10.59 19.13 46.11
CA PRO B 302 -10.35 19.94 44.93
C PRO B 302 -9.19 20.90 45.15
N GLY B 303 -8.40 21.13 44.11
CA GLY B 303 -7.24 22.02 44.18
C GLY B 303 -5.91 21.32 44.38
N LEU B 304 -5.94 20.12 44.97
CA LEU B 304 -4.75 19.30 45.18
C LEU B 304 -4.21 18.68 43.88
N LYS B 305 -2.92 18.88 43.61
CA LYS B 305 -2.29 18.28 42.43
C LYS B 305 -2.25 16.77 42.59
N PHE B 306 -2.66 16.06 41.55
CA PHE B 306 -2.70 14.61 41.60
C PHE B 306 -1.33 14.02 42.00
N ALA B 307 -0.26 14.65 41.54
CA ALA B 307 1.08 14.18 41.82
C ALA B 307 1.34 14.11 43.31
N ALA B 308 0.61 14.94 44.07
CA ALA B 308 0.85 15.02 45.50
C ALA B 308 0.42 13.76 46.22
N LEU B 309 -0.52 13.02 45.65
CA LEU B 309 -0.99 11.76 46.23
C LEU B 309 0.15 10.77 46.46
N ASN B 310 0.85 10.41 45.39
CA ASN B 310 1.94 9.44 45.53
C ASN B 310 3.07 10.00 46.37
N GLU B 311 3.31 11.31 46.30
CA GLU B 311 4.38 11.93 47.09
C GLU B 311 4.14 11.74 48.57
N HIS B 312 2.88 11.84 48.97
CA HIS B 312 2.53 11.68 50.36
C HIS B 312 2.54 10.22 50.76
N ALA B 313 2.02 9.35 49.89
CA ALA B 313 2.08 7.93 50.12
C ALA B 313 3.53 7.47 50.36
N LYS B 314 4.43 7.87 49.48
CA LYS B 314 5.83 7.48 49.63
C LYS B 314 6.37 7.94 50.97
N LYS B 315 6.07 9.19 51.32
CA LYS B 315 6.48 9.79 52.59
C LYS B 315 6.02 8.97 53.79
N VAL B 316 4.75 8.59 53.81
CA VAL B 316 4.18 7.87 54.95
C VAL B 316 4.62 6.41 54.98
N LEU B 317 4.76 5.80 53.81
CA LEU B 317 5.24 4.43 53.75
C LEU B 317 6.67 4.38 54.30
N ALA B 318 7.48 5.36 53.90
CA ALA B 318 8.86 5.44 54.35
C ALA B 318 8.97 5.62 55.87
N GLU B 319 8.17 6.53 56.43
CA GLU B 319 8.16 6.70 57.89
C GLU B 319 7.85 5.38 58.55
N GLY B 320 6.82 4.71 58.05
CA GLY B 320 6.44 3.39 58.56
C GLY B 320 7.60 2.42 58.52
N CYS B 321 8.27 2.36 57.37
CA CYS B 321 9.38 1.43 57.18
C CYS B 321 10.57 1.74 58.08
N LYS B 322 10.93 3.00 58.23
CA LYS B 322 11.98 3.35 59.16
C LYS B 322 11.62 2.88 60.58
N ALA B 323 10.42 3.25 61.02
CA ALA B 323 9.99 2.99 62.39
C ALA B 323 10.06 1.51 62.69
N VAL B 324 9.95 0.70 61.66
CA VAL B 324 9.89 -0.75 61.81
C VAL B 324 11.22 -1.39 61.50
N GLY B 325 12.18 -0.58 61.05
CA GLY B 325 13.53 -1.06 60.79
C GLY B 325 13.71 -1.78 59.48
N LEU B 326 12.74 -1.66 58.59
CA LEU B 326 12.84 -2.24 57.25
C LEU B 326 13.77 -1.42 56.35
N ILE B 327 13.91 -0.14 56.65
CA ILE B 327 14.86 0.67 55.90
C ILE B 327 15.54 1.70 56.79
N GLN B 328 16.61 2.27 56.25
CA GLN B 328 17.39 3.28 56.95
C GLN B 328 17.11 4.66 56.36
N GLU B 329 17.15 4.77 55.03
CA GLU B 329 16.85 6.03 54.32
C GLU B 329 15.72 5.91 53.29
N ASP B 330 15.12 7.05 52.94
CA ASP B 330 13.95 7.09 52.08
C ASP B 330 14.18 6.43 50.72
N GLU B 331 15.39 6.52 50.21
CA GLU B 331 15.72 5.99 48.89
C GLU B 331 15.50 4.47 48.79
N GLU B 332 15.65 3.76 49.90
CA GLU B 332 15.51 2.30 49.91
C GLU B 332 14.08 1.82 49.65
N LEU B 333 13.11 2.72 49.78
CA LEU B 333 11.71 2.35 49.71
C LEU B 333 11.32 1.70 48.40
N SER B 334 11.89 2.18 47.30
CA SER B 334 11.49 1.67 45.99
C SER B 334 11.68 0.16 45.90
N LYS B 335 12.44 -0.40 46.84
CA LYS B 335 12.69 -1.83 46.87
C LYS B 335 11.47 -2.57 47.39
N TYR B 336 10.62 -1.87 48.14
CA TYR B 336 9.43 -2.47 48.75
C TYR B 336 8.11 -1.84 48.28
N TYR B 337 8.20 -0.75 47.54
CA TYR B 337 7.01 -0.10 47.02
C TYR B 337 7.29 0.49 45.64
N TYR B 338 6.80 -0.17 44.60
CA TYR B 338 7.23 0.15 43.25
C TYR B 338 6.12 0.35 42.25
N HIS B 339 5.07 1.04 42.66
CA HIS B 339 4.02 1.44 41.73
C HIS B 339 3.43 2.77 42.17
N GLY B 340 2.50 3.31 41.40
CA GLY B 340 1.82 4.52 41.79
C GLY B 340 0.70 4.19 42.75
N VAL B 341 0.27 5.17 43.53
CA VAL B 341 -0.73 4.92 44.55
C VAL B 341 -2.13 5.16 44.04
N SER B 342 -2.28 5.87 42.92
CA SER B 342 -3.61 6.29 42.50
C SER B 342 -3.88 6.22 40.99
N HIS B 343 -5.10 5.87 40.63
CA HIS B 343 -5.51 5.91 39.23
C HIS B 343 -7.02 6.19 39.13
N PHE B 344 -7.45 6.81 38.04
CA PHE B 344 -8.89 7.05 37.82
C PHE B 344 -9.66 5.75 37.79
N LEU B 345 -10.96 5.83 38.08
CA LEU B 345 -11.84 4.66 38.04
C LEU B 345 -13.14 5.05 37.35
N GLY B 346 -13.81 4.11 36.68
CA GLY B 346 -15.00 4.47 35.92
C GLY B 346 -15.44 3.41 34.93
N LEU B 347 -15.73 3.81 33.71
CA LEU B 347 -16.14 2.84 32.70
C LEU B 347 -15.01 1.85 32.36
N ASP B 348 -13.78 2.25 32.70
CA ASP B 348 -12.62 1.38 32.64
C ASP B 348 -12.03 1.34 34.05
N THR B 349 -11.43 0.22 34.41
CA THR B 349 -10.88 0.07 35.75
C THR B 349 -9.68 1.00 35.94
N HIS B 350 -8.79 1.06 34.96
CA HIS B 350 -7.80 2.11 34.97
C HIS B 350 -8.38 3.15 34.03
N ASP B 351 -9.22 4.01 34.60
CA ASP B 351 -10.08 4.84 33.77
C ASP B 351 -9.23 5.79 32.94
N VAL B 352 -9.88 6.42 31.95
CA VAL B 352 -9.20 7.25 30.99
C VAL B 352 -9.01 8.62 31.61
N GLY B 353 -8.23 9.47 30.95
CA GLY B 353 -7.93 10.82 31.43
C GLY B 353 -6.45 11.05 31.62
N THR B 354 -5.97 12.26 31.31
CA THR B 354 -4.55 12.56 31.46
C THR B 354 -4.18 12.84 32.92
N TYR B 355 -2.95 12.49 33.29
CA TYR B 355 -2.49 12.69 34.67
C TYR B 355 -1.46 13.80 34.75
N LYS B 356 -0.85 14.12 33.62
CA LYS B 356 0.16 15.15 33.59
C LYS B 356 -0.46 16.48 34.05
N ASP B 357 0.13 17.08 35.09
CA ASP B 357 -0.28 18.40 35.56
C ASP B 357 -1.72 18.42 36.04
N ARG B 358 -2.28 17.23 36.28
CA ARG B 358 -3.65 17.10 36.71
C ARG B 358 -3.85 17.65 38.12
N VAL B 359 -4.87 18.49 38.30
CA VAL B 359 -5.31 18.89 39.64
C VAL B 359 -6.68 18.31 39.90
N LEU B 360 -6.89 17.82 41.11
CA LEU B 360 -8.15 17.18 41.46
C LEU B 360 -9.30 18.18 41.43
N GLU B 361 -10.49 17.72 41.08
CA GLU B 361 -11.66 18.58 41.09
C GLU B 361 -12.86 17.76 41.49
N GLU B 362 -13.90 18.43 41.94
CA GLU B 362 -15.14 17.73 42.27
C GLU B 362 -15.58 16.85 41.11
N GLY B 363 -16.02 15.64 41.42
CA GLY B 363 -16.60 14.77 40.41
C GLY B 363 -15.73 13.60 40.02
N MSE B 364 -14.46 13.68 40.36
CA MSE B 364 -13.52 12.65 39.95
C MSE B 364 -13.59 11.45 40.88
O MSE B 364 -13.76 11.59 42.11
CB MSE B 364 -12.12 13.23 39.93
CG MSE B 364 -11.98 14.38 38.98
SE MSE B 364 -10.15 14.98 38.90
CE MSE B 364 -10.36 16.49 37.67
N VAL B 365 -13.42 10.26 40.33
CA VAL B 365 -13.33 9.09 41.17
C VAL B 365 -11.96 8.47 41.00
N ILE B 366 -11.26 8.29 42.11
CA ILE B 366 -9.89 7.76 42.05
C ILE B 366 -9.65 6.73 43.12
N THR B 367 -8.61 5.94 42.93
CA THR B 367 -8.33 4.87 43.86
C THR B 367 -7.13 5.30 44.69
N ILE B 368 -6.98 4.68 45.85
CA ILE B 368 -5.81 4.90 46.68
C ILE B 368 -5.38 3.52 47.14
N GLU B 369 -4.17 3.12 46.76
CA GLU B 369 -3.76 1.74 46.92
C GLU B 369 -2.28 1.62 47.27
N PRO B 370 -1.90 2.07 48.47
CA PRO B 370 -0.52 1.86 48.87
C PRO B 370 -0.26 0.38 49.10
N GLY B 371 1.01 -0.03 49.14
CA GLY B 371 1.33 -1.42 49.43
C GLY B 371 2.78 -1.57 49.82
N LEU B 372 3.13 -2.71 50.40
CA LEU B 372 4.53 -3.04 50.63
C LEU B 372 4.77 -4.49 50.23
N TYR B 373 5.91 -4.73 49.59
CA TYR B 373 6.19 -6.05 49.09
C TYR B 373 7.61 -6.48 49.47
N ILE B 374 7.69 -7.43 50.39
CA ILE B 374 8.95 -7.83 50.95
C ILE B 374 9.24 -9.25 50.52
N GLU B 375 10.00 -9.37 49.43
CA GLU B 375 10.29 -10.68 48.87
C GLU B 375 10.91 -11.62 49.88
N GLU B 376 11.98 -11.17 50.52
CA GLU B 376 12.72 -12.07 51.40
C GLU B 376 11.95 -12.45 52.66
N GLU B 377 10.80 -11.81 52.87
CA GLU B 377 9.94 -12.15 53.99
C GLU B 377 8.64 -12.79 53.55
N SER B 378 8.47 -12.94 52.24
CA SER B 378 7.25 -13.53 51.71
C SER B 378 6.01 -12.82 52.23
N ILE B 379 6.05 -11.49 52.22
CA ILE B 379 4.91 -10.68 52.65
C ILE B 379 4.55 -9.66 51.58
N GLY B 380 3.32 -9.72 51.09
CA GLY B 380 2.84 -8.74 50.13
C GLY B 380 1.50 -8.22 50.61
N ILE B 381 1.41 -6.90 50.78
CA ILE B 381 0.18 -6.30 51.32
C ILE B 381 -0.22 -5.11 50.49
N ARG B 382 -1.49 -5.06 50.12
CA ARG B 382 -2.02 -3.89 49.44
C ARG B 382 -3.41 -3.65 50.00
N ILE B 383 -3.75 -2.39 50.19
CA ILE B 383 -5.08 -2.02 50.68
C ILE B 383 -5.56 -0.85 49.85
N GLU B 384 -6.73 -0.98 49.23
CA GLU B 384 -7.12 0.01 48.25
C GLU B 384 -8.58 0.39 48.37
N ASP B 385 -8.84 1.69 48.48
CA ASP B 385 -10.23 2.22 48.47
C ASP B 385 -10.52 2.94 47.16
N ASP B 386 -11.80 3.12 46.86
CA ASP B 386 -12.21 3.97 45.76
C ASP B 386 -12.73 5.31 46.30
N ILE B 387 -12.04 6.40 46.01
CA ILE B 387 -12.41 7.68 46.58
C ILE B 387 -13.07 8.62 45.57
N LEU B 388 -14.13 9.29 46.00
CA LEU B 388 -14.76 10.32 45.19
C LEU B 388 -14.30 11.70 45.65
N VAL B 389 -13.93 12.55 44.72
CA VAL B 389 -13.59 13.91 45.10
C VAL B 389 -14.88 14.69 45.20
N THR B 390 -15.10 15.35 46.32
CA THR B 390 -16.31 16.15 46.53
C THR B 390 -16.05 17.65 46.45
N LYS B 391 -17.11 18.43 46.64
CA LYS B 391 -17.04 19.88 46.53
C LYS B 391 -15.95 20.51 47.40
N ASP B 392 -15.72 19.96 48.57
CA ASP B 392 -14.77 20.56 49.50
C ASP B 392 -13.94 19.49 50.21
N GLY B 393 -14.01 18.27 49.71
CA GLY B 393 -13.18 17.21 50.25
C GLY B 393 -13.28 15.94 49.45
N HIS B 394 -13.47 14.84 50.14
CA HIS B 394 -13.56 13.55 49.50
C HIS B 394 -14.60 12.71 50.21
N GLU B 395 -15.07 11.67 49.54
CA GLU B 395 -15.94 10.70 50.16
C GLU B 395 -15.39 9.30 49.84
N ASN B 396 -15.13 8.52 50.88
CA ASN B 396 -14.63 7.18 50.68
C ASN B 396 -15.77 6.23 50.31
N LEU B 397 -15.95 6.00 49.01
CA LEU B 397 -17.02 5.17 48.52
C LEU B 397 -17.01 3.77 49.09
N SER B 398 -15.87 3.33 49.62
CA SER B 398 -15.76 1.94 50.12
C SER B 398 -15.45 1.85 51.60
N LYS B 399 -15.91 2.84 52.37
CA LYS B 399 -15.64 2.90 53.80
C LYS B 399 -16.26 1.74 54.59
N ASP B 400 -17.38 1.19 54.12
CA ASP B 400 -18.09 0.14 54.85
C ASP B 400 -17.29 -1.14 54.94
N ILE B 401 -16.27 -1.27 54.10
CA ILE B 401 -15.40 -2.44 54.15
C ILE B 401 -14.46 -2.35 55.35
N ILE B 402 -14.58 -3.30 56.27
CA ILE B 402 -13.77 -3.30 57.48
C ILE B 402 -12.31 -3.55 57.19
N ARG B 403 -11.44 -2.70 57.72
CA ARG B 403 -10.01 -2.74 57.43
C ARG B 403 -9.11 -3.01 58.64
N GLU B 404 -9.60 -2.74 59.84
CA GLU B 404 -8.71 -2.82 61.01
C GLU B 404 -8.34 -4.27 61.33
N VAL B 405 -7.10 -4.47 61.74
CA VAL B 405 -6.64 -5.79 62.12
C VAL B 405 -7.57 -6.51 63.10
N GLU B 406 -8.11 -5.79 64.08
CA GLU B 406 -8.99 -6.43 65.04
C GLU B 406 -10.34 -6.72 64.42
N GLU B 407 -10.82 -5.81 63.57
CA GLU B 407 -12.12 -6.00 62.94
C GLU B 407 -12.08 -7.25 62.08
N ILE B 408 -10.97 -7.44 61.37
CA ILE B 408 -10.78 -8.62 60.52
C ILE B 408 -10.67 -9.92 61.32
N GLU B 409 -9.78 -9.94 62.31
CA GLU B 409 -9.62 -11.10 63.18
C GLU B 409 -10.93 -11.45 63.87
N GLU B 410 -11.67 -10.43 64.29
CA GLU B 410 -12.97 -10.61 64.91
C GLU B 410 -13.97 -11.19 63.92
N PHE B 411 -14.01 -10.62 62.72
CA PHE B 411 -14.98 -11.03 61.71
C PHE B 411 -14.82 -12.49 61.34
N MSE B 412 -13.58 -12.93 61.19
CA MSE B 412 -13.29 -14.30 60.78
C MSE B 412 -13.58 -15.28 61.92
O MSE B 412 -14.02 -16.40 61.69
CB MSE B 412 -11.85 -14.42 60.32
CG MSE B 412 -11.52 -13.55 59.11
SE MSE B 412 -9.78 -13.90 58.27
CE MSE B 412 -10.08 -15.73 57.70
N ARG B 413 -13.34 -14.82 63.15
CA ARG B 413 -13.73 -15.59 64.32
C ARG B 413 -15.24 -15.79 64.37
N GLU B 414 -16.02 -14.71 64.25
CA GLU B 414 -17.48 -14.82 64.30
C GLU B 414 -18.08 -15.61 63.14
N ASN B 415 -17.55 -15.43 61.94
CA ASN B 415 -18.20 -15.94 60.74
C ASN B 415 -17.50 -17.11 60.06
N ASN B 416 -16.22 -17.28 60.30
CA ASN B 416 -15.47 -18.32 59.62
C ASN B 416 -15.61 -19.72 60.26
N VAL B 417 -16.33 -20.57 59.56
CA VAL B 417 -16.54 -21.97 59.96
C VAL B 417 -15.35 -22.60 60.69
N ASN B 418 -14.15 -22.45 60.14
CA ASN B 418 -12.99 -23.19 60.63
C ASN B 418 -11.91 -22.36 61.34
N VAL B 419 -12.32 -21.65 62.39
CA VAL B 419 -11.40 -20.92 63.26
C VAL B 419 -11.76 -21.14 64.72
N MSE C 1 -29.60 -15.03 -30.74
CA MSE C 1 -28.61 -15.77 -29.89
C MSE C 1 -29.30 -16.43 -28.69
O MSE C 1 -29.80 -15.74 -27.82
CB MSE C 1 -27.53 -14.82 -29.38
CG MSE C 1 -26.40 -14.52 -30.38
SE MSE C 1 -25.52 -16.11 -31.15
CE MSE C 1 -24.17 -15.19 -32.18
N LYS C 2 -29.29 -17.75 -28.66
CA LYS C 2 -30.01 -18.50 -27.63
C LYS C 2 -29.04 -19.10 -26.62
N SER C 3 -29.55 -19.46 -25.44
CA SER C 3 -28.71 -19.86 -24.31
C SER C 3 -27.78 -21.03 -24.61
N LYS C 4 -28.19 -21.91 -25.49
CA LYS C 4 -27.38 -23.06 -25.84
C LYS C 4 -26.00 -22.63 -26.36
N PHE C 5 -25.93 -21.47 -27.01
CA PHE C 5 -24.67 -20.95 -27.54
C PHE C 5 -23.68 -20.63 -26.42
N PHE C 6 -24.17 -19.98 -25.39
CA PHE C 6 -23.33 -19.59 -24.28
C PHE C 6 -22.99 -20.79 -23.40
N ALA C 7 -23.92 -21.74 -23.35
CA ALA C 7 -23.71 -22.94 -22.56
C ALA C 7 -22.54 -23.71 -23.13
N GLN C 8 -22.50 -23.83 -24.46
CA GLN C 8 -21.42 -24.54 -25.12
C GLN C 8 -20.09 -23.81 -24.97
N ASN C 9 -20.15 -22.48 -24.97
CA ASN C 9 -18.97 -21.66 -24.70
C ASN C 9 -18.35 -22.01 -23.35
N ARG C 10 -19.19 -22.23 -22.36
CA ARG C 10 -18.70 -22.54 -21.02
C ARG C 10 -18.13 -23.95 -20.99
N GLU C 11 -18.77 -24.88 -21.68
CA GLU C 11 -18.26 -26.25 -21.78
C GLU C 11 -16.86 -26.27 -22.36
N ARG C 12 -16.66 -25.52 -23.44
CA ARG C 12 -15.34 -25.44 -24.03
C ARG C 12 -14.36 -24.79 -23.07
N LEU C 13 -14.81 -23.72 -22.40
CA LEU C 13 -13.95 -22.99 -21.51
C LEU C 13 -13.49 -23.90 -20.38
N VAL C 14 -14.44 -24.64 -19.83
CA VAL C 14 -14.17 -25.61 -18.77
C VAL C 14 -13.04 -26.55 -19.16
N ASN C 15 -13.05 -27.03 -20.39
CA ASN C 15 -12.02 -27.97 -20.82
C ASN C 15 -10.62 -27.35 -20.90
N THR C 16 -10.51 -26.03 -20.82
CA THR C 16 -9.21 -25.37 -20.94
C THR C 16 -8.64 -25.09 -19.58
N LEU C 17 -9.48 -25.21 -18.56
CA LEU C 17 -9.06 -24.90 -17.20
C LEU C 17 -8.67 -26.15 -16.42
N PRO C 18 -7.65 -26.02 -15.57
CA PRO C 18 -7.22 -27.11 -14.70
C PRO C 18 -8.34 -27.54 -13.75
N ASP C 19 -8.20 -28.73 -13.17
CA ASP C 19 -9.13 -29.16 -12.14
C ASP C 19 -8.82 -28.44 -10.83
N GLU C 20 -9.68 -28.59 -9.84
CA GLU C 20 -9.49 -27.93 -8.55
C GLU C 20 -9.22 -26.43 -8.68
N SER C 21 -10.09 -25.71 -9.39
CA SER C 21 -9.89 -24.28 -9.60
C SER C 21 -11.21 -23.55 -9.69
N ILE C 22 -11.22 -22.29 -9.27
CA ILE C 22 -12.41 -21.44 -9.40
C ILE C 22 -12.13 -20.24 -10.30
N THR C 23 -13.14 -19.85 -11.10
CA THR C 23 -13.01 -18.73 -12.04
C THR C 23 -14.10 -17.69 -11.84
N ILE C 24 -13.71 -16.42 -11.79
CA ILE C 24 -14.66 -15.35 -11.57
C ILE C 24 -14.59 -14.30 -12.66
N LEU C 25 -15.75 -13.97 -13.22
CA LEU C 25 -15.85 -12.96 -14.26
C LEU C 25 -16.75 -11.85 -13.77
N PHE C 26 -16.43 -10.60 -14.11
CA PHE C 26 -17.26 -9.48 -13.68
C PHE C 26 -17.91 -8.74 -14.85
N ALA C 27 -19.21 -8.53 -14.76
CA ALA C 27 -19.94 -7.78 -15.77
C ALA C 27 -19.44 -6.35 -15.87
N GLY C 28 -18.97 -5.78 -14.75
CA GLY C 28 -18.49 -4.40 -14.69
C GLY C 28 -19.58 -3.35 -14.58
N GLN C 29 -19.20 -2.07 -14.61
CA GLN C 29 -20.16 -0.96 -14.68
C GLN C 29 -19.68 0.14 -15.63
N ALA C 30 -20.58 0.99 -16.07
CA ALA C 30 -20.21 2.06 -17.01
C ALA C 30 -19.32 3.05 -16.27
N PRO C 31 -18.19 3.45 -16.89
CA PRO C 31 -17.27 4.41 -16.28
C PRO C 31 -17.82 5.84 -16.20
N HIS C 32 -17.31 6.59 -15.23
CA HIS C 32 -17.66 7.99 -15.07
C HIS C 32 -17.32 8.77 -16.34
N MSE C 33 -18.21 9.66 -16.76
CA MSE C 33 -17.98 10.50 -17.94
C MSE C 33 -17.70 11.98 -17.59
O MSE C 33 -16.62 12.51 -17.88
CB MSE C 33 -19.19 10.40 -18.89
CG MSE C 33 -19.06 11.28 -20.11
SE MSE C 33 -20.47 10.91 -21.43
CE MSE C 33 -21.90 12.04 -20.75
N SER C 34 -18.68 12.64 -16.99
CA SER C 34 -18.52 14.02 -16.53
C SER C 34 -19.60 14.26 -15.48
N ALA C 35 -19.23 14.96 -14.40
CA ALA C 35 -20.18 15.21 -13.31
C ALA C 35 -20.92 13.95 -12.92
N ASP C 36 -22.24 14.00 -12.88
CA ASP C 36 -23.03 12.83 -12.47
C ASP C 36 -23.34 11.86 -13.61
N ALA C 37 -22.89 12.19 -14.83
CA ALA C 37 -23.08 11.33 -15.98
C ALA C 37 -22.05 10.21 -16.13
N HIS C 38 -22.51 9.05 -16.58
CA HIS C 38 -21.62 7.96 -16.93
C HIS C 38 -21.69 7.72 -18.43
N TYR C 39 -20.67 7.07 -18.99
CA TYR C 39 -20.71 6.70 -20.39
C TYR C 39 -21.81 5.65 -20.60
N LYS C 40 -22.17 5.37 -21.86
CA LYS C 40 -23.06 4.26 -22.16
C LYS C 40 -22.42 2.94 -21.74
N PHE C 41 -23.18 2.04 -21.12
CA PHE C 41 -22.62 0.76 -20.73
C PHE C 41 -22.26 -0.10 -21.92
N VAL C 42 -21.08 -0.69 -21.88
CA VAL C 42 -20.59 -1.57 -22.95
C VAL C 42 -20.24 -2.93 -22.37
N PRO C 43 -21.11 -3.93 -22.60
CA PRO C 43 -20.89 -5.25 -22.03
C PRO C 43 -19.48 -5.76 -22.27
N ASN C 44 -18.82 -6.23 -21.22
CA ASN C 44 -17.49 -6.80 -21.35
C ASN C 44 -17.61 -8.05 -22.21
N ARG C 45 -16.91 -8.06 -23.34
CA ARG C 45 -17.17 -9.10 -24.32
C ARG C 45 -16.91 -10.50 -23.80
N ASN C 46 -15.83 -10.70 -23.05
CA ASN C 46 -15.57 -12.02 -22.51
C ASN C 46 -16.69 -12.46 -21.57
N PHE C 47 -17.09 -11.55 -20.69
CA PHE C 47 -18.16 -11.86 -19.76
C PHE C 47 -19.39 -12.22 -20.57
N TYR C 48 -19.68 -11.39 -21.56
CA TYR C 48 -20.85 -11.60 -22.38
C TYR C 48 -20.78 -12.94 -23.09
N TYR C 49 -19.67 -13.20 -23.76
CA TYR C 49 -19.46 -14.45 -24.48
C TYR C 49 -19.65 -15.66 -23.58
N VAL C 50 -19.33 -15.51 -22.30
CA VAL C 50 -19.46 -16.63 -21.37
C VAL C 50 -20.87 -16.76 -20.75
N THR C 51 -21.56 -15.63 -20.57
CA THR C 51 -22.81 -15.66 -19.82
C THR C 51 -24.03 -15.33 -20.66
N GLY C 52 -23.87 -14.53 -21.70
CA GLY C 52 -25.01 -14.06 -22.47
C GLY C 52 -25.77 -12.95 -21.77
N ILE C 53 -25.23 -12.45 -20.66
CA ILE C 53 -25.84 -11.36 -19.91
C ILE C 53 -25.22 -10.03 -20.29
N ASP C 54 -26.02 -9.11 -20.77
CA ASP C 54 -25.52 -7.80 -21.14
C ASP C 54 -25.77 -6.66 -20.19
N GLU C 55 -26.30 -6.95 -19.01
CA GLU C 55 -26.44 -5.99 -17.95
C GLU C 55 -25.18 -5.83 -17.14
N PRO C 56 -25.04 -4.70 -16.47
CA PRO C 56 -23.89 -4.46 -15.63
C PRO C 56 -24.01 -5.15 -14.31
N ASN C 57 -22.91 -5.30 -13.60
CA ASN C 57 -22.94 -5.43 -12.15
C ASN C 57 -23.29 -6.86 -11.75
N VAL C 58 -23.36 -7.74 -12.75
CA VAL C 58 -23.52 -9.15 -12.49
C VAL C 58 -22.17 -9.79 -12.26
N ILE C 59 -22.15 -10.87 -11.51
CA ILE C 59 -20.95 -11.67 -11.35
C ILE C 59 -21.16 -13.12 -11.70
N PHE C 60 -20.20 -13.71 -12.39
CA PHE C 60 -20.27 -15.09 -12.82
C PHE C 60 -19.18 -15.90 -12.14
N MSE C 61 -19.50 -17.13 -11.78
CA MSE C 61 -18.56 -17.98 -11.06
C MSE C 61 -18.59 -19.44 -11.51
O MSE C 61 -19.66 -20.03 -11.71
CB MSE C 61 -18.78 -17.88 -9.56
CG MSE C 61 -18.08 -18.95 -8.76
SE MSE C 61 -18.53 -18.84 -6.85
CE MSE C 61 -17.72 -17.10 -6.49
N LEU C 62 -17.41 -20.02 -11.68
CA LEU C 62 -17.29 -21.37 -12.18
C LEU C 62 -16.39 -22.18 -11.26
N LYS C 63 -16.96 -23.17 -10.56
CA LYS C 63 -16.19 -24.07 -9.72
C LYS C 63 -15.90 -25.38 -10.44
N LYS C 64 -14.66 -25.82 -10.40
CA LYS C 64 -14.26 -27.05 -11.07
C LYS C 64 -13.55 -27.98 -10.07
N PHE C 65 -14.28 -28.97 -9.56
CA PHE C 65 -13.76 -29.82 -8.49
C PHE C 65 -14.14 -31.27 -8.67
N GLY C 66 -13.15 -32.15 -8.60
CA GLY C 66 -13.37 -33.57 -8.86
C GLY C 66 -13.94 -33.76 -10.25
N ASN C 67 -15.10 -34.39 -10.32
CA ASN C 67 -15.80 -34.53 -11.59
C ASN C 67 -16.86 -33.44 -11.75
N SER C 68 -17.11 -32.71 -10.67
CA SER C 68 -18.11 -31.65 -10.64
C SER C 68 -17.72 -30.39 -11.42
N VAL C 69 -18.74 -29.56 -11.68
CA VAL C 69 -18.57 -28.29 -12.34
C VAL C 69 -19.79 -27.46 -11.97
N GLU C 70 -19.60 -26.42 -11.17
CA GLU C 70 -20.76 -25.63 -10.73
C GLU C 70 -20.71 -24.21 -11.24
N GLU C 71 -21.71 -23.83 -12.02
CA GLU C 71 -21.81 -22.46 -12.52
C GLU C 71 -22.84 -21.69 -11.72
N THR C 72 -22.51 -20.45 -11.36
CA THR C 72 -23.41 -19.61 -10.57
C THR C 72 -23.43 -18.20 -11.11
N LEU C 73 -24.58 -17.55 -11.05
CA LEU C 73 -24.69 -16.14 -11.37
C LEU C 73 -25.12 -15.38 -10.14
N PHE C 74 -24.57 -14.18 -9.98
CA PHE C 74 -25.00 -13.29 -8.91
C PHE C 74 -25.57 -12.08 -9.59
N ILE C 75 -26.86 -11.78 -9.33
CA ILE C 75 -27.50 -10.60 -9.92
C ILE C 75 -27.93 -9.60 -8.85
N GLU C 76 -28.36 -8.42 -9.29
CA GLU C 76 -28.91 -7.40 -8.42
C GLU C 76 -30.32 -7.78 -7.96
N LYS C 77 -30.66 -7.43 -6.73
CA LYS C 77 -32.05 -7.53 -6.26
C LYS C 77 -32.84 -6.37 -6.83
N SER C 78 -34.17 -6.49 -6.86
CA SER C 78 -35.00 -5.39 -7.41
C SER C 78 -35.12 -4.22 -6.44
N ASP C 79 -35.14 -3.01 -6.99
CA ASP C 79 -35.21 -1.78 -6.19
C ASP C 79 -36.35 -0.89 -6.72
N PRO C 80 -37.54 -0.96 -6.08
CA PRO C 80 -38.76 -0.30 -6.56
C PRO C 80 -38.60 1.19 -6.90
N VAL C 81 -37.65 1.84 -6.25
CA VAL C 81 -37.37 3.25 -6.47
C VAL C 81 -36.60 3.47 -7.78
N MSE C 82 -35.56 2.67 -8.01
CA MSE C 82 -34.72 2.81 -9.19
C MSE C 82 -35.44 2.39 -10.47
O MSE C 82 -35.10 2.85 -11.56
CB MSE C 82 -33.42 1.99 -9.05
CG MSE C 82 -32.34 2.70 -8.25
SE MSE C 82 -31.98 4.47 -9.01
CE MSE C 82 -30.84 3.93 -10.52
N GLU C 83 -36.44 1.54 -10.32
CA GLU C 83 -37.21 1.07 -11.46
C GLU C 83 -37.99 2.22 -12.10
N LYS C 84 -38.23 3.27 -11.32
CA LYS C 84 -38.96 4.42 -11.83
C LYS C 84 -38.04 5.32 -12.62
N TRP C 85 -36.73 5.16 -12.44
CA TRP C 85 -35.78 5.99 -13.15
C TRP C 85 -35.18 5.28 -14.36
N VAL C 86 -34.73 4.05 -14.16
CA VAL C 86 -33.96 3.33 -15.17
C VAL C 86 -34.67 2.10 -15.74
N GLY C 87 -35.74 1.65 -15.08
CA GLY C 87 -36.44 0.44 -15.50
C GLY C 87 -36.02 -0.77 -14.68
N LYS C 88 -36.59 -1.93 -15.00
CA LYS C 88 -36.25 -3.16 -14.28
C LYS C 88 -34.91 -3.75 -14.72
N THR C 89 -34.14 -4.24 -13.75
CA THR C 89 -32.93 -5.00 -14.07
C THR C 89 -33.33 -6.46 -14.25
N VAL C 90 -32.42 -7.23 -14.83
CA VAL C 90 -32.71 -8.62 -15.16
C VAL C 90 -33.21 -9.37 -13.94
N SER C 91 -34.25 -10.17 -14.14
CA SER C 91 -34.86 -10.92 -13.05
C SER C 91 -34.25 -12.29 -12.88
N ASN C 92 -34.58 -12.93 -11.78
CA ASN C 92 -34.08 -14.24 -11.45
C ASN C 92 -34.29 -15.25 -12.57
N GLU C 93 -35.50 -15.25 -13.13
CA GLU C 93 -35.86 -16.20 -14.18
C GLU C 93 -35.34 -15.77 -15.56
N GLU C 94 -35.40 -14.48 -15.86
CA GLU C 94 -34.85 -14.01 -17.11
C GLU C 94 -33.39 -14.41 -17.21
N ALA C 95 -32.66 -14.28 -16.11
CA ALA C 95 -31.21 -14.54 -16.09
C ALA C 95 -30.93 -16.00 -16.42
N GLU C 96 -31.70 -16.88 -15.82
CA GLU C 96 -31.60 -18.30 -16.09
C GLU C 96 -31.93 -18.64 -17.55
N LYS C 97 -33.02 -18.08 -18.05
CA LYS C 97 -33.43 -18.31 -19.44
C LYS C 97 -32.38 -17.85 -20.45
N ILE C 98 -31.81 -16.67 -20.22
CA ILE C 98 -30.84 -16.10 -21.15
C ILE C 98 -29.50 -16.82 -21.14
N SER C 99 -29.01 -17.17 -19.96
CA SER C 99 -27.67 -17.70 -19.81
C SER C 99 -27.61 -19.23 -19.86
N GLY C 100 -28.73 -19.87 -19.65
CA GLY C 100 -28.75 -21.32 -19.51
C GLY C 100 -28.14 -21.76 -18.20
N ILE C 101 -27.80 -20.83 -17.32
CA ILE C 101 -27.20 -21.17 -16.03
C ILE C 101 -28.28 -21.39 -14.97
N LYS C 102 -28.26 -22.55 -14.34
CA LYS C 102 -29.37 -22.94 -13.49
C LYS C 102 -29.40 -22.21 -12.14
N LYS C 103 -28.26 -22.13 -11.47
CA LYS C 103 -28.20 -21.49 -10.16
C LYS C 103 -27.97 -19.97 -10.21
N VAL C 104 -29.02 -19.20 -9.92
CA VAL C 104 -28.93 -17.75 -9.95
C VAL C 104 -29.25 -17.16 -8.57
N ILE C 105 -28.26 -16.54 -7.93
CA ILE C 105 -28.46 -15.90 -6.65
C ILE C 105 -28.17 -14.39 -6.66
N TYR C 106 -28.11 -13.77 -5.49
CA TYR C 106 -28.01 -12.31 -5.41
C TYR C 106 -26.67 -11.79 -4.88
N LEU C 107 -26.31 -10.59 -5.30
CA LEU C 107 -25.01 -10.03 -4.99
C LEU C 107 -24.74 -9.90 -3.50
N ASP C 108 -25.77 -9.64 -2.73
CA ASP C 108 -25.59 -9.45 -1.29
C ASP C 108 -25.08 -10.71 -0.60
N SER C 109 -24.97 -11.81 -1.35
CA SER C 109 -24.45 -13.04 -0.80
C SER C 109 -23.10 -13.43 -1.43
N PHE C 110 -22.52 -12.51 -2.19
CA PHE C 110 -21.26 -12.77 -2.85
C PHE C 110 -20.11 -12.83 -1.85
N GLU C 111 -20.04 -11.84 -0.97
CA GLU C 111 -18.99 -11.82 0.05
C GLU C 111 -18.96 -13.10 0.87
N LYS C 112 -20.06 -13.46 1.51
CA LYS C 112 -20.06 -14.70 2.29
C LYS C 112 -19.64 -15.91 1.44
N THR C 113 -20.03 -15.93 0.16
CA THR C 113 -19.60 -17.02 -0.69
C THR C 113 -18.08 -17.02 -0.83
N MSE C 114 -17.50 -15.84 -0.98
CA MSE C 114 -16.05 -15.74 -1.02
C MSE C 114 -15.39 -16.36 0.20
O MSE C 114 -14.42 -17.09 0.08
CB MSE C 114 -15.60 -14.30 -1.19
CG MSE C 114 -15.87 -13.71 -2.56
SE MSE C 114 -15.08 -14.74 -4.03
CE MSE C 114 -16.62 -15.85 -4.47
N SER C 115 -15.93 -16.06 1.38
CA SER C 115 -15.34 -16.62 2.61
C SER C 115 -15.34 -18.14 2.53
N ASN C 116 -16.50 -18.74 2.35
CA ASN C 116 -16.60 -20.17 2.25
C ASN C 116 -15.67 -20.75 1.19
N ILE C 117 -15.67 -20.15 0.01
CA ILE C 117 -14.82 -20.67 -1.05
C ILE C 117 -13.36 -20.75 -0.59
N PHE C 118 -12.84 -19.66 -0.04
CA PHE C 118 -11.40 -19.57 0.22
C PHE C 118 -10.93 -20.04 1.60
N PHE C 119 -11.89 -20.30 2.49
CA PHE C 119 -11.56 -20.90 3.76
C PHE C 119 -12.07 -22.33 3.88
N THR C 120 -13.39 -22.50 3.90
CA THR C 120 -13.99 -23.82 4.09
C THR C 120 -13.62 -24.82 3.00
N GLU C 121 -13.58 -24.38 1.74
CA GLU C 121 -13.32 -25.31 0.66
C GLU C 121 -11.86 -25.40 0.26
N ASN C 122 -11.00 -24.67 0.97
CA ASN C 122 -9.55 -24.68 0.71
C ASN C 122 -9.13 -24.54 -0.74
N VAL C 123 -9.82 -23.66 -1.48
CA VAL C 123 -9.51 -23.42 -2.87
C VAL C 123 -8.15 -22.78 -2.99
N LYS C 124 -7.35 -23.27 -3.93
CA LYS C 124 -5.98 -22.80 -4.05
C LYS C 124 -5.70 -22.09 -5.37
N HIS C 125 -6.58 -22.26 -6.34
CA HIS C 125 -6.33 -21.77 -7.68
C HIS C 125 -7.49 -20.88 -8.17
N LEU C 126 -7.20 -19.61 -8.41
CA LEU C 126 -8.21 -18.67 -8.82
C LEU C 126 -7.86 -18.08 -10.18
N TYR C 127 -8.83 -18.12 -11.10
CA TYR C 127 -8.66 -17.49 -12.39
C TYR C 127 -9.54 -16.28 -12.50
N LEU C 128 -8.95 -15.19 -13.01
CA LEU C 128 -9.67 -13.95 -13.28
C LEU C 128 -9.42 -13.55 -14.71
N ASP C 129 -10.28 -12.67 -15.24
CA ASP C 129 -10.04 -12.11 -16.54
C ASP C 129 -9.15 -10.89 -16.42
N LEU C 130 -7.86 -11.10 -16.62
CA LEU C 130 -6.86 -10.10 -16.27
C LEU C 130 -6.34 -9.28 -17.44
N GLU C 131 -7.24 -8.81 -18.31
CA GLU C 131 -6.83 -7.96 -19.42
C GLU C 131 -6.17 -6.69 -18.89
N CYS C 132 -4.89 -6.50 -19.17
CA CYS C 132 -4.20 -5.26 -18.79
C CYS C 132 -3.29 -4.80 -19.92
N ARG C 133 -3.69 -3.74 -20.61
CA ARG C 133 -3.01 -3.35 -21.84
C ARG C 133 -1.96 -2.26 -21.68
N GLU C 134 -2.01 -1.57 -20.53
CA GLU C 134 -1.06 -0.49 -20.28
CA GLU C 134 -1.13 -0.44 -20.24
C GLU C 134 -0.22 -0.77 -19.04
N TRP C 135 1.10 -0.74 -19.23
CA TRP C 135 2.06 -0.95 -18.14
C TRP C 135 1.80 0.05 -17.02
N LYS C 136 1.47 1.29 -17.37
CA LYS C 136 1.16 2.30 -16.36
C LYS C 136 -0.33 2.60 -16.24
N GLY C 137 -1.17 1.67 -16.70
CA GLY C 137 -2.60 1.76 -16.44
C GLY C 137 -2.96 2.00 -14.97
N THR C 138 -4.23 2.30 -14.75
CA THR C 138 -4.73 2.66 -13.43
C THR C 138 -5.45 1.44 -12.83
N GLU C 139 -5.55 1.36 -11.50
CA GLU C 139 -6.15 0.19 -10.88
C GLU C 139 -7.61 0.05 -11.29
N THR C 140 -8.03 -1.17 -11.62
CA THR C 140 -9.40 -1.47 -12.03
C THR C 140 -10.07 -2.29 -10.94
N LYS C 141 -11.38 -2.48 -11.04
CA LYS C 141 -12.09 -3.26 -10.04
C LYS C 141 -11.52 -4.67 -9.95
N THR C 142 -11.20 -5.24 -11.11
CA THR C 142 -10.65 -6.58 -11.14
C THR C 142 -9.25 -6.67 -10.51
N LEU C 143 -8.35 -5.77 -10.90
CA LEU C 143 -7.03 -5.74 -10.29
C LEU C 143 -7.11 -5.53 -8.78
N ALA C 144 -8.06 -4.70 -8.34
CA ALA C 144 -8.27 -4.45 -6.92
C ALA C 144 -8.72 -5.73 -6.21
N PHE C 145 -9.57 -6.48 -6.92
CA PHE C 145 -10.04 -7.77 -6.45
C PHE C 145 -8.86 -8.73 -6.31
N ALA C 146 -8.04 -8.82 -7.33
CA ALA C 146 -6.86 -9.63 -7.26
C ALA C 146 -6.03 -9.27 -6.03
N LYS C 147 -5.77 -7.97 -5.87
CA LYS C 147 -4.97 -7.49 -4.76
C LYS C 147 -5.57 -7.93 -3.44
N HIS C 148 -6.87 -7.76 -3.31
CA HIS C 148 -7.55 -8.21 -2.12
C HIS C 148 -7.33 -9.72 -1.86
N VAL C 149 -7.56 -10.54 -2.87
CA VAL C 149 -7.36 -11.98 -2.72
C VAL C 149 -5.95 -12.27 -2.24
N ARG C 150 -5.01 -11.51 -2.78
CA ARG C 150 -3.61 -11.63 -2.43
C ARG C 150 -3.35 -11.27 -0.96
N GLU C 151 -4.06 -10.28 -0.43
CA GLU C 151 -3.84 -9.89 0.97
C GLU C 151 -4.45 -10.89 1.95
N GLN C 152 -5.67 -11.35 1.69
CA GLN C 152 -6.37 -12.23 2.61
C GLN C 152 -5.96 -13.68 2.43
N TYR C 153 -5.58 -14.06 1.21
CA TYR C 153 -5.36 -15.46 0.90
C TYR C 153 -4.07 -15.58 0.11
N PRO C 154 -2.96 -15.17 0.73
CA PRO C 154 -1.66 -15.12 0.07
C PRO C 154 -1.22 -16.43 -0.54
N HIS C 155 -1.81 -17.54 -0.12
CA HIS C 155 -1.37 -18.83 -0.61
C HIS C 155 -2.06 -19.15 -1.93
N VAL C 156 -3.08 -18.39 -2.29
CA VAL C 156 -3.90 -18.72 -3.45
C VAL C 156 -3.20 -18.32 -4.72
N THR C 157 -3.10 -19.25 -5.66
CA THR C 157 -2.47 -18.99 -6.95
C THR C 157 -3.46 -18.34 -7.92
N ILE C 158 -3.05 -17.22 -8.52
CA ILE C 158 -3.93 -16.53 -9.44
C ILE C 158 -3.50 -16.70 -10.89
N GLY C 159 -4.44 -17.14 -11.73
CA GLY C 159 -4.17 -17.30 -13.15
C GLY C 159 -5.08 -16.44 -14.00
N ASN C 160 -4.66 -16.21 -15.24
CA ASN C 160 -5.37 -15.33 -16.14
C ASN C 160 -6.19 -16.15 -17.12
N VAL C 161 -7.50 -15.94 -17.11
CA VAL C 161 -8.35 -16.68 -18.01
C VAL C 161 -8.58 -15.92 -19.31
N TYR C 162 -8.11 -14.68 -19.39
CA TYR C 162 -8.29 -13.89 -20.62
C TYR C 162 -7.92 -14.67 -21.89
N PRO C 163 -6.65 -15.11 -21.99
CA PRO C 163 -6.21 -15.87 -23.16
C PRO C 163 -7.17 -17.02 -23.47
N ASN C 164 -7.56 -17.78 -22.44
CA ASN C 164 -8.44 -18.91 -22.66
C ASN C 164 -9.70 -18.56 -23.45
N ILE C 165 -10.35 -17.47 -23.09
CA ILE C 165 -11.60 -17.11 -23.74
C ILE C 165 -11.31 -16.49 -25.10
N CYS C 166 -10.24 -15.72 -25.19
CA CYS C 166 -9.93 -15.09 -26.46
C CYS C 166 -9.78 -16.13 -27.56
N GLU C 167 -9.03 -17.19 -27.27
CA GLU C 167 -8.84 -18.24 -28.25
C GLU C 167 -10.14 -18.92 -28.66
N LEU C 168 -11.12 -18.96 -27.76
CA LEU C 168 -12.43 -19.47 -28.15
C LEU C 168 -13.15 -18.52 -29.12
N ARG C 169 -13.08 -17.23 -28.84
CA ARG C 169 -13.78 -16.23 -29.61
C ARG C 169 -13.25 -16.15 -31.03
N VAL C 170 -12.02 -16.64 -31.24
CA VAL C 170 -11.38 -16.62 -32.56
C VAL C 170 -12.12 -17.46 -33.60
N PHE C 171 -12.76 -18.53 -33.14
CA PHE C 171 -13.51 -19.43 -34.01
C PHE C 171 -15.01 -19.20 -33.87
N LYS C 172 -15.61 -18.58 -34.88
CA LYS C 172 -17.03 -18.22 -34.85
C LYS C 172 -17.92 -19.40 -35.26
N THR C 173 -19.09 -19.52 -34.63
CA THR C 173 -20.11 -20.49 -35.06
C THR C 173 -20.98 -19.86 -36.13
N ASP C 174 -21.85 -20.68 -36.72
CA ASP C 174 -22.72 -20.22 -37.81
C ASP C 174 -23.67 -19.14 -37.37
N GLU C 175 -24.20 -19.22 -36.15
CA GLU C 175 -25.13 -18.19 -35.71
C GLU C 175 -24.42 -16.85 -35.48
N GLU C 176 -23.16 -16.91 -35.05
CA GLU C 176 -22.34 -15.72 -34.89
C GLU C 176 -22.13 -15.06 -36.25
N ILE C 177 -21.69 -15.86 -37.21
CA ILE C 177 -21.49 -15.36 -38.56
C ILE C 177 -22.76 -14.70 -39.13
N GLU C 178 -23.93 -15.26 -38.84
CA GLU C 178 -25.16 -14.69 -39.35
C GLU C 178 -25.32 -13.25 -38.91
N ILE C 179 -25.08 -13.02 -37.62
CA ILE C 179 -25.26 -11.69 -37.03
C ILE C 179 -24.31 -10.69 -37.68
N ILE C 180 -23.05 -11.09 -37.83
CA ILE C 180 -22.08 -10.26 -38.52
C ILE C 180 -22.59 -9.92 -39.90
N LYS C 181 -23.16 -10.90 -40.59
CA LYS C 181 -23.72 -10.67 -41.91
C LYS C 181 -24.76 -9.58 -41.84
N GLU C 182 -25.60 -9.63 -40.82
CA GLU C 182 -26.64 -8.62 -40.68
C GLU C 182 -26.01 -7.24 -40.51
N ALA C 183 -25.02 -7.15 -39.61
CA ALA C 183 -24.33 -5.88 -39.36
C ALA C 183 -23.79 -5.32 -40.66
N ILE C 184 -23.20 -6.20 -41.46
CA ILE C 184 -22.65 -5.80 -42.74
C ILE C 184 -23.74 -5.31 -43.64
N ALA C 185 -24.85 -6.03 -43.66
CA ALA C 185 -25.96 -5.68 -44.53
C ALA C 185 -26.38 -4.24 -44.31
N VAL C 186 -26.63 -3.89 -43.04
CA VAL C 186 -27.06 -2.53 -42.70
C VAL C 186 -25.98 -1.53 -43.07
N THR C 187 -24.74 -1.89 -42.83
CA THR C 187 -23.62 -1.03 -43.16
C THR C 187 -23.69 -0.68 -44.64
N LYS C 188 -23.89 -1.69 -45.48
CA LYS C 188 -24.02 -1.49 -46.92
C LYS C 188 -25.10 -0.47 -47.22
N ASP C 189 -26.29 -0.68 -46.64
CA ASP C 189 -27.39 0.23 -46.84
C ASP C 189 -26.96 1.65 -46.49
N GLY C 190 -26.22 1.78 -45.40
CA GLY C 190 -25.77 3.09 -44.93
C GLY C 190 -24.81 3.73 -45.89
N ILE C 191 -23.89 2.92 -46.42
CA ILE C 191 -22.94 3.42 -47.40
C ILE C 191 -23.68 3.87 -48.65
N TYR C 192 -24.58 3.04 -49.16
CA TYR C 192 -25.34 3.41 -50.35
C TYR C 192 -26.07 4.72 -50.09
N ASN C 193 -26.61 4.85 -48.88
CA ASN C 193 -27.31 6.07 -48.56
C ASN C 193 -26.38 7.26 -48.71
N VAL C 194 -25.13 7.08 -48.29
CA VAL C 194 -24.17 8.15 -48.41
C VAL C 194 -23.87 8.44 -49.88
N LEU C 195 -23.71 7.39 -50.67
CA LEU C 195 -23.43 7.57 -52.08
C LEU C 195 -24.54 8.37 -52.73
N LYS C 196 -25.77 8.10 -52.34
CA LYS C 196 -26.94 8.71 -52.96
C LYS C 196 -27.12 10.19 -52.61
N HIS C 197 -26.43 10.67 -51.57
CA HIS C 197 -26.62 12.05 -51.09
C HIS C 197 -25.36 12.91 -51.14
N ALA C 198 -24.24 12.32 -51.55
CA ALA C 198 -22.99 13.05 -51.56
C ALA C 198 -22.88 13.99 -52.75
N LYS C 199 -22.35 15.18 -52.48
CA LYS C 199 -22.06 16.14 -53.53
C LYS C 199 -20.92 17.04 -53.06
N ALA C 200 -20.38 17.83 -53.98
CA ALA C 200 -19.29 18.72 -53.65
C ALA C 200 -19.81 19.91 -52.86
N ASP C 201 -18.92 20.55 -52.10
CA ASP C 201 -19.29 21.72 -51.30
C ASP C 201 -20.33 21.32 -50.27
N MSE C 202 -19.92 20.46 -49.35
CA MSE C 202 -20.82 19.86 -48.40
C MSE C 202 -19.96 19.44 -47.24
O MSE C 202 -18.83 19.01 -47.41
CB MSE C 202 -21.47 18.62 -49.01
CG MSE C 202 -22.54 17.98 -48.16
SE MSE C 202 -23.19 16.34 -49.02
CE MSE C 202 -24.85 16.12 -47.99
N MSE C 203 -20.48 19.61 -46.04
CA MSE C 203 -19.67 19.35 -44.86
C MSE C 203 -19.53 17.85 -44.64
O MSE C 203 -20.47 17.09 -44.88
CB MSE C 203 -20.30 20.04 -43.65
CG MSE C 203 -19.35 20.94 -42.89
SE MSE C 203 -18.31 22.19 -43.99
CE MSE C 203 -19.78 23.07 -44.96
N GLU C 204 -18.35 17.42 -44.20
CA GLU C 204 -18.11 16.00 -43.95
C GLU C 204 -19.17 15.42 -43.04
N TYR C 205 -19.50 16.15 -41.99
CA TYR C 205 -20.48 15.64 -41.04
C TYR C 205 -21.88 15.52 -41.64
N GLU C 206 -22.19 16.35 -42.64
CA GLU C 206 -23.45 16.25 -43.38
C GLU C 206 -23.61 14.87 -44.02
N LEU C 207 -22.50 14.28 -44.45
CA LEU C 207 -22.52 12.94 -45.00
C LEU C 207 -22.63 11.89 -43.91
N GLU C 208 -21.86 12.06 -42.84
CA GLU C 208 -21.92 11.15 -41.72
C GLU C 208 -23.35 11.08 -41.19
N ALA C 209 -24.05 12.20 -41.23
CA ALA C 209 -25.43 12.24 -40.76
C ALA C 209 -26.31 11.27 -41.55
N GLN C 210 -26.09 11.19 -42.86
CA GLN C 210 -26.81 10.27 -43.72
C GLN C 210 -26.54 8.81 -43.34
N PHE C 211 -25.29 8.51 -43.04
CA PHE C 211 -24.94 7.16 -42.64
C PHE C 211 -25.54 6.81 -41.28
N ASP C 212 -25.43 7.72 -40.33
CA ASP C 212 -26.02 7.51 -39.00
C ASP C 212 -27.52 7.29 -39.13
N PHE C 213 -28.17 8.09 -39.96
CA PHE C 213 -29.61 7.99 -40.12
C PHE C 213 -30.05 6.59 -40.50
N THR C 214 -29.42 6.04 -41.53
CA THR C 214 -29.80 4.73 -42.00
C THR C 214 -29.67 3.73 -40.88
N LEU C 215 -28.53 3.74 -40.20
CA LEU C 215 -28.35 2.83 -39.07
C LEU C 215 -29.37 3.01 -37.96
N LYS C 216 -29.61 4.25 -37.56
CA LYS C 216 -30.50 4.51 -36.44
C LYS C 216 -31.92 4.06 -36.74
N SER C 217 -32.39 4.34 -37.96
CA SER C 217 -33.78 4.08 -38.29
C SER C 217 -34.01 2.63 -38.62
N SER C 218 -32.93 1.85 -38.64
CA SER C 218 -33.09 0.42 -38.85
C SER C 218 -32.97 -0.33 -37.53
N GLY C 219 -32.77 0.39 -36.43
CA GLY C 219 -32.78 -0.21 -35.11
C GLY C 219 -31.41 -0.52 -34.54
N ILE C 220 -30.36 -0.19 -35.29
CA ILE C 220 -28.99 -0.37 -34.81
C ILE C 220 -28.64 0.67 -33.74
N LYS C 221 -28.37 0.20 -32.53
CA LYS C 221 -28.16 1.08 -31.41
C LYS C 221 -26.72 1.59 -31.31
N HIS C 222 -25.77 0.82 -31.80
CA HIS C 222 -24.38 1.24 -31.73
C HIS C 222 -23.61 1.07 -33.03
N HIS C 223 -22.57 1.88 -33.18
CA HIS C 223 -21.62 1.75 -34.26
C HIS C 223 -20.51 0.83 -33.80
N ALA C 224 -19.86 0.15 -34.73
CA ALA C 224 -18.71 -0.69 -34.39
C ALA C 224 -17.63 0.16 -33.70
N PHE C 225 -17.43 1.36 -34.23
CA PHE C 225 -16.33 2.24 -33.83
C PHE C 225 -16.67 3.62 -34.38
N ASN C 226 -15.78 4.60 -34.17
CA ASN C 226 -16.06 5.98 -34.59
C ASN C 226 -15.97 6.20 -36.08
N THR C 227 -17.10 6.51 -36.70
CA THR C 227 -17.13 6.77 -38.13
C THR C 227 -15.97 7.67 -38.58
N ILE C 228 -15.23 7.21 -39.59
CA ILE C 228 -14.21 8.01 -40.22
C ILE C 228 -14.77 8.46 -41.55
N LEU C 229 -14.88 9.76 -41.76
CA LEU C 229 -15.43 10.27 -43.01
C LEU C 229 -14.50 11.33 -43.59
N ALA C 230 -13.43 10.88 -44.23
CA ALA C 230 -12.32 11.77 -44.60
C ALA C 230 -12.27 12.08 -46.08
N SER C 231 -12.31 13.36 -46.41
CA SER C 231 -12.26 13.79 -47.80
C SER C 231 -10.91 14.35 -48.13
N GLY C 232 -10.63 14.47 -49.42
CA GLY C 232 -9.36 15.03 -49.90
C GLY C 232 -8.15 14.56 -49.12
N LYS C 233 -7.42 15.52 -48.55
CA LYS C 233 -6.15 15.24 -47.89
C LYS C 233 -6.34 14.52 -46.56
N ASN C 234 -7.48 14.75 -45.93
CA ASN C 234 -7.79 14.13 -44.65
C ASN C 234 -7.74 12.60 -44.70
N ALA C 235 -8.05 12.01 -45.86
CA ALA C 235 -8.05 10.55 -45.98
C ALA C 235 -6.66 9.95 -45.72
N THR C 236 -5.67 10.84 -45.62
CA THR C 236 -4.29 10.49 -45.33
C THR C 236 -4.05 10.13 -43.85
N VAL C 237 -4.87 10.70 -42.97
CA VAL C 237 -4.80 10.39 -41.56
C VAL C 237 -5.64 9.15 -41.27
N LEU C 238 -4.98 8.05 -40.90
CA LEU C 238 -5.62 6.74 -40.82
C LEU C 238 -6.91 6.68 -39.99
N HIS C 239 -6.91 7.31 -38.82
CA HIS C 239 -8.11 7.32 -37.99
C HIS C 239 -8.72 8.72 -37.84
N TYR C 240 -8.60 9.52 -38.89
CA TYR C 240 -9.22 10.85 -38.93
C TYR C 240 -10.66 10.77 -38.43
N GLU C 241 -11.00 11.54 -37.39
CA GLU C 241 -12.34 11.49 -36.80
C GLU C 241 -13.06 12.83 -36.71
N ASP C 242 -12.35 13.92 -36.96
CA ASP C 242 -12.93 15.24 -36.87
C ASP C 242 -14.21 15.33 -37.68
N ASN C 243 -14.14 14.84 -38.92
CA ASN C 243 -15.31 14.81 -39.81
C ASN C 243 -15.96 16.18 -39.94
N ASP C 244 -15.15 17.23 -39.94
CA ASP C 244 -15.69 18.59 -39.93
C ASP C 244 -15.13 19.53 -41.00
N ALA C 245 -14.55 18.96 -42.06
CA ALA C 245 -14.00 19.76 -43.17
C ALA C 245 -14.98 19.81 -44.33
N GLN C 246 -14.82 20.79 -45.22
CA GLN C 246 -15.70 20.87 -46.37
C GLN C 246 -15.16 19.99 -47.47
N ILE C 247 -16.04 19.23 -48.11
CA ILE C 247 -15.65 18.38 -49.23
C ILE C 247 -15.50 19.22 -50.49
N GLN C 248 -14.31 19.20 -51.08
CA GLN C 248 -14.04 20.01 -52.26
C GLN C 248 -14.41 19.27 -53.53
N ASN C 249 -14.94 19.98 -54.52
CA ASN C 249 -15.19 19.35 -55.80
C ASN C 249 -13.89 18.74 -56.32
N GLY C 250 -13.94 17.46 -56.68
CA GLY C 250 -12.73 16.75 -57.13
C GLY C 250 -12.15 15.86 -56.04
N ASP C 251 -12.66 16.05 -54.83
CA ASP C 251 -12.22 15.26 -53.69
C ASP C 251 -12.69 13.84 -53.79
N LEU C 252 -11.89 12.94 -53.23
CA LEU C 252 -12.28 11.57 -53.06
C LEU C 252 -12.72 11.52 -51.61
N VAL C 253 -13.67 10.65 -51.28
CA VAL C 253 -14.09 10.53 -49.89
C VAL C 253 -13.86 9.12 -49.40
N LEU C 254 -13.24 9.01 -48.24
CA LEU C 254 -12.91 7.71 -47.67
C LEU C 254 -13.82 7.40 -46.51
N LEU C 255 -14.60 6.33 -46.63
CA LEU C 255 -15.45 5.91 -45.53
C LEU C 255 -14.82 4.72 -44.84
N ASP C 256 -14.77 4.80 -43.52
CA ASP C 256 -14.37 3.66 -42.72
C ASP C 256 -15.31 3.67 -41.54
N LEU C 257 -16.22 2.70 -41.51
CA LEU C 257 -17.34 2.75 -40.59
C LEU C 257 -17.93 1.36 -40.48
N GLY C 258 -18.93 1.21 -39.62
CA GLY C 258 -19.57 -0.08 -39.46
C GLY C 258 -20.69 -0.11 -38.43
N ALA C 259 -21.74 -0.86 -38.76
CA ALA C 259 -22.86 -1.05 -37.85
C ALA C 259 -22.51 -2.16 -36.88
N GLN C 260 -23.17 -2.16 -35.73
CA GLN C 260 -22.97 -3.21 -34.77
C GLN C 260 -24.33 -3.84 -34.50
N LYS C 261 -24.43 -5.15 -34.71
CA LYS C 261 -25.67 -5.85 -34.42
C LYS C 261 -25.49 -6.81 -33.25
N ASP C 262 -26.30 -6.63 -32.21
CA ASP C 262 -26.26 -7.52 -31.06
C ASP C 262 -24.83 -7.74 -30.58
N TYR C 263 -24.05 -6.66 -30.59
CA TYR C 263 -22.66 -6.63 -30.07
C TYR C 263 -21.60 -7.15 -31.05
N TYR C 264 -22.04 -7.78 -32.14
CA TYR C 264 -21.11 -8.16 -33.21
C TYR C 264 -20.87 -6.99 -34.15
N ASN C 265 -19.68 -6.92 -34.72
CA ASN C 265 -19.29 -5.74 -35.49
C ASN C 265 -19.06 -6.01 -36.95
N ALA C 266 -19.52 -5.11 -37.79
CA ALA C 266 -19.06 -5.07 -39.16
C ALA C 266 -17.94 -4.03 -39.24
N ASP C 267 -17.18 -4.04 -40.33
CA ASP C 267 -16.09 -3.10 -40.50
C ASP C 267 -15.74 -2.92 -41.99
N ILE C 268 -16.18 -1.81 -42.57
CA ILE C 268 -16.03 -1.62 -44.00
C ILE C 268 -15.33 -0.32 -44.32
N SER C 269 -14.41 -0.35 -45.27
CA SER C 269 -13.83 0.87 -45.77
C SER C 269 -14.23 0.98 -47.20
N TYR C 270 -14.75 2.14 -47.55
CA TYR C 270 -15.28 2.37 -48.88
C TYR C 270 -14.81 3.74 -49.32
N THR C 271 -14.32 3.83 -50.55
CA THR C 271 -13.85 5.11 -51.06
C THR C 271 -14.57 5.41 -52.36
N PHE C 272 -14.95 6.65 -52.54
CA PHE C 272 -15.68 7.06 -53.74
C PHE C 272 -15.35 8.50 -54.07
N PRO C 273 -15.77 8.98 -55.25
CA PRO C 273 -15.59 10.36 -55.63
C PRO C 273 -16.81 11.19 -55.24
N ALA C 274 -16.58 12.32 -54.59
CA ALA C 274 -17.65 13.19 -54.15
C ALA C 274 -18.55 13.64 -55.29
N ASN C 275 -17.95 14.00 -56.42
CA ASN C 275 -18.74 14.50 -57.54
C ASN C 275 -19.29 13.41 -58.47
N GLY C 276 -19.07 12.15 -58.10
CA GLY C 276 -19.62 11.03 -58.85
C GLY C 276 -18.75 10.55 -60.00
N THR C 277 -17.58 11.17 -60.16
CA THR C 277 -16.66 10.79 -61.21
C THR C 277 -15.23 10.65 -60.69
N PHE C 278 -14.64 9.47 -60.89
CA PHE C 278 -13.22 9.28 -60.60
C PHE C 278 -12.40 10.00 -61.66
N SER C 279 -11.41 10.77 -61.22
CA SER C 279 -10.43 11.34 -62.13
C SER C 279 -9.54 10.21 -62.65
N SER C 280 -8.78 10.49 -63.71
CA SER C 280 -7.87 9.49 -64.25
C SER C 280 -6.94 9.02 -63.15
N ARG C 281 -6.37 9.98 -62.43
CA ARG C 281 -5.38 9.67 -61.41
C ARG C 281 -6.00 8.87 -60.27
N GLN C 282 -7.20 9.26 -59.87
CA GLN C 282 -7.90 8.57 -58.80
C GLN C 282 -8.29 7.15 -59.23
N LYS C 283 -8.75 7.02 -60.47
CA LYS C 283 -9.10 5.71 -60.99
C LYS C 283 -7.89 4.79 -60.92
N GLN C 284 -6.72 5.32 -61.27
CA GLN C 284 -5.48 4.54 -61.23
C GLN C 284 -5.20 4.00 -59.84
N ILE C 285 -5.08 4.90 -58.86
CA ILE C 285 -4.75 4.51 -57.50
C ILE C 285 -5.81 3.59 -56.92
N TYR C 286 -7.08 3.92 -57.15
CA TYR C 286 -8.16 3.10 -56.63
C TYR C 286 -8.00 1.65 -57.08
N ASN C 287 -7.78 1.46 -58.37
CA ASN C 287 -7.67 0.11 -58.92
C ASN C 287 -6.49 -0.67 -58.37
N ILE C 288 -5.37 0.01 -58.15
CA ILE C 288 -4.23 -0.62 -57.49
C ILE C 288 -4.67 -1.18 -56.14
N VAL C 289 -5.36 -0.36 -55.36
CA VAL C 289 -5.82 -0.81 -54.06
C VAL C 289 -6.80 -1.96 -54.21
N LEU C 290 -7.80 -1.79 -55.06
CA LEU C 290 -8.79 -2.84 -55.27
C LEU C 290 -8.17 -4.16 -55.74
N ASN C 291 -7.14 -4.09 -56.58
CA ASN C 291 -6.40 -5.30 -56.92
C ASN C 291 -5.87 -5.97 -55.68
N ALA C 292 -5.13 -5.21 -54.88
CA ALA C 292 -4.52 -5.74 -53.67
C ALA C 292 -5.58 -6.43 -52.83
N LEU C 293 -6.77 -5.86 -52.82
CA LEU C 293 -7.89 -6.44 -52.08
C LEU C 293 -8.26 -7.83 -52.62
N LYS C 294 -8.51 -7.90 -53.93
CA LYS C 294 -8.90 -9.15 -54.58
C LYS C 294 -7.83 -10.21 -54.42
N GLU C 295 -6.61 -9.84 -54.80
CA GLU C 295 -5.44 -10.72 -54.70
C GLU C 295 -5.24 -11.30 -53.31
N THR C 296 -5.28 -10.44 -52.30
CA THR C 296 -5.03 -10.87 -50.94
C THR C 296 -6.18 -11.74 -50.43
N THR C 297 -7.41 -11.33 -50.73
CA THR C 297 -8.57 -12.13 -50.33
C THR C 297 -8.46 -13.51 -50.96
N GLU C 298 -7.96 -13.52 -52.18
CA GLU C 298 -7.88 -14.74 -52.99
C GLU C 298 -7.13 -15.88 -52.28
N ILE C 299 -6.02 -15.56 -51.64
CA ILE C 299 -5.15 -16.62 -51.12
C ILE C 299 -5.61 -17.18 -49.79
N ILE C 300 -6.69 -16.63 -49.24
CA ILE C 300 -7.15 -17.04 -47.91
C ILE C 300 -7.65 -18.47 -47.92
N LYS C 301 -7.10 -19.31 -47.06
CA LYS C 301 -7.63 -20.67 -46.85
C LYS C 301 -6.92 -21.36 -45.69
N PRO C 302 -7.60 -22.32 -45.04
CA PRO C 302 -6.96 -22.98 -43.90
C PRO C 302 -5.55 -23.43 -44.27
N GLY C 303 -4.63 -23.28 -43.32
CA GLY C 303 -3.24 -23.63 -43.55
C GLY C 303 -2.33 -22.46 -43.88
N LEU C 304 -2.93 -21.34 -44.31
CA LEU C 304 -2.17 -20.15 -44.68
C LEU C 304 -1.74 -19.36 -43.44
N LYS C 305 -0.43 -19.09 -43.34
CA LYS C 305 0.09 -18.29 -42.24
C LYS C 305 -0.46 -16.86 -42.30
N PHE C 306 -0.99 -16.39 -41.17
CA PHE C 306 -1.58 -15.06 -41.12
C PHE C 306 -0.61 -14.01 -41.67
N ALA C 307 0.67 -14.21 -41.41
CA ALA C 307 1.68 -13.22 -41.80
C ALA C 307 1.79 -13.11 -43.31
N ALA C 308 1.25 -14.11 -44.01
CA ALA C 308 1.33 -14.12 -45.47
C ALA C 308 0.42 -13.07 -46.10
N LEU C 309 -0.70 -12.78 -45.43
CA LEU C 309 -1.66 -11.82 -45.92
C LEU C 309 -1.00 -10.49 -46.20
N ASN C 310 -0.34 -9.93 -45.20
CA ASN C 310 0.28 -8.63 -45.38
C ASN C 310 1.46 -8.67 -46.35
N GLU C 311 2.18 -9.78 -46.35
CA GLU C 311 3.34 -9.94 -47.25
C GLU C 311 2.87 -9.85 -48.69
N HIS C 312 1.76 -10.53 -48.98
CA HIS C 312 1.20 -10.51 -50.33
C HIS C 312 0.60 -9.14 -50.66
N ALA C 313 -0.11 -8.56 -49.70
CA ALA C 313 -0.68 -7.24 -49.86
C ALA C 313 0.38 -6.23 -50.27
N LYS C 314 1.49 -6.21 -49.54
CA LYS C 314 2.59 -5.30 -49.85
C LYS C 314 3.14 -5.59 -51.23
N LYS C 315 3.30 -6.87 -51.53
CA LYS C 315 3.81 -7.29 -52.82
C LYS C 315 2.96 -6.73 -53.95
N VAL C 316 1.64 -6.88 -53.85
CA VAL C 316 0.72 -6.44 -54.90
C VAL C 316 0.52 -4.92 -54.96
N LEU C 317 0.65 -4.25 -53.81
CA LEU C 317 0.57 -2.80 -53.80
C LEU C 317 1.79 -2.19 -54.48
N ALA C 318 2.94 -2.79 -54.22
CA ALA C 318 4.17 -2.31 -54.82
C ALA C 318 4.09 -2.41 -56.34
N GLU C 319 3.69 -3.59 -56.84
CA GLU C 319 3.59 -3.79 -58.29
C GLU C 319 2.78 -2.66 -58.90
N GLY C 320 1.58 -2.45 -58.36
CA GLY C 320 0.71 -1.37 -58.81
C GLY C 320 1.41 -0.03 -58.78
N CYS C 321 2.12 0.24 -57.69
CA CYS C 321 2.80 1.52 -57.54
C CYS C 321 3.95 1.70 -58.51
N LYS C 322 4.67 0.61 -58.79
CA LYS C 322 5.72 0.63 -59.79
C LYS C 322 5.09 0.93 -61.13
N ALA C 323 4.14 0.08 -61.52
CA ALA C 323 3.47 0.21 -62.80
C ALA C 323 3.02 1.64 -63.06
N VAL C 324 2.52 2.30 -62.03
CA VAL C 324 2.00 3.65 -62.20
C VAL C 324 3.11 4.70 -62.11
N GLY C 325 4.30 4.27 -61.71
CA GLY C 325 5.44 5.16 -61.56
C GLY C 325 5.45 5.95 -60.26
N LEU C 326 4.70 5.49 -59.28
CA LEU C 326 4.65 6.16 -57.98
C LEU C 326 5.91 5.89 -57.18
N ILE C 327 6.51 4.72 -57.41
CA ILE C 327 7.76 4.35 -56.76
C ILE C 327 8.68 3.62 -57.73
N GLN C 328 9.94 3.47 -57.36
CA GLN C 328 10.87 2.71 -58.17
C GLN C 328 11.10 1.30 -57.60
N GLU C 329 11.38 1.22 -56.31
CA GLU C 329 11.63 -0.06 -55.65
C GLU C 329 10.69 -0.32 -54.49
N ASP C 330 10.58 -1.59 -54.11
CA ASP C 330 9.62 -1.99 -53.09
C ASP C 330 9.78 -1.25 -51.76
N GLU C 331 11.00 -0.92 -51.39
CA GLU C 331 11.25 -0.25 -50.12
C GLU C 331 10.45 1.05 -49.95
N GLU C 332 10.19 1.75 -51.06
CA GLU C 332 9.54 3.04 -51.02
C GLU C 332 8.05 2.97 -50.66
N LEU C 333 7.50 1.76 -50.65
CA LEU C 333 6.08 1.58 -50.39
C LEU C 333 5.65 2.09 -49.03
N SER C 334 6.49 1.88 -48.02
CA SER C 334 6.15 2.27 -46.66
C SER C 334 5.76 3.73 -46.58
N LYS C 335 6.17 4.51 -47.58
CA LYS C 335 5.83 5.92 -47.66
C LYS C 335 4.33 6.11 -47.94
N TYR C 336 3.72 5.15 -48.64
CA TYR C 336 2.33 5.31 -49.06
C TYR C 336 1.39 4.26 -48.46
N TYR C 337 1.95 3.19 -47.93
CA TYR C 337 1.15 2.17 -47.28
C TYR C 337 1.81 1.79 -45.96
N TYR C 338 1.22 2.22 -44.85
CA TYR C 338 1.86 2.10 -43.55
C TYR C 338 0.98 1.51 -42.45
N HIS C 339 0.37 0.36 -42.71
CA HIS C 339 -0.35 -0.37 -41.68
C HIS C 339 -0.50 -1.84 -42.05
N GLY C 340 -1.06 -2.63 -41.12
CA GLY C 340 -1.39 -4.02 -41.42
C GLY C 340 -2.61 -4.10 -42.33
N VAL C 341 -2.72 -5.17 -43.11
CA VAL C 341 -3.85 -5.30 -44.02
C VAL C 341 -5.03 -6.02 -43.37
N SER C 342 -4.78 -6.79 -42.32
CA SER C 342 -5.81 -7.64 -41.78
C SER C 342 -5.88 -7.65 -40.27
N HIS C 343 -7.07 -7.87 -39.74
CA HIS C 343 -7.27 -8.05 -38.30
C HIS C 343 -8.52 -8.91 -38.04
N PHE C 344 -8.53 -9.64 -36.93
CA PHE C 344 -9.72 -10.40 -36.55
C PHE C 344 -10.92 -9.48 -36.38
N LEU C 345 -12.10 -10.05 -36.54
CA LEU C 345 -13.34 -9.31 -36.39
C LEU C 345 -14.33 -10.16 -35.58
N GLY C 346 -15.13 -9.51 -34.74
CA GLY C 346 -16.09 -10.24 -33.92
C GLY C 346 -16.83 -9.40 -32.90
N LEU C 347 -16.84 -9.85 -31.66
CA LEU C 347 -17.51 -9.10 -30.62
C LEU C 347 -16.79 -7.76 -30.41
N ASP C 348 -15.51 -7.72 -30.78
CA ASP C 348 -14.78 -6.48 -30.87
C ASP C 348 -14.44 -6.22 -32.34
N THR C 349 -14.29 -4.95 -32.71
CA THR C 349 -13.94 -4.57 -34.08
C THR C 349 -12.54 -5.02 -34.45
N HIS C 350 -11.56 -4.72 -33.60
CA HIS C 350 -10.26 -5.38 -33.71
C HIS C 350 -10.35 -6.52 -32.71
N ASP C 351 -10.88 -7.64 -33.19
CA ASP C 351 -11.29 -8.73 -32.32
C ASP C 351 -10.07 -9.33 -31.63
N VAL C 352 -10.33 -10.03 -30.54
CA VAL C 352 -9.27 -10.63 -29.74
C VAL C 352 -8.63 -11.80 -30.48
N GLY C 353 -7.50 -12.27 -29.97
CA GLY C 353 -6.82 -13.41 -30.56
C GLY C 353 -5.37 -13.06 -30.84
N THR C 354 -4.47 -14.00 -30.56
CA THR C 354 -3.06 -13.80 -30.81
C THR C 354 -2.76 -13.91 -32.30
N TYR C 355 -1.78 -13.15 -32.78
CA TYR C 355 -1.43 -13.17 -34.18
C TYR C 355 -0.11 -13.91 -34.41
N LYS C 356 0.84 -13.72 -33.51
CA LYS C 356 2.16 -14.34 -33.63
C LYS C 356 2.07 -15.82 -34.00
N ASP C 357 2.64 -16.16 -35.15
CA ASP C 357 2.69 -17.54 -35.64
C ASP C 357 1.32 -18.10 -35.95
N ARG C 358 0.31 -17.24 -36.09
CA ARG C 358 -1.05 -17.70 -36.34
C ARG C 358 -1.18 -18.37 -37.70
N VAL C 359 -1.86 -19.51 -37.73
CA VAL C 359 -2.23 -20.11 -39.02
C VAL C 359 -3.75 -20.10 -39.15
N LEU C 360 -4.22 -19.66 -40.31
CA LEU C 360 -5.64 -19.56 -40.58
C LEU C 360 -6.33 -20.91 -40.45
N GLU C 361 -7.56 -20.90 -39.95
CA GLU C 361 -8.33 -22.12 -39.84
C GLU C 361 -9.80 -21.80 -40.08
N GLU C 362 -10.57 -22.83 -40.42
CA GLU C 362 -12.01 -22.67 -40.61
C GLU C 362 -12.65 -22.03 -39.37
N GLY C 363 -13.57 -21.09 -39.61
CA GLY C 363 -14.31 -20.43 -38.53
C GLY C 363 -13.85 -19.01 -38.21
N MSE C 364 -12.65 -18.65 -38.65
CA MSE C 364 -12.11 -17.34 -38.36
C MSE C 364 -12.67 -16.27 -39.29
O MSE C 364 -12.81 -16.47 -40.49
CB MSE C 364 -10.59 -17.35 -38.48
CG MSE C 364 -9.90 -18.25 -37.48
SE MSE C 364 -7.97 -18.22 -37.72
CE MSE C 364 -7.49 -19.68 -36.52
N VAL C 365 -13.00 -15.12 -38.71
CA VAL C 365 -13.41 -13.96 -39.50
C VAL C 365 -12.35 -12.88 -39.41
N ILE C 366 -11.88 -12.42 -40.56
CA ILE C 366 -10.80 -11.44 -40.60
C ILE C 366 -11.11 -10.37 -41.64
N THR C 367 -10.50 -9.21 -41.53
CA THR C 367 -10.77 -8.17 -42.49
C THR C 367 -9.60 -8.09 -43.44
N ILE C 368 -9.82 -7.45 -44.58
CA ILE C 368 -8.75 -7.21 -45.54
C ILE C 368 -8.88 -5.77 -45.98
N GLU C 369 -7.84 -4.97 -45.78
CA GLU C 369 -7.98 -3.55 -45.96
C GLU C 369 -6.72 -2.89 -46.44
N PRO C 370 -6.32 -3.19 -47.68
CA PRO C 370 -5.22 -2.49 -48.30
C PRO C 370 -5.58 -1.02 -48.45
N GLY C 371 -4.55 -0.18 -48.61
CA GLY C 371 -4.78 1.23 -48.90
C GLY C 371 -3.56 1.92 -49.48
N LEU C 372 -3.77 3.10 -50.06
CA LEU C 372 -2.66 3.93 -50.47
C LEU C 372 -2.94 5.33 -50.01
N TYR C 373 -1.92 6.04 -49.58
CA TYR C 373 -2.10 7.38 -49.04
C TYR C 373 -1.01 8.28 -49.55
N ILE C 374 -1.39 9.23 -50.39
CA ILE C 374 -0.44 10.09 -51.06
C ILE C 374 -0.63 11.53 -50.60
N GLU C 375 0.16 11.93 -49.62
CA GLU C 375 0.03 13.25 -49.03
C GLU C 375 0.14 14.39 -50.04
N GLU C 376 1.18 14.36 -50.88
CA GLU C 376 1.40 15.47 -51.80
C GLU C 376 0.31 15.57 -52.88
N GLU C 377 -0.45 14.49 -53.07
CA GLU C 377 -1.53 14.50 -54.06
C GLU C 377 -2.90 14.58 -53.39
N SER C 378 -2.91 14.68 -52.07
CA SER C 378 -4.16 14.75 -51.30
C SER C 378 -5.13 13.58 -51.58
N ILE C 379 -4.57 12.39 -51.79
CA ILE C 379 -5.37 11.22 -52.11
C ILE C 379 -5.18 10.10 -51.10
N GLY C 380 -6.26 9.76 -50.39
CA GLY C 380 -6.24 8.64 -49.47
C GLY C 380 -7.34 7.67 -49.80
N ILE C 381 -6.96 6.43 -50.09
CA ILE C 381 -7.90 5.41 -50.50
C ILE C 381 -7.69 4.16 -49.67
N ARG C 382 -8.78 3.65 -49.09
CA ARG C 382 -8.78 2.33 -48.45
C ARG C 382 -10.04 1.53 -48.83
N ILE C 383 -9.88 0.25 -49.12
CA ILE C 383 -11.02 -0.60 -49.43
C ILE C 383 -10.94 -1.87 -48.59
N GLU C 384 -12.01 -2.18 -47.89
CA GLU C 384 -11.95 -3.24 -46.88
C GLU C 384 -13.17 -4.17 -46.84
N ASP C 385 -12.91 -5.46 -46.92
CA ASP C 385 -13.97 -6.45 -46.83
C ASP C 385 -13.78 -7.28 -45.59
N ASP C 386 -14.86 -7.90 -45.12
CA ASP C 386 -14.79 -8.81 -44.00
C ASP C 386 -14.85 -10.24 -44.54
N ILE C 387 -13.78 -10.99 -44.35
CA ILE C 387 -13.73 -12.35 -44.87
C ILE C 387 -13.94 -13.44 -43.81
N LEU C 388 -14.65 -14.49 -44.22
CA LEU C 388 -14.82 -15.68 -43.39
C LEU C 388 -13.95 -16.79 -43.94
N VAL C 389 -13.24 -17.48 -43.06
CA VAL C 389 -12.44 -18.61 -43.48
C VAL C 389 -13.30 -19.85 -43.41
N THR C 390 -13.46 -20.51 -44.55
CA THR C 390 -14.24 -21.73 -44.65
C THR C 390 -13.36 -22.97 -44.70
N LYS C 391 -14.02 -24.11 -44.86
CA LYS C 391 -13.38 -25.42 -44.80
C LYS C 391 -12.22 -25.60 -45.78
N ASP C 392 -12.37 -25.06 -46.98
CA ASP C 392 -11.36 -25.27 -48.02
C ASP C 392 -11.03 -23.97 -48.76
N GLY C 393 -11.56 -22.87 -48.26
CA GLY C 393 -11.26 -21.57 -48.83
C GLY C 393 -11.77 -20.44 -47.96
N HIS C 394 -12.40 -19.47 -48.60
CA HIS C 394 -12.90 -18.30 -47.92
C HIS C 394 -14.25 -17.90 -48.48
N GLU C 395 -15.01 -17.15 -47.69
CA GLU C 395 -16.23 -16.54 -48.17
C GLU C 395 -16.19 -15.06 -47.86
N ASN C 396 -16.41 -14.23 -48.88
CA ASN C 396 -16.43 -12.78 -48.71
C ASN C 396 -17.79 -12.35 -48.20
N LEU C 397 -17.86 -12.03 -46.92
CA LEU C 397 -19.13 -11.68 -46.30
C LEU C 397 -19.72 -10.39 -46.87
N SER C 398 -18.88 -9.54 -47.44
CA SER C 398 -19.37 -8.25 -47.92
C SER C 398 -19.32 -8.10 -49.43
N LYS C 399 -19.40 -9.22 -50.13
CA LYS C 399 -19.30 -9.22 -51.58
C LYS C 399 -20.39 -8.38 -52.26
N ASP C 400 -21.56 -8.27 -51.63
CA ASP C 400 -22.69 -7.54 -52.23
C ASP C 400 -22.42 -6.08 -52.37
N ILE C 401 -21.39 -5.58 -51.69
CA ILE C 401 -21.03 -4.18 -51.79
C ILE C 401 -20.29 -3.94 -53.10
N ILE C 402 -20.85 -3.09 -53.96
CA ILE C 402 -20.23 -2.80 -55.26
C ILE C 402 -18.93 -2.02 -55.12
N ARG C 403 -17.89 -2.46 -55.83
CA ARG C 403 -16.55 -1.90 -55.66
C ARG C 403 -15.95 -1.31 -56.94
N GLU C 404 -16.32 -1.86 -58.09
CA GLU C 404 -15.71 -1.43 -59.36
C GLU C 404 -15.97 0.04 -59.62
N VAL C 405 -15.05 0.68 -60.34
CA VAL C 405 -15.17 2.11 -60.62
C VAL C 405 -16.41 2.42 -61.45
N GLU C 406 -16.73 1.55 -62.40
CA GLU C 406 -17.90 1.76 -63.24
C GLU C 406 -19.17 1.51 -62.45
N GLU C 407 -19.14 0.51 -61.57
CA GLU C 407 -20.29 0.19 -60.75
C GLU C 407 -20.69 1.37 -59.89
N ILE C 408 -19.67 2.07 -59.36
CA ILE C 408 -19.88 3.21 -58.47
C ILE C 408 -20.38 4.42 -59.23
N GLU C 409 -19.66 4.79 -60.29
CA GLU C 409 -20.07 5.92 -61.11
C GLU C 409 -21.48 5.71 -61.64
N GLU C 410 -21.80 4.49 -62.01
CA GLU C 410 -23.13 4.17 -62.47
C GLU C 410 -24.13 4.40 -61.35
N PHE C 411 -23.87 3.76 -60.21
CA PHE C 411 -24.76 3.84 -59.05
C PHE C 411 -25.08 5.28 -58.63
N MSE C 412 -24.08 6.14 -58.69
CA MSE C 412 -24.26 7.52 -58.29
C MSE C 412 -25.05 8.30 -59.34
O MSE C 412 -25.79 9.21 -59.03
CB MSE C 412 -22.91 8.18 -58.02
CG MSE C 412 -22.16 7.56 -56.85
SE MSE C 412 -20.60 8.60 -56.25
CE MSE C 412 -21.51 10.06 -55.33
N ARG C 413 -24.87 7.91 -60.60
CA ARG C 413 -25.58 8.55 -61.70
C ARG C 413 -27.06 8.16 -61.61
N GLU C 414 -27.30 6.88 -61.36
CA GLU C 414 -28.66 6.39 -61.20
C GLU C 414 -29.35 7.00 -59.99
N ASN C 415 -28.66 6.99 -58.85
CA ASN C 415 -29.33 7.29 -57.58
C ASN C 415 -29.06 8.68 -57.00
N ASN C 416 -27.97 9.30 -57.38
CA ASN C 416 -27.59 10.56 -56.73
C ASN C 416 -28.30 11.78 -57.29
N VAL C 417 -29.19 12.33 -56.46
CA VAL C 417 -30.00 13.50 -56.80
C VAL C 417 -29.25 14.56 -57.60
N ASN C 418 -28.00 14.84 -57.23
CA ASN C 418 -27.25 15.93 -57.88
C ASN C 418 -26.02 15.52 -58.70
N VAL C 419 -26.27 14.74 -59.75
CA VAL C 419 -25.22 14.36 -60.71
C VAL C 419 -25.78 14.44 -62.13
N MSE D 1 -15.93 31.45 -28.52
CA MSE D 1 -15.40 31.45 -27.12
C MSE D 1 -13.89 31.77 -27.15
O MSE D 1 -13.09 30.95 -27.56
CB MSE D 1 -15.67 30.09 -26.47
CG MSE D 1 -16.00 30.15 -24.97
SE MSE D 1 -17.29 31.52 -24.38
CE MSE D 1 -18.85 30.41 -24.00
N LYS D 2 -13.53 32.98 -26.72
CA LYS D 2 -12.17 33.49 -26.93
C LYS D 2 -11.40 33.55 -25.61
N SER D 3 -10.07 33.59 -25.69
CA SER D 3 -9.20 33.41 -24.52
C SER D 3 -9.46 34.33 -23.34
N LYS D 4 -9.86 35.57 -23.60
CA LYS D 4 -10.23 36.48 -22.52
C LYS D 4 -11.21 35.85 -21.53
N PHE D 5 -12.14 35.03 -22.03
CA PHE D 5 -13.10 34.35 -21.16
C PHE D 5 -12.42 33.49 -20.09
N PHE D 6 -11.50 32.64 -20.54
CA PHE D 6 -10.81 31.72 -19.65
C PHE D 6 -9.83 32.47 -18.78
N ALA D 7 -9.25 33.54 -19.32
CA ALA D 7 -8.28 34.30 -18.57
C ALA D 7 -8.97 34.88 -17.34
N GLN D 8 -10.20 35.32 -17.52
CA GLN D 8 -10.97 35.90 -16.43
C GLN D 8 -11.40 34.84 -15.45
N ASN D 9 -11.69 33.65 -15.94
CA ASN D 9 -12.01 32.54 -15.08
C ASN D 9 -10.84 32.28 -14.12
N ARG D 10 -9.62 32.25 -14.65
CA ARG D 10 -8.46 32.06 -13.81
C ARG D 10 -8.21 33.19 -12.80
N GLU D 11 -8.55 34.42 -13.17
CA GLU D 11 -8.38 35.55 -12.25
C GLU D 11 -9.31 35.40 -11.06
N ARG D 12 -10.53 34.93 -11.33
CA ARG D 12 -11.53 34.72 -10.28
C ARG D 12 -11.12 33.56 -9.40
N LEU D 13 -10.64 32.51 -10.04
CA LEU D 13 -10.18 31.32 -9.34
C LEU D 13 -9.06 31.67 -8.41
N VAL D 14 -8.12 32.48 -8.90
CA VAL D 14 -7.01 32.95 -8.07
C VAL D 14 -7.46 33.63 -6.79
N ASN D 15 -8.52 34.44 -6.88
CA ASN D 15 -9.00 35.17 -5.72
C ASN D 15 -9.70 34.28 -4.70
N THR D 16 -9.92 33.02 -5.03
CA THR D 16 -10.52 32.12 -4.07
C THR D 16 -9.47 31.26 -3.40
N LEU D 17 -8.26 31.26 -3.96
CA LEU D 17 -7.18 30.42 -3.43
C LEU D 17 -6.28 31.17 -2.48
N PRO D 18 -5.86 30.52 -1.38
CA PRO D 18 -4.93 31.11 -0.44
C PRO D 18 -3.59 31.44 -1.10
N ASP D 19 -2.78 32.26 -0.44
CA ASP D 19 -1.45 32.58 -0.93
C ASP D 19 -0.50 31.43 -0.63
N GLU D 20 0.68 31.44 -1.23
CA GLU D 20 1.66 30.40 -0.99
C GLU D 20 1.09 29.02 -1.30
N SER D 21 0.47 28.86 -2.46
CA SER D 21 -0.13 27.59 -2.83
C SER D 21 0.01 27.30 -4.30
N ILE D 22 0.07 26.03 -4.66
CA ILE D 22 0.06 25.65 -6.05
C ILE D 22 -1.19 24.82 -6.39
N THR D 23 -1.68 24.90 -7.63
CA THR D 23 -2.88 24.19 -8.04
C THR D 23 -2.61 23.47 -9.34
N ILE D 24 -2.99 22.21 -9.44
CA ILE D 24 -2.73 21.49 -10.67
C ILE D 24 -4.00 20.86 -11.22
N LEU D 25 -4.24 21.05 -12.51
CA LEU D 25 -5.40 20.43 -13.14
C LEU D 25 -4.98 19.52 -14.27
N PHE D 26 -5.64 18.38 -14.38
CA PHE D 26 -5.34 17.42 -15.46
C PHE D 26 -6.46 17.31 -16.49
N ALA D 27 -6.10 17.45 -17.76
CA ALA D 27 -7.03 17.25 -18.86
C ALA D 27 -7.61 15.83 -18.87
N GLY D 28 -6.78 14.85 -18.53
CA GLY D 28 -7.22 13.46 -18.52
C GLY D 28 -7.10 12.75 -19.86
N GLN D 29 -7.48 11.47 -19.88
CA GLN D 29 -7.54 10.74 -21.15
C GLN D 29 -8.86 9.97 -21.23
N ALA D 30 -9.25 9.60 -22.45
CA ALA D 30 -10.49 8.87 -22.64
C ALA D 30 -10.35 7.50 -22.00
N PRO D 31 -11.39 7.05 -21.31
CA PRO D 31 -11.37 5.72 -20.68
C PRO D 31 -11.43 4.53 -21.65
N HIS D 32 -10.88 3.40 -21.22
CA HIS D 32 -10.95 2.16 -21.98
C HIS D 32 -12.40 1.76 -22.17
N MSE D 33 -12.73 1.26 -23.37
CA MSE D 33 -14.10 0.86 -23.68
C MSE D 33 -14.20 -0.64 -23.86
O MSE D 33 -14.91 -1.32 -23.15
CB MSE D 33 -14.58 1.56 -24.95
CG MSE D 33 -15.97 1.13 -25.40
SE MSE D 33 -16.70 2.33 -26.77
CE MSE D 33 -15.82 1.66 -28.38
N SER D 34 -13.48 -1.16 -24.86
CA SER D 34 -13.45 -2.59 -25.12
C SER D 34 -12.25 -2.88 -26.00
N ALA D 35 -11.58 -3.99 -25.72
CA ALA D 35 -10.40 -4.36 -26.48
C ALA D 35 -9.45 -3.18 -26.58
N ASP D 36 -9.02 -2.83 -27.79
CA ASP D 36 -8.10 -1.71 -27.95
C ASP D 36 -8.84 -0.38 -28.11
N ALA D 37 -10.16 -0.39 -28.04
CA ALA D 37 -10.93 0.83 -28.25
C ALA D 37 -11.16 1.64 -26.97
N HIS D 38 -11.15 2.96 -27.11
CA HIS D 38 -11.51 3.85 -26.03
C HIS D 38 -12.81 4.59 -26.35
N TYR D 39 -13.47 5.09 -25.31
CA TYR D 39 -14.63 5.94 -25.52
C TYR D 39 -14.22 7.26 -26.20
N LYS D 40 -15.20 8.02 -26.68
CA LYS D 40 -14.92 9.36 -27.16
C LYS D 40 -14.42 10.21 -26.00
N PHE D 41 -13.36 10.98 -26.26
CA PHE D 41 -12.83 11.83 -25.21
C PHE D 41 -13.84 12.90 -24.84
N VAL D 42 -14.02 13.11 -23.54
CA VAL D 42 -14.92 14.14 -23.01
C VAL D 42 -14.12 15.13 -22.16
N PRO D 43 -13.90 16.34 -22.68
CA PRO D 43 -13.10 17.27 -21.91
C PRO D 43 -13.60 17.41 -20.47
N ASN D 44 -12.71 17.33 -19.50
CA ASN D 44 -13.09 17.59 -18.12
C ASN D 44 -13.54 19.05 -18.01
N ARG D 45 -14.76 19.26 -17.56
CA ARG D 45 -15.37 20.59 -17.61
C ARG D 45 -14.62 21.62 -16.75
N ASN D 46 -14.18 21.22 -15.57
CA ASN D 46 -13.37 22.14 -14.76
C ASN D 46 -12.07 22.51 -15.45
N PHE D 47 -11.40 21.53 -16.05
CA PHE D 47 -10.14 21.81 -16.69
C PHE D 47 -10.39 22.74 -17.85
N TYR D 48 -11.43 22.45 -18.62
CA TYR D 48 -11.76 23.22 -19.80
C TYR D 48 -12.11 24.64 -19.44
N TYR D 49 -12.93 24.79 -18.40
CA TYR D 49 -13.41 26.09 -17.98
C TYR D 49 -12.26 26.98 -17.58
N VAL D 50 -11.18 26.35 -17.14
CA VAL D 50 -10.03 27.10 -16.67
C VAL D 50 -8.98 27.41 -17.75
N THR D 51 -8.82 26.49 -18.70
CA THR D 51 -7.74 26.59 -19.67
C THR D 51 -8.25 26.87 -21.06
N GLY D 52 -9.47 26.44 -21.34
CA GLY D 52 -10.01 26.54 -22.69
C GLY D 52 -9.43 25.49 -23.61
N ILE D 53 -8.89 24.42 -23.06
CA ILE D 53 -8.25 23.41 -23.88
C ILE D 53 -9.03 22.12 -23.91
N ASP D 54 -9.36 21.62 -25.10
CA ASP D 54 -10.26 20.49 -25.21
C ASP D 54 -9.59 19.18 -25.58
N GLU D 55 -8.28 19.15 -25.55
CA GLU D 55 -7.52 17.95 -25.81
C GLU D 55 -7.20 17.20 -24.55
N PRO D 56 -6.88 15.94 -24.70
CA PRO D 56 -6.39 15.13 -23.61
C PRO D 56 -4.95 15.29 -23.27
N ASN D 57 -4.70 14.99 -21.94
CA ASN D 57 -3.30 14.78 -21.61
C ASN D 57 -2.45 16.03 -21.43
N VAL D 58 -3.11 17.18 -21.49
CA VAL D 58 -2.46 18.42 -21.13
C VAL D 58 -2.49 18.59 -19.64
N ILE D 59 -1.58 19.37 -19.09
CA ILE D 59 -1.62 19.68 -17.68
C ILE D 59 -1.52 21.16 -17.39
N PHE D 60 -2.27 21.61 -16.41
CA PHE D 60 -2.29 23.02 -16.07
C PHE D 60 -1.79 23.21 -14.66
N MSE D 61 -1.09 24.33 -14.44
CA MSE D 61 -0.49 24.61 -13.13
C MSE D 61 -0.55 26.09 -12.78
O MSE D 61 -0.25 26.95 -13.61
CB MSE D 61 0.96 24.14 -13.11
CG MSE D 61 1.74 24.63 -11.91
SE MSE D 61 3.62 24.09 -12.02
CE MSE D 61 3.34 22.16 -11.77
N LEU D 62 -0.92 26.40 -11.54
CA LEU D 62 -1.06 27.77 -11.14
C LEU D 62 -0.37 28.00 -9.81
N LYS D 63 0.74 28.74 -9.84
CA LYS D 63 1.47 29.07 -8.62
C LYS D 63 1.04 30.43 -8.10
N LYS D 64 0.79 30.51 -6.80
CA LYS D 64 0.40 31.75 -6.19
C LYS D 64 1.37 32.03 -5.04
N PHE D 65 2.29 32.98 -5.21
CA PHE D 65 3.33 33.25 -4.22
C PHE D 65 3.62 34.72 -4.06
N GLY D 66 3.69 35.19 -2.83
CA GLY D 66 3.84 36.61 -2.57
C GLY D 66 2.77 37.36 -3.35
N ASN D 67 3.21 38.28 -4.21
CA ASN D 67 2.28 39.00 -5.08
C ASN D 67 2.25 38.38 -6.46
N SER D 68 3.14 37.43 -6.69
CA SER D 68 3.28 36.76 -7.99
C SER D 68 2.16 35.77 -8.27
N VAL D 69 1.91 35.54 -9.55
CA VAL D 69 0.96 34.54 -9.98
C VAL D 69 1.43 33.98 -11.30
N GLU D 70 1.83 32.71 -11.34
CA GLU D 70 2.37 32.13 -12.55
C GLU D 70 1.57 30.93 -13.09
N GLU D 71 1.04 31.11 -14.30
CA GLU D 71 0.27 30.07 -14.98
C GLU D 71 1.11 29.35 -16.03
N THR D 72 1.05 28.03 -16.04
CA THR D 72 1.85 27.24 -16.96
C THR D 72 1.02 26.13 -17.56
N LEU D 73 1.25 25.82 -18.83
CA LEU D 73 0.65 24.66 -19.48
C LEU D 73 1.71 23.67 -19.89
N PHE D 74 1.43 22.38 -19.72
CA PHE D 74 2.27 21.31 -20.26
C PHE D 74 1.55 20.57 -21.37
N ILE D 75 2.10 20.57 -22.58
CA ILE D 75 1.45 19.88 -23.70
C ILE D 75 2.32 18.78 -24.27
N GLU D 76 1.73 17.97 -25.15
CA GLU D 76 2.44 16.88 -25.80
C GLU D 76 3.37 17.42 -26.88
N LYS D 77 4.55 16.82 -27.00
CA LYS D 77 5.43 17.11 -28.12
C LYS D 77 4.84 16.47 -29.37
N SER D 78 5.18 16.99 -30.55
CA SER D 78 4.66 16.41 -31.79
C SER D 78 5.31 15.06 -32.08
N ASP D 79 4.55 14.15 -32.69
CA ASP D 79 5.04 12.81 -33.05
C ASP D 79 4.66 12.46 -34.49
N PRO D 80 5.60 12.63 -35.43
CA PRO D 80 5.37 12.50 -36.87
C PRO D 80 4.69 11.19 -37.28
N VAL D 81 4.84 10.16 -36.46
CA VAL D 81 4.22 8.86 -36.73
C VAL D 81 2.73 8.85 -36.37
N MSE D 82 2.40 9.35 -35.18
CA MSE D 82 1.02 9.43 -34.73
C MSE D 82 0.17 10.41 -35.55
O MSE D 82 -1.04 10.26 -35.66
CB MSE D 82 0.95 9.79 -33.24
CG MSE D 82 1.21 8.60 -32.32
SE MSE D 82 -0.01 7.09 -32.63
CE MSE D 82 -1.62 7.83 -31.79
N GLU D 83 0.82 11.42 -36.13
CA GLU D 83 0.14 12.41 -36.93
C GLU D 83 -0.48 11.77 -38.17
N LYS D 84 -0.01 10.57 -38.48
CA LYS D 84 -0.52 9.85 -39.64
C LYS D 84 -1.72 8.99 -39.27
N TRP D 85 -1.96 8.85 -37.96
CA TRP D 85 -3.07 8.04 -37.49
C TRP D 85 -4.21 8.87 -36.92
N VAL D 86 -3.86 9.90 -36.14
CA VAL D 86 -4.85 10.68 -35.39
C VAL D 86 -4.81 12.17 -35.70
N GLY D 87 -3.76 12.62 -36.38
CA GLY D 87 -3.61 14.03 -36.75
C GLY D 87 -2.75 14.79 -35.75
N LYS D 88 -2.57 16.08 -36.00
CA LYS D 88 -1.73 16.89 -35.11
C LYS D 88 -2.42 17.17 -33.77
N THR D 89 -1.64 17.10 -32.68
CA THR D 89 -2.13 17.57 -31.39
C THR D 89 -1.86 19.07 -31.30
N VAL D 90 -2.52 19.74 -30.36
CA VAL D 90 -2.37 21.18 -30.22
C VAL D 90 -0.89 21.58 -30.16
N SER D 91 -0.57 22.67 -30.83
CA SER D 91 0.82 23.13 -30.92
C SER D 91 1.15 24.17 -29.86
N ASN D 92 2.44 24.34 -29.64
CA ASN D 92 2.93 25.33 -28.70
CA ASN D 92 2.96 25.34 -28.72
C ASN D 92 2.19 26.66 -28.84
N GLU D 93 2.07 27.16 -30.06
CA GLU D 93 1.45 28.46 -30.31
C GLU D 93 -0.07 28.47 -30.22
N GLU D 94 -0.69 27.46 -30.81
CA GLU D 94 -2.14 27.34 -30.75
C GLU D 94 -2.63 27.33 -29.28
N ALA D 95 -1.94 26.58 -28.43
CA ALA D 95 -2.29 26.46 -27.02
C ALA D 95 -2.28 27.82 -26.34
N GLU D 96 -1.26 28.61 -26.64
CA GLU D 96 -1.16 29.96 -26.10
C GLU D 96 -2.32 30.82 -26.57
N LYS D 97 -2.62 30.77 -27.86
CA LYS D 97 -3.66 31.60 -28.45
C LYS D 97 -5.03 31.27 -27.85
N ILE D 98 -5.29 29.98 -27.67
CA ILE D 98 -6.58 29.51 -27.16
C ILE D 98 -6.81 29.84 -25.69
N SER D 99 -5.82 29.50 -24.85
CA SER D 99 -5.94 29.65 -23.42
C SER D 99 -5.68 31.06 -22.93
N GLY D 100 -4.82 31.78 -23.64
CA GLY D 100 -4.35 33.07 -23.17
C GLY D 100 -3.22 32.91 -22.17
N ILE D 101 -2.77 31.68 -21.96
CA ILE D 101 -1.68 31.39 -21.05
C ILE D 101 -0.34 31.50 -21.77
N LYS D 102 0.51 32.39 -21.28
CA LYS D 102 1.74 32.73 -21.98
C LYS D 102 2.77 31.60 -21.96
N LYS D 103 3.05 31.05 -20.78
CA LYS D 103 4.07 30.02 -20.68
C LYS D 103 3.54 28.63 -21.06
N VAL D 104 4.05 28.07 -22.14
CA VAL D 104 3.62 26.75 -22.56
C VAL D 104 4.80 25.85 -22.79
N ILE D 105 4.95 24.84 -21.95
CA ILE D 105 6.05 23.91 -22.05
C ILE D 105 5.57 22.46 -22.28
N TYR D 106 6.49 21.50 -22.26
CA TYR D 106 6.15 20.13 -22.62
C TYR D 106 6.10 19.13 -21.46
N LEU D 107 5.29 18.09 -21.63
CA LEU D 107 5.03 17.14 -20.56
C LEU D 107 6.28 16.42 -20.10
N ASP D 108 7.27 16.34 -20.97
CA ASP D 108 8.45 15.57 -20.64
C ASP D 108 9.32 16.28 -19.60
N SER D 109 8.87 17.48 -19.20
CA SER D 109 9.56 18.25 -18.20
C SER D 109 8.66 18.47 -16.98
N PHE D 110 7.54 17.78 -16.96
CA PHE D 110 6.62 17.90 -15.85
C PHE D 110 7.24 17.34 -14.56
N GLU D 111 7.85 16.16 -14.65
CA GLU D 111 8.42 15.54 -13.47
C GLU D 111 9.51 16.39 -12.81
N LYS D 112 10.44 16.90 -13.59
CA LYS D 112 11.48 17.75 -13.02
C LYS D 112 10.90 18.99 -12.36
N THR D 113 9.87 19.57 -12.97
CA THR D 113 9.19 20.72 -12.38
C THR D 113 8.60 20.36 -11.02
N MSE D 114 7.97 19.19 -10.94
CA MSE D 114 7.46 18.70 -9.66
C MSE D 114 8.55 18.67 -8.62
O MSE D 114 8.33 19.12 -7.50
CB MSE D 114 6.88 17.30 -9.81
CG MSE D 114 5.53 17.27 -10.52
SE MSE D 114 4.24 18.53 -9.76
CE MSE D 114 4.57 20.04 -10.96
N SER D 115 9.71 18.15 -8.98
CA SER D 115 10.82 18.05 -8.02
C SER D 115 11.16 19.43 -7.50
N ASN D 116 11.32 20.38 -8.42
CA ASN D 116 11.64 21.73 -8.02
C ASN D 116 10.55 22.37 -7.17
N ILE D 117 9.31 22.26 -7.60
CA ILE D 117 8.22 22.85 -6.85
C ILE D 117 8.22 22.39 -5.39
N PHE D 118 8.35 21.07 -5.17
CA PHE D 118 8.14 20.52 -3.84
C PHE D 118 9.38 20.37 -2.97
N PHE D 119 10.54 20.47 -3.61
CA PHE D 119 11.78 20.52 -2.86
C PHE D 119 12.34 21.95 -2.80
N THR D 120 12.90 22.40 -3.91
CA THR D 120 13.59 23.68 -3.98
C THR D 120 12.74 24.84 -3.49
N GLU D 121 11.48 24.89 -3.87
CA GLU D 121 10.66 26.02 -3.52
C GLU D 121 9.84 25.82 -2.26
N ASN D 122 10.04 24.70 -1.58
CA ASN D 122 9.38 24.45 -0.30
C ASN D 122 7.90 24.75 -0.27
N VAL D 123 7.19 24.32 -1.31
CA VAL D 123 5.76 24.54 -1.39
C VAL D 123 5.06 23.64 -0.40
N LYS D 124 4.08 24.17 0.33
CA LYS D 124 3.49 23.41 1.41
C LYS D 124 2.00 23.14 1.20
N HIS D 125 1.42 23.82 0.21
CA HIS D 125 -0.01 23.76 0.03
C HIS D 125 -0.31 23.46 -1.45
N LEU D 126 -0.90 22.30 -1.70
CA LEU D 126 -1.22 21.87 -3.04
C LEU D 126 -2.71 21.70 -3.19
N TYR D 127 -3.27 22.22 -4.27
CA TYR D 127 -4.69 22.01 -4.53
C TYR D 127 -4.90 21.15 -5.77
N LEU D 128 -5.78 20.16 -5.65
CA LEU D 128 -6.18 19.33 -6.77
C LEU D 128 -7.70 19.36 -6.95
N ASP D 129 -8.14 18.98 -8.15
CA ASP D 129 -9.57 18.86 -8.41
C ASP D 129 -9.98 17.45 -8.00
N LEU D 130 -10.47 17.31 -6.77
CA LEU D 130 -10.74 15.98 -6.20
C LEU D 130 -12.22 15.63 -6.23
N GLU D 131 -12.80 15.51 -7.42
CA GLU D 131 -14.19 15.12 -7.52
C GLU D 131 -14.26 13.64 -7.21
N CYS D 132 -14.83 13.27 -6.07
CA CYS D 132 -14.99 11.86 -5.79
C CYS D 132 -16.42 11.53 -5.37
N ARG D 133 -17.20 10.95 -6.28
CA ARG D 133 -18.64 10.86 -6.10
C ARG D 133 -19.07 9.58 -5.42
N GLU D 134 -18.17 8.62 -5.35
CA GLU D 134 -18.50 7.34 -4.81
C GLU D 134 -17.50 6.98 -3.73
N TRP D 135 -18.04 6.54 -2.59
CA TRP D 135 -17.24 6.07 -1.46
C TRP D 135 -16.38 4.88 -1.85
N LYS D 136 -16.94 3.94 -2.61
CA LYS D 136 -16.15 2.78 -3.05
C LYS D 136 -15.63 2.88 -4.48
N GLY D 137 -15.52 4.10 -4.99
CA GLY D 137 -14.96 4.33 -6.30
C GLY D 137 -13.60 3.67 -6.47
N THR D 138 -13.15 3.55 -7.70
CA THR D 138 -11.85 2.96 -7.98
C THR D 138 -10.81 4.08 -8.13
N GLU D 139 -9.55 3.77 -7.83
CA GLU D 139 -8.50 4.79 -7.91
C GLU D 139 -8.41 5.46 -9.29
N THR D 140 -8.24 6.78 -9.29
CA THR D 140 -8.13 7.53 -10.53
C THR D 140 -6.77 8.20 -10.60
N LYS D 141 -6.37 8.62 -11.79
CA LYS D 141 -5.05 9.24 -11.95
C LYS D 141 -4.82 10.38 -10.96
N THR D 142 -5.87 11.15 -10.68
CA THR D 142 -5.74 12.26 -9.75
C THR D 142 -5.56 11.81 -8.31
N LEU D 143 -6.36 10.84 -7.87
CA LEU D 143 -6.18 10.26 -6.53
C LEU D 143 -4.84 9.54 -6.40
N ALA D 144 -4.37 8.93 -7.49
CA ALA D 144 -3.09 8.25 -7.48
C ALA D 144 -1.99 9.29 -7.34
N PHE D 145 -2.23 10.45 -7.96
CA PHE D 145 -1.32 11.57 -7.88
C PHE D 145 -1.25 12.09 -6.43
N ALA D 146 -2.41 12.29 -5.81
CA ALA D 146 -2.41 12.78 -4.43
C ALA D 146 -1.68 11.77 -3.55
N LYS D 147 -1.89 10.49 -3.81
CA LYS D 147 -1.26 9.47 -3.00
C LYS D 147 0.24 9.63 -3.12
N HIS D 148 0.70 9.89 -4.34
CA HIS D 148 2.13 10.01 -4.57
C HIS D 148 2.67 11.25 -3.85
N VAL D 149 1.97 12.36 -3.99
CA VAL D 149 2.40 13.56 -3.29
C VAL D 149 2.53 13.31 -1.79
N ARG D 150 1.56 12.58 -1.25
CA ARG D 150 1.50 12.24 0.18
C ARG D 150 2.70 11.35 0.60
N GLU D 151 3.08 10.40 -0.24
CA GLU D 151 4.19 9.53 0.10
CA GLU D 151 4.20 9.52 0.05
C GLU D 151 5.55 10.21 -0.04
N GLN D 152 5.70 11.12 -1.01
CA GLN D 152 6.99 11.76 -1.22
C GLN D 152 7.18 13.04 -0.44
N TYR D 153 6.09 13.74 -0.19
CA TYR D 153 6.13 15.01 0.50
C TYR D 153 5.06 15.01 1.56
N PRO D 154 5.25 14.17 2.60
CA PRO D 154 4.24 13.94 3.63
C PRO D 154 3.82 15.21 4.34
N HIS D 155 4.62 16.26 4.24
CA HIS D 155 4.29 17.47 4.99
C HIS D 155 3.37 18.37 4.20
N VAL D 156 3.22 18.10 2.92
CA VAL D 156 2.42 18.96 2.04
C VAL D 156 0.93 18.83 2.34
N THR D 157 0.26 19.96 2.50
CA THR D 157 -1.19 19.98 2.71
C THR D 157 -1.92 19.94 1.39
N ILE D 158 -2.92 19.07 1.29
CA ILE D 158 -3.67 18.94 0.06
C ILE D 158 -5.07 19.51 0.19
N GLY D 159 -5.40 20.47 -0.68
CA GLY D 159 -6.73 21.08 -0.70
C GLY D 159 -7.52 20.67 -1.95
N ASN D 160 -8.85 20.79 -1.86
CA ASN D 160 -9.74 20.44 -2.97
C ASN D 160 -10.25 21.69 -3.71
N VAL D 161 -9.92 21.82 -4.99
CA VAL D 161 -10.32 23.02 -5.68
C VAL D 161 -11.65 22.83 -6.43
N TYR D 162 -12.15 21.60 -6.43
CA TYR D 162 -13.39 21.32 -7.15
C TYR D 162 -14.47 22.32 -6.75
N PRO D 163 -14.71 22.48 -5.46
CA PRO D 163 -15.79 23.38 -5.03
C PRO D 163 -15.59 24.81 -5.54
N ASN D 164 -14.33 25.26 -5.59
CA ASN D 164 -14.01 26.61 -5.99
C ASN D 164 -14.46 26.85 -7.42
N ILE D 165 -14.11 25.94 -8.31
CA ILE D 165 -14.44 26.11 -9.71
C ILE D 165 -15.94 25.92 -9.94
N CYS D 166 -16.55 24.94 -9.29
CA CYS D 166 -17.97 24.78 -9.50
C CYS D 166 -18.71 26.08 -9.18
N GLU D 167 -18.37 26.72 -8.08
CA GLU D 167 -19.13 27.90 -7.66
C GLU D 167 -18.97 29.03 -8.67
N LEU D 168 -17.89 28.98 -9.43
CA LEU D 168 -17.70 29.99 -10.48
C LEU D 168 -18.53 29.63 -11.71
N ARG D 169 -18.69 28.33 -11.94
CA ARG D 169 -19.42 27.87 -13.10
C ARG D 169 -20.91 28.15 -12.96
N VAL D 170 -21.34 28.39 -11.73
CA VAL D 170 -22.75 28.61 -11.42
C VAL D 170 -23.28 29.91 -12.02
N PHE D 171 -22.39 30.89 -12.16
CA PHE D 171 -22.74 32.19 -12.70
C PHE D 171 -22.23 32.33 -14.13
N LYS D 172 -23.13 32.19 -15.10
CA LYS D 172 -22.75 32.29 -16.52
C LYS D 172 -22.57 33.75 -16.95
N THR D 173 -21.66 33.96 -17.89
CA THR D 173 -21.53 35.26 -18.56
C THR D 173 -22.38 35.28 -19.82
N ASP D 174 -22.44 36.43 -20.48
CA ASP D 174 -23.27 36.57 -21.66
C ASP D 174 -22.84 35.64 -22.78
N GLU D 175 -21.53 35.52 -23.01
CA GLU D 175 -21.05 34.66 -24.09
C GLU D 175 -21.51 33.23 -23.87
N GLU D 176 -21.47 32.80 -22.62
CA GLU D 176 -21.91 31.46 -22.25
C GLU D 176 -23.39 31.30 -22.55
N ILE D 177 -24.18 32.24 -22.07
CA ILE D 177 -25.60 32.16 -22.33
C ILE D 177 -25.88 32.04 -23.83
N GLU D 178 -25.20 32.84 -24.64
CA GLU D 178 -25.39 32.76 -26.08
C GLU D 178 -25.24 31.32 -26.59
N ILE D 179 -24.17 30.65 -26.16
CA ILE D 179 -23.91 29.30 -26.66
C ILE D 179 -25.04 28.37 -26.25
N ILE D 180 -25.45 28.47 -25.00
CA ILE D 180 -26.62 27.74 -24.55
C ILE D 180 -27.81 28.02 -25.49
N LYS D 181 -28.04 29.30 -25.79
CA LYS D 181 -29.11 29.68 -26.71
C LYS D 181 -29.00 28.98 -28.05
N GLU D 182 -27.78 28.88 -28.58
CA GLU D 182 -27.58 28.19 -29.84
C GLU D 182 -27.93 26.72 -29.70
N ALA D 183 -27.53 26.13 -28.58
CA ALA D 183 -27.78 24.73 -28.35
C ALA D 183 -29.28 24.48 -28.30
N ILE D 184 -30.00 25.35 -27.58
CA ILE D 184 -31.43 25.25 -27.50
C ILE D 184 -32.06 25.40 -28.89
N ALA D 185 -31.64 26.43 -29.62
CA ALA D 185 -32.12 26.66 -30.98
C ALA D 185 -32.12 25.37 -31.79
N VAL D 186 -30.97 24.71 -31.86
CA VAL D 186 -30.88 23.47 -32.62
C VAL D 186 -31.82 22.41 -32.07
N THR D 187 -31.86 22.32 -30.76
CA THR D 187 -32.75 21.36 -30.13
C THR D 187 -34.18 21.58 -30.64
N LYS D 188 -34.58 22.85 -30.72
CA LYS D 188 -35.89 23.18 -31.26
C LYS D 188 -36.07 22.61 -32.66
N ASP D 189 -35.14 22.94 -33.56
CA ASP D 189 -35.16 22.39 -34.90
C ASP D 189 -35.33 20.86 -34.87
N GLY D 190 -34.58 20.19 -34.00
CA GLY D 190 -34.60 18.74 -33.94
C GLY D 190 -35.98 18.26 -33.53
N ILE D 191 -36.56 18.97 -32.56
CA ILE D 191 -37.88 18.62 -32.08
C ILE D 191 -38.94 18.82 -33.17
N TYR D 192 -38.92 19.98 -33.81
CA TYR D 192 -39.88 20.26 -34.86
C TYR D 192 -39.79 19.21 -35.95
N ASN D 193 -38.57 18.76 -36.23
CA ASN D 193 -38.37 17.73 -37.22
C ASN D 193 -39.07 16.44 -36.81
N VAL D 194 -38.95 16.10 -35.54
CA VAL D 194 -39.67 14.95 -35.00
C VAL D 194 -41.19 15.11 -35.19
N LEU D 195 -41.72 16.28 -34.84
CA LEU D 195 -43.14 16.52 -34.92
C LEU D 195 -43.64 16.40 -36.36
N LYS D 196 -42.79 16.74 -37.32
CA LYS D 196 -43.23 16.76 -38.69
C LYS D 196 -43.14 15.38 -39.31
N HIS D 197 -42.54 14.44 -38.59
CA HIS D 197 -42.30 13.10 -39.13
C HIS D 197 -42.98 11.99 -38.36
N ALA D 198 -43.63 12.33 -37.25
CA ALA D 198 -44.19 11.31 -36.37
C ALA D 198 -45.52 10.78 -36.84
N LYS D 199 -45.78 9.51 -36.57
CA LYS D 199 -47.06 8.89 -36.87
C LYS D 199 -47.20 7.65 -36.01
N ALA D 200 -48.39 7.05 -36.00
CA ALA D 200 -48.60 5.83 -35.25
C ALA D 200 -47.98 4.65 -35.99
N ASP D 201 -47.79 3.55 -35.29
CA ASP D 201 -47.21 2.34 -35.88
C ASP D 201 -45.86 2.65 -36.48
N MSE D 202 -44.94 3.03 -35.61
CA MSE D 202 -43.64 3.47 -36.01
C MSE D 202 -42.71 3.16 -34.84
O MSE D 202 -43.12 3.21 -33.68
CB MSE D 202 -43.68 4.96 -36.28
CG MSE D 202 -42.39 5.58 -36.71
SE MSE D 202 -42.60 7.52 -36.75
CE MSE D 202 -41.39 7.88 -38.26
N MSE D 203 -41.46 2.81 -35.14
CA MSE D 203 -40.52 2.50 -34.08
C MSE D 203 -40.00 3.75 -33.37
O MSE D 203 -39.68 4.76 -34.00
CB MSE D 203 -39.36 1.67 -34.65
CG MSE D 203 -39.24 0.26 -34.06
SE MSE D 203 -40.88 -0.79 -33.92
CE MSE D 203 -41.36 -0.86 -35.81
N GLU D 204 -39.92 3.69 -32.05
CA GLU D 204 -39.38 4.80 -31.28
C GLU D 204 -38.04 5.27 -31.84
N TYR D 205 -37.15 4.34 -32.18
CA TYR D 205 -35.85 4.73 -32.72
C TYR D 205 -35.96 5.45 -34.08
N GLU D 206 -36.94 5.06 -34.89
CA GLU D 206 -37.15 5.77 -36.16
C GLU D 206 -37.31 7.28 -35.90
N LEU D 207 -38.05 7.65 -34.86
CA LEU D 207 -38.18 9.06 -34.52
C LEU D 207 -36.87 9.61 -33.97
N GLU D 208 -36.18 8.80 -33.17
CA GLU D 208 -34.89 9.23 -32.63
C GLU D 208 -33.99 9.63 -33.78
N ALA D 209 -34.00 8.79 -34.81
CA ALA D 209 -33.14 9.01 -35.96
C ALA D 209 -33.37 10.39 -36.56
N GLN D 210 -34.62 10.83 -36.60
CA GLN D 210 -34.96 12.11 -37.20
C GLN D 210 -34.37 13.27 -36.38
N PHE D 211 -34.42 13.14 -35.05
CA PHE D 211 -33.83 14.14 -34.19
C PHE D 211 -32.29 14.13 -34.31
N ASP D 212 -31.70 12.94 -34.25
CA ASP D 212 -30.26 12.82 -34.44
C ASP D 212 -29.84 13.44 -35.77
N PHE D 213 -30.62 13.20 -36.82
CA PHE D 213 -30.27 13.74 -38.13
C PHE D 213 -30.21 15.26 -38.13
N THR D 214 -31.21 15.90 -37.55
CA THR D 214 -31.22 17.36 -37.55
C THR D 214 -29.96 17.91 -36.88
N LEU D 215 -29.59 17.34 -35.73
CA LEU D 215 -28.41 17.82 -35.00
C LEU D 215 -27.13 17.57 -35.78
N LYS D 216 -26.94 16.34 -36.24
CA LYS D 216 -25.72 15.99 -36.93
C LYS D 216 -25.53 16.87 -38.15
N SER D 217 -26.54 16.98 -39.00
CA SER D 217 -26.37 17.72 -40.25
C SER D 217 -26.21 19.20 -39.98
N SER D 218 -26.38 19.60 -38.72
CA SER D 218 -26.21 21.00 -38.36
C SER D 218 -24.86 21.26 -37.71
N GLY D 219 -24.03 20.22 -37.66
CA GLY D 219 -22.67 20.38 -37.18
C GLY D 219 -22.46 19.97 -35.74
N ILE D 220 -23.55 19.72 -35.02
CA ILE D 220 -23.45 19.34 -33.60
C ILE D 220 -22.85 17.96 -33.43
N LYS D 221 -21.72 17.89 -32.74
CA LYS D 221 -20.97 16.64 -32.60
C LYS D 221 -21.49 15.75 -31.48
N HIS D 222 -22.07 16.36 -30.46
CA HIS D 222 -22.56 15.56 -29.35
C HIS D 222 -23.93 16.00 -28.86
N HIS D 223 -24.64 15.07 -28.23
CA HIS D 223 -25.87 15.37 -27.52
C HIS D 223 -25.51 15.75 -26.08
N ALA D 224 -26.41 16.42 -25.38
CA ALA D 224 -26.21 16.71 -23.97
C ALA D 224 -26.15 15.41 -23.14
N PHE D 225 -27.03 14.48 -23.48
CA PHE D 225 -27.19 13.25 -22.73
C PHE D 225 -27.86 12.23 -23.64
N ASN D 226 -28.21 11.06 -23.10
CA ASN D 226 -28.84 10.04 -23.93
C ASN D 226 -30.29 10.35 -24.19
N THR D 227 -30.61 10.54 -25.48
CA THR D 227 -31.96 10.89 -25.86
C THR D 227 -32.95 9.96 -25.21
N ILE D 228 -33.98 10.54 -24.59
CA ILE D 228 -35.12 9.77 -24.11
C ILE D 228 -36.27 9.95 -25.09
N LEU D 229 -36.78 8.84 -25.64
CA LEU D 229 -37.90 8.94 -26.57
C LEU D 229 -38.93 7.89 -26.24
N ALA D 230 -39.79 8.20 -25.27
CA ALA D 230 -40.67 7.23 -24.66
C ALA D 230 -42.11 7.39 -25.10
N SER D 231 -42.71 6.31 -25.58
CA SER D 231 -44.11 6.33 -26.00
C SER D 231 -44.97 5.56 -24.99
N GLY D 232 -46.24 5.90 -24.93
CA GLY D 232 -47.17 5.24 -24.04
C GLY D 232 -46.65 5.00 -22.64
N LYS D 233 -46.74 3.74 -22.20
CA LYS D 233 -46.42 3.40 -20.84
C LYS D 233 -44.96 3.68 -20.54
N ASN D 234 -44.13 3.64 -21.57
CA ASN D 234 -42.70 3.85 -21.42
C ASN D 234 -42.30 5.20 -20.84
N ALA D 235 -43.15 6.22 -21.03
CA ALA D 235 -42.83 7.57 -20.57
C ALA D 235 -42.87 7.66 -19.06
N THR D 236 -43.38 6.60 -18.46
CA THR D 236 -43.45 6.41 -17.02
C THR D 236 -42.10 6.12 -16.38
N VAL D 237 -41.16 5.59 -17.17
CA VAL D 237 -39.81 5.40 -16.67
C VAL D 237 -39.00 6.66 -16.92
N LEU D 238 -38.58 7.32 -15.85
CA LEU D 238 -37.95 8.64 -15.95
C LEU D 238 -36.81 8.74 -16.95
N HIS D 239 -35.86 7.83 -16.87
CA HIS D 239 -34.72 7.85 -17.82
C HIS D 239 -34.75 6.70 -18.84
N TYR D 240 -35.96 6.31 -19.28
CA TYR D 240 -36.13 5.28 -20.31
C TYR D 240 -35.26 5.61 -21.51
N GLU D 241 -34.39 4.68 -21.90
CA GLU D 241 -33.46 4.92 -23.02
C GLU D 241 -33.50 3.86 -24.12
N ASP D 242 -34.12 2.72 -23.84
CA ASP D 242 -34.19 1.64 -24.81
C ASP D 242 -34.59 2.18 -26.17
N ASN D 243 -35.62 3.02 -26.19
CA ASN D 243 -36.10 3.65 -27.43
C ASN D 243 -36.45 2.67 -28.54
N ASP D 244 -36.89 1.48 -28.16
CA ASP D 244 -37.08 0.41 -29.14
C ASP D 244 -38.45 -0.24 -29.09
N ALA D 245 -39.46 0.51 -28.68
CA ALA D 245 -40.84 0.02 -28.70
C ALA D 245 -41.61 0.60 -29.89
N GLN D 246 -42.73 -0.02 -30.24
CA GLN D 246 -43.57 0.51 -31.29
C GLN D 246 -44.53 1.54 -30.73
N ILE D 247 -44.62 2.68 -31.40
CA ILE D 247 -45.54 3.74 -31.00
C ILE D 247 -46.94 3.34 -31.42
N GLN D 248 -47.82 3.15 -30.45
CA GLN D 248 -49.20 2.78 -30.73
C GLN D 248 -50.01 3.99 -31.12
N ASN D 249 -51.04 3.79 -31.94
CA ASN D 249 -51.95 4.89 -32.24
C ASN D 249 -52.65 5.25 -30.94
N GLY D 250 -52.72 6.55 -30.65
CA GLY D 250 -53.33 7.00 -29.40
C GLY D 250 -52.29 7.26 -28.31
N ASP D 251 -51.06 6.87 -28.59
CA ASP D 251 -49.95 7.07 -27.66
C ASP D 251 -49.49 8.50 -27.62
N LEU D 252 -49.04 8.92 -26.45
CA LEU D 252 -48.37 10.20 -26.30
C LEU D 252 -46.86 9.92 -26.41
N VAL D 253 -46.09 10.87 -26.93
CA VAL D 253 -44.65 10.66 -27.01
C VAL D 253 -43.91 11.70 -26.18
N LEU D 254 -43.17 11.24 -25.18
CA LEU D 254 -42.37 12.13 -24.33
C LEU D 254 -40.95 12.23 -24.88
N LEU D 255 -40.51 13.43 -25.22
CA LEU D 255 -39.15 13.60 -25.65
C LEU D 255 -38.36 14.25 -24.54
N ASP D 256 -37.26 13.62 -24.15
CA ASP D 256 -36.31 14.30 -23.28
C ASP D 256 -34.94 14.21 -23.92
N LEU D 257 -34.42 15.35 -24.37
CA LEU D 257 -33.20 15.35 -25.17
C LEU D 257 -32.59 16.72 -25.20
N GLY D 258 -31.49 16.86 -25.93
CA GLY D 258 -30.81 18.14 -26.03
C GLY D 258 -29.50 18.09 -26.79
N ALA D 259 -29.29 19.10 -27.62
CA ALA D 259 -28.05 19.20 -28.35
C ALA D 259 -27.01 19.82 -27.45
N GLN D 260 -25.74 19.63 -27.78
CA GLN D 260 -24.65 20.27 -27.09
C GLN D 260 -23.83 21.09 -28.08
N LYS D 261 -23.61 22.36 -27.76
CA LYS D 261 -22.83 23.24 -28.63
C LYS D 261 -21.59 23.74 -27.88
N ASP D 262 -20.42 23.50 -28.44
CA ASP D 262 -19.18 23.97 -27.84
C ASP D 262 -19.12 23.63 -26.36
N TYR D 263 -19.65 22.49 -26.00
CA TYR D 263 -19.49 21.91 -24.69
C TYR D 263 -20.52 22.39 -23.71
N TYR D 264 -21.33 23.35 -24.10
CA TYR D 264 -22.51 23.76 -23.32
C TYR D 264 -23.75 22.97 -23.70
N ASN D 265 -24.65 22.74 -22.75
CA ASN D 265 -25.76 21.84 -23.00
C ASN D 265 -27.15 22.47 -23.00
N ALA D 266 -28.00 21.98 -23.89
CA ALA D 266 -29.41 22.35 -23.87
C ALA D 266 -30.06 21.21 -23.17
N ASP D 267 -31.28 21.40 -22.69
CA ASP D 267 -31.97 20.31 -22.02
C ASP D 267 -33.49 20.54 -22.06
N ILE D 268 -34.17 19.83 -22.95
CA ILE D 268 -35.57 20.09 -23.19
C ILE D 268 -36.41 18.82 -23.13
N SER D 269 -37.56 18.91 -22.47
CA SER D 269 -38.54 17.83 -22.50
C SER D 269 -39.82 18.33 -23.17
N TYR D 270 -40.38 17.47 -24.01
CA TYR D 270 -41.46 17.87 -24.89
C TYR D 270 -42.35 16.67 -25.13
N THR D 271 -43.64 16.84 -24.89
CA THR D 271 -44.58 15.77 -25.06
C THR D 271 -45.60 16.16 -26.10
N PHE D 272 -46.03 15.19 -26.92
CA PHE D 272 -46.96 15.45 -28.01
C PHE D 272 -47.64 14.15 -28.42
N PRO D 273 -48.80 14.25 -29.07
CA PRO D 273 -49.55 13.06 -29.47
C PRO D 273 -48.99 12.49 -30.77
N ALA D 274 -48.68 11.20 -30.77
CA ALA D 274 -48.09 10.60 -31.97
C ALA D 274 -48.97 10.81 -33.19
N ASN D 275 -50.29 10.67 -33.03
CA ASN D 275 -51.19 10.84 -34.18
C ASN D 275 -51.62 12.27 -34.48
N GLY D 276 -51.06 13.24 -33.76
CA GLY D 276 -51.31 14.65 -34.04
C GLY D 276 -52.49 15.26 -33.30
N THR D 277 -53.13 14.48 -32.43
CA THR D 277 -54.36 14.90 -31.75
C THR D 277 -54.37 14.38 -30.34
N PHE D 278 -54.44 15.28 -29.37
CA PHE D 278 -54.53 14.90 -27.98
C PHE D 278 -55.92 14.31 -27.73
N SER D 279 -55.98 13.24 -26.94
CA SER D 279 -57.27 12.75 -26.43
C SER D 279 -57.74 13.66 -25.29
N SER D 280 -59.02 13.59 -24.93
CA SER D 280 -59.53 14.45 -23.87
C SER D 280 -58.68 14.27 -22.63
N ARG D 281 -58.45 13.01 -22.26
CA ARG D 281 -57.70 12.68 -21.05
C ARG D 281 -56.28 13.22 -21.13
N GLN D 282 -55.67 13.09 -22.29
CA GLN D 282 -54.31 13.58 -22.47
C GLN D 282 -54.23 15.10 -22.40
N LYS D 283 -55.26 15.76 -22.91
CA LYS D 283 -55.30 17.20 -22.85
C LYS D 283 -55.35 17.63 -21.39
N GLN D 284 -56.10 16.91 -20.59
CA GLN D 284 -56.18 17.20 -19.16
C GLN D 284 -54.81 17.13 -18.49
N ILE D 285 -54.17 15.98 -18.58
CA ILE D 285 -52.91 15.78 -17.91
C ILE D 285 -51.82 16.72 -18.42
N TYR D 286 -51.83 16.97 -19.73
CA TYR D 286 -50.81 17.85 -20.33
C TYR D 286 -50.91 19.25 -19.76
N ASN D 287 -52.13 19.77 -19.67
CA ASN D 287 -52.37 21.10 -19.15
C ASN D 287 -52.05 21.24 -17.67
N ILE D 288 -52.27 20.18 -16.89
CA ILE D 288 -51.86 20.18 -15.51
C ILE D 288 -50.35 20.42 -15.43
N VAL D 289 -49.58 19.66 -16.21
CA VAL D 289 -48.14 19.82 -16.22
C VAL D 289 -47.74 21.20 -16.73
N LEU D 290 -48.31 21.61 -17.87
CA LEU D 290 -48.01 22.91 -18.46
C LEU D 290 -48.30 24.03 -17.47
N ASN D 291 -49.36 23.87 -16.68
CA ASN D 291 -49.64 24.85 -15.63
C ASN D 291 -48.50 24.94 -14.64
N ALA D 292 -48.05 23.79 -14.14
CA ALA D 292 -46.93 23.77 -13.22
C ALA D 292 -45.68 24.40 -13.86
N LEU D 293 -45.47 24.16 -15.15
CA LEU D 293 -44.32 24.76 -15.78
C LEU D 293 -44.37 26.29 -15.76
N LYS D 294 -45.52 26.85 -16.11
CA LYS D 294 -45.69 28.30 -16.15
C LYS D 294 -45.58 28.89 -14.76
N GLU D 295 -46.33 28.31 -13.81
CA GLU D 295 -46.39 28.83 -12.45
C GLU D 295 -45.03 28.84 -11.77
N THR D 296 -44.29 27.76 -11.96
CA THR D 296 -42.99 27.60 -11.32
C THR D 296 -41.95 28.47 -11.99
N THR D 297 -42.04 28.60 -13.30
CA THR D 297 -41.15 29.53 -13.98
C THR D 297 -41.41 30.94 -13.48
N GLU D 298 -42.67 31.26 -13.23
CA GLU D 298 -43.08 32.63 -12.92
C GLU D 298 -42.38 33.25 -11.70
N ILE D 299 -42.14 32.44 -10.68
CA ILE D 299 -41.64 32.95 -9.41
C ILE D 299 -40.13 33.12 -9.39
N ILE D 300 -39.48 32.77 -10.48
CA ILE D 300 -38.03 32.82 -10.52
C ILE D 300 -37.49 34.24 -10.53
N LYS D 301 -36.68 34.59 -9.54
CA LYS D 301 -35.98 35.88 -9.51
C LYS D 301 -34.96 35.91 -8.40
N PRO D 302 -33.93 36.76 -8.55
CA PRO D 302 -32.91 36.81 -7.52
C PRO D 302 -33.60 36.96 -6.17
N GLY D 303 -33.11 36.23 -5.17
CA GLY D 303 -33.63 36.29 -3.81
C GLY D 303 -34.41 35.04 -3.43
N LEU D 304 -34.95 34.38 -4.43
CA LEU D 304 -35.82 33.23 -4.21
C LEU D 304 -35.01 32.00 -3.78
N LYS D 305 -35.46 31.31 -2.74
CA LYS D 305 -34.76 30.10 -2.32
C LYS D 305 -34.95 28.99 -3.34
N PHE D 306 -33.86 28.38 -3.77
CA PHE D 306 -33.95 27.32 -4.76
C PHE D 306 -34.98 26.27 -4.33
N ALA D 307 -35.03 25.97 -3.04
CA ALA D 307 -35.98 24.96 -2.57
C ALA D 307 -37.45 25.33 -2.84
N ALA D 308 -37.71 26.61 -3.04
CA ALA D 308 -39.08 27.07 -3.29
C ALA D 308 -39.65 26.57 -4.62
N LEU D 309 -38.79 26.45 -5.63
CA LEU D 309 -39.22 25.98 -6.96
C LEU D 309 -39.98 24.65 -6.87
N ASN D 310 -39.38 23.65 -6.23
CA ASN D 310 -40.02 22.35 -6.18
C ASN D 310 -41.25 22.33 -5.27
N GLU D 311 -41.25 23.19 -4.25
CA GLU D 311 -42.40 23.30 -3.36
C GLU D 311 -43.61 23.79 -4.16
N HIS D 312 -43.38 24.80 -5.00
CA HIS D 312 -44.45 25.38 -5.79
C HIS D 312 -44.90 24.43 -6.89
N ALA D 313 -43.94 23.76 -7.50
CA ALA D 313 -44.24 22.77 -8.51
C ALA D 313 -45.19 21.73 -7.97
N LYS D 314 -44.85 21.16 -6.81
CA LYS D 314 -45.71 20.17 -6.20
C LYS D 314 -47.09 20.75 -5.93
N LYS D 315 -47.10 21.94 -5.35
CA LYS D 315 -48.34 22.61 -4.98
C LYS D 315 -49.25 22.68 -6.20
N VAL D 316 -48.71 23.18 -7.31
CA VAL D 316 -49.48 23.40 -8.53
C VAL D 316 -49.90 22.10 -9.24
N LEU D 317 -49.00 21.13 -9.25
CA LEU D 317 -49.33 19.83 -9.82
C LEU D 317 -50.48 19.19 -9.05
N ALA D 318 -50.41 19.26 -7.73
CA ALA D 318 -51.47 18.74 -6.89
C ALA D 318 -52.81 19.46 -7.14
N GLU D 319 -52.74 20.76 -7.35
CA GLU D 319 -53.94 21.53 -7.66
C GLU D 319 -54.62 21.04 -8.92
N GLY D 320 -53.83 20.83 -9.96
CA GLY D 320 -54.35 20.27 -11.21
C GLY D 320 -54.92 18.88 -11.02
N CYS D 321 -54.21 18.05 -10.25
CA CYS D 321 -54.64 16.70 -10.01
C CYS D 321 -55.93 16.62 -9.21
N LYS D 322 -56.07 17.49 -8.22
CA LYS D 322 -57.30 17.56 -7.43
C LYS D 322 -58.46 17.94 -8.34
N ALA D 323 -58.24 19.01 -9.12
CA ALA D 323 -59.26 19.54 -10.02
C ALA D 323 -59.74 18.51 -11.03
N VAL D 324 -58.83 17.69 -11.55
CA VAL D 324 -59.20 16.65 -12.51
C VAL D 324 -59.76 15.39 -11.87
N GLY D 325 -59.38 15.11 -10.63
CA GLY D 325 -59.92 13.96 -9.91
C GLY D 325 -58.93 12.84 -9.72
N LEU D 326 -57.68 13.09 -10.10
CA LEU D 326 -56.64 12.10 -9.99
C LEU D 326 -56.35 11.81 -8.51
N ILE D 327 -56.37 12.83 -7.68
CA ILE D 327 -56.10 12.67 -6.27
C ILE D 327 -57.06 13.46 -5.40
N GLN D 328 -57.09 13.13 -4.12
CA GLN D 328 -57.97 13.79 -3.16
C GLN D 328 -57.14 14.77 -2.31
N GLU D 329 -56.00 14.30 -1.80
CA GLU D 329 -55.15 15.10 -0.94
C GLU D 329 -53.74 15.21 -1.50
N ASP D 330 -53.03 16.28 -1.13
CA ASP D 330 -51.69 16.55 -1.65
C ASP D 330 -50.71 15.38 -1.50
N GLU D 331 -50.83 14.64 -0.39
CA GLU D 331 -49.92 13.54 -0.10
C GLU D 331 -49.87 12.52 -1.24
N GLU D 332 -50.99 12.33 -1.93
CA GLU D 332 -51.09 11.32 -2.97
C GLU D 332 -50.27 11.65 -4.20
N LEU D 333 -49.76 12.87 -4.29
CA LEU D 333 -49.04 13.30 -5.48
C LEU D 333 -47.77 12.49 -5.74
N SER D 334 -47.06 12.11 -4.69
CA SER D 334 -45.79 11.37 -4.80
C SER D 334 -45.90 10.10 -5.63
N LYS D 335 -47.13 9.65 -5.84
CA LYS D 335 -47.38 8.46 -6.64
C LYS D 335 -47.31 8.79 -8.13
N TYR D 336 -47.41 10.08 -8.46
CA TYR D 336 -47.50 10.49 -9.86
C TYR D 336 -46.37 11.43 -10.25
N TYR D 337 -45.74 12.03 -9.26
CA TYR D 337 -44.65 12.95 -9.50
C TYR D 337 -43.57 12.70 -8.45
N TYR D 338 -42.43 12.20 -8.92
CA TYR D 338 -41.40 11.69 -8.02
C TYR D 338 -39.98 12.09 -8.43
N HIS D 339 -39.80 13.37 -8.75
CA HIS D 339 -38.46 13.90 -8.95
C HIS D 339 -38.44 15.40 -8.63
N GLY D 340 -37.27 16.00 -8.70
CA GLY D 340 -37.16 17.42 -8.49
C GLY D 340 -37.63 18.11 -9.74
N VAL D 341 -38.04 19.37 -9.63
CA VAL D 341 -38.47 20.15 -10.78
C VAL D 341 -37.32 20.87 -11.49
N SER D 342 -36.18 21.03 -10.81
CA SER D 342 -35.16 21.92 -11.34
C SER D 342 -33.72 21.47 -11.12
N HIS D 343 -32.84 21.78 -12.05
CA HIS D 343 -31.42 21.59 -11.82
C HIS D 343 -30.62 22.64 -12.60
N PHE D 344 -29.40 22.92 -12.16
CA PHE D 344 -28.51 23.83 -12.87
C PHE D 344 -28.18 23.30 -14.26
N LEU D 345 -27.84 24.21 -15.17
CA LEU D 345 -27.51 23.84 -16.53
C LEU D 345 -26.30 24.62 -17.00
N GLY D 346 -25.41 23.95 -17.73
CA GLY D 346 -24.20 24.61 -18.21
C GLY D 346 -23.27 23.67 -18.95
N LEU D 347 -22.01 23.64 -18.55
CA LEU D 347 -21.03 22.80 -19.23
C LEU D 347 -21.34 21.33 -18.99
N ASP D 348 -22.13 21.07 -17.95
CA ASP D 348 -22.69 19.76 -17.69
C ASP D 348 -24.21 19.90 -17.72
N THR D 349 -24.90 18.85 -18.12
CA THR D 349 -26.36 18.92 -18.25
C THR D 349 -27.02 19.08 -16.89
N HIS D 350 -26.58 18.28 -15.93
CA HIS D 350 -26.94 18.51 -14.55
C HIS D 350 -25.75 19.24 -14.00
N ASP D 351 -25.70 20.53 -14.26
CA ASP D 351 -24.50 21.33 -13.98
C ASP D 351 -24.07 21.25 -12.52
N VAL D 352 -22.84 21.68 -12.26
CA VAL D 352 -22.25 21.63 -10.94
C VAL D 352 -22.77 22.77 -10.06
N GLY D 353 -22.44 22.73 -8.78
CA GLY D 353 -22.87 23.76 -7.84
C GLY D 353 -23.72 23.17 -6.72
N THR D 354 -23.59 23.72 -5.52
CA THR D 354 -24.38 23.21 -4.40
C THR D 354 -25.83 23.69 -4.48
N TYR D 355 -26.72 22.89 -3.93
CA TYR D 355 -28.13 23.24 -3.87
C TYR D 355 -28.58 23.55 -2.44
N LYS D 356 -27.88 22.99 -1.46
CA LYS D 356 -28.26 23.21 -0.07
C LYS D 356 -28.24 24.71 0.27
N ASP D 357 -29.37 25.22 0.74
CA ASP D 357 -29.49 26.62 1.15
C ASP D 357 -29.30 27.62 0.02
N ARG D 358 -29.34 27.15 -1.22
CA ARG D 358 -29.05 27.98 -2.38
C ARG D 358 -30.14 29.04 -2.62
N VAL D 359 -29.72 30.28 -2.83
CA VAL D 359 -30.67 31.30 -3.26
C VAL D 359 -30.31 31.74 -4.67
N LEU D 360 -31.35 31.94 -5.47
CA LEU D 360 -31.17 32.31 -6.86
C LEU D 360 -30.53 33.69 -7.03
N GLU D 361 -29.61 33.82 -7.97
CA GLU D 361 -28.96 35.11 -8.25
C GLU D 361 -28.80 35.31 -9.75
N GLU D 362 -28.71 36.56 -10.17
CA GLU D 362 -28.49 36.85 -11.57
C GLU D 362 -27.35 35.99 -12.11
N GLY D 363 -27.54 35.43 -13.30
CA GLY D 363 -26.47 34.71 -14.00
C GLY D 363 -26.66 33.20 -14.03
N MSE D 364 -27.52 32.70 -13.16
CA MSE D 364 -27.74 31.28 -13.06
C MSE D 364 -28.64 30.81 -14.17
O MSE D 364 -29.60 31.49 -14.51
CB MSE D 364 -28.33 30.92 -11.72
CG MSE D 364 -27.49 31.37 -10.56
SE MSE D 364 -28.14 30.67 -8.86
CE MSE D 364 -26.88 31.55 -7.67
N VAL D 365 -28.34 29.66 -14.74
CA VAL D 365 -29.22 29.01 -15.68
C VAL D 365 -29.73 27.73 -15.02
N ILE D 366 -31.04 27.56 -15.00
CA ILE D 366 -31.61 26.38 -14.37
C ILE D 366 -32.73 25.88 -15.25
N THR D 367 -33.22 24.69 -14.97
CA THR D 367 -34.28 24.09 -15.78
C THR D 367 -35.53 23.93 -14.93
N ILE D 368 -36.67 23.85 -15.59
CA ILE D 368 -37.92 23.66 -14.90
C ILE D 368 -38.62 22.56 -15.65
N GLU D 369 -38.93 21.47 -14.97
CA GLU D 369 -39.33 20.27 -15.67
C GLU D 369 -40.30 19.44 -14.87
N PRO D 370 -41.49 19.99 -14.60
CA PRO D 370 -42.54 19.24 -13.91
C PRO D 370 -43.03 18.15 -14.83
N GLY D 371 -43.69 17.14 -14.27
CA GLY D 371 -44.29 16.08 -15.06
C GLY D 371 -45.30 15.27 -14.27
N LEU D 372 -46.07 14.46 -14.95
CA LEU D 372 -46.96 13.53 -14.30
C LEU D 372 -46.84 12.18 -14.93
N TYR D 373 -46.88 11.14 -14.09
CA TYR D 373 -46.66 9.81 -14.59
C TYR D 373 -47.72 8.87 -14.03
N ILE D 374 -48.59 8.39 -14.89
CA ILE D 374 -49.73 7.62 -14.47
C ILE D 374 -49.64 6.23 -15.06
N GLU D 375 -49.06 5.31 -14.29
CA GLU D 375 -48.78 3.98 -14.82
C GLU D 375 -50.03 3.25 -15.31
N GLU D 376 -51.08 3.24 -14.50
CA GLU D 376 -52.27 2.46 -14.82
C GLU D 376 -53.05 3.02 -16.02
N GLU D 377 -52.66 4.20 -16.51
CA GLU D 377 -53.28 4.80 -17.69
C GLU D 377 -52.29 4.93 -18.85
N SER D 378 -51.06 4.47 -18.63
CA SER D 378 -50.03 4.48 -19.66
C SER D 378 -49.77 5.86 -20.21
N ILE D 379 -49.83 6.87 -19.35
CA ILE D 379 -49.55 8.24 -19.72
C ILE D 379 -48.39 8.80 -18.93
N GLY D 380 -47.40 9.35 -19.62
CA GLY D 380 -46.27 9.99 -18.96
C GLY D 380 -45.97 11.28 -19.68
N ILE D 381 -45.98 12.39 -18.95
CA ILE D 381 -45.82 13.70 -19.56
C ILE D 381 -44.78 14.50 -18.82
N ARG D 382 -43.89 15.13 -19.57
CA ARG D 382 -42.92 16.05 -18.99
C ARG D 382 -42.65 17.19 -19.97
N ILE D 383 -42.65 18.41 -19.45
CA ILE D 383 -42.39 19.60 -20.25
C ILE D 383 -41.34 20.43 -19.52
N GLU D 384 -40.22 20.70 -20.17
CA GLU D 384 -39.08 21.30 -19.48
C GLU D 384 -38.52 22.49 -20.24
N ASP D 385 -38.34 23.61 -19.55
CA ASP D 385 -37.69 24.77 -20.16
C ASP D 385 -36.35 25.07 -19.51
N ASP D 386 -35.52 25.84 -20.20
CA ASP D 386 -34.25 26.26 -19.65
C ASP D 386 -34.31 27.73 -19.31
N ILE D 387 -34.35 28.07 -18.03
CA ILE D 387 -34.52 29.45 -17.60
C ILE D 387 -33.23 30.14 -17.15
N LEU D 388 -33.07 31.40 -17.57
CA LEU D 388 -31.97 32.24 -17.11
C LEU D 388 -32.46 33.17 -16.01
N VAL D 389 -31.71 33.27 -14.92
CA VAL D 389 -32.07 34.22 -13.88
C VAL D 389 -31.47 35.57 -14.24
N THR D 390 -32.30 36.59 -14.29
CA THR D 390 -31.86 37.93 -14.66
C THR D 390 -31.86 38.87 -13.48
N LYS D 391 -31.43 40.10 -13.71
CA LYS D 391 -31.28 41.12 -12.68
C LYS D 391 -32.50 41.26 -11.78
N ASP D 392 -33.69 41.18 -12.34
CA ASP D 392 -34.89 41.45 -11.56
C ASP D 392 -36.02 40.43 -11.82
N GLY D 393 -35.73 39.41 -12.64
CA GLY D 393 -36.70 38.34 -12.88
C GLY D 393 -36.04 37.14 -13.53
N HIS D 394 -36.63 36.67 -14.61
CA HIS D 394 -36.06 35.56 -15.37
C HIS D 394 -36.21 35.79 -16.87
N GLU D 395 -35.49 35.02 -17.68
CA GLU D 395 -35.69 34.98 -19.12
C GLU D 395 -35.80 33.53 -19.54
N ASN D 396 -36.88 33.18 -20.22
CA ASN D 396 -37.06 31.80 -20.68
C ASN D 396 -36.30 31.58 -21.98
N LEU D 397 -35.18 30.89 -21.89
CA LEU D 397 -34.30 30.73 -23.02
C LEU D 397 -34.93 29.87 -24.10
N SER D 398 -35.96 29.12 -23.75
CA SER D 398 -36.59 28.27 -24.75
C SER D 398 -38.06 28.63 -25.00
N LYS D 399 -38.40 29.90 -24.85
CA LYS D 399 -39.78 30.35 -25.06
C LYS D 399 -40.27 30.13 -26.49
N ASP D 400 -39.37 30.15 -27.47
CA ASP D 400 -39.78 29.99 -28.87
C ASP D 400 -40.41 28.65 -29.15
N ILE D 401 -40.13 27.65 -28.32
CA ILE D 401 -40.67 26.33 -28.53
C ILE D 401 -42.14 26.31 -28.16
N ILE D 402 -43.01 26.14 -29.15
CA ILE D 402 -44.45 26.18 -28.92
C ILE D 402 -44.90 25.07 -27.99
N ARG D 403 -45.77 25.40 -27.04
CA ARG D 403 -46.15 24.45 -25.99
C ARG D 403 -47.65 24.17 -25.86
N GLU D 404 -48.48 25.06 -26.38
CA GLU D 404 -49.91 24.94 -26.18
C GLU D 404 -50.50 23.77 -26.96
N VAL D 405 -51.52 23.12 -26.39
CA VAL D 405 -52.19 22.03 -27.07
C VAL D 405 -52.60 22.43 -28.48
N GLU D 406 -53.31 23.54 -28.61
CA GLU D 406 -53.74 24.01 -29.92
C GLU D 406 -52.58 24.32 -30.86
N GLU D 407 -51.50 24.87 -30.32
CA GLU D 407 -50.32 25.18 -31.13
C GLU D 407 -49.68 23.93 -31.71
N ILE D 408 -49.63 22.86 -30.92
CA ILE D 408 -49.03 21.61 -31.35
C ILE D 408 -49.91 20.93 -32.41
N GLU D 409 -51.16 20.71 -32.08
CA GLU D 409 -52.09 20.09 -33.00
C GLU D 409 -52.08 20.85 -34.35
N GLU D 410 -52.01 22.16 -34.26
CA GLU D 410 -51.99 22.98 -35.46
C GLU D 410 -50.69 22.78 -36.23
N PHE D 411 -49.57 22.81 -35.52
CA PHE D 411 -48.27 22.66 -36.17
C PHE D 411 -48.23 21.35 -36.93
N MSE D 412 -48.68 20.28 -36.27
CA MSE D 412 -48.60 18.95 -36.85
C MSE D 412 -49.54 18.80 -38.03
O MSE D 412 -49.27 18.04 -38.96
CB MSE D 412 -48.87 17.90 -35.79
CG MSE D 412 -47.80 17.86 -34.74
SE MSE D 412 -48.10 16.41 -33.48
CE MSE D 412 -47.61 14.92 -34.64
N ARG D 413 -50.64 19.54 -37.99
CA ARG D 413 -51.59 19.54 -39.09
C ARG D 413 -50.98 20.19 -40.34
N GLU D 414 -50.31 21.33 -40.14
CA GLU D 414 -49.67 22.04 -41.24
C GLU D 414 -48.41 21.39 -41.77
N ASN D 415 -47.68 20.68 -40.91
CA ASN D 415 -46.33 20.25 -41.27
C ASN D 415 -46.07 18.76 -41.28
N ASN D 416 -46.90 18.00 -40.58
CA ASN D 416 -46.70 16.58 -40.51
C ASN D 416 -47.24 15.89 -41.75
N VAL D 417 -46.36 15.20 -42.46
CA VAL D 417 -46.73 14.65 -43.76
C VAL D 417 -47.91 13.65 -43.75
N ASN D 418 -48.08 12.90 -42.67
CA ASN D 418 -49.15 11.90 -42.66
C ASN D 418 -50.29 12.18 -41.69
N VAL D 419 -50.91 13.36 -41.79
CA VAL D 419 -52.05 13.73 -40.88
C VAL D 419 -53.26 14.25 -41.66
N MSE E 1 38.86 -7.44 -22.00
CA MSE E 1 37.53 -8.14 -21.95
C MSE E 1 36.69 -7.86 -23.19
O MSE E 1 36.13 -6.79 -23.33
CB MSE E 1 36.75 -7.69 -20.72
CG MSE E 1 37.14 -8.41 -19.45
SE MSE E 1 37.23 -10.36 -19.64
CE MSE E 1 37.75 -10.86 -17.83
N LYS E 2 36.59 -8.87 -24.06
CA LYS E 2 35.89 -8.67 -25.33
C LYS E 2 34.48 -9.29 -25.32
N SER E 3 33.58 -8.72 -26.12
CA SER E 3 32.16 -9.07 -26.08
C SER E 3 31.88 -10.56 -26.10
N LYS E 4 32.77 -11.35 -26.69
CA LYS E 4 32.58 -12.80 -26.74
C LYS E 4 32.45 -13.38 -25.32
N PHE E 5 33.12 -12.77 -24.36
CA PHE E 5 33.06 -13.25 -22.98
C PHE E 5 31.65 -13.10 -22.40
N PHE E 6 31.01 -11.98 -22.68
CA PHE E 6 29.66 -11.73 -22.16
C PHE E 6 28.60 -12.48 -22.95
N ALA E 7 28.82 -12.65 -24.25
CA ALA E 7 27.90 -13.41 -25.08
C ALA E 7 27.83 -14.85 -24.55
N GLN E 8 28.97 -15.38 -24.14
CA GLN E 8 29.01 -16.75 -23.61
C GLN E 8 28.37 -16.85 -22.24
N ASN E 9 28.55 -15.81 -21.43
CA ASN E 9 27.87 -15.75 -20.14
C ASN E 9 26.36 -15.81 -20.32
N ARG E 10 25.87 -15.06 -21.28
CA ARG E 10 24.46 -15.13 -21.59
C ARG E 10 24.04 -16.50 -22.10
N GLU E 11 24.90 -17.17 -22.86
CA GLU E 11 24.58 -18.52 -23.34
C GLU E 11 24.47 -19.51 -22.20
N ARG E 12 25.38 -19.42 -21.23
CA ARG E 12 25.30 -20.29 -20.07
C ARG E 12 24.09 -19.95 -19.22
N LEU E 13 23.87 -18.65 -19.00
CA LEU E 13 22.72 -18.22 -18.23
C LEU E 13 21.44 -18.78 -18.83
N VAL E 14 21.30 -18.66 -20.15
CA VAL E 14 20.11 -19.14 -20.84
C VAL E 14 19.79 -20.59 -20.49
N ASN E 15 20.83 -21.42 -20.37
CA ASN E 15 20.63 -22.83 -20.08
C ASN E 15 20.17 -23.11 -18.67
N THR E 16 20.21 -22.11 -17.79
CA THR E 16 19.75 -22.31 -16.42
C THR E 16 18.32 -21.83 -16.24
N LEU E 17 17.77 -21.21 -17.28
CA LEU E 17 16.42 -20.67 -17.18
C LEU E 17 15.42 -21.58 -17.87
N PRO E 18 14.20 -21.65 -17.32
CA PRO E 18 13.14 -22.42 -17.95
C PRO E 18 12.71 -21.77 -19.25
N ASP E 19 12.00 -22.51 -20.08
CA ASP E 19 11.48 -21.96 -21.32
C ASP E 19 10.22 -21.15 -21.02
N GLU E 20 9.78 -20.35 -21.99
CA GLU E 20 8.60 -19.49 -21.81
C GLU E 20 8.78 -18.51 -20.66
N SER E 21 9.92 -17.82 -20.63
CA SER E 21 10.23 -16.94 -19.51
C SER E 21 11.03 -15.72 -19.95
N ILE E 22 10.77 -14.58 -19.32
CA ILE E 22 11.53 -13.38 -19.61
C ILE E 22 12.34 -12.96 -18.39
N THR E 23 13.57 -12.50 -18.63
CA THR E 23 14.45 -12.02 -17.57
C THR E 23 14.81 -10.55 -17.77
N ILE E 24 14.82 -9.76 -16.69
CA ILE E 24 15.20 -8.36 -16.85
C ILE E 24 16.23 -7.96 -15.80
N LEU E 25 17.30 -7.30 -16.25
CA LEU E 25 18.33 -6.82 -15.36
C LEU E 25 18.47 -5.32 -15.45
N PHE E 26 18.78 -4.68 -14.33
CA PHE E 26 18.89 -3.21 -14.30
C PHE E 26 20.28 -2.75 -13.94
N ALA E 27 20.83 -1.85 -14.73
CA ALA E 27 22.15 -1.30 -14.44
C ALA E 27 22.13 -0.52 -13.13
N GLY E 28 21.00 0.12 -12.82
CA GLY E 28 20.88 0.96 -11.61
C GLY E 28 21.44 2.36 -11.76
N GLN E 29 21.45 3.12 -10.67
CA GLN E 29 22.14 4.41 -10.68
C GLN E 29 22.89 4.58 -9.37
N ALA E 30 23.74 5.61 -9.30
CA ALA E 30 24.50 5.86 -8.08
C ALA E 30 23.57 6.37 -6.98
N PRO E 31 23.68 5.79 -5.78
CA PRO E 31 22.85 6.22 -4.66
C PRO E 31 23.17 7.65 -4.19
N HIS E 32 22.21 8.27 -3.50
CA HIS E 32 22.37 9.61 -2.99
C HIS E 32 23.43 9.63 -1.90
N MSE E 33 24.33 10.61 -1.93
CA MSE E 33 25.35 10.70 -0.89
C MSE E 33 25.02 11.77 0.14
O MSE E 33 24.86 11.48 1.31
CB MSE E 33 26.71 10.99 -1.50
CG MSE E 33 27.79 11.17 -0.47
SE MSE E 33 29.54 10.94 -1.24
CE MSE E 33 29.81 12.73 -2.02
N SER E 34 24.92 13.01 -0.33
CA SER E 34 24.67 14.14 0.54
C SER E 34 24.31 15.34 -0.33
N ALA E 35 23.26 16.06 0.03
CA ALA E 35 22.82 17.21 -0.73
C ALA E 35 22.61 16.74 -2.16
N ASP E 36 23.15 17.49 -3.11
CA ASP E 36 22.97 17.13 -4.51
C ASP E 36 24.03 16.11 -4.99
N ALA E 37 24.92 15.67 -4.09
CA ALA E 37 25.99 14.75 -4.47
C ALA E 37 25.58 13.29 -4.39
N HIS E 38 26.07 12.49 -5.34
CA HIS E 38 25.85 11.07 -5.33
C HIS E 38 27.20 10.41 -5.10
N TYR E 39 27.17 9.14 -4.72
CA TYR E 39 28.38 8.38 -4.59
C TYR E 39 28.92 8.07 -5.99
N LYS E 40 30.14 7.57 -6.07
CA LYS E 40 30.66 7.06 -7.32
C LYS E 40 29.83 5.86 -7.81
N PHE E 41 29.49 5.86 -9.10
CA PHE E 41 28.74 4.74 -9.65
C PHE E 41 29.55 3.45 -9.59
N VAL E 42 28.92 2.40 -9.09
CA VAL E 42 29.55 1.10 -9.01
C VAL E 42 28.72 0.13 -9.84
N PRO E 43 29.26 -0.33 -10.96
CA PRO E 43 28.45 -1.22 -11.78
C PRO E 43 27.94 -2.41 -10.97
N ASN E 44 26.66 -2.72 -11.14
CA ASN E 44 26.05 -3.94 -10.57
C ASN E 44 26.77 -5.13 -11.17
N ARG E 45 27.46 -5.91 -10.35
CA ARG E 45 28.31 -6.95 -10.90
C ARG E 45 27.55 -7.96 -11.76
N ASN E 46 26.39 -8.41 -11.30
CA ASN E 46 25.61 -9.31 -12.13
C ASN E 46 25.27 -8.67 -13.48
N PHE E 47 24.79 -7.44 -13.45
CA PHE E 47 24.43 -6.78 -14.70
C PHE E 47 25.65 -6.68 -15.59
N TYR E 48 26.78 -6.31 -15.01
CA TYR E 48 27.99 -6.17 -15.77
C TYR E 48 28.40 -7.51 -16.36
N TYR E 49 28.37 -8.53 -15.52
CA TYR E 49 28.81 -9.85 -15.93
C TYR E 49 28.02 -10.35 -17.13
N VAL E 50 26.79 -9.89 -17.24
CA VAL E 50 25.89 -10.38 -18.27
C VAL E 50 25.90 -9.55 -19.56
N THR E 51 26.13 -8.23 -19.42
CA THR E 51 26.08 -7.32 -20.57
C THR E 51 27.42 -6.70 -20.91
N GLY E 52 28.31 -6.58 -19.93
CA GLY E 52 29.59 -5.93 -20.15
C GLY E 52 29.47 -4.42 -20.20
N ILE E 53 28.34 -3.91 -19.78
CA ILE E 53 28.09 -2.48 -19.76
C ILE E 53 28.25 -1.89 -18.38
N ASP E 54 29.06 -0.85 -18.24
CA ASP E 54 29.37 -0.32 -16.92
C ASP E 54 28.77 1.04 -16.64
N GLU E 55 27.77 1.41 -17.41
CA GLU E 55 27.07 2.65 -17.23
C GLU E 55 25.76 2.46 -16.50
N PRO E 56 25.30 3.51 -15.86
CA PRO E 56 24.05 3.49 -15.15
C PRO E 56 22.90 3.50 -16.11
N ASN E 57 21.75 3.04 -15.65
CA ASN E 57 20.47 3.46 -16.20
C ASN E 57 20.12 2.67 -17.45
N VAL E 58 20.91 1.65 -17.76
CA VAL E 58 20.60 0.78 -18.85
C VAL E 58 19.76 -0.36 -18.36
N ILE E 59 18.97 -0.94 -19.23
CA ILE E 59 18.22 -2.10 -18.84
C ILE E 59 18.48 -3.20 -19.82
N PHE E 60 18.54 -4.41 -19.33
CA PHE E 60 18.75 -5.59 -20.16
C PHE E 60 17.56 -6.54 -20.07
N MSE E 61 17.27 -7.21 -21.19
CA MSE E 61 16.13 -8.09 -21.26
C MSE E 61 16.45 -9.33 -22.06
O MSE E 61 17.08 -9.25 -23.10
CB MSE E 61 14.96 -7.37 -21.91
CG MSE E 61 13.78 -8.27 -22.19
SE MSE E 61 12.43 -7.28 -23.18
CE MSE E 61 11.74 -6.18 -21.73
N LEU E 62 15.98 -10.48 -21.58
CA LEU E 62 16.23 -11.73 -22.28
C LEU E 62 14.98 -12.58 -22.38
N LYS E 63 14.47 -12.72 -23.59
CA LYS E 63 13.24 -13.48 -23.85
C LYS E 63 13.59 -14.89 -24.28
N LYS E 64 12.88 -15.87 -23.72
CA LYS E 64 13.17 -17.27 -24.03
C LYS E 64 11.86 -17.99 -24.37
N PHE E 65 11.56 -18.08 -25.67
CA PHE E 65 10.27 -18.61 -26.12
C PHE E 65 10.42 -19.64 -27.23
N GLY E 66 9.88 -20.82 -27.02
CA GLY E 66 10.01 -21.91 -27.97
C GLY E 66 11.46 -22.31 -28.15
N ASN E 67 11.96 -22.17 -29.38
CA ASN E 67 13.39 -22.38 -29.68
C ASN E 67 14.14 -21.06 -29.76
N SER E 68 13.39 -19.96 -29.69
CA SER E 68 13.95 -18.61 -29.83
C SER E 68 14.67 -18.13 -28.57
N VAL E 69 15.52 -17.13 -28.76
CA VAL E 69 16.16 -16.44 -27.65
C VAL E 69 16.49 -15.01 -28.07
N GLU E 70 15.76 -14.04 -27.52
CA GLU E 70 15.94 -12.66 -27.91
C GLU E 70 16.47 -11.79 -26.78
N GLU E 71 17.66 -11.23 -27.01
CA GLU E 71 18.30 -10.33 -26.07
C GLU E 71 18.10 -8.90 -26.54
N THR E 72 17.81 -8.00 -25.61
CA THR E 72 17.64 -6.60 -25.95
C THR E 72 18.34 -5.68 -24.97
N LEU E 73 18.89 -4.57 -25.45
CA LEU E 73 19.39 -3.53 -24.55
C LEU E 73 18.58 -2.24 -24.69
N PHE E 74 18.31 -1.59 -23.57
CA PHE E 74 17.70 -0.27 -23.61
C PHE E 74 18.71 0.73 -23.07
N ILE E 75 19.10 1.70 -23.89
CA ILE E 75 20.07 2.70 -23.45
C ILE E 75 19.46 4.10 -23.42
N GLU E 76 20.19 5.06 -22.86
CA GLU E 76 19.77 6.46 -22.83
C GLU E 76 19.96 7.09 -24.20
N LYS E 77 19.03 7.95 -24.62
CA LYS E 77 19.25 8.81 -25.78
C LYS E 77 20.24 9.91 -25.43
N SER E 78 20.87 10.49 -26.43
CA SER E 78 21.85 11.53 -26.19
C SER E 78 21.16 12.85 -25.82
N ASP E 79 21.80 13.61 -24.93
CA ASP E 79 21.27 14.88 -24.47
C ASP E 79 22.34 15.96 -24.57
N PRO E 80 22.29 16.78 -25.64
CA PRO E 80 23.32 17.78 -25.95
C PRO E 80 23.67 18.71 -24.80
N VAL E 81 22.77 18.85 -23.82
CA VAL E 81 23.00 19.71 -22.67
C VAL E 81 23.83 19.00 -21.60
N MSE E 82 23.49 17.75 -21.31
CA MSE E 82 24.20 16.99 -20.30
C MSE E 82 25.61 16.61 -20.73
O MSE E 82 26.47 16.37 -19.89
CB MSE E 82 23.41 15.73 -19.93
CG MSE E 82 22.25 15.99 -18.97
SE MSE E 82 22.81 16.83 -17.29
CE MSE E 82 23.76 15.32 -16.48
N GLU E 83 25.84 16.56 -22.05
CA GLU E 83 27.15 16.20 -22.58
C GLU E 83 28.21 17.24 -22.23
N LYS E 84 27.77 18.45 -21.92
CA LYS E 84 28.68 19.52 -21.56
C LYS E 84 28.95 19.47 -20.07
N TRP E 85 28.19 18.64 -19.35
CA TRP E 85 28.39 18.47 -17.91
C TRP E 85 29.10 17.16 -17.56
N VAL E 86 28.72 16.05 -18.20
CA VAL E 86 29.23 14.74 -17.81
C VAL E 86 29.85 13.93 -18.96
N GLY E 87 29.79 14.47 -20.17
CA GLY E 87 30.30 13.76 -21.34
C GLY E 87 29.22 12.93 -22.00
N LYS E 88 29.54 12.29 -23.11
CA LYS E 88 28.59 11.47 -23.83
C LYS E 88 28.34 10.17 -23.09
N THR E 89 27.11 9.66 -23.15
CA THR E 89 26.86 8.33 -22.62
C THR E 89 27.02 7.36 -23.76
N VAL E 90 27.09 6.08 -23.45
CA VAL E 90 27.33 5.06 -24.45
C VAL E 90 26.39 5.29 -25.66
N SER E 91 26.88 5.04 -26.86
CA SER E 91 26.09 5.22 -28.06
C SER E 91 25.48 3.90 -28.53
N ASN E 92 24.47 4.01 -29.37
CA ASN E 92 23.82 2.83 -29.92
C ASN E 92 24.83 1.82 -30.44
N GLU E 93 25.82 2.29 -31.19
CA GLU E 93 26.79 1.39 -31.80
C GLU E 93 27.83 0.86 -30.84
N GLU E 94 28.24 1.70 -29.89
CA GLU E 94 29.21 1.29 -28.89
C GLU E 94 28.64 0.17 -28.02
N ALA E 95 27.39 0.32 -27.61
CA ALA E 95 26.75 -0.68 -26.78
C ALA E 95 26.78 -2.04 -27.48
N GLU E 96 26.42 -2.03 -28.76
CA GLU E 96 26.43 -3.24 -29.56
C GLU E 96 27.82 -3.86 -29.58
N LYS E 97 28.83 -3.03 -29.83
CA LYS E 97 30.21 -3.47 -29.94
C LYS E 97 30.71 -4.11 -28.63
N ILE E 98 30.36 -3.47 -27.52
CA ILE E 98 30.83 -3.94 -26.21
C ILE E 98 30.14 -5.21 -25.75
N SER E 99 28.80 -5.23 -25.84
CA SER E 99 27.99 -6.29 -25.25
C SER E 99 27.87 -7.51 -26.12
N GLY E 100 27.97 -7.31 -27.44
CA GLY E 100 27.73 -8.39 -28.39
C GLY E 100 26.25 -8.61 -28.63
N ILE E 101 25.45 -7.74 -28.04
CA ILE E 101 24.00 -7.79 -28.20
C ILE E 101 23.60 -7.01 -29.45
N LYS E 102 22.88 -7.66 -30.34
CA LYS E 102 22.54 -7.04 -31.62
C LYS E 102 21.47 -5.94 -31.52
N LYS E 103 20.37 -6.23 -30.81
CA LYS E 103 19.26 -5.29 -30.73
C LYS E 103 19.40 -4.29 -29.57
N VAL E 104 19.69 -3.03 -29.90
CA VAL E 104 19.83 -1.99 -28.89
C VAL E 104 18.84 -0.87 -29.15
N ILE E 105 17.96 -0.63 -28.19
CA ILE E 105 16.98 0.45 -28.34
C ILE E 105 17.02 1.42 -27.17
N TYR E 106 16.05 2.32 -27.12
CA TYR E 106 16.10 3.41 -26.14
C TYR E 106 15.11 3.27 -25.00
N LEU E 107 15.49 3.83 -23.86
CA LEU E 107 14.70 3.69 -22.66
C LEU E 107 13.28 4.21 -22.81
N ASP E 108 13.11 5.26 -23.61
CA ASP E 108 11.80 5.87 -23.77
C ASP E 108 10.80 4.94 -24.46
N SER E 109 11.25 3.75 -24.84
CA SER E 109 10.34 2.74 -25.40
C SER E 109 10.20 1.51 -24.50
N PHE E 110 10.79 1.59 -23.30
CA PHE E 110 10.74 0.49 -22.36
C PHE E 110 9.32 0.23 -21.85
N GLU E 111 8.59 1.29 -21.52
CA GLU E 111 7.25 1.09 -20.98
C GLU E 111 6.32 0.40 -21.96
N LYS E 112 6.36 0.85 -23.20
CA LYS E 112 5.52 0.25 -24.22
C LYS E 112 5.90 -1.22 -24.43
N THR E 113 7.21 -1.49 -24.41
CA THR E 113 7.68 -2.87 -24.50
C THR E 113 7.12 -3.73 -23.36
N MSE E 114 7.12 -3.20 -22.15
CA MSE E 114 6.51 -3.92 -21.04
C MSE E 114 5.08 -4.31 -21.38
O MSE E 114 4.67 -5.47 -21.22
CB MSE E 114 6.52 -3.08 -19.76
CG MSE E 114 7.86 -3.04 -19.07
SE MSE E 114 8.73 -4.79 -19.01
CE MSE E 114 9.71 -4.69 -20.69
N SER E 115 4.31 -3.34 -21.84
CA SER E 115 2.90 -3.56 -22.08
C SER E 115 2.70 -4.74 -23.03
N ASN E 116 3.44 -4.75 -24.14
CA ASN E 116 3.34 -5.86 -25.09
C ASN E 116 3.76 -7.22 -24.55
N ILE E 117 4.93 -7.26 -23.92
CA ILE E 117 5.40 -8.50 -23.32
C ILE E 117 4.35 -9.14 -22.41
N PHE E 118 3.77 -8.35 -21.51
CA PHE E 118 2.89 -8.93 -20.49
C PHE E 118 1.44 -9.04 -20.90
N PHE E 119 1.03 -8.28 -21.90
CA PHE E 119 -0.33 -8.40 -22.35
C PHE E 119 -0.37 -9.22 -23.61
N THR E 120 0.16 -8.64 -24.68
CA THR E 120 0.06 -9.24 -26.01
C THR E 120 0.73 -10.60 -26.11
N GLU E 121 1.84 -10.78 -25.43
CA GLU E 121 2.56 -12.04 -25.53
C GLU E 121 2.29 -13.03 -24.40
N ASN E 122 1.41 -12.67 -23.48
CA ASN E 122 0.98 -13.60 -22.44
C ASN E 122 2.12 -14.28 -21.70
N VAL E 123 3.13 -13.49 -21.34
CA VAL E 123 4.24 -14.00 -20.57
C VAL E 123 3.81 -14.21 -19.13
N LYS E 124 4.18 -15.36 -18.56
CA LYS E 124 3.71 -15.77 -17.22
C LYS E 124 4.83 -15.93 -16.20
N HIS E 125 6.06 -15.92 -16.66
CA HIS E 125 7.19 -16.20 -15.80
C HIS E 125 8.22 -15.10 -16.01
N LEU E 126 8.40 -14.26 -15.02
CA LEU E 126 9.43 -13.23 -15.08
C LEU E 126 10.54 -13.50 -14.08
N TYR E 127 11.77 -13.28 -14.50
CA TYR E 127 12.92 -13.37 -13.61
C TYR E 127 13.58 -12.00 -13.38
N LEU E 128 13.85 -11.69 -12.11
CA LEU E 128 14.57 -10.48 -11.73
C LEU E 128 15.78 -10.85 -10.90
N ASP E 129 16.72 -9.91 -10.81
CA ASP E 129 17.86 -10.12 -9.94
C ASP E 129 17.50 -9.59 -8.55
N LEU E 130 16.98 -10.46 -7.70
CA LEU E 130 16.44 -10.05 -6.41
C LEU E 130 17.43 -10.27 -5.27
N GLU E 131 18.50 -9.48 -5.24
CA GLU E 131 19.44 -9.57 -4.13
C GLU E 131 18.82 -8.80 -2.97
N CYS E 132 18.47 -9.50 -1.89
CA CYS E 132 17.94 -8.82 -0.71
C CYS E 132 18.58 -9.35 0.56
N ARG E 133 19.55 -8.59 1.06
CA ARG E 133 20.42 -9.07 2.11
C ARG E 133 19.90 -8.80 3.50
N GLU E 134 18.94 -7.88 3.60
CA GLU E 134 18.44 -7.51 4.91
C GLU E 134 16.94 -7.65 4.97
N TRP E 135 16.48 -8.31 6.03
CA TRP E 135 15.06 -8.52 6.27
C TRP E 135 14.28 -7.22 6.38
N LYS E 136 14.87 -6.23 7.04
CA LYS E 136 14.21 -4.93 7.17
C LYS E 136 14.84 -3.90 6.25
N GLY E 137 15.38 -4.38 5.14
CA GLY E 137 15.93 -3.48 4.13
C GLY E 137 14.87 -2.50 3.65
N THR E 138 15.31 -1.47 2.95
CA THR E 138 14.40 -0.48 2.41
C THR E 138 14.15 -0.78 0.93
N GLU E 139 13.00 -0.37 0.42
CA GLU E 139 12.60 -0.67 -0.95
C GLU E 139 13.59 -0.17 -2.01
N THR E 140 13.88 -1.02 -2.99
CA THR E 140 14.81 -0.69 -4.04
C THR E 140 14.07 -0.62 -5.37
N LYS E 141 14.70 -0.02 -6.38
CA LYS E 141 14.10 0.12 -7.68
C LYS E 141 13.56 -1.22 -8.17
N THR E 142 14.33 -2.28 -7.93
CA THR E 142 13.92 -3.60 -8.40
C THR E 142 12.72 -4.14 -7.64
N LEU E 143 12.79 -4.14 -6.30
CA LEU E 143 11.64 -4.57 -5.50
C LEU E 143 10.40 -3.76 -5.87
N ALA E 144 10.57 -2.45 -6.06
CA ALA E 144 9.46 -1.61 -6.51
C ALA E 144 8.88 -2.14 -7.82
N PHE E 145 9.79 -2.50 -8.74
CA PHE E 145 9.41 -3.00 -10.04
C PHE E 145 8.61 -4.27 -9.88
N ALA E 146 9.14 -5.21 -9.10
CA ALA E 146 8.40 -6.45 -8.81
C ALA E 146 7.03 -6.14 -8.24
N LYS E 147 6.96 -5.24 -7.27
CA LYS E 147 5.66 -4.86 -6.72
C LYS E 147 4.72 -4.43 -7.83
N HIS E 148 5.22 -3.61 -8.74
CA HIS E 148 4.40 -3.09 -9.80
C HIS E 148 3.91 -4.20 -10.71
N VAL E 149 4.79 -5.15 -11.03
CA VAL E 149 4.39 -6.28 -11.86
C VAL E 149 3.33 -7.11 -11.16
N ARG E 150 3.46 -7.25 -9.86
CA ARG E 150 2.51 -8.00 -9.05
C ARG E 150 1.13 -7.33 -9.12
N GLU E 151 1.09 -6.01 -9.08
CA GLU E 151 -0.20 -5.33 -9.09
CA GLU E 151 -0.19 -5.28 -9.10
C GLU E 151 -0.85 -5.27 -10.48
N GLN E 152 -0.06 -5.08 -11.53
CA GLN E 152 -0.64 -5.03 -12.88
C GLN E 152 -0.84 -6.41 -13.52
N TYR E 153 0.03 -7.35 -13.17
CA TYR E 153 -0.01 -8.68 -13.75
C TYR E 153 0.03 -9.75 -12.65
N PRO E 154 -1.02 -9.80 -11.82
CA PRO E 154 -1.01 -10.66 -10.64
C PRO E 154 -0.75 -12.13 -10.93
N HIS E 155 -1.01 -12.56 -12.17
CA HIS E 155 -0.89 -13.97 -12.53
C HIS E 155 0.50 -14.33 -12.94
N VAL E 156 1.36 -13.32 -13.07
CA VAL E 156 2.73 -13.54 -13.51
C VAL E 156 3.58 -14.08 -12.37
N THR E 157 4.29 -15.16 -12.63
CA THR E 157 5.15 -15.77 -11.63
C THR E 157 6.51 -15.13 -11.62
N ILE E 158 6.95 -14.67 -10.46
CA ILE E 158 8.27 -14.05 -10.37
C ILE E 158 9.32 -14.99 -9.79
N GLY E 159 10.44 -15.11 -10.49
CA GLY E 159 11.55 -15.92 -10.01
C GLY E 159 12.80 -15.09 -9.80
N ASN E 160 13.74 -15.62 -9.04
CA ASN E 160 14.96 -14.90 -8.70
C ASN E 160 16.12 -15.42 -9.52
N VAL E 161 16.75 -14.56 -10.31
CA VAL E 161 17.85 -15.02 -11.15
C VAL E 161 19.21 -14.80 -10.49
N TYR E 162 19.21 -14.12 -9.35
CA TYR E 162 20.45 -13.84 -8.64
C TYR E 162 21.30 -15.10 -8.48
N PRO E 163 20.69 -16.17 -7.97
CA PRO E 163 21.48 -17.37 -7.66
C PRO E 163 22.07 -17.97 -8.93
N ASN E 164 21.27 -17.98 -10.00
CA ASN E 164 21.75 -18.43 -11.29
C ASN E 164 23.05 -17.75 -11.65
N ILE E 165 23.07 -16.42 -11.69
CA ILE E 165 24.26 -15.69 -12.10
C ILE E 165 25.45 -15.81 -11.12
N CYS E 166 25.19 -15.90 -9.83
CA CYS E 166 26.28 -16.06 -8.89
C CYS E 166 27.00 -17.38 -9.15
N GLU E 167 26.24 -18.43 -9.42
CA GLU E 167 26.87 -19.74 -9.61
C GLU E 167 27.76 -19.74 -10.84
N LEU E 168 27.42 -18.91 -11.82
CA LEU E 168 28.23 -18.82 -13.02
C LEU E 168 29.53 -18.08 -12.70
N ARG E 169 29.42 -17.04 -11.89
CA ARG E 169 30.56 -16.21 -11.54
C ARG E 169 31.55 -16.96 -10.66
N VAL E 170 31.12 -18.07 -10.09
CA VAL E 170 31.99 -18.88 -9.26
C VAL E 170 33.16 -19.47 -10.04
N PHE E 171 32.93 -19.70 -11.34
CA PHE E 171 33.89 -20.34 -12.20
C PHE E 171 34.48 -19.31 -13.16
N LYS E 172 35.74 -18.94 -12.94
CA LYS E 172 36.37 -17.92 -13.78
C LYS E 172 36.96 -18.53 -15.06
N THR E 173 36.94 -17.76 -16.14
CA THR E 173 37.61 -18.17 -17.37
C THR E 173 39.04 -17.66 -17.35
N ASP E 174 39.81 -18.02 -18.38
CA ASP E 174 41.21 -17.62 -18.41
C ASP E 174 41.36 -16.10 -18.48
N GLU E 175 40.57 -15.46 -19.33
CA GLU E 175 40.67 -14.01 -19.47
C GLU E 175 40.32 -13.29 -18.15
N GLU E 176 39.43 -13.90 -17.37
CA GLU E 176 39.08 -13.36 -16.04
C GLU E 176 40.27 -13.43 -15.11
N ILE E 177 40.93 -14.59 -15.10
CA ILE E 177 42.05 -14.83 -14.24
C ILE E 177 43.23 -13.92 -14.58
N GLU E 178 43.31 -13.52 -15.85
CA GLU E 178 44.38 -12.63 -16.28
C GLU E 178 44.20 -11.25 -15.68
N ILE E 179 42.97 -10.80 -15.56
CA ILE E 179 42.70 -9.48 -14.99
C ILE E 179 42.95 -9.47 -13.49
N ILE E 180 42.52 -10.53 -12.82
CA ILE E 180 42.84 -10.69 -11.41
C ILE E 180 44.35 -10.62 -11.23
N LYS E 181 45.07 -11.32 -12.09
CA LYS E 181 46.53 -11.32 -12.06
C LYS E 181 47.11 -9.90 -12.13
N GLU E 182 46.57 -9.07 -13.02
CA GLU E 182 47.07 -7.71 -13.16
C GLU E 182 46.80 -6.95 -11.86
N ALA E 183 45.59 -7.10 -11.33
CA ALA E 183 45.22 -6.46 -10.09
C ALA E 183 46.18 -6.81 -8.94
N ILE E 184 46.53 -8.08 -8.83
CA ILE E 184 47.50 -8.50 -7.84
C ILE E 184 48.87 -7.88 -8.11
N ALA E 185 49.26 -7.85 -9.38
CA ALA E 185 50.56 -7.32 -9.76
C ALA E 185 50.77 -5.90 -9.24
N VAL E 186 49.78 -5.05 -9.43
CA VAL E 186 49.85 -3.66 -8.96
C VAL E 186 49.83 -3.57 -7.44
N THR E 187 48.90 -4.32 -6.84
CA THR E 187 48.90 -4.47 -5.39
C THR E 187 50.33 -4.75 -4.90
N LYS E 188 51.00 -5.74 -5.50
CA LYS E 188 52.38 -6.04 -5.12
C LYS E 188 53.26 -4.79 -5.18
N ASP E 189 53.26 -4.12 -6.32
CA ASP E 189 54.04 -2.91 -6.47
C ASP E 189 53.68 -1.95 -5.34
N GLY E 190 52.39 -1.88 -5.04
CA GLY E 190 51.93 -1.01 -3.98
C GLY E 190 52.59 -1.40 -2.68
N ILE E 191 52.48 -2.66 -2.31
CA ILE E 191 53.04 -3.14 -1.07
C ILE E 191 54.53 -2.82 -1.00
N TYR E 192 55.25 -3.19 -2.06
CA TYR E 192 56.69 -2.94 -2.10
C TYR E 192 56.98 -1.46 -1.80
N ASN E 193 56.19 -0.58 -2.39
CA ASN E 193 56.38 0.84 -2.18
C ASN E 193 56.19 1.25 -0.73
N VAL E 194 55.28 0.55 -0.04
CA VAL E 194 55.07 0.80 1.37
C VAL E 194 56.31 0.32 2.12
N LEU E 195 56.80 -0.86 1.74
CA LEU E 195 57.96 -1.44 2.39
C LEU E 195 59.20 -0.57 2.28
N LYS E 196 59.30 0.17 1.19
CA LYS E 196 60.51 0.94 0.96
C LYS E 196 60.45 2.32 1.64
N HIS E 197 59.26 2.74 2.06
CA HIS E 197 59.08 4.06 2.67
C HIS E 197 58.76 4.02 4.17
N ALA E 198 58.47 2.84 4.70
CA ALA E 198 58.07 2.70 6.10
C ALA E 198 59.19 3.00 7.08
N LYS E 199 58.83 3.69 8.17
CA LYS E 199 59.74 3.92 9.27
C LYS E 199 58.94 4.18 10.55
N ALA E 200 59.64 4.24 11.68
CA ALA E 200 58.98 4.47 12.96
C ALA E 200 58.61 5.93 13.12
N ASP E 201 57.67 6.21 14.02
CA ASP E 201 57.23 7.59 14.27
C ASP E 201 56.69 8.21 13.00
N MSE E 202 55.66 7.59 12.45
CA MSE E 202 55.13 7.96 11.16
C MSE E 202 53.66 7.60 11.18
O MSE E 202 53.27 6.56 11.68
CB MSE E 202 55.85 7.15 10.09
CG MSE E 202 55.56 7.60 8.68
SE MSE E 202 56.45 6.44 7.38
CE MSE E 202 56.23 7.56 5.80
N MSE E 203 52.84 8.48 10.63
CA MSE E 203 51.41 8.28 10.71
C MSE E 203 50.97 7.12 9.81
O MSE E 203 51.46 6.95 8.69
CB MSE E 203 50.68 9.58 10.35
CG MSE E 203 49.76 10.08 11.45
SE MSE E 203 50.61 10.06 13.22
CE MSE E 203 52.16 11.21 12.83
N GLU E 204 50.06 6.30 10.31
CA GLU E 204 49.53 5.20 9.50
C GLU E 204 49.15 5.69 8.11
N TYR E 205 48.38 6.78 8.05
CA TYR E 205 47.90 7.27 6.78
C TYR E 205 49.04 7.74 5.89
N GLU E 206 50.16 8.12 6.47
CA GLU E 206 51.30 8.50 5.65
C GLU E 206 51.71 7.30 4.80
N LEU E 207 51.63 6.12 5.39
CA LEU E 207 51.97 4.92 4.66
C LEU E 207 50.88 4.57 3.66
N GLU E 208 49.62 4.77 4.06
CA GLU E 208 48.53 4.53 3.14
C GLU E 208 48.72 5.41 1.92
N ALA E 209 49.14 6.64 2.13
CA ALA E 209 49.36 7.56 1.01
C ALA E 209 50.26 6.96 -0.04
N GLN E 210 51.31 6.26 0.40
CA GLN E 210 52.27 5.67 -0.51
C GLN E 210 51.65 4.55 -1.34
N PHE E 211 50.83 3.72 -0.71
CA PHE E 211 50.16 2.65 -1.42
C PHE E 211 49.22 3.26 -2.45
N ASP E 212 48.37 4.18 -2.02
CA ASP E 212 47.42 4.85 -2.90
C ASP E 212 48.15 5.45 -4.09
N PHE E 213 49.26 6.13 -3.83
CA PHE E 213 50.03 6.74 -4.91
C PHE E 213 50.39 5.73 -6.00
N THR E 214 51.00 4.60 -5.60
CA THR E 214 51.43 3.60 -6.55
C THR E 214 50.28 3.16 -7.45
N LEU E 215 49.14 2.89 -6.84
CA LEU E 215 47.98 2.46 -7.61
C LEU E 215 47.51 3.53 -8.57
N LYS E 216 47.26 4.71 -8.04
CA LYS E 216 46.72 5.81 -8.83
C LYS E 216 47.62 6.15 -10.03
N SER E 217 48.94 6.16 -9.80
CA SER E 217 49.86 6.53 -10.87
C SER E 217 49.87 5.47 -11.95
N SER E 218 49.42 4.27 -11.62
CA SER E 218 49.43 3.17 -12.56
C SER E 218 48.09 3.07 -13.27
N GLY E 219 47.22 4.05 -13.06
CA GLY E 219 45.95 4.08 -13.75
C GLY E 219 44.78 3.44 -13.04
N ILE E 220 45.05 2.70 -11.96
CA ILE E 220 43.99 2.04 -11.18
C ILE E 220 43.02 3.04 -10.54
N LYS E 221 41.76 2.99 -10.96
CA LYS E 221 40.78 3.99 -10.54
C LYS E 221 40.14 3.70 -9.18
N HIS E 222 40.01 2.41 -8.85
CA HIS E 222 39.39 2.04 -7.58
C HIS E 222 40.20 0.99 -6.81
N HIS E 223 40.00 0.95 -5.50
CA HIS E 223 40.55 -0.12 -4.66
C HIS E 223 39.54 -1.25 -4.59
N ALA E 224 39.97 -2.42 -4.16
CA ALA E 224 39.04 -3.53 -4.01
C ALA E 224 38.11 -3.24 -2.86
N PHE E 225 38.68 -2.67 -1.80
CA PHE E 225 37.95 -2.39 -0.57
C PHE E 225 38.74 -1.35 0.19
N ASN E 226 38.19 -0.86 1.30
CA ASN E 226 38.87 0.16 2.10
C ASN E 226 40.14 -0.36 2.75
N THR E 227 41.25 0.23 2.38
CA THR E 227 42.55 -0.22 2.87
C THR E 227 42.59 -0.31 4.39
N ILE E 228 43.08 -1.44 4.89
CA ILE E 228 43.35 -1.59 6.29
C ILE E 228 44.85 -1.42 6.49
N LEU E 229 45.25 -0.42 7.27
CA LEU E 229 46.67 -0.23 7.57
C LEU E 229 46.89 -0.08 9.07
N ALA E 230 47.02 -1.21 9.76
CA ALA E 230 46.93 -1.24 11.21
C ALA E 230 48.26 -1.62 11.88
N SER E 231 48.73 -0.76 12.77
CA SER E 231 49.99 -0.99 13.48
C SER E 231 49.75 -1.38 14.94
N GLY E 232 50.78 -1.97 15.55
CA GLY E 232 50.72 -2.42 16.95
C GLY E 232 49.36 -3.00 17.32
N LYS E 233 48.78 -2.47 18.39
CA LYS E 233 47.54 -3.01 18.92
C LYS E 233 46.40 -2.99 17.91
N ASN E 234 46.41 -2.00 17.01
CA ASN E 234 45.32 -1.81 16.06
C ASN E 234 45.10 -3.00 15.13
N ALA E 235 46.20 -3.71 14.82
CA ALA E 235 46.14 -4.89 13.97
C ALA E 235 45.17 -5.93 14.52
N THR E 236 44.70 -5.69 15.74
CA THR E 236 43.81 -6.60 16.45
C THR E 236 42.34 -6.43 16.04
N VAL E 237 42.01 -5.26 15.49
CA VAL E 237 40.67 -5.05 14.92
C VAL E 237 40.65 -5.51 13.46
N LEU E 238 39.79 -6.48 13.17
CA LEU E 238 39.81 -7.15 11.87
C LEU E 238 39.67 -6.20 10.69
N HIS E 239 38.69 -5.29 10.77
CA HIS E 239 38.48 -4.33 9.69
C HIS E 239 38.82 -2.88 10.10
N TYR E 240 39.77 -2.73 11.02
CA TYR E 240 40.31 -1.43 11.43
C TYR E 240 40.58 -0.51 10.23
N GLU E 241 39.88 0.61 10.16
CA GLU E 241 39.98 1.47 8.98
C GLU E 241 40.41 2.91 9.29
N ASP E 242 40.42 3.27 10.57
CA ASP E 242 40.80 4.62 10.98
C ASP E 242 42.11 5.06 10.35
N ASN E 243 43.08 4.16 10.34
CA ASN E 243 44.36 4.44 9.72
C ASN E 243 44.91 5.79 10.16
N ASP E 244 44.69 6.16 11.42
CA ASP E 244 45.11 7.47 11.90
C ASP E 244 45.87 7.44 13.23
N ALA E 245 46.59 6.36 13.49
CA ALA E 245 47.44 6.29 14.68
C ALA E 245 48.92 6.38 14.29
N GLN E 246 49.78 6.76 15.23
CA GLN E 246 51.20 6.82 14.93
C GLN E 246 51.86 5.45 15.05
N ILE E 247 52.76 5.13 14.14
CA ILE E 247 53.45 3.85 14.15
C ILE E 247 54.66 3.87 15.10
N GLN E 248 54.54 3.15 16.21
CA GLN E 248 55.58 3.11 17.22
C GLN E 248 56.77 2.27 16.77
N ASN E 249 57.96 2.67 17.19
CA ASN E 249 59.14 1.86 16.93
C ASN E 249 58.99 0.49 17.60
N GLY E 250 59.24 -0.57 16.84
CA GLY E 250 59.05 -1.93 17.34
C GLY E 250 57.70 -2.50 16.96
N ASP E 251 56.79 -1.62 16.53
CA ASP E 251 55.48 -2.04 16.06
C ASP E 251 55.57 -2.93 14.83
N LEU E 252 54.56 -3.77 14.68
CA LEU E 252 54.38 -4.55 13.47
C LEU E 252 53.28 -3.87 12.67
N VAL E 253 53.36 -3.89 11.34
CA VAL E 253 52.33 -3.26 10.51
C VAL E 253 51.58 -4.25 9.63
N LEU E 254 50.27 -4.34 9.83
CA LEU E 254 49.44 -5.27 9.09
C LEU E 254 48.76 -4.55 7.95
N LEU E 255 49.06 -4.98 6.73
CA LEU E 255 48.38 -4.44 5.55
C LEU E 255 47.31 -5.41 5.04
N ASP E 256 46.12 -4.88 4.81
CA ASP E 256 45.09 -5.63 4.12
C ASP E 256 44.50 -4.68 3.09
N LEU E 257 44.77 -4.95 1.83
CA LEU E 257 44.42 -4.01 0.78
C LEU E 257 44.41 -4.73 -0.55
N GLY E 258 43.97 -4.04 -1.59
CA GLY E 258 43.96 -4.63 -2.91
C GLY E 258 43.52 -3.63 -3.95
N ALA E 259 44.16 -3.67 -5.11
CA ALA E 259 43.74 -2.84 -6.22
C ALA E 259 42.60 -3.53 -6.94
N GLN E 260 41.90 -2.78 -7.78
CA GLN E 260 40.88 -3.37 -8.61
C GLN E 260 41.07 -2.98 -10.06
N LYS E 261 41.15 -3.98 -10.93
CA LYS E 261 41.39 -3.74 -12.35
C LYS E 261 40.16 -4.15 -13.13
N ASP E 262 39.68 -3.25 -13.97
CA ASP E 262 38.49 -3.51 -14.75
C ASP E 262 37.47 -4.29 -13.92
N TYR E 263 37.26 -3.82 -12.70
CA TYR E 263 36.19 -4.33 -11.83
C TYR E 263 36.50 -5.66 -11.15
N TYR E 264 37.61 -6.30 -11.51
CA TYR E 264 38.05 -7.49 -10.80
C TYR E 264 38.97 -7.10 -9.66
N ASN E 265 38.94 -7.87 -8.58
CA ASN E 265 39.55 -7.46 -7.33
C ASN E 265 40.74 -8.31 -6.88
N ALA E 266 41.81 -7.66 -6.44
CA ALA E 266 42.87 -8.38 -5.73
C ALA E 266 42.64 -8.19 -4.25
N ASP E 267 43.14 -9.13 -3.45
CA ASP E 267 42.95 -9.05 -2.02
C ASP E 267 44.12 -9.69 -1.29
N ILE E 268 44.99 -8.85 -0.76
CA ILE E 268 46.21 -9.31 -0.14
C ILE E 268 46.35 -8.76 1.27
N SER E 269 46.78 -9.63 2.18
CA SER E 269 47.16 -9.21 3.52
C SER E 269 48.64 -9.47 3.69
N TYR E 270 49.33 -8.50 4.27
CA TYR E 270 50.76 -8.54 4.37
C TYR E 270 51.10 -7.90 5.69
N THR E 271 52.04 -8.51 6.40
CA THR E 271 52.46 -7.99 7.70
C THR E 271 53.97 -7.86 7.70
N PHE E 272 54.47 -6.73 8.20
CA PHE E 272 55.91 -6.51 8.25
C PHE E 272 56.23 -5.66 9.48
N PRO E 273 57.53 -5.57 9.83
CA PRO E 273 58.01 -4.75 10.92
C PRO E 273 58.28 -3.34 10.47
N ALA E 274 57.72 -2.37 11.17
CA ALA E 274 57.92 -0.98 10.82
C ALA E 274 59.40 -0.65 10.74
N ASN E 275 60.18 -1.06 11.74
CA ASN E 275 61.59 -0.67 11.77
C ASN E 275 62.50 -1.55 10.94
N GLY E 276 61.92 -2.47 10.18
CA GLY E 276 62.69 -3.32 9.27
C GLY E 276 63.30 -4.56 9.90
N THR E 277 62.98 -4.80 11.17
CA THR E 277 63.46 -5.97 11.88
C THR E 277 62.37 -6.61 12.73
N PHE E 278 62.09 -7.88 12.48
CA PHE E 278 61.20 -8.64 13.33
C PHE E 278 61.86 -8.89 14.69
N SER E 279 61.12 -8.68 15.78
CA SER E 279 61.60 -9.09 17.10
C SER E 279 61.40 -10.61 17.21
N SER E 280 62.15 -11.23 18.13
CA SER E 280 62.02 -12.66 18.37
C SER E 280 60.56 -13.10 18.46
N ARG E 281 59.83 -12.51 19.40
CA ARG E 281 58.43 -12.84 19.62
C ARG E 281 57.64 -12.72 18.31
N GLN E 282 57.82 -11.60 17.63
CA GLN E 282 57.12 -11.32 16.38
C GLN E 282 57.48 -12.37 15.31
N LYS E 283 58.78 -12.68 15.21
CA LYS E 283 59.22 -13.70 14.27
C LYS E 283 58.49 -15.02 14.51
N GLN E 284 58.29 -15.36 15.79
CA GLN E 284 57.56 -16.58 16.14
C GLN E 284 56.15 -16.55 15.59
N ILE E 285 55.35 -15.62 16.09
CA ILE E 285 53.95 -15.54 15.71
C ILE E 285 53.79 -15.47 14.18
N TYR E 286 54.68 -14.73 13.53
CA TYR E 286 54.61 -14.62 12.08
C TYR E 286 54.68 -16.00 11.44
N ASN E 287 55.81 -16.68 11.62
CA ASN E 287 56.01 -18.00 11.03
C ASN E 287 54.87 -18.99 11.32
N ILE E 288 54.30 -18.94 12.53
CA ILE E 288 53.15 -19.77 12.83
C ILE E 288 52.06 -19.49 11.79
N VAL E 289 51.74 -18.20 11.59
CA VAL E 289 50.73 -17.79 10.61
C VAL E 289 51.16 -18.17 9.21
N LEU E 290 52.43 -17.94 8.90
CA LEU E 290 52.95 -18.30 7.58
C LEU E 290 52.73 -19.79 7.32
N ASN E 291 53.07 -20.63 8.30
CA ASN E 291 52.88 -22.06 8.11
C ASN E 291 51.44 -22.37 7.73
N ALA E 292 50.51 -21.90 8.55
CA ALA E 292 49.09 -22.13 8.30
C ALA E 292 48.78 -21.78 6.85
N LEU E 293 49.45 -20.75 6.34
CA LEU E 293 49.20 -20.30 4.99
C LEU E 293 49.61 -21.37 4.00
N LYS E 294 50.87 -21.78 4.07
CA LYS E 294 51.41 -22.75 3.11
C LYS E 294 50.69 -24.08 3.26
N GLU E 295 50.54 -24.53 4.50
CA GLU E 295 49.84 -25.78 4.80
C GLU E 295 48.44 -25.81 4.17
N THR E 296 47.65 -24.78 4.46
CA THR E 296 46.27 -24.73 4.00
C THR E 296 46.22 -24.54 2.49
N THR E 297 47.16 -23.76 1.95
CA THR E 297 47.23 -23.58 0.50
C THR E 297 47.50 -24.94 -0.12
N GLU E 298 48.40 -25.68 0.52
CA GLU E 298 48.87 -26.98 0.02
C GLU E 298 47.73 -27.91 -0.41
N ILE E 299 46.75 -28.10 0.48
CA ILE E 299 45.71 -29.11 0.26
C ILE E 299 44.65 -28.75 -0.78
N ILE E 300 44.82 -27.61 -1.46
CA ILE E 300 43.80 -27.17 -2.41
C ILE E 300 43.83 -27.97 -3.72
N LYS E 301 42.67 -28.55 -4.05
CA LYS E 301 42.48 -29.25 -5.33
C LYS E 301 41.02 -29.64 -5.52
N PRO E 302 40.57 -29.75 -6.79
CA PRO E 302 39.18 -30.13 -7.02
C PRO E 302 38.85 -31.37 -6.21
N GLY E 303 37.62 -31.41 -5.68
CA GLY E 303 37.19 -32.53 -4.86
C GLY E 303 37.23 -32.21 -3.38
N LEU E 304 38.12 -31.30 -2.98
CA LEU E 304 38.24 -30.93 -1.58
C LEU E 304 37.03 -30.13 -1.12
N LYS E 305 36.44 -30.54 0.00
CA LYS E 305 35.30 -29.80 0.55
C LYS E 305 35.78 -28.44 1.04
N PHE E 306 35.01 -27.39 0.72
CA PHE E 306 35.41 -26.04 1.10
C PHE E 306 35.67 -25.97 2.61
N ALA E 307 34.73 -26.52 3.38
CA ALA E 307 34.81 -26.50 4.84
C ALA E 307 36.17 -26.97 5.36
N ALA E 308 36.89 -27.74 4.54
CA ALA E 308 38.12 -28.38 4.99
C ALA E 308 39.25 -27.37 5.20
N LEU E 309 39.20 -26.31 4.41
CA LEU E 309 40.23 -25.28 4.46
C LEU E 309 40.34 -24.73 5.87
N ASN E 310 39.21 -24.25 6.39
CA ASN E 310 39.27 -23.65 7.72
C ASN E 310 39.60 -24.66 8.81
N GLU E 311 39.13 -25.90 8.63
CA GLU E 311 39.46 -26.96 9.58
C GLU E 311 40.98 -27.09 9.69
N HIS E 312 41.64 -27.23 8.55
CA HIS E 312 43.09 -27.40 8.52
C HIS E 312 43.79 -26.18 9.11
N ALA E 313 43.33 -24.99 8.71
CA ALA E 313 43.90 -23.74 9.20
C ALA E 313 43.90 -23.70 10.72
N LYS E 314 42.73 -23.98 11.31
CA LYS E 314 42.60 -24.02 12.76
C LYS E 314 43.56 -25.05 13.36
N LYS E 315 43.63 -26.21 12.74
CA LYS E 315 44.51 -27.28 13.20
C LYS E 315 45.96 -26.81 13.22
N VAL E 316 46.43 -26.22 12.10
CA VAL E 316 47.83 -25.81 12.02
C VAL E 316 48.16 -24.61 12.91
N LEU E 317 47.22 -23.67 13.02
CA LEU E 317 47.40 -22.53 13.90
C LEU E 317 47.53 -23.01 15.34
N ALA E 318 46.58 -23.84 15.77
CA ALA E 318 46.64 -24.46 17.09
C ALA E 318 47.99 -25.13 17.42
N GLU E 319 48.53 -25.90 16.47
CA GLU E 319 49.82 -26.56 16.67
C GLU E 319 50.94 -25.56 16.90
N GLY E 320 50.92 -24.47 16.12
CA GLY E 320 51.91 -23.43 16.26
C GLY E 320 51.76 -22.74 17.61
N CYS E 321 50.50 -22.53 18.00
CA CYS E 321 50.19 -21.87 19.26
C CYS E 321 50.61 -22.69 20.49
N LYS E 322 50.43 -24.00 20.40
CA LYS E 322 50.89 -24.90 21.46
C LYS E 322 52.40 -24.83 21.58
N ALA E 323 53.10 -25.25 20.53
CA ALA E 323 54.57 -25.27 20.48
C ALA E 323 55.22 -23.98 21.02
N VAL E 324 54.56 -22.85 20.81
CA VAL E 324 55.07 -21.56 21.27
C VAL E 324 54.66 -21.27 22.72
N GLY E 325 53.61 -21.93 23.18
CA GLY E 325 53.16 -21.77 24.55
C GLY E 325 52.02 -20.79 24.69
N LEU E 326 51.54 -20.28 23.56
CA LEU E 326 50.43 -19.35 23.60
C LEU E 326 49.17 -20.02 24.15
N ILE E 327 48.98 -21.29 23.82
CA ILE E 327 47.81 -22.05 24.32
C ILE E 327 48.16 -23.47 24.77
N GLN E 328 47.22 -24.08 25.48
CA GLN E 328 47.36 -25.45 25.97
C GLN E 328 46.51 -26.41 25.13
N GLU E 329 45.23 -26.08 24.98
CA GLU E 329 44.32 -26.90 24.19
C GLU E 329 43.69 -26.16 23.01
N ASP E 330 43.30 -26.93 22.00
CA ASP E 330 42.77 -26.39 20.75
C ASP E 330 41.61 -25.43 20.96
N GLU E 331 40.82 -25.65 22.01
CA GLU E 331 39.65 -24.82 22.27
C GLU E 331 40.00 -23.34 22.49
N GLU E 332 41.16 -23.09 23.09
CA GLU E 332 41.58 -21.71 23.41
C GLU E 332 41.87 -20.85 22.17
N LEU E 333 42.13 -21.51 21.03
CA LEU E 333 42.50 -20.82 19.80
C LEU E 333 41.55 -19.68 19.45
N SER E 334 40.25 -19.93 19.54
CA SER E 334 39.23 -18.96 19.14
C SER E 334 39.44 -17.59 19.80
N LYS E 335 40.31 -17.55 20.81
CA LYS E 335 40.61 -16.29 21.52
C LYS E 335 41.60 -15.45 20.71
N TYR E 336 42.30 -16.10 19.77
CA TYR E 336 43.36 -15.46 18.97
C TYR E 336 43.16 -15.55 17.46
N TYR E 337 42.16 -16.33 17.03
CA TYR E 337 41.84 -16.49 15.63
C TYR E 337 40.35 -16.67 15.52
N TYR E 338 39.65 -15.61 15.11
CA TYR E 338 38.19 -15.62 15.15
C TYR E 338 37.51 -15.24 13.84
N HIS E 339 38.03 -15.77 12.73
CA HIS E 339 37.37 -15.61 11.44
C HIS E 339 37.63 -16.80 10.51
N GLY E 340 36.95 -16.81 9.36
CA GLY E 340 37.21 -17.82 8.35
C GLY E 340 38.57 -17.62 7.71
N VAL E 341 39.09 -18.67 7.09
CA VAL E 341 40.40 -18.56 6.43
C VAL E 341 40.28 -18.28 4.94
N SER E 342 39.08 -18.41 4.40
CA SER E 342 38.94 -18.33 2.95
C SER E 342 37.63 -17.74 2.47
N HIS E 343 37.67 -17.09 1.30
CA HIS E 343 36.46 -16.61 0.64
C HIS E 343 36.67 -16.50 -0.86
N PHE E 344 35.59 -16.63 -1.63
CA PHE E 344 35.69 -16.44 -3.06
C PHE E 344 36.18 -15.04 -3.37
N LEU E 345 36.79 -14.89 -4.53
CA LEU E 345 37.31 -13.62 -5.00
C LEU E 345 36.92 -13.44 -6.46
N GLY E 346 36.64 -12.20 -6.86
CA GLY E 346 36.24 -11.94 -8.24
C GLY E 346 35.74 -10.54 -8.54
N LEU E 347 34.55 -10.46 -9.15
CA LEU E 347 33.98 -9.17 -9.48
C LEU E 347 33.59 -8.46 -8.17
N ASP E 348 33.56 -9.23 -7.10
CA ASP E 348 33.36 -8.71 -5.76
C ASP E 348 34.47 -9.27 -4.88
N THR E 349 34.96 -8.45 -3.95
CA THR E 349 36.08 -8.85 -3.12
C THR E 349 35.71 -10.05 -2.27
N HIS E 350 34.54 -9.98 -1.65
CA HIS E 350 33.94 -11.17 -1.08
C HIS E 350 32.98 -11.73 -2.11
N ASP E 351 33.53 -12.43 -3.12
CA ASP E 351 32.75 -12.76 -4.30
C ASP E 351 31.50 -13.57 -3.96
N VAL E 352 30.59 -13.63 -4.92
CA VAL E 352 29.33 -14.35 -4.77
C VAL E 352 29.49 -15.86 -4.85
N GLY E 353 28.43 -16.59 -4.53
CA GLY E 353 28.45 -18.07 -4.56
C GLY E 353 28.12 -18.70 -3.22
N THR E 354 27.39 -19.81 -3.23
CA THR E 354 27.07 -20.46 -1.95
C THR E 354 28.28 -21.19 -1.38
N TYR E 355 28.35 -21.26 -0.06
CA TYR E 355 29.46 -21.95 0.60
C TYR E 355 29.02 -23.30 1.17
N LYS E 356 27.78 -23.36 1.61
CA LYS E 356 27.21 -24.57 2.18
C LYS E 356 27.45 -25.79 1.28
N ASP E 357 28.16 -26.79 1.82
CA ASP E 357 28.40 -28.04 1.11
C ASP E 357 29.22 -27.83 -0.17
N ARG E 358 29.93 -26.70 -0.24
CA ARG E 358 30.69 -26.39 -1.42
C ARG E 358 31.88 -27.32 -1.52
N VAL E 359 32.08 -27.90 -2.70
CA VAL E 359 33.33 -28.60 -3.00
C VAL E 359 34.12 -27.84 -4.06
N LEU E 360 35.43 -27.73 -3.86
CA LEU E 360 36.28 -27.01 -4.79
C LEU E 360 36.23 -27.64 -6.17
N GLU E 361 36.49 -26.83 -7.19
CA GLU E 361 36.48 -27.30 -8.58
C GLU E 361 37.32 -26.41 -9.46
N GLU E 362 37.88 -26.98 -10.53
CA GLU E 362 38.63 -26.17 -11.47
C GLU E 362 37.86 -24.88 -11.78
N GLY E 363 38.54 -23.74 -11.70
CA GLY E 363 37.96 -22.46 -12.13
C GLY E 363 37.68 -21.47 -11.01
N MSE E 364 37.69 -21.96 -9.79
CA MSE E 364 37.41 -21.12 -8.64
C MSE E 364 38.66 -20.37 -8.21
O MSE E 364 39.77 -20.89 -8.27
CB MSE E 364 36.91 -21.96 -7.47
CG MSE E 364 35.61 -22.69 -7.75
SE MSE E 364 34.92 -23.69 -6.22
CE MSE E 364 33.44 -24.59 -7.13
N VAL E 365 38.46 -19.11 -7.81
CA VAL E 365 39.50 -18.33 -7.19
C VAL E 365 39.08 -18.09 -5.75
N ILE E 366 39.97 -18.32 -4.81
CA ILE E 366 39.65 -18.12 -3.40
C ILE E 366 40.85 -17.60 -2.65
N THR E 367 40.63 -17.08 -1.45
CA THR E 367 41.73 -16.50 -0.70
C THR E 367 42.07 -17.40 0.48
N ILE E 368 43.29 -17.27 0.98
CA ILE E 368 43.73 -18.00 2.17
C ILE E 368 44.44 -17.01 3.07
N GLU E 369 43.87 -16.78 4.24
CA GLU E 369 44.25 -15.64 5.06
C GLU E 369 44.24 -16.01 6.54
N PRO E 370 45.14 -16.91 6.95
CA PRO E 370 45.24 -17.22 8.37
C PRO E 370 45.78 -16.00 9.10
N GLY E 371 45.37 -15.79 10.35
CA GLY E 371 45.95 -14.74 11.17
C GLY E 371 46.02 -15.07 12.65
N LEU E 372 46.82 -14.31 13.38
CA LEU E 372 46.83 -14.40 14.85
C LEU E 372 46.74 -13.01 15.48
N TYR E 373 45.82 -12.89 16.44
CA TYR E 373 45.59 -11.60 17.09
C TYR E 373 45.69 -11.73 18.61
N ILE E 374 46.78 -11.17 19.15
CA ILE E 374 47.09 -11.24 20.57
C ILE E 374 46.93 -9.88 21.23
N GLU E 375 45.74 -9.60 21.74
CA GLU E 375 45.48 -8.28 22.30
C GLU E 375 46.50 -7.85 23.35
N GLU E 376 46.72 -8.69 24.36
CA GLU E 376 47.60 -8.31 25.46
C GLU E 376 49.06 -8.03 25.04
N GLU E 377 49.47 -8.54 23.89
CA GLU E 377 50.84 -8.31 23.38
C GLU E 377 50.90 -7.23 22.31
N SER E 378 49.75 -6.67 21.96
CA SER E 378 49.68 -5.69 20.88
C SER E 378 50.28 -6.25 19.58
N ILE E 379 49.93 -7.51 19.25
CA ILE E 379 50.39 -8.13 18.01
C ILE E 379 49.25 -8.66 17.17
N GLY E 380 49.16 -8.13 15.95
CA GLY E 380 48.19 -8.61 14.97
C GLY E 380 48.90 -9.00 13.69
N ILE E 381 48.68 -10.24 13.25
CA ILE E 381 49.30 -10.71 12.01
C ILE E 381 48.32 -11.46 11.13
N ARG E 382 48.27 -11.06 9.86
CA ARG E 382 47.50 -11.77 8.86
C ARG E 382 48.30 -11.87 7.57
N ILE E 383 48.29 -13.04 6.96
CA ILE E 383 48.99 -13.23 5.69
C ILE E 383 48.04 -13.85 4.67
N GLU E 384 47.87 -13.21 3.51
CA GLU E 384 46.82 -13.63 2.60
C GLU E 384 47.24 -13.74 1.15
N ASP E 385 46.95 -14.89 0.55
CA ASP E 385 47.17 -15.12 -0.88
C ASP E 385 45.86 -15.34 -1.65
N ASP E 386 45.93 -15.12 -2.96
CA ASP E 386 44.81 -15.37 -3.85
C ASP E 386 45.08 -16.63 -4.68
N ILE E 387 44.43 -17.73 -4.32
CA ILE E 387 44.67 -19.02 -4.99
C ILE E 387 43.68 -19.33 -6.10
N LEU E 388 44.18 -19.86 -7.22
CA LEU E 388 43.31 -20.39 -8.27
C LEU E 388 43.25 -21.91 -8.19
N VAL E 389 42.05 -22.46 -8.29
CA VAL E 389 41.89 -23.91 -8.35
C VAL E 389 42.07 -24.35 -9.80
N THR E 390 43.03 -25.25 -10.04
CA THR E 390 43.30 -25.78 -11.37
C THR E 390 42.66 -27.14 -11.54
N LYS E 391 43.01 -27.85 -12.61
CA LYS E 391 42.36 -29.13 -12.85
C LYS E 391 42.85 -30.25 -11.95
N ASP E 392 44.09 -30.15 -11.46
CA ASP E 392 44.61 -31.20 -10.58
C ASP E 392 45.25 -30.67 -9.30
N GLY E 393 45.07 -29.38 -9.04
CA GLY E 393 45.58 -28.79 -7.81
C GLY E 393 45.22 -27.32 -7.70
N HIS E 394 46.25 -26.49 -7.53
CA HIS E 394 46.06 -25.07 -7.38
C HIS E 394 47.23 -24.30 -8.02
N GLU E 395 47.04 -23.00 -8.21
CA GLU E 395 48.12 -22.12 -8.63
C GLU E 395 48.03 -20.85 -7.79
N ASN E 396 49.08 -20.57 -7.00
CA ASN E 396 49.08 -19.38 -6.14
C ASN E 396 49.32 -18.12 -6.94
N LEU E 397 48.26 -17.36 -7.19
CA LEU E 397 48.31 -16.19 -8.07
C LEU E 397 49.25 -15.09 -7.56
N SER E 398 49.45 -15.04 -6.25
CA SER E 398 50.29 -14.02 -5.64
C SER E 398 51.55 -14.60 -5.03
N LYS E 399 52.18 -15.53 -5.74
CA LYS E 399 53.39 -16.16 -5.23
C LYS E 399 54.60 -15.22 -5.33
N ASP E 400 54.54 -14.27 -6.25
CA ASP E 400 55.67 -13.34 -6.46
C ASP E 400 55.90 -12.42 -5.28
N ILE E 401 54.92 -12.30 -4.40
CA ILE E 401 55.08 -11.44 -3.24
C ILE E 401 55.91 -12.17 -2.17
N ILE E 402 57.08 -11.62 -1.87
CA ILE E 402 58.00 -12.25 -0.92
C ILE E 402 57.41 -12.29 0.49
N ARG E 403 57.56 -13.43 1.16
CA ARG E 403 56.87 -13.65 2.42
C ARG E 403 57.79 -14.00 3.58
N GLU E 404 58.92 -14.63 3.28
CA GLU E 404 59.85 -15.06 4.32
C GLU E 404 60.37 -13.89 5.15
N VAL E 405 60.52 -14.12 6.46
CA VAL E 405 61.08 -13.11 7.36
C VAL E 405 62.43 -12.60 6.84
N GLU E 406 63.27 -13.50 6.35
CA GLU E 406 64.56 -13.11 5.81
C GLU E 406 64.38 -12.23 4.59
N GLU E 407 63.45 -12.60 3.73
CA GLU E 407 63.23 -11.90 2.45
C GLU E 407 62.79 -10.46 2.71
N ILE E 408 61.88 -10.31 3.66
CA ILE E 408 61.36 -9.01 4.04
C ILE E 408 62.47 -8.12 4.64
N GLU E 409 63.10 -8.60 5.72
CA GLU E 409 64.17 -7.84 6.37
C GLU E 409 65.24 -7.44 5.39
N GLU E 410 65.54 -8.37 4.47
CA GLU E 410 66.54 -8.14 3.43
C GLU E 410 66.08 -7.05 2.47
N PHE E 411 64.83 -7.16 2.03
CA PHE E 411 64.27 -6.21 1.08
C PHE E 411 64.28 -4.78 1.63
N MSE E 412 63.85 -4.64 2.88
CA MSE E 412 63.76 -3.32 3.51
C MSE E 412 65.14 -2.71 3.74
O MSE E 412 65.31 -1.49 3.65
CB MSE E 412 62.99 -3.40 4.83
CG MSE E 412 61.54 -3.74 4.64
SE MSE E 412 60.51 -3.61 6.30
CE MSE E 412 60.50 -1.67 6.51
N ARG E 413 66.12 -3.56 4.02
CA ARG E 413 67.52 -3.12 4.10
C ARG E 413 67.96 -2.53 2.75
N GLU E 414 67.86 -3.32 1.69
CA GLU E 414 68.29 -2.88 0.34
C GLU E 414 67.52 -1.68 -0.23
N ASN E 415 66.27 -1.49 0.17
CA ASN E 415 65.42 -0.51 -0.53
C ASN E 415 64.88 0.64 0.32
N ASN E 416 64.77 0.41 1.62
CA ASN E 416 64.22 1.42 2.52
C ASN E 416 65.27 2.47 2.90
N VAL E 417 65.01 3.69 2.44
CA VAL E 417 65.86 4.87 2.70
C VAL E 417 66.40 4.96 4.13
N ASN E 418 65.55 4.70 5.13
CA ASN E 418 65.93 4.94 6.52
C ASN E 418 66.11 3.68 7.39
N VAL E 419 66.89 2.72 6.89
CA VAL E 419 67.28 1.54 7.68
C VAL E 419 68.80 1.33 7.59
N MSE F 1 36.08 21.34 17.05
CA MSE F 1 34.59 21.53 17.12
C MSE F 1 34.01 20.99 18.43
O MSE F 1 34.00 19.78 18.66
CB MSE F 1 33.94 20.87 15.90
CG MSE F 1 32.77 21.65 15.31
SE MSE F 1 33.06 23.58 15.12
CE MSE F 1 33.02 23.77 13.18
N LYS F 2 33.52 21.87 19.30
CA LYS F 2 33.14 21.50 20.67
C LYS F 2 31.61 21.54 20.90
N SER F 3 31.12 20.73 21.82
CA SER F 3 29.68 20.61 22.07
C SER F 3 28.91 21.93 22.12
N LYS F 4 29.51 22.98 22.65
CA LYS F 4 28.82 24.27 22.73
C LYS F 4 28.25 24.69 21.37
N PHE F 5 29.01 24.45 20.32
CA PHE F 5 28.58 24.78 18.97
C PHE F 5 27.24 24.11 18.65
N PHE F 6 27.16 22.82 18.91
CA PHE F 6 25.95 22.06 18.61
C PHE F 6 24.76 22.43 19.50
N ALA F 7 25.05 22.68 20.78
CA ALA F 7 24.00 23.08 21.70
C ALA F 7 23.32 24.36 21.21
N GLN F 8 24.13 25.33 20.77
CA GLN F 8 23.59 26.59 20.30
C GLN F 8 22.77 26.43 19.03
N ASN F 9 23.18 25.48 18.19
CA ASN F 9 22.43 25.16 16.99
C ASN F 9 21.07 24.65 17.38
N ARG F 10 21.00 23.92 18.48
CA ARG F 10 19.72 23.38 18.90
C ARG F 10 18.86 24.52 19.45
N GLU F 11 19.47 25.43 20.20
CA GLU F 11 18.74 26.57 20.69
C GLU F 11 18.12 27.31 19.51
N ARG F 12 18.90 27.57 18.48
CA ARG F 12 18.39 28.31 17.34
C ARG F 12 17.28 27.53 16.64
N LEU F 13 17.48 26.23 16.50
CA LEU F 13 16.48 25.40 15.86
C LEU F 13 15.18 25.46 16.64
N VAL F 14 15.28 25.34 17.97
CA VAL F 14 14.13 25.38 18.86
C VAL F 14 13.29 26.63 18.62
N ASN F 15 13.95 27.75 18.42
CA ASN F 15 13.22 28.99 18.23
C ASN F 15 12.47 29.07 16.92
N THR F 16 12.72 28.13 16.01
CA THR F 16 12.06 28.17 14.70
C THR F 16 10.88 27.23 14.65
N LEU F 17 10.74 26.41 15.70
CA LEU F 17 9.70 25.39 15.74
C LEU F 17 8.54 25.82 16.60
N PRO F 18 7.32 25.44 16.20
CA PRO F 18 6.14 25.76 16.98
C PRO F 18 6.19 25.06 18.33
N ASP F 19 5.36 25.51 19.26
CA ASP F 19 5.26 24.87 20.56
C ASP F 19 4.37 23.63 20.40
N GLU F 20 4.41 22.74 21.39
CA GLU F 20 3.59 21.53 21.36
C GLU F 20 3.92 20.69 20.13
N SER F 21 5.21 20.44 19.90
CA SER F 21 5.62 19.66 18.75
C SER F 21 6.83 18.81 19.07
N ILE F 22 6.98 17.70 18.36
CA ILE F 22 8.16 16.86 18.52
C ILE F 22 8.92 16.75 17.18
N THR F 23 10.24 16.73 17.26
CA THR F 23 11.07 16.66 16.05
C THR F 23 12.00 15.46 16.17
N ILE F 24 12.12 14.66 15.11
CA ILE F 24 13.02 13.52 15.11
C ILE F 24 13.98 13.53 13.92
N LEU F 25 15.25 13.30 14.19
CA LEU F 25 16.25 13.24 13.15
C LEU F 25 16.93 11.88 13.22
N PHE F 26 17.32 11.35 12.05
CA PHE F 26 17.94 10.03 11.98
C PHE F 26 19.36 10.13 11.41
N ALA F 27 20.32 9.53 12.11
CA ALA F 27 21.71 9.51 11.67
C ALA F 27 21.87 8.79 10.33
N GLY F 28 21.08 7.74 10.12
CA GLY F 28 21.14 6.96 8.90
C GLY F 28 22.11 5.78 8.93
N GLN F 29 22.14 5.02 7.83
CA GLN F 29 23.08 3.90 7.64
C GLN F 29 23.81 4.16 6.35
N ALA F 30 24.98 3.56 6.17
CA ALA F 30 25.64 3.58 4.86
C ALA F 30 24.86 2.72 3.87
N PRO F 31 24.63 3.23 2.65
CA PRO F 31 23.86 2.43 1.67
C PRO F 31 24.63 1.20 1.19
N HIS F 32 23.91 0.21 0.68
CA HIS F 32 24.54 -0.98 0.08
C HIS F 32 25.31 -0.55 -1.17
N MSE F 33 26.48 -1.15 -1.38
CA MSE F 33 27.30 -0.83 -2.55
C MSE F 33 27.35 -1.98 -3.57
O MSE F 33 26.95 -1.83 -4.72
CB MSE F 33 28.71 -0.47 -2.10
CG MSE F 33 29.68 -0.23 -3.24
SE MSE F 33 31.41 0.49 -2.64
CE MSE F 33 32.33 -1.15 -2.11
N SER F 34 27.87 -3.11 -3.15
CA SER F 34 27.91 -4.30 -3.98
C SER F 34 28.12 -5.50 -3.08
N ALA F 35 27.39 -6.58 -3.36
CA ALA F 35 27.48 -7.76 -2.51
C ALA F 35 27.35 -7.36 -1.04
N ASP F 36 28.23 -7.87 -0.19
CA ASP F 36 28.12 -7.61 1.24
C ASP F 36 28.78 -6.30 1.61
N ALA F 37 29.32 -5.59 0.64
CA ALA F 37 29.98 -4.32 0.92
C ALA F 37 29.04 -3.11 0.87
N HIS F 38 29.29 -2.15 1.76
CA HIS F 38 28.56 -0.89 1.78
C HIS F 38 29.49 0.25 1.36
N TYR F 39 28.92 1.38 0.98
CA TYR F 39 29.71 2.57 0.73
C TYR F 39 30.29 3.09 2.05
N LYS F 40 31.25 3.99 1.98
CA LYS F 40 31.72 4.66 3.19
C LYS F 40 30.56 5.45 3.82
N PHE F 41 30.44 5.40 5.14
CA PHE F 41 29.40 6.17 5.80
C PHE F 41 29.62 7.67 5.68
N VAL F 42 28.55 8.37 5.31
CA VAL F 42 28.60 9.83 5.21
C VAL F 42 27.56 10.46 6.15
N PRO F 43 28.04 11.06 7.24
CA PRO F 43 27.13 11.65 8.21
C PRO F 43 26.13 12.58 7.54
N ASN F 44 24.86 12.44 7.90
CA ASN F 44 23.81 13.31 7.41
C ASN F 44 24.02 14.73 7.95
N ARG F 45 24.38 15.65 7.07
CA ARG F 45 24.79 16.98 7.53
C ARG F 45 23.82 17.67 8.51
N ASN F 46 22.51 17.62 8.25
CA ASN F 46 21.57 18.22 9.21
C ASN F 46 21.65 17.50 10.55
N PHE F 47 21.69 16.18 10.50
CA PHE F 47 21.76 15.45 11.75
C PHE F 47 23.03 15.86 12.49
N TYR F 48 24.14 15.87 11.77
CA TYR F 48 25.42 16.19 12.38
C TYR F 48 25.43 17.61 12.91
N TYR F 49 24.95 18.53 12.11
CA TYR F 49 24.90 19.93 12.49
C TYR F 49 24.17 20.13 13.81
N VAL F 50 23.24 19.23 14.11
CA VAL F 50 22.37 19.39 15.27
C VAL F 50 22.85 18.61 16.49
N THR F 51 23.50 17.48 16.27
CA THR F 51 23.88 16.61 17.39
C THR F 51 25.36 16.54 17.60
N GLY F 52 26.12 16.77 16.53
CA GLY F 52 27.56 16.65 16.60
C GLY F 52 28.01 15.19 16.59
N ILE F 53 27.11 14.32 16.22
CA ILE F 53 27.40 12.91 16.22
C ILE F 53 27.58 12.42 14.83
N ASP F 54 28.68 11.71 14.58
CA ASP F 54 29.11 11.37 13.26
C ASP F 54 29.04 9.90 12.97
N GLU F 55 28.19 9.18 13.67
CA GLU F 55 28.12 7.74 13.57
C GLU F 55 26.76 7.35 13.13
N PRO F 56 26.62 6.17 12.57
CA PRO F 56 25.35 5.70 12.08
C PRO F 56 24.39 5.31 13.16
N ASN F 57 23.10 5.46 12.85
CA ASN F 57 22.06 4.62 13.46
C ASN F 57 21.67 5.17 14.81
N VAL F 58 22.20 6.34 15.15
CA VAL F 58 21.74 7.06 16.30
C VAL F 58 20.50 7.83 15.96
N ILE F 59 19.68 8.16 16.95
CA ILE F 59 18.48 8.91 16.71
C ILE F 59 18.40 10.07 17.66
N PHE F 60 17.93 11.19 17.16
CA PHE F 60 17.78 12.38 17.99
C PHE F 60 16.34 12.85 18.03
N MSE F 61 15.92 13.31 19.20
CA MSE F 61 14.54 13.72 19.39
C MSE F 61 14.46 14.99 20.20
O MSE F 61 15.17 15.17 21.20
CB MSE F 61 13.76 12.60 20.06
CG MSE F 61 12.40 13.00 20.57
SE MSE F 61 11.66 11.56 21.68
CE MSE F 61 11.31 10.27 20.27
N LEU F 62 13.59 15.90 19.79
CA LEU F 62 13.43 17.16 20.47
C LEU F 62 11.96 17.44 20.77
N LYS F 63 11.61 17.41 22.06
CA LYS F 63 10.25 17.66 22.54
C LYS F 63 10.08 19.11 22.99
N LYS F 64 9.05 19.78 22.49
CA LYS F 64 8.81 21.17 22.81
C LYS F 64 7.39 21.33 23.38
N PHE F 65 7.27 21.47 24.70
CA PHE F 65 5.96 21.51 25.38
C PHE F 65 5.89 22.51 26.53
N GLY F 66 4.87 23.37 26.50
CA GLY F 66 4.76 24.44 27.48
C GLY F 66 5.99 25.33 27.42
N ASN F 67 6.67 25.47 28.55
CA ASN F 67 7.95 26.20 28.60
C ASN F 67 9.12 25.24 28.51
N SER F 68 8.82 23.94 28.49
CA SER F 68 9.84 22.88 28.49
C SER F 68 10.47 22.62 27.13
N VAL F 69 11.70 22.11 27.17
CA VAL F 69 12.35 21.62 25.98
C VAL F 69 13.20 20.44 26.38
N GLU F 70 12.90 19.27 25.84
CA GLU F 70 13.65 18.07 26.17
C GLU F 70 14.33 17.45 24.95
N GLU F 71 15.66 17.33 25.02
CA GLU F 71 16.42 16.68 23.97
C GLU F 71 16.88 15.29 24.43
N THR F 72 16.91 14.35 23.50
CA THR F 72 17.27 12.97 23.80
C THR F 72 18.04 12.33 22.66
N LEU F 73 19.02 11.51 22.99
CA LEU F 73 19.71 10.69 22.00
C LEU F 73 19.43 9.22 22.25
N PHE F 74 19.26 8.46 21.16
CA PHE F 74 19.18 7.02 21.26
C PHE F 74 20.39 6.42 20.56
N ILE F 75 21.28 5.78 21.32
CA ILE F 75 22.49 5.18 20.74
C ILE F 75 22.40 3.66 20.72
N GLU F 76 23.37 3.03 20.06
CA GLU F 76 23.46 1.57 20.04
C GLU F 76 24.03 1.06 21.35
N LYS F 77 23.62 -0.16 21.74
CA LYS F 77 24.28 -0.84 22.82
C LYS F 77 25.58 -1.46 22.33
N SER F 78 26.51 -1.68 23.25
CA SER F 78 27.78 -2.31 22.91
C SER F 78 27.62 -3.81 22.58
N ASP F 79 28.35 -4.27 21.59
CA ASP F 79 28.30 -5.66 21.14
C ASP F 79 29.73 -6.26 21.10
N PRO F 80 30.13 -6.98 22.16
CA PRO F 80 31.52 -7.47 22.30
C PRO F 80 32.06 -8.19 21.06
N VAL F 81 31.17 -8.82 20.30
CA VAL F 81 31.54 -9.57 19.10
C VAL F 81 31.90 -8.62 17.95
N MSE F 82 31.05 -7.63 17.71
CA MSE F 82 31.26 -6.65 16.64
C MSE F 82 32.45 -5.73 16.85
O MSE F 82 32.98 -5.14 15.91
CB MSE F 82 29.98 -5.82 16.39
CG MSE F 82 28.98 -6.49 15.45
SE MSE F 82 29.77 -6.91 13.68
CE MSE F 82 29.75 -5.12 12.90
N GLU F 83 32.86 -5.60 18.12
CA GLU F 83 33.99 -4.74 18.47
C GLU F 83 35.32 -5.32 17.99
N LYS F 84 35.34 -6.63 17.73
CA LYS F 84 36.53 -7.29 17.21
C LYS F 84 36.63 -7.15 15.70
N TRP F 85 35.54 -6.70 15.07
CA TRP F 85 35.50 -6.51 13.63
C TRP F 85 35.62 -5.03 13.20
N VAL F 86 34.88 -4.15 13.87
CA VAL F 86 34.79 -2.75 13.44
C VAL F 86 35.24 -1.72 14.50
N GLY F 87 35.50 -2.19 15.71
CA GLY F 87 35.83 -1.28 16.82
C GLY F 87 34.62 -0.93 17.66
N LYS F 88 34.82 -0.13 18.70
CA LYS F 88 33.72 0.27 19.59
C LYS F 88 32.86 1.39 19.01
N THR F 89 31.54 1.27 19.16
CA THR F 89 30.66 2.38 18.80
C THR F 89 30.62 3.42 19.93
N VAL F 90 30.07 4.60 19.64
CA VAL F 90 30.05 5.67 20.63
C VAL F 90 29.41 5.18 21.93
N SER F 91 30.01 5.56 23.05
CA SER F 91 29.50 5.17 24.35
C SER F 91 28.60 6.26 24.95
N ASN F 92 27.71 5.83 25.83
CA ASN F 92 26.87 6.73 26.60
C ASN F 92 27.58 8.05 26.93
N GLU F 93 28.72 7.99 27.61
CA GLU F 93 29.40 9.19 28.09
C GLU F 93 30.04 10.01 26.98
N GLU F 94 30.61 9.34 25.99
CA GLU F 94 31.17 10.01 24.82
C GLU F 94 30.09 10.77 24.08
N ALA F 95 28.94 10.14 23.90
CA ALA F 95 27.85 10.78 23.18
C ALA F 95 27.44 12.08 23.86
N GLU F 96 27.34 12.04 25.18
CA GLU F 96 26.98 13.22 25.97
C GLU F 96 28.06 14.32 25.89
N LYS F 97 29.32 13.93 26.03
CA LYS F 97 30.43 14.87 25.93
C LYS F 97 30.42 15.59 24.58
N ILE F 98 30.21 14.81 23.51
CA ILE F 98 30.26 15.34 22.16
C ILE F 98 29.09 16.26 21.84
N SER F 99 27.88 15.77 22.11
CA SER F 99 26.67 16.45 21.69
C SER F 99 26.21 17.53 22.65
N GLY F 100 26.66 17.43 23.89
CA GLY F 100 26.20 18.35 24.93
C GLY F 100 24.78 18.03 25.34
N ILE F 101 24.25 16.91 24.85
CA ILE F 101 22.91 16.49 25.20
C ILE F 101 22.97 15.61 26.43
N LYS F 102 22.25 16.00 27.46
CA LYS F 102 22.34 15.32 28.75
C LYS F 102 21.70 13.93 28.77
N LYS F 103 20.51 13.77 28.16
CA LYS F 103 19.83 12.48 28.19
C LYS F 103 20.18 11.54 27.03
N VAL F 104 20.97 10.50 27.32
CA VAL F 104 21.38 9.58 26.27
C VAL F 104 20.92 8.17 26.59
N ILE F 105 19.97 7.64 25.84
CA ILE F 105 19.47 6.30 26.10
C ILE F 105 19.70 5.35 24.92
N TYR F 106 19.13 4.15 24.97
CA TYR F 106 19.42 3.13 23.96
C TYR F 106 18.30 2.84 22.95
N LEU F 107 18.71 2.48 21.73
CA LEU F 107 17.77 2.28 20.64
C LEU F 107 16.65 1.31 20.99
N ASP F 108 16.97 0.30 21.79
CA ASP F 108 15.99 -0.74 22.09
C ASP F 108 14.76 -0.22 22.81
N SER F 109 14.79 1.06 23.19
CA SER F 109 13.67 1.67 23.91
C SER F 109 13.00 2.77 23.09
N PHE F 110 13.38 2.85 21.82
CA PHE F 110 12.83 3.87 20.93
C PHE F 110 11.37 3.60 20.60
N GLU F 111 11.06 2.34 20.30
CA GLU F 111 9.68 1.97 19.99
C GLU F 111 8.71 2.25 21.14
N LYS F 112 9.06 1.84 22.35
CA LYS F 112 8.20 2.13 23.50
C LYS F 112 8.03 3.63 23.68
N THR F 113 9.10 4.38 23.49
CA THR F 113 9.05 5.82 23.63
C THR F 113 8.09 6.41 22.61
N MSE F 114 8.17 5.94 21.38
CA MSE F 114 7.21 6.35 20.38
C MSE F 114 5.79 6.16 20.89
O MSE F 114 4.97 7.08 20.80
CB MSE F 114 7.41 5.59 19.07
CG MSE F 114 8.59 6.08 18.21
SE MSE F 114 8.67 8.02 17.87
CE MSE F 114 9.66 8.54 19.48
N SER F 115 5.49 4.98 21.45
CA SER F 115 4.13 4.68 21.90
C SER F 115 3.61 5.71 22.88
N ASN F 116 4.40 6.00 23.92
CA ASN F 116 4.06 7.02 24.90
C ASN F 116 3.89 8.39 24.26
N ILE F 117 4.90 8.85 23.54
CA ILE F 117 4.80 10.15 22.91
C ILE F 117 3.46 10.35 22.20
N PHE F 118 3.09 9.43 21.32
CA PHE F 118 1.93 9.65 20.46
C PHE F 118 0.60 9.21 21.04
N PHE F 119 0.63 8.48 22.16
CA PHE F 119 -0.60 8.13 22.81
C PHE F 119 -0.74 8.88 24.12
N THR F 120 0.06 8.50 25.10
CA THR F 120 -0.03 9.09 26.42
C THR F 120 0.05 10.62 26.37
N GLU F 121 1.00 11.15 25.62
CA GLU F 121 1.20 12.60 25.62
C GLU F 121 0.39 13.38 24.59
N ASN F 122 -0.49 12.70 23.86
CA ASN F 122 -1.35 13.38 22.88
C ASN F 122 -0.63 14.41 22.03
N VAL F 123 0.50 14.03 21.48
CA VAL F 123 1.25 14.91 20.60
C VAL F 123 0.55 14.99 19.26
N LYS F 124 0.46 16.18 18.71
CA LYS F 124 -0.26 16.38 17.47
C LYS F 124 0.60 16.88 16.31
N HIS F 125 1.82 17.33 16.61
CA HIS F 125 2.67 17.92 15.59
C HIS F 125 4.05 17.25 15.55
N LEU F 126 4.34 16.55 14.44
CA LEU F 126 5.65 15.90 14.26
C LEU F 126 6.43 16.51 13.12
N TYR F 127 7.71 16.80 13.38
CA TYR F 127 8.60 17.31 12.35
C TYR F 127 9.69 16.29 12.03
N LEU F 128 9.90 16.06 10.75
CA LEU F 128 10.99 15.23 10.29
C LEU F 128 11.80 16.01 9.27
N ASP F 129 13.02 15.55 9.04
CA ASP F 129 13.85 16.13 8.01
C ASP F 129 13.47 15.44 6.71
N LEU F 130 12.62 16.09 5.93
CA LEU F 130 12.07 15.46 4.75
C LEU F 130 12.75 15.87 3.45
N GLU F 131 14.06 15.69 3.35
CA GLU F 131 14.72 16.01 2.09
C GLU F 131 14.26 15.02 1.05
N CYS F 132 13.62 15.50 -0.02
CA CYS F 132 13.24 14.63 -1.12
C CYS F 132 13.48 15.38 -2.42
N ARG F 133 14.53 15.00 -3.14
CA ARG F 133 14.98 15.77 -4.29
C ARG F 133 14.46 15.28 -5.63
N GLU F 134 13.83 14.12 -5.65
CA GLU F 134 13.35 13.59 -6.91
C GLU F 134 11.91 13.16 -6.77
N TRP F 135 11.10 13.54 -7.75
CA TRP F 135 9.69 13.20 -7.77
C TRP F 135 9.49 11.69 -7.76
N LYS F 136 10.33 10.99 -8.53
CA LYS F 136 10.19 9.55 -8.63
C LYS F 136 11.24 8.79 -7.82
N GLY F 137 11.80 9.48 -6.83
CA GLY F 137 12.70 8.83 -5.87
C GLY F 137 12.12 7.55 -5.29
N THR F 138 12.96 6.80 -4.61
CA THR F 138 12.53 5.54 -4.02
C THR F 138 12.39 5.76 -2.52
N GLU F 139 11.55 4.97 -1.87
CA GLU F 139 11.27 5.15 -0.45
C GLU F 139 12.52 5.03 0.43
N THR F 140 12.65 5.98 1.36
CA THR F 140 13.78 6.01 2.31
C THR F 140 13.30 5.67 3.73
N LYS F 141 14.20 5.33 4.65
CA LYS F 141 13.79 5.04 6.04
CA LYS F 141 13.75 5.01 6.00
C LYS F 141 12.89 6.15 6.55
N THR F 142 13.33 7.38 6.37
CA THR F 142 12.54 8.52 6.84
C THR F 142 11.14 8.54 6.25
N LEU F 143 11.02 8.46 4.93
CA LEU F 143 9.69 8.50 4.32
C LEU F 143 8.85 7.32 4.82
N ALA F 144 9.48 6.17 5.00
CA ALA F 144 8.80 5.00 5.52
C ALA F 144 8.31 5.30 6.93
N PHE F 145 9.13 6.01 7.69
CA PHE F 145 8.77 6.35 9.04
C PHE F 145 7.55 7.26 9.02
N ALA F 146 7.56 8.21 8.10
CA ALA F 146 6.42 9.10 7.94
C ALA F 146 5.15 8.34 7.53
N LYS F 147 5.29 7.40 6.62
CA LYS F 147 4.15 6.62 6.22
C LYS F 147 3.59 5.88 7.42
N HIS F 148 4.46 5.27 8.22
CA HIS F 148 4.02 4.55 9.41
C HIS F 148 3.24 5.47 10.34
N VAL F 149 3.80 6.64 10.64
CA VAL F 149 3.14 7.58 11.54
C VAL F 149 1.74 7.91 11.03
N ARG F 150 1.64 8.13 9.74
CA ARG F 150 0.38 8.45 9.07
C ARG F 150 -0.66 7.34 9.25
N GLU F 151 -0.21 6.10 9.25
CA GLU F 151 -1.13 4.99 9.38
CA GLU F 151 -1.11 4.97 9.38
C GLU F 151 -1.53 4.75 10.83
N GLN F 152 -0.58 4.80 11.75
CA GLN F 152 -0.90 4.57 13.18
C GLN F 152 -1.55 5.77 13.83
N TYR F 153 -1.18 6.97 13.37
CA TYR F 153 -1.60 8.19 14.04
C TYR F 153 -2.10 9.19 13.00
N PRO F 154 -3.18 8.82 12.30
CA PRO F 154 -3.61 9.58 11.12
C PRO F 154 -3.95 11.02 11.44
N HIS F 155 -4.08 11.34 12.73
CA HIS F 155 -4.49 12.69 13.14
C HIS F 155 -3.28 13.59 13.35
N VAL F 156 -2.10 12.99 13.46
CA VAL F 156 -0.88 13.76 13.71
C VAL F 156 -0.49 14.54 12.46
N THR F 157 -0.18 15.82 12.63
CA THR F 157 0.29 16.67 11.54
C THR F 157 1.80 16.55 11.32
N ILE F 158 2.20 16.32 10.07
CA ILE F 158 3.62 16.18 9.79
C ILE F 158 4.19 17.40 9.10
N GLY F 159 5.29 17.93 9.66
CA GLY F 159 5.94 19.11 9.09
C GLY F 159 7.36 18.80 8.69
N ASN F 160 7.92 19.61 7.80
CA ASN F 160 9.28 19.41 7.31
C ASN F 160 10.29 20.33 8.00
N VAL F 161 11.27 19.76 8.68
CA VAL F 161 12.26 20.58 9.40
C VAL F 161 13.49 20.85 8.52
N TYR F 162 13.56 20.18 7.38
CA TYR F 162 14.68 20.38 6.47
C TYR F 162 15.02 21.87 6.27
N PRO F 163 14.05 22.66 5.80
CA PRO F 163 14.30 24.07 5.55
C PRO F 163 14.79 24.82 6.79
N ASN F 164 14.23 24.49 7.95
CA ASN F 164 14.60 25.15 9.18
C ASN F 164 16.09 25.05 9.43
N ILE F 165 16.64 23.86 9.25
CA ILE F 165 18.04 23.62 9.54
C ILE F 165 18.92 24.19 8.46
N CYS F 166 18.50 24.07 7.21
CA CYS F 166 19.29 24.64 6.14
C CYS F 166 19.51 26.14 6.35
N GLU F 167 18.47 26.86 6.76
CA GLU F 167 18.59 28.30 6.91
C GLU F 167 19.54 28.66 8.06
N LEU F 168 19.75 27.73 8.97
CA LEU F 168 20.74 28.01 9.99
C LEU F 168 22.14 27.72 9.45
N ARG F 169 22.27 26.69 8.61
CA ARG F 169 23.57 26.33 8.10
C ARG F 169 24.12 27.40 7.17
N VAL F 170 23.23 28.27 6.68
CA VAL F 170 23.63 29.32 5.76
C VAL F 170 24.54 30.36 6.43
N PHE F 171 24.40 30.50 7.74
CA PHE F 171 25.17 31.48 8.50
C PHE F 171 26.23 30.79 9.34
N LYS F 172 27.49 30.89 8.89
CA LYS F 172 28.59 30.19 9.57
C LYS F 172 29.10 31.00 10.75
N THR F 173 29.50 30.30 11.81
CA THR F 173 30.14 30.93 12.97
C THR F 173 31.62 30.97 12.69
N ASP F 174 32.39 31.59 13.59
CA ASP F 174 33.84 31.73 13.38
C ASP F 174 34.57 30.39 13.36
N GLU F 175 34.20 29.46 14.22
CA GLU F 175 34.91 28.18 14.27
C GLU F 175 34.62 27.33 13.03
N GLU F 176 33.45 27.52 12.44
CA GLU F 176 33.15 26.89 11.16
C GLU F 176 34.05 27.43 10.06
N ILE F 177 34.13 28.76 9.98
CA ILE F 177 34.99 29.42 9.03
C ILE F 177 36.44 28.98 9.18
N GLU F 178 36.88 28.76 10.42
CA GLU F 178 38.24 28.33 10.65
C GLU F 178 38.52 26.98 10.01
N ILE F 179 37.56 26.06 10.11
CA ILE F 179 37.73 24.71 9.57
C ILE F 179 37.78 24.72 8.04
N ILE F 180 36.86 25.44 7.43
CA ILE F 180 36.89 25.66 6.00
C ILE F 180 38.28 26.18 5.59
N LYS F 181 38.78 27.17 6.32
CA LYS F 181 40.10 27.74 6.04
C LYS F 181 41.18 26.66 6.00
N GLU F 182 41.17 25.75 6.98
CA GLU F 182 42.10 24.63 7.03
C GLU F 182 41.95 23.74 5.81
N ALA F 183 40.70 23.46 5.42
CA ALA F 183 40.43 22.65 4.26
C ALA F 183 41.07 23.28 3.01
N ILE F 184 40.83 24.58 2.84
CA ILE F 184 41.43 25.35 1.77
C ILE F 184 42.96 25.27 1.80
N ALA F 185 43.54 25.51 2.98
CA ALA F 185 45.00 25.45 3.13
C ALA F 185 45.55 24.18 2.50
N VAL F 186 45.00 23.03 2.88
CA VAL F 186 45.48 21.73 2.39
C VAL F 186 45.24 21.58 0.91
N THR F 187 44.12 22.11 0.44
CA THR F 187 43.85 22.13 -1.00
C THR F 187 44.93 22.93 -1.75
N LYS F 188 45.33 24.06 -1.19
CA LYS F 188 46.41 24.83 -1.80
C LYS F 188 47.64 23.96 -1.89
N ASP F 189 48.06 23.39 -0.78
CA ASP F 189 49.22 22.51 -0.78
C ASP F 189 49.13 21.45 -1.88
N GLY F 190 47.97 20.80 -1.99
CA GLY F 190 47.76 19.81 -3.03
C GLY F 190 47.96 20.39 -4.41
N ILE F 191 47.35 21.54 -4.68
CA ILE F 191 47.49 22.18 -5.98
C ILE F 191 48.95 22.50 -6.29
N TYR F 192 49.64 23.14 -5.35
CA TYR F 192 51.05 23.48 -5.54
C TYR F 192 51.86 22.23 -5.87
N ASN F 193 51.53 21.13 -5.20
CA ASN F 193 52.23 19.89 -5.45
C ASN F 193 51.99 19.42 -6.87
N VAL F 194 50.79 19.63 -7.39
CA VAL F 194 50.48 19.27 -8.77
C VAL F 194 51.31 20.14 -9.69
N LEU F 195 51.35 21.43 -9.39
CA LEU F 195 52.10 22.41 -10.19
C LEU F 195 53.57 22.06 -10.23
N LYS F 196 54.07 21.48 -9.15
CA LYS F 196 55.48 21.15 -9.05
C LYS F 196 55.86 19.87 -9.79
N HIS F 197 54.87 19.08 -10.18
CA HIS F 197 55.16 17.77 -10.80
C HIS F 197 54.63 17.66 -12.20
N ALA F 198 53.87 18.64 -12.65
CA ALA F 198 53.22 18.54 -13.96
C ALA F 198 54.19 18.67 -15.14
N LYS F 199 53.98 17.84 -16.15
CA LYS F 199 54.74 17.93 -17.39
C LYS F 199 53.90 17.35 -18.51
N ALA F 200 54.28 17.64 -19.76
CA ALA F 200 53.56 17.11 -20.92
C ALA F 200 53.80 15.61 -21.08
N ASP F 201 52.92 14.94 -21.79
CA ASP F 201 53.05 13.50 -22.02
C ASP F 201 52.99 12.78 -20.68
N MSE F 202 51.89 12.99 -19.98
CA MSE F 202 51.73 12.48 -18.64
C MSE F 202 50.26 12.20 -18.51
O MSE F 202 49.43 12.97 -19.02
CB MSE F 202 52.19 13.54 -17.64
CG MSE F 202 52.34 13.04 -16.22
SE MSE F 202 53.00 14.45 -15.03
CE MSE F 202 53.36 13.36 -13.45
N MSE F 203 49.90 11.12 -17.85
CA MSE F 203 48.51 10.73 -17.75
C MSE F 203 47.78 11.63 -16.74
O MSE F 203 48.34 12.01 -15.72
CB MSE F 203 48.41 9.26 -17.35
CG MSE F 203 47.59 8.43 -18.33
SE MSE F 203 48.25 8.56 -20.16
CE MSE F 203 50.06 7.88 -19.91
N GLU F 204 46.55 11.99 -17.06
CA GLU F 204 45.78 12.85 -16.17
C GLU F 204 45.75 12.30 -14.74
N TYR F 205 45.61 10.98 -14.61
CA TYR F 205 45.56 10.36 -13.28
C TYR F 205 46.91 10.39 -12.56
N GLU F 206 47.99 10.48 -13.32
CA GLU F 206 49.31 10.61 -12.72
C GLU F 206 49.39 11.91 -11.92
N LEU F 207 48.69 12.94 -12.38
CA LEU F 207 48.63 14.19 -11.66
C LEU F 207 47.66 14.12 -10.50
N GLU F 208 46.51 13.48 -10.73
CA GLU F 208 45.54 13.33 -9.68
C GLU F 208 46.22 12.61 -8.52
N ALA F 209 47.07 11.64 -8.85
CA ALA F 209 47.81 10.89 -7.84
C ALA F 209 48.56 11.79 -6.87
N GLN F 210 49.16 12.86 -7.41
CA GLN F 210 49.97 13.80 -6.63
C GLN F 210 49.11 14.62 -5.67
N PHE F 211 47.94 15.02 -6.12
CA PHE F 211 47.03 15.78 -5.27
C PHE F 211 46.53 14.89 -4.14
N ASP F 212 46.08 13.70 -4.50
CA ASP F 212 45.57 12.74 -3.53
C ASP F 212 46.65 12.50 -2.49
N PHE F 213 47.87 12.28 -2.95
CA PHE F 213 48.99 12.04 -2.05
C PHE F 213 49.15 13.13 -1.00
N THR F 214 49.19 14.39 -1.41
CA THR F 214 49.33 15.50 -0.48
C THR F 214 48.21 15.53 0.56
N LEU F 215 46.98 15.33 0.11
CA LEU F 215 45.87 15.30 1.05
C LEU F 215 46.00 14.14 2.03
N LYS F 216 46.23 12.95 1.51
CA LYS F 216 46.24 11.76 2.35
C LYS F 216 47.31 11.81 3.42
N SER F 217 48.49 12.28 3.05
CA SER F 217 49.61 12.29 3.98
C SER F 217 49.54 13.44 4.96
N SER F 218 48.52 14.27 4.85
CA SER F 218 48.32 15.34 5.81
C SER F 218 47.17 14.98 6.74
N GLY F 219 46.61 13.80 6.55
CA GLY F 219 45.55 13.33 7.44
C GLY F 219 44.14 13.48 6.92
N ILE F 220 43.97 14.16 5.80
CA ILE F 220 42.64 14.34 5.22
C ILE F 220 42.07 13.00 4.71
N LYS F 221 40.99 12.56 5.34
CA LYS F 221 40.37 11.28 5.02
C LYS F 221 39.47 11.33 3.77
N HIS F 222 38.83 12.48 3.53
CA HIS F 222 37.92 12.59 2.40
C HIS F 222 38.19 13.81 1.51
N HIS F 223 37.72 13.75 0.28
CA HIS F 223 37.68 14.90 -0.62
C HIS F 223 36.30 15.55 -0.53
N ALA F 224 36.20 16.81 -0.94
CA ALA F 224 34.90 17.47 -0.94
C ALA F 224 33.96 16.84 -1.96
N PHE F 225 34.52 16.45 -3.09
CA PHE F 225 33.76 15.90 -4.23
C PHE F 225 34.75 15.15 -5.12
N ASN F 226 34.29 14.63 -6.24
CA ASN F 226 35.18 13.89 -7.12
C ASN F 226 36.09 14.81 -7.92
N THR F 227 37.40 14.57 -7.82
CA THR F 227 38.40 15.40 -8.48
C THR F 227 38.20 15.55 -10.00
N ILE F 228 38.13 16.79 -10.47
CA ILE F 228 38.14 17.03 -11.89
C ILE F 228 39.54 17.46 -12.31
N LEU F 229 40.18 16.62 -13.11
CA LEU F 229 41.51 16.93 -13.61
C LEU F 229 41.52 16.82 -15.12
N ALA F 230 41.11 17.90 -15.79
CA ALA F 230 40.81 17.86 -17.22
C ALA F 230 41.80 18.66 -18.05
N SER F 231 42.39 18.00 -19.04
CA SER F 231 43.35 18.68 -19.90
C SER F 231 42.75 18.92 -21.27
N GLY F 232 43.31 19.90 -21.98
CA GLY F 232 42.90 20.16 -23.36
C GLY F 232 41.41 20.24 -23.48
N LYS F 233 40.87 19.52 -24.46
CA LYS F 233 39.44 19.57 -24.79
C LYS F 233 38.52 19.04 -23.68
N ASN F 234 39.07 18.18 -22.82
CA ASN F 234 38.31 17.62 -21.72
C ASN F 234 37.80 18.71 -20.75
N ALA F 235 38.58 19.76 -20.58
CA ALA F 235 38.20 20.86 -19.68
C ALA F 235 36.90 21.52 -20.14
N THR F 236 36.42 21.10 -21.30
CA THR F 236 35.18 21.60 -21.86
C THR F 236 33.96 20.94 -21.22
N VAL F 237 34.16 19.73 -20.69
CA VAL F 237 33.11 19.05 -19.98
C VAL F 237 33.16 19.53 -18.53
N LEU F 238 32.05 20.08 -18.03
CA LEU F 238 32.05 20.73 -16.72
C LEU F 238 32.46 19.85 -15.53
N HIS F 239 31.89 18.65 -15.44
CA HIS F 239 32.22 17.70 -14.36
C HIS F 239 32.94 16.46 -14.88
N TYR F 240 33.78 16.65 -15.90
CA TYR F 240 34.63 15.58 -16.42
C TYR F 240 35.36 14.86 -15.29
N GLU F 241 35.15 13.55 -15.16
CA GLU F 241 35.75 12.81 -14.05
C GLU F 241 36.59 11.62 -14.49
N ASP F 242 36.60 11.32 -15.78
CA ASP F 242 37.37 10.18 -16.28
C ASP F 242 38.85 10.25 -15.90
N ASN F 243 39.40 11.46 -15.93
CA ASN F 243 40.81 11.69 -15.59
C ASN F 243 41.75 10.63 -16.13
N ASP F 244 41.48 10.15 -17.34
CA ASP F 244 42.25 9.05 -17.91
C ASP F 244 42.75 9.31 -19.31
N ALA F 245 43.00 10.58 -19.65
CA ALA F 245 43.59 10.94 -20.93
C ALA F 245 45.05 11.38 -20.80
N GLN F 246 45.78 11.40 -21.92
CA GLN F 246 47.16 11.87 -21.87
C GLN F 246 47.29 13.37 -22.09
N ILE F 247 48.04 14.04 -21.22
CA ILE F 247 48.21 15.48 -21.30
C ILE F 247 49.19 15.85 -22.41
N GLN F 248 48.67 16.47 -23.46
CA GLN F 248 49.49 16.84 -24.61
C GLN F 248 50.31 18.08 -24.32
N ASN F 249 51.49 18.18 -24.92
CA ASN F 249 52.28 19.40 -24.79
C ASN F 249 51.49 20.55 -25.37
N GLY F 250 51.39 21.65 -24.63
CA GLY F 250 50.64 22.81 -25.07
C GLY F 250 49.23 22.83 -24.50
N ASP F 251 48.86 21.75 -23.83
CA ASP F 251 47.56 21.63 -23.18
C ASP F 251 47.46 22.48 -21.92
N LEU F 252 46.28 23.07 -21.72
CA LEU F 252 45.97 23.71 -20.46
C LEU F 252 45.35 22.65 -19.55
N VAL F 253 45.60 22.73 -18.25
CA VAL F 253 45.03 21.75 -17.31
C VAL F 253 44.08 22.39 -16.32
N LEU F 254 42.84 21.95 -16.30
CA LEU F 254 41.85 22.48 -15.37
C LEU F 254 41.73 21.60 -14.16
N LEU F 255 41.92 22.18 -12.98
CA LEU F 255 41.75 21.45 -11.72
C LEU F 255 40.51 21.94 -11.02
N ASP F 256 39.62 21.03 -10.67
CA ASP F 256 38.51 21.38 -9.82
C ASP F 256 38.45 20.32 -8.74
N LEU F 257 38.75 20.73 -7.52
CA LEU F 257 38.95 19.77 -6.46
C LEU F 257 38.87 20.46 -5.11
N GLY F 258 39.02 19.70 -4.04
CA GLY F 258 38.96 20.28 -2.71
C GLY F 258 39.12 19.23 -1.64
N ALA F 259 39.85 19.56 -0.59
CA ALA F 259 39.95 18.70 0.57
C ALA F 259 38.73 18.90 1.48
N GLN F 260 38.49 17.94 2.36
CA GLN F 260 37.42 18.08 3.34
C GLN F 260 37.97 17.84 4.73
N LYS F 261 37.74 18.81 5.61
CA LYS F 261 38.27 18.74 6.95
C LYS F 261 37.12 18.72 7.94
N ASP F 262 37.06 17.67 8.76
CA ASP F 262 36.02 17.55 9.77
C ASP F 262 34.64 17.82 9.19
N TYR F 263 34.42 17.40 7.96
CA TYR F 263 33.08 17.46 7.35
C TYR F 263 32.73 18.84 6.79
N TYR F 264 33.70 19.75 6.81
CA TYR F 264 33.62 20.99 6.05
C TYR F 264 34.43 20.93 4.75
N ASN F 265 33.96 21.62 3.73
CA ASN F 265 34.50 21.45 2.40
C ASN F 265 35.17 22.67 1.83
N ALA F 266 36.29 22.45 1.17
CA ALA F 266 36.90 23.49 0.36
C ALA F 266 36.50 23.22 -1.08
N ASP F 267 36.53 24.24 -1.90
CA ASP F 267 36.16 24.08 -3.30
C ASP F 267 36.93 25.04 -4.21
N ILE F 268 37.94 24.53 -4.90
CA ILE F 268 38.82 25.35 -5.70
C ILE F 268 38.92 24.88 -7.16
N SER F 269 38.80 25.83 -8.10
CA SER F 269 39.14 25.57 -9.49
C SER F 269 40.42 26.33 -9.82
N TYR F 270 41.30 25.66 -10.55
CA TYR F 270 42.60 26.22 -10.83
C TYR F 270 43.02 25.74 -12.19
N THR F 271 43.43 26.65 -13.05
CA THR F 271 43.88 26.30 -14.38
C THR F 271 45.30 26.77 -14.63
N PHE F 272 46.12 25.91 -15.22
CA PHE F 272 47.51 26.22 -15.46
C PHE F 272 47.94 25.54 -16.75
N PRO F 273 49.12 25.91 -17.26
CA PRO F 273 49.67 25.31 -18.47
C PRO F 273 50.53 24.11 -18.12
N ALA F 274 50.32 22.98 -18.81
CA ALA F 274 51.06 21.77 -18.50
C ALA F 274 52.57 21.93 -18.63
N ASN F 275 53.01 22.57 -19.71
CA ASN F 275 54.44 22.71 -19.93
C ASN F 275 55.05 23.93 -19.24
N GLY F 276 54.29 24.57 -18.36
CA GLY F 276 54.80 25.70 -17.57
C GLY F 276 54.66 27.07 -18.21
N THR F 277 54.11 27.11 -19.41
CA THR F 277 54.02 28.35 -20.17
C THR F 277 52.67 28.52 -20.86
N PHE F 278 51.98 29.62 -20.54
CA PHE F 278 50.74 29.98 -21.20
C PHE F 278 51.03 30.43 -22.62
N SER F 279 50.28 29.91 -23.58
CA SER F 279 50.38 30.40 -24.95
C SER F 279 49.70 31.77 -25.01
N SER F 280 49.97 32.52 -26.09
CA SER F 280 49.40 33.86 -26.22
C SER F 280 47.89 33.84 -26.10
N ARG F 281 47.27 32.89 -26.77
CA ARG F 281 45.83 32.74 -26.74
C ARG F 281 45.34 32.35 -25.35
N GLN F 282 46.02 31.38 -24.74
CA GLN F 282 45.62 30.92 -23.41
C GLN F 282 45.74 32.05 -22.41
N LYS F 283 46.80 32.84 -22.51
CA LYS F 283 46.98 33.97 -21.61
C LYS F 283 45.78 34.92 -21.70
N GLN F 284 45.29 35.14 -22.92
CA GLN F 284 44.16 36.01 -23.14
C GLN F 284 42.95 35.49 -22.40
N ILE F 285 42.55 34.26 -22.73
CA ILE F 285 41.35 33.67 -22.18
C ILE F 285 41.45 33.55 -20.67
N TYR F 286 42.61 33.13 -20.18
CA TYR F 286 42.77 33.00 -18.75
C TYR F 286 42.46 34.34 -18.05
N ASN F 287 43.09 35.42 -18.49
CA ASN F 287 42.89 36.75 -17.87
C ASN F 287 41.46 37.31 -17.95
N ILE F 288 40.74 36.99 -19.02
CA ILE F 288 39.33 37.34 -19.10
C ILE F 288 38.58 36.71 -17.94
N VAL F 289 38.79 35.41 -17.74
CA VAL F 289 38.16 34.70 -16.64
C VAL F 289 38.60 35.34 -15.33
N LEU F 290 39.92 35.44 -15.13
CA LEU F 290 40.47 35.98 -13.90
C LEU F 290 39.91 37.36 -13.56
N ASN F 291 39.74 38.21 -14.57
CA ASN F 291 39.04 39.47 -14.37
C ASN F 291 37.65 39.23 -13.78
N ALA F 292 36.83 38.46 -14.48
CA ALA F 292 35.49 38.12 -14.01
C ALA F 292 35.49 37.63 -12.56
N LEU F 293 36.56 36.95 -12.16
CA LEU F 293 36.65 36.47 -10.81
C LEU F 293 36.81 37.64 -9.84
N LYS F 294 37.79 38.50 -10.11
CA LYS F 294 38.08 39.63 -9.26
C LYS F 294 36.91 40.62 -9.20
N GLU F 295 36.44 41.03 -10.37
CA GLU F 295 35.28 41.92 -10.48
C GLU F 295 34.10 41.40 -9.68
N THR F 296 33.71 40.16 -9.92
CA THR F 296 32.56 39.61 -9.23
C THR F 296 32.81 39.53 -7.72
N THR F 297 33.96 39.00 -7.31
CA THR F 297 34.30 38.97 -5.89
C THR F 297 34.18 40.38 -5.29
N GLU F 298 34.61 41.37 -6.06
CA GLU F 298 34.66 42.76 -5.61
C GLU F 298 33.33 43.27 -5.04
N ILE F 299 32.25 43.02 -5.76
CA ILE F 299 30.98 43.61 -5.39
C ILE F 299 30.32 42.96 -4.19
N ILE F 300 30.96 41.95 -3.61
CA ILE F 300 30.33 41.18 -2.53
C ILE F 300 30.26 41.95 -1.22
N LYS F 301 29.05 42.20 -0.74
CA LYS F 301 28.85 42.75 0.59
C LYS F 301 27.41 42.56 1.03
N PRO F 302 27.17 42.60 2.34
CA PRO F 302 25.80 42.53 2.83
C PRO F 302 24.89 43.50 2.08
N GLY F 303 23.69 43.04 1.73
CA GLY F 303 22.74 43.87 1.02
C GLY F 303 22.68 43.56 -0.46
N LEU F 304 23.71 42.92 -0.99
CA LEU F 304 23.72 42.59 -2.41
C LEU F 304 22.81 41.40 -2.71
N LYS F 305 22.05 41.51 -3.79
CA LYS F 305 21.18 40.42 -4.22
C LYS F 305 22.03 39.32 -4.86
N PHE F 306 21.91 38.10 -4.33
CA PHE F 306 22.68 36.98 -4.82
C PHE F 306 22.67 36.96 -6.33
N ALA F 307 21.52 37.21 -6.93
CA ALA F 307 21.36 37.10 -8.38
C ALA F 307 22.29 38.06 -9.12
N ALA F 308 22.78 39.08 -8.40
CA ALA F 308 23.62 40.10 -9.00
C ALA F 308 24.98 39.52 -9.37
N LEU F 309 25.41 38.52 -8.61
CA LEU F 309 26.71 37.89 -8.83
C LEU F 309 26.85 37.34 -10.24
N ASN F 310 25.92 36.52 -10.67
CA ASN F 310 26.04 35.94 -12.00
C ASN F 310 25.78 36.98 -13.08
N GLU F 311 24.94 37.96 -12.77
CA GLU F 311 24.65 39.04 -13.71
C GLU F 311 25.92 39.78 -14.04
N HIS F 312 26.70 40.07 -13.01
CA HIS F 312 27.95 40.78 -13.20
C HIS F 312 28.95 39.89 -13.93
N ALA F 313 29.10 38.66 -13.45
CA ALA F 313 30.01 37.71 -14.07
C ALA F 313 29.77 37.65 -15.57
N LYS F 314 28.51 37.55 -15.97
CA LYS F 314 28.16 37.48 -17.39
C LYS F 314 28.51 38.76 -18.13
N LYS F 315 28.36 39.89 -17.46
CA LYS F 315 28.70 41.17 -18.07
C LYS F 315 30.20 41.22 -18.33
N VAL F 316 30.99 40.90 -17.32
CA VAL F 316 32.45 41.00 -17.45
C VAL F 316 32.98 39.97 -18.44
N LEU F 317 32.37 38.80 -18.45
CA LEU F 317 32.80 37.75 -19.33
C LEU F 317 32.51 38.11 -20.76
N ALA F 318 31.40 38.81 -20.98
CA ALA F 318 31.05 39.29 -22.31
C ALA F 318 31.98 40.41 -22.83
N GLU F 319 32.33 41.36 -21.97
CA GLU F 319 33.28 42.41 -22.35
C GLU F 319 34.61 41.81 -22.77
N GLY F 320 35.10 40.86 -21.99
CA GLY F 320 36.36 40.22 -22.32
C GLY F 320 36.27 39.48 -23.64
N CYS F 321 35.14 38.82 -23.86
CA CYS F 321 34.95 38.03 -25.07
C CYS F 321 34.89 38.92 -26.32
N LYS F 322 34.17 40.03 -26.22
CA LYS F 322 34.17 41.03 -27.28
C LYS F 322 35.59 41.52 -27.56
N ALA F 323 36.20 42.13 -26.56
CA ALA F 323 37.57 42.65 -26.64
C ALA F 323 38.51 41.72 -27.40
N VAL F 324 38.31 40.42 -27.19
CA VAL F 324 39.18 39.41 -27.77
C VAL F 324 38.65 38.88 -29.10
N GLY F 325 37.42 39.22 -29.44
CA GLY F 325 36.86 38.86 -30.74
C GLY F 325 36.18 37.50 -30.76
N LEU F 326 36.05 36.91 -29.59
CA LEU F 326 35.39 35.61 -29.48
C LEU F 326 33.89 35.70 -29.79
N ILE F 327 33.30 36.85 -29.47
CA ILE F 327 31.90 37.11 -29.80
C ILE F 327 31.66 38.54 -30.27
N GLN F 328 30.46 38.76 -30.82
CA GLN F 328 30.06 40.09 -31.27
C GLN F 328 29.07 40.71 -30.27
N GLU F 329 28.01 39.98 -29.94
CA GLU F 329 27.00 40.46 -28.97
C GLU F 329 26.84 39.58 -27.74
N ASP F 330 26.38 40.19 -26.66
CA ASP F 330 26.27 39.54 -25.38
C ASP F 330 25.58 38.18 -25.44
N GLU F 331 24.57 38.07 -26.29
CA GLU F 331 23.77 36.84 -26.36
C GLU F 331 24.60 35.59 -26.70
N GLU F 332 25.69 35.78 -27.45
CA GLU F 332 26.49 34.65 -27.90
C GLU F 332 27.19 33.94 -26.73
N LEU F 333 27.27 34.62 -25.59
CA LEU F 333 28.07 34.15 -24.46
C LEU F 333 27.71 32.74 -23.99
N SER F 334 26.41 32.44 -23.99
CA SER F 334 25.92 31.16 -23.45
C SER F 334 26.53 29.97 -24.16
N LYS F 335 27.20 30.23 -25.27
CA LYS F 335 27.89 29.20 -26.01
C LYS F 335 29.22 28.87 -25.34
N TYR F 336 29.76 29.81 -24.58
CA TYR F 336 31.09 29.63 -23.97
C TYR F 336 31.06 29.65 -22.45
N TYR F 337 29.94 30.05 -21.87
CA TYR F 337 29.82 30.10 -20.43
C TYR F 337 28.41 29.70 -20.03
N TYR F 338 28.26 28.46 -19.59
CA TYR F 338 26.93 27.91 -19.41
C TYR F 338 26.71 27.32 -18.02
N HIS F 339 27.12 28.04 -16.98
CA HIS F 339 26.74 27.67 -15.63
C HIS F 339 26.59 28.91 -14.75
N GLY F 340 26.18 28.70 -13.51
CA GLY F 340 26.09 29.79 -12.55
C GLY F 340 27.47 30.03 -11.99
N VAL F 341 27.69 31.23 -11.45
CA VAL F 341 29.03 31.61 -11.00
C VAL F 341 29.26 31.30 -9.52
N SER F 342 28.19 31.10 -8.78
CA SER F 342 28.32 31.07 -7.34
C SER F 342 27.43 30.02 -6.71
N HIS F 343 27.90 29.44 -5.60
CA HIS F 343 27.06 28.60 -4.78
C HIS F 343 27.55 28.61 -3.31
N PHE F 344 26.63 28.42 -2.37
CA PHE F 344 26.98 28.30 -0.96
C PHE F 344 27.98 27.16 -0.74
N LEU F 345 28.76 27.26 0.33
CA LEU F 345 29.75 26.23 0.65
C LEU F 345 29.76 25.99 2.15
N GLY F 346 29.86 24.74 2.56
CA GLY F 346 29.89 24.44 3.98
C GLY F 346 30.00 22.97 4.27
N LEU F 347 29.03 22.43 5.03
CA LEU F 347 29.01 21.02 5.34
C LEU F 347 28.81 20.20 4.07
N ASP F 348 28.20 20.80 3.06
CA ASP F 348 28.10 20.20 1.75
C ASP F 348 28.81 21.10 0.77
N THR F 349 29.42 20.54 -0.26
CA THR F 349 30.14 21.34 -1.24
C THR F 349 29.24 22.34 -1.96
N HIS F 350 28.12 21.86 -2.50
CA HIS F 350 27.05 22.76 -2.90
C HIS F 350 26.15 22.84 -1.68
N ASP F 351 26.49 23.74 -0.77
CA ASP F 351 25.85 23.79 0.52
C ASP F 351 24.37 24.10 0.38
N VAL F 352 23.64 23.86 1.45
CA VAL F 352 22.21 24.03 1.48
C VAL F 352 21.84 25.49 1.64
N GLY F 353 20.56 25.79 1.40
CA GLY F 353 20.01 27.16 1.54
C GLY F 353 19.29 27.58 0.28
N THR F 354 18.21 28.33 0.44
CA THR F 354 17.51 28.85 -0.73
C THR F 354 18.28 29.98 -1.43
N TYR F 355 18.13 30.06 -2.74
CA TYR F 355 18.77 31.10 -3.53
C TYR F 355 17.75 32.15 -3.99
N LYS F 356 16.52 31.72 -4.22
CA LYS F 356 15.47 32.60 -4.70
C LYS F 356 15.33 33.82 -3.80
N ASP F 357 15.47 35.00 -4.39
CA ASP F 357 15.37 36.28 -3.67
C ASP F 357 16.39 36.42 -2.53
N ARG F 358 17.41 35.56 -2.53
CA ARG F 358 18.44 35.64 -1.51
C ARG F 358 19.20 36.98 -1.53
N VAL F 359 19.34 37.59 -0.36
CA VAL F 359 20.25 38.74 -0.22
C VAL F 359 21.44 38.38 0.68
N LEU F 360 22.64 38.76 0.26
CA LEU F 360 23.85 38.42 0.98
C LEU F 360 23.87 39.08 2.36
N GLU F 361 24.28 38.33 3.37
CA GLU F 361 24.42 38.87 4.70
C GLU F 361 25.68 38.33 5.34
N GLU F 362 26.18 39.07 6.33
CA GLU F 362 27.34 38.62 7.08
C GLU F 362 27.18 37.17 7.51
N GLY F 363 28.25 36.38 7.36
CA GLY F 363 28.28 35.02 7.85
C GLY F 363 28.19 33.98 6.76
N MSE F 364 27.84 34.39 5.55
CA MSE F 364 27.68 33.43 4.47
C MSE F 364 29.00 33.12 3.78
O MSE F 364 29.84 34.00 3.60
CB MSE F 364 26.68 33.95 3.44
CG MSE F 364 25.33 34.26 4.00
SE MSE F 364 24.16 34.81 2.57
CE MSE F 364 22.55 35.13 3.65
N VAL F 365 29.16 31.86 3.37
CA VAL F 365 30.32 31.47 2.59
C VAL F 365 29.86 31.00 1.23
N ILE F 366 30.35 31.67 0.19
CA ILE F 366 29.93 31.32 -1.16
C ILE F 366 31.14 31.19 -2.06
N THR F 367 30.98 30.55 -3.21
CA THR F 367 32.07 30.45 -4.16
C THR F 367 31.84 31.34 -5.37
N ILE F 368 32.93 31.72 -6.04
CA ILE F 368 32.86 32.48 -7.28
C ILE F 368 33.73 31.74 -8.27
N GLU F 369 33.14 31.29 -9.37
CA GLU F 369 33.82 30.42 -10.30
C GLU F 369 33.41 30.67 -11.74
N PRO F 370 33.79 31.84 -12.27
CA PRO F 370 33.57 32.08 -13.69
C PRO F 370 34.46 31.14 -14.48
N GLY F 371 34.23 31.05 -15.79
CA GLY F 371 35.01 30.17 -16.64
C GLY F 371 34.63 30.35 -18.10
N LEU F 372 35.46 29.86 -18.99
CA LEU F 372 35.17 29.93 -20.42
C LEU F 372 35.52 28.59 -21.04
N TYR F 373 34.69 28.13 -21.97
CA TYR F 373 34.85 26.81 -22.55
C TYR F 373 34.70 26.86 -24.05
N ILE F 374 35.84 26.77 -24.73
CA ILE F 374 35.88 26.92 -26.18
C ILE F 374 36.19 25.59 -26.84
N GLU F 375 35.14 24.89 -27.25
CA GLU F 375 35.29 23.53 -27.75
C GLU F 375 36.18 23.47 -28.97
N GLU F 376 35.96 24.37 -29.93
CA GLU F 376 36.72 24.32 -31.18
C GLU F 376 38.21 24.63 -31.00
N GLU F 377 38.58 25.31 -29.92
CA GLU F 377 39.99 25.58 -29.64
C GLU F 377 40.56 24.68 -28.55
N SER F 378 39.79 23.69 -28.10
CA SER F 378 40.24 22.81 -27.03
C SER F 378 40.78 23.58 -25.82
N ILE F 379 40.05 24.59 -25.38
CA ILE F 379 40.42 25.35 -24.20
C ILE F 379 39.28 25.42 -23.18
N GLY F 380 39.58 24.95 -21.97
CA GLY F 380 38.65 25.07 -20.88
C GLY F 380 39.35 25.66 -19.69
N ILE F 381 38.83 26.79 -19.21
CA ILE F 381 39.41 27.48 -18.08
C ILE F 381 38.33 27.81 -17.05
N ARG F 382 38.57 27.42 -15.80
CA ARG F 382 37.74 27.86 -14.69
C ARG F 382 38.64 28.21 -13.52
N ILE F 383 38.35 29.34 -12.88
CA ILE F 383 39.08 29.76 -11.69
C ILE F 383 38.06 30.08 -10.62
N GLU F 384 38.24 29.53 -9.43
CA GLU F 384 37.21 29.61 -8.39
C GLU F 384 37.77 29.85 -6.99
N ASP F 385 37.24 30.86 -6.30
CA ASP F 385 37.65 31.16 -4.94
C ASP F 385 36.50 30.90 -3.98
N ASP F 386 36.81 30.74 -2.70
CA ASP F 386 35.80 30.60 -1.67
C ASP F 386 35.73 31.87 -0.83
N ILE F 387 34.63 32.59 -0.91
CA ILE F 387 34.53 33.91 -0.30
C ILE F 387 33.64 33.93 0.92
N LEU F 388 34.06 34.69 1.94
CA LEU F 388 33.25 34.89 3.14
C LEU F 388 32.63 36.26 3.11
N VAL F 389 31.31 36.35 3.33
CA VAL F 389 30.67 37.65 3.42
C VAL F 389 30.92 38.20 4.80
N THR F 390 31.45 39.42 4.87
CA THR F 390 31.77 40.03 6.16
C THR F 390 30.79 41.13 6.51
N LYS F 391 31.05 41.80 7.63
CA LYS F 391 30.18 42.86 8.13
C LYS F 391 29.93 43.99 7.11
N ASP F 392 30.95 44.35 6.34
CA ASP F 392 30.82 45.48 5.42
C ASP F 392 31.47 45.19 4.08
N GLY F 393 31.79 43.93 3.84
CA GLY F 393 32.34 43.52 2.57
C GLY F 393 32.50 42.02 2.52
N HIS F 394 33.69 41.59 2.14
CA HIS F 394 33.96 40.17 1.96
C HIS F 394 35.39 39.85 2.34
N GLU F 395 35.66 38.58 2.54
CA GLU F 395 37.02 38.13 2.76
C GLU F 395 37.28 36.92 1.87
N ASN F 396 38.34 37.00 1.06
CA ASN F 396 38.70 35.89 0.19
C ASN F 396 39.47 34.81 0.94
N LEU F 397 38.77 33.74 1.30
CA LEU F 397 39.35 32.70 2.13
C LEU F 397 40.49 31.99 1.44
N SER F 398 40.57 32.13 0.13
CA SER F 398 41.59 31.43 -0.63
C SER F 398 42.51 32.39 -1.37
N LYS F 399 42.75 33.56 -0.79
CA LYS F 399 43.59 34.57 -1.43
C LYS F 399 45.05 34.14 -1.54
N ASP F 400 45.52 33.31 -0.62
CA ASP F 400 46.92 32.85 -0.65
C ASP F 400 47.28 32.04 -1.89
N ILE F 401 46.27 31.51 -2.58
CA ILE F 401 46.53 30.77 -3.80
C ILE F 401 46.86 31.72 -4.94
N ILE F 402 48.09 31.62 -5.45
CA ILE F 402 48.56 32.50 -6.52
C ILE F 402 47.78 32.26 -7.79
N ARG F 403 47.41 33.33 -8.48
CA ARG F 403 46.50 33.23 -9.62
C ARG F 403 47.02 33.88 -10.90
N GLU F 404 47.97 34.80 -10.75
CA GLU F 404 48.44 35.58 -11.89
C GLU F 404 49.28 34.76 -12.85
N VAL F 405 49.09 35.00 -14.14
CA VAL F 405 49.86 34.29 -15.14
C VAL F 405 51.36 34.32 -14.81
N GLU F 406 51.85 35.49 -14.44
CA GLU F 406 53.26 35.67 -14.15
C GLU F 406 53.65 34.84 -12.92
N GLU F 407 52.81 34.85 -11.89
CA GLU F 407 53.07 34.11 -10.66
C GLU F 407 53.14 32.60 -10.88
N ILE F 408 52.29 32.11 -11.76
CA ILE F 408 52.21 30.68 -12.02
C ILE F 408 53.44 30.22 -12.78
N GLU F 409 53.72 30.90 -13.89
CA GLU F 409 54.86 30.56 -14.72
C GLU F 409 56.15 30.61 -13.92
N GLU F 410 56.23 31.57 -13.02
CA GLU F 410 57.40 31.75 -12.16
C GLU F 410 57.53 30.59 -11.17
N PHE F 411 56.42 30.22 -10.55
CA PHE F 411 56.40 29.16 -9.55
C PHE F 411 56.81 27.84 -10.17
N MSE F 412 56.29 27.55 -11.36
CA MSE F 412 56.57 26.28 -12.02
C MSE F 412 58.01 26.21 -12.45
O MSE F 412 58.62 25.15 -12.55
CB MSE F 412 55.64 26.07 -13.22
CG MSE F 412 54.18 25.92 -12.81
SE MSE F 412 52.98 25.36 -14.24
CE MSE F 412 53.53 23.51 -14.46
N ARG F 413 58.58 27.38 -12.69
CA ARG F 413 59.97 27.49 -13.11
C ARG F 413 60.91 27.20 -11.93
N GLU F 414 60.68 27.85 -10.81
CA GLU F 414 61.47 27.60 -9.61
C GLU F 414 61.31 26.17 -9.08
N ASN F 415 60.08 25.65 -9.09
CA ASN F 415 59.77 24.43 -8.34
C ASN F 415 59.60 23.16 -9.18
N ASN F 416 59.26 23.33 -10.45
CA ASN F 416 58.99 22.16 -11.27
C ASN F 416 60.24 21.50 -11.84
N VAL F 417 60.54 20.32 -11.27
CA VAL F 417 61.65 19.46 -11.71
C VAL F 417 61.96 19.56 -13.21
N ASN F 418 60.95 19.40 -14.06
CA ASN F 418 61.18 19.34 -15.49
C ASN F 418 60.71 20.57 -16.28
N VAL F 419 61.23 21.73 -15.89
CA VAL F 419 61.04 22.98 -16.65
C VAL F 419 62.35 23.77 -16.73
MN MN G . -22.88 -28.20 23.38
MN MN H . -21.96 -28.40 20.60
S SO4 I . -21.78 -24.22 21.58
O1 SO4 I . -21.59 -22.79 21.31
O2 SO4 I . -23.19 -24.56 21.45
O3 SO4 I . -20.99 -25.01 20.63
O4 SO4 I . -21.33 -24.53 22.94
S SO4 J . -25.18 -25.74 18.37
O1 SO4 J . -25.17 -24.31 18.07
O2 SO4 J . -26.34 -26.04 19.21
O3 SO4 J . -25.27 -26.52 17.14
O4 SO4 J . -23.92 -26.06 19.06
S SO4 K . 0.59 -27.03 -1.01
O1 SO4 K . 0.92 -25.65 -0.65
O2 SO4 K . -0.86 -27.16 -1.10
O3 SO4 K . 1.18 -27.31 -2.31
O4 SO4 K . 1.11 -27.96 0.00
S SO4 L . -13.23 -18.36 30.81
O1 SO4 L . -13.49 -19.33 29.75
O2 SO4 L . -13.18 -17.02 30.22
O3 SO4 L . -14.31 -18.39 31.79
O4 SO4 L . -11.97 -18.66 31.48
S SO4 M . -29.82 -47.78 26.13
O1 SO4 M . -28.92 -46.85 25.46
O2 SO4 M . -31.15 -47.72 25.52
O3 SO4 M . -29.30 -49.13 25.99
O4 SO4 M . -29.90 -47.43 27.55
S SO4 N . 18.06 -21.87 -6.85
O1 SO4 N . 18.65 -21.91 -8.19
O2 SO4 N . 16.91 -20.97 -6.82
O3 SO4 N . 17.59 -23.20 -6.49
O4 SO4 N . 19.05 -21.40 -5.89
S SO4 O . 0.17 -1.48 -0.41
S SO4 O . -0.35 1.18 0.56
O1 SO4 O . 0.72 -0.30 -1.07
O1 SO4 O . 0.60 1.29 -0.55
O2 SO4 O . -1.07 -1.16 0.30
O2 SO4 O . -1.47 0.32 0.19
O3 SO4 O . -0.11 -2.51 -1.41
O3 SO4 O . 0.35 0.62 1.71
O4 SO4 O . 1.15 -1.99 0.54
O4 SO4 O . -0.86 2.50 0.90
S SO4 P . -19.84 -47.41 25.30
O1 SO4 P . -18.88 -46.68 26.12
O2 SO4 P . -20.65 -46.54 24.44
O3 SO4 P . -19.06 -48.36 24.48
O4 SO4 P . -20.75 -48.11 26.21
MN MN Q . -7.05 -2.91 42.64
MN MN R . -5.94 -0.62 41.31
S SO4 S . -5.73 -3.60 38.57
O1 SO4 S . -4.99 -2.95 39.65
O2 SO4 S . -6.22 -2.58 37.65
O3 SO4 S . -4.87 -4.54 37.84
O4 SO4 S . -6.88 -4.33 39.13
S SO4 T . -1.37 -1.99 41.00
O1 SO4 T . -0.03 -1.40 41.09
O2 SO4 T . -1.88 -1.92 39.62
O3 SO4 T . -1.30 -3.39 41.42
O4 SO4 T . -2.28 -1.26 41.88
S SO4 U . -8.08 19.34 17.13
O1 SO4 U . -7.09 19.21 18.21
O2 SO4 U . -7.51 20.29 16.18
O3 SO4 U . -8.30 18.08 16.43
O4 SO4 U . -9.37 19.79 17.64
S SO4 V . -15.80 -11.69 32.83
O1 SO4 V . -15.37 -10.44 32.21
O2 SO4 V . -17.25 -11.83 32.71
O3 SO4 V . -15.16 -12.83 32.16
O4 SO4 V . -15.39 -11.65 34.23
S SO4 W . -15.09 25.19 0.30
O1 SO4 W . -14.72 26.11 -0.79
O2 SO4 W . -16.48 24.75 0.14
O3 SO4 W . -14.20 24.03 0.30
O4 SO4 W . -14.94 25.91 1.57
S SO4 X . -16.49 9.59 54.24
O1 SO4 X . -15.20 9.85 53.58
O2 SO4 X . -17.19 10.84 54.54
O3 SO4 X . -17.41 8.79 53.43
O4 SO4 X . -16.17 8.85 55.47
MN MN Y . -11.93 -0.34 -40.98
MN MN Z . -10.30 -2.79 -40.18
S SO4 AA . -10.92 0.96 -37.71
O1 SO4 AA . -11.10 2.39 -37.40
O2 SO4 AA . -12.19 0.26 -37.63
O3 SO4 AA . -10.35 0.84 -39.05
O4 SO4 AA . -10.00 0.36 -36.75
S SO4 BA . -6.26 0.57 -40.13
O1 SO4 BA . -5.17 1.12 -40.93
O2 SO4 BA . -7.54 1.10 -40.60
O3 SO4 BA . -6.22 -0.89 -40.25
O4 SO4 BA . -6.10 0.93 -38.71
S SO4 CA . 0.96 -6.60 -2.77
O1 SO4 CA . 0.94 -5.49 -3.72
O2 SO4 CA . -0.18 -6.47 -1.86
O3 SO4 CA . 0.88 -7.87 -3.48
O4 SO4 CA . 2.22 -6.58 -2.01
S SO4 DA . -23.15 4.49 -30.45
O1 SO4 DA . -22.16 5.37 -31.05
O2 SO4 DA . -24.13 4.07 -31.47
O3 SO4 DA . -22.48 3.31 -29.90
O4 SO4 DA . -23.87 5.18 -29.37
S SO4 EA . -2.38 -21.21 -16.71
O1 SO4 EA . -2.07 -20.26 -17.78
O2 SO4 EA . -3.32 -22.20 -17.24
O3 SO4 EA . -1.12 -21.81 -16.26
O4 SO4 EA . -2.98 -20.57 -15.56
S SO4 FA . -17.69 -15.59 -52.18
O1 SO4 FA . -16.25 -15.29 -52.33
O2 SO4 FA . -18.38 -15.31 -53.44
O3 SO4 FA . -17.88 -16.98 -51.76
O4 SO4 FA . -18.28 -14.73 -51.17
MN MN GA . -34.35 16.92 -19.65
MN MN HA . -33.47 17.66 -17.08
S SO4 IA . -32.02 13.92 -18.05
O1 SO4 IA . -31.61 15.11 -18.78
O2 SO4 IA . -33.30 13.44 -18.58
O3 SO4 IA . -31.01 12.87 -18.19
O4 SO4 IA . -32.22 14.25 -16.63
S SO4 JA . -35.39 14.04 -14.59
O1 SO4 JA . -33.94 14.03 -14.36
O2 SO4 JA . -35.78 15.34 -15.12
O3 SO4 JA . -35.72 13.01 -15.58
O4 SO4 JA . -36.11 13.79 -13.35
S SO4 KA . -9.46 25.20 1.61
O1 SO4 KA . -9.31 26.13 0.49
O2 SO4 KA . -10.64 24.36 1.41
O3 SO4 KA . -8.27 24.37 1.70
O4 SO4 KA . -9.62 25.98 2.83
S SO4 LA . -22.47 11.74 -28.47
O1 SO4 LA . -21.62 10.54 -28.44
O2 SO4 LA . -22.06 12.57 -29.60
O3 SO4 LA . -23.86 11.33 -28.59
O4 SO4 LA . -22.31 12.47 -27.21
S SO4 MA . 5.74 24.55 9.22
O1 SO4 MA . 5.77 25.47 8.07
O2 SO4 MA . 5.93 23.19 8.72
O3 SO4 MA . 6.79 24.91 10.18
O4 SO4 MA . 4.45 24.61 9.88
S SO4 NA . 9.50 26.97 5.44
O1 SO4 NA . 10.41 27.41 6.51
O2 SO4 NA . 9.94 27.60 4.20
O3 SO4 NA . 9.55 25.52 5.30
O4 SO4 NA . 8.11 27.32 5.74
S SO4 OA . -39.45 35.73 -20.95
O1 SO4 OA . -38.50 36.81 -21.26
O2 SO4 OA . -40.23 35.47 -22.16
O3 SO4 OA . -38.72 34.51 -20.63
O4 SO4 OA . -40.34 36.01 -19.83
MN MN PA . 42.11 -9.25 2.78
MN MN QA . 40.16 -11.43 2.35
S SO4 RA . 38.53 -7.33 3.65
O1 SO4 RA . 39.81 -7.62 3.01
O2 SO4 RA . 37.66 -6.65 2.68
O3 SO4 RA . 37.91 -8.58 4.07
O4 SO4 RA . 38.74 -6.47 4.81
S SO4 SA . 38.88 -11.10 7.49
O1 SO4 SA . 37.88 -11.33 8.53
O2 SO4 SA . 38.26 -10.37 6.37
O3 SO4 SA . 40.01 -10.33 8.02
O4 SO4 SA . 39.37 -12.40 7.03
S SO4 TA . 13.33 -21.06 -10.19
O1 SO4 TA . 14.33 -20.01 -10.34
O2 SO4 TA . 12.01 -20.50 -10.51
O3 SO4 TA . 13.59 -22.13 -11.15
O4 SO4 TA . 13.39 -21.58 -8.82
S SO4 UA . 37.66 3.97 -4.29
O1 SO4 UA . 37.44 4.39 -5.67
O2 SO4 UA . 37.33 2.56 -4.13
O3 SO4 UA . 39.07 4.20 -3.96
O4 SO4 UA . 36.80 4.75 -3.39
S SO4 VA . -1.71 -18.77 -21.69
O1 SO4 VA . -1.33 -17.49 -22.30
O2 SO4 VA . -2.76 -19.38 -22.51
O3 SO4 VA . -0.56 -19.66 -21.62
O4 SO4 VA . -2.18 -18.53 -20.33
MN MN WA . 34.47 23.66 -8.00
MN MN XA . 32.12 25.02 -6.97
S SO4 YA . 31.83 21.01 -8.05
O1 SO4 YA . 31.77 21.81 -9.27
O2 SO4 YA . 30.57 21.14 -7.31
O3 SO4 YA . 32.04 19.60 -8.39
O4 SO4 YA . 32.93 21.47 -7.21
S SO4 ZA . 30.59 24.01 -11.82
O1 SO4 ZA . 30.05 25.33 -12.13
O2 SO4 ZA . 31.93 23.89 -12.39
O3 SO4 ZA . 30.65 23.82 -10.37
O4 SO4 ZA . 29.73 22.98 -12.40
S SO4 AB . -1.14 6.59 2.72
O1 SO4 AB . -1.48 7.95 3.15
O2 SO4 AB . -0.27 6.63 1.53
O3 SO4 AB . -0.43 5.93 3.81
O4 SO4 AB . -2.36 5.86 2.40
S SO4 BB . 36.82 9.98 -0.23
O1 SO4 BB . 38.27 10.20 -0.15
O2 SO4 BB . 36.20 11.03 -1.04
O3 SO4 BB . 36.53 8.67 -0.83
O4 SO4 BB . 36.28 9.99 1.12
S SO4 CB . 39.71 14.77 8.87
O1 SO4 CB . 40.90 15.53 9.28
O2 SO4 CB . 39.63 14.66 7.40
O3 SO4 CB . 39.78 13.43 9.43
O4 SO4 CB . 38.55 15.48 9.38
S SO4 DB . 22.95 34.25 18.10
O1 SO4 DB . 23.49 35.61 18.08
O2 SO4 DB . 21.62 34.20 17.48
O3 SO4 DB . 23.86 33.38 17.36
O4 SO4 DB . 22.87 33.80 19.49
#